data_7P5X
#
_entry.id   7P5X
#
_cell.length_a   1.00
_cell.length_b   1.00
_cell.length_c   1.00
_cell.angle_alpha   90.00
_cell.angle_beta   90.00
_cell.angle_gamma   90.00
#
_symmetry.space_group_name_H-M   'P 1'
#
loop_
_entity.id
_entity.type
_entity.pdbx_description
1 polymer 'DNA-directed RNA polymerase subunit alpha'
2 polymer 'DNA-directed RNA polymerase subunit beta'
3 polymer "DNA-directed RNA polymerase subunit beta'"
4 polymer 'DNA-directed RNA polymerase subunit omega'
5 polymer 'RNA polymerase sigma factor SigA'
6 polymer 'RNA polymerase-binding protein RbpA'
7 polymer 'recA-op non-template strand'
8 polymer 'recA-op template strand'
9 polymer PafC
10 polymer 'Transcriptional regulator-like protein'
11 non-polymer 'ZINC ION'
#
loop_
_entity_poly.entity_id
_entity_poly.type
_entity_poly.pdbx_seq_one_letter_code
_entity_poly.pdbx_strand_id
1 'polypeptide(L)'
;MLISQRPTLSEETVAENRSRFVIEPLEPGFGYTLGNSLRRTLLSSIPGAAVTSIRIDGVLHEFTTVPGVKEDVTDIILNL
KGLVVSSDDDEPVTMYLRKQGPGVVTAGDIVPPAGVTVHNPDMHIATLNDKGKLEVELVVERGRGYVPAVQNKASGAEIG
RIPVDSIYSPVLKVTYKVEATRVEQRTDFDKLIIDVETKNSISPRDALASAGGTLVELFGLARELNADSEHIEIGPSPAE
ADHIASFALPIDDLDLTVRSYNCLKREGVHTVGELVARTESDLLDIRNFGQKSIDEVKIKLHQLGLSLKDSPATFDPSEV
AGYDAATGTWTSDAGYDLDDNQDYAETEQL
;
AA,AB
2 'polypeptide(L)'
;MLEGCILAVSSQSKSNAITNNSVPGAPNRVSFAKLREPLEVPGLLDVQTDSFEWLVGSDRWRQAAIDRGEENPVGGLEEV
LAELSPIEDFSGSMSLSFSDPRFDEVKASVDECKDKDMTYAAPLFVTAEFINNNTGEIKSQTVFMGDFPMMTEKGTFIIN
GTERVVVSQLVRSPGVYFDETIDKSTEKTLHSVKVIPGRGAWLEFDVDKRDTVGVRIDRKRRQPVTVLLKALGWTNEQIV
ERFGFSEIMMGTLEKDTTSGTDEALLDIYRKLRPGEPPTKESAQTLLENLFFKEKRYDLARVGRYKVNKKLGLNAGKPIT
SSTLTEEDVVATIEYLVRLHEGQTSMTVPGGVEVPVEVDDIDHFGNRRLRTVGELIQNQIRVGLSRMERVVRERMTTQDV
EAITPQTLINIRPVVAAIKEFFGTSQLSQFMDQNNPLSGLTHKRRLSALGPGGLSRERAGLEVRDVHPSHYGRMCPIETP
EGPNIGLIGSLSVYARVNPFGFIETPYRKVENGVVTDQIDYLTADEEDRHVVAQANSPTDENGRFTEDRVMVRKKGGEVE
FVSADQVDYMDVSPRQMVSVATAMIPFLEHDDANRALMGANMQRQAVPLVRSEAPLVGTGMELRAAIDAGDVVVADKTGV
IEEVSADYITVMADDGTRQSYRLRKFARSNHGTCANQRPIVDAGQRVEAGQVIADGPCTQNGEMALGKNLLVAIMPWEGH
NYEDAIILSNRLVEEDVLTSIHIEEHEIDARDTKLGAEEITRDIPNVSDEVLADLDERGIVRIGAEVRDGDILVGKVTPK
GETELTPEERLLRAIFGEKAREVRDTSLKVPHGESGKVIGIRVFSREDDDELPAGVNELVRVYVAQKRKISDGDKLAGRH
GNKGVIGKILPVEDMPFLPDGTPVDIILNTHGVPRRMNIGQILETHLGWVAKAGWNIDVAAGVPDWASKLPEELYSAPAD
STVATPVFDGAQEGELAGLLGSTLPNRDGEVMVDADGKSTLFDGRSGEPFPYPVTVGYMYILKLHHLVDDKIHARSTGPY
SMITQQPLGGKAQFGGQRFGEMECWAMQAYGAAYTLQELLTIKSDDTVGRVKVYEAIVKGENIPEPGIPESFKVLLKELQ
SLCLNVEVLSSDGAAIEMRDGDDEDLERAAANLGINLSRNESASVEDLA
;
AC
3 'polypeptide(L)'
;MLDVNFFDELRIGLATADDIRNWSYGEVKKPETINYRTLKPEKDGLFCEKIFGPTRDWECYCGKYKRVRFKGIICERCGV
EVTRAKVRRERMGHIELAAPVTHIWYFKGVPSRLGYLLDLAPKDLEKIIYFAAYVITSVDDEMRHNELSTLEAEMAVEKK
AVEDQRDADLEARAQKLEADLAELEAEGAKSDVRRKVRDSGEREMRQLRDRAQRELDRLDEIWNTFTKLAPKQLIVDEVL
YRELQDRYGEYFTGAMGAESIKKLIENFDIDAEAESLREVIRSGKGQKKLRALKRLKVVAAFQQSGNSPMGMVLDAVPVI
PPELRPMVQLDGGRFATSDLNDLYRRVINRNNRLKRLIDLGAPEIIVNNEKRMLQESVDALFDNGRRGRPVTGPGNRPLK
SLSDLLKGKQGRFRQNLLGKRVDYSGRSVIVVGPQLKLHQCGLPKLMALELFKPFVMKRLVDLNHAQNIKSAKRMVERQR
PQVWDVLEEVIAEHPVLLNRAPTLHRLGIQAFEPQLVEGKAIQLHPLVCEAFNADFDGDQMAVHLPLSAEAQAEARILML
SSNNILSPASGKPLAMPRLDMVTGLYYLTTLVEGATGEYQAATKDAPEQGVYSSPAEAIMAMDRGALSVRAKIKVRLTEL
RPPTDLEAQLFENGWKPGDAWTAETTLGRVMFNELLPKSYPFVNEQMHKKVQARIINDLAERFPMIVVAQTVDKLKDAGF
YWATRSGVTVSMADVLVPPQKQEILERHEAEADAIERKYQRGALNHTERNESLVKIWQDATEEVGKALEEFYPADNPIIT
IVKSGATGNLTQTRTLAGMKGLVTNPKGEFIPRPIKSSFREGLTVLEYFINTHGARKGLADTALRTADSGYLTRRLVDVS
QDVIVREHDCETERGINVTLAERGPDGTLIRDAHVETSAFARTLATDAVDANGNVIIERGHDLGDPAIDALLAAGITTVK
VRSVLTCTSATGVCAMCYGRSMATGKLVDIGEAVGIVAAQSIGEPGTQLTMRTFHQGGVTGGADIVGGLPRVQELFEARV
PRNKAPIADVAGRVRLEESDKFFKITIVPDDGGEEVVYDKLSKRQRLRVITHEDGTEGVLSDGDHVEVGDQLMEGAADPH
EVLRVQGPREVQIHLVKEVQEVYRAQGVSIHDKHIEVIVRQMLRRVTIIDSGSTEFLPGSLTERAEFEAENRRVVAEGGE
PAAGRPVLMGITKASLATDSWLSAASFQETTRVLTDAAINCRSDKLNGLKENVIIGKLIPAGTGISRYRNIQVQPTEEAR
AAAYTIPSYEDQYYSPDFGQATGAAVPLDDYGYSDYR
;
AD
4 'polypeptide(L)'
;MSTPHADAQLNAADDLGIDSSAASAYDTPLGITNPPIDELLSRASSKYALVIYAAKRARQINDYYNQLGDGILEYVGPLV
EPGLQEKPLSIALREIHGDLLEHTEGE
;
AE
5 'polypeptide(L)'
;MAATKASPATEEPVKRTATKTPAKKAPAKRAAKSAAAKAGGKAPAKKAPAKRAAKGTAAKPEDGVTDDLEVTDDLEAEPG
EDLDVEDTDLELDDLDSDDDTAVEDEEEEADAATPAVATAKAADDDIDEPSEKDKASGDFVWDEEESEALRQARKDAELT
ASADSVRAYLKQIGKVALLNAEEEVELAKRIEAGLYATQKLAELAEKGEKLPVQQRRDMQWICRDGDRAKNHLLEANLRL
VVSLAKRYTGRGMAFLDLIQEGNLGLIRAVEKFDYTKGYKFSTYATWWIRQAITRAMADQARTIRIPVHMVEVINKLGRI
QRELLQDLGREPTPEELAKEMDITPEKVLEIQQYAREPISLDQTIGDEGDSQLGDFIEDSEAVVAVDAVSFTLLQDQLQS
VLETLSEREAGVVRLRFGLTDGQPRTLDEIGQVYGVTRERIRQIESKTMSKLRHPSRSQVLRDYLD
;
AF
6 'polypeptide(L)'
;MADRVLRGSRLGAVSYETDRNHDLAPRQVARYRTDNGEEFDVPFADDAEIPGTWLCRNGLEGTLIEGDVPEPKKVKPPRT
HWDMLLERRSVEELEELLKERLDLIKAKRRGTGS
;
AJ
7 'polydeoxyribonucleotide'
;(DT)(DC)(DG)(DT)(DC)(DT)(DA)(DC)(DT)(DG)(DT)(DG)(DG)(DT)(DG)(DA)(DA)(DG)(DA)(DG)
(DT)(DT)(DC)(DG)(DA)(DC)(DC)(DG)(DG)(DA)(DC)(DT)(DT)(DG)(DT)(DC)(DG)(DG)(DT)(DG)
(DG)(DT)(DC)(DT)(DG)(DC)(DT)(DC)(DT)(DA)(DA)(DC)(DG)(DT)(DC)(DA)(DC)(DG)(DG)(DC)
(DC)(DA)(DA)(DC)(DC)(DG)(DA)(DT)(DC)(DG)(DG)(DA)(DA)(DC)(DA)(DC)(DC)
;
AO
8 'polydeoxyribonucleotide'
;(DG)(DG)(DT)(DG)(DT)(DT)(DC)(DC)(DG)(DA)(DT)(DC)(DG)(DG)(DT)(DA)(DC)(DC)(DG)(DG)
(DA)(DC)(DA)(DT)(DG)(DT)(DA)(DA)(DA)(DG)(DA)(DG)(DC)(DA)(DG)(DA)(DC)(DC)(DA)(DC)
(DC)(DG)(DA)(DC)(DA)(DA)(DG)(DT)(DC)(DC)(DG)(DG)(DT)(DC)(DG)(DA)(DA)(DC)(DT)(DC)
(DT)(DT)(DC)(DA)(DC)(DC)(DA)(DC)(DA)(DG)(DT)(DA)(DG)(DA)(DC)(DG)(DA)
;
AP
9 'polypeptide(L)'
;MSQVSTRLVRLLNMVPYFQANPKVTRAEAAAALGVTGKQLDADLDQLWMCGLPGYSPGDLIDFDFVGDTIEVTFSAGVDH
PLRLTSTEATGILVALRALVDVPGMVDPEAARSAIAKIESAVGSQRAVVEGITEDTSAEPGAAATVRTAVRENRALTLEY
YSASRDSLATRTVDPIRVVLVGDNSYLEAWCRSAEAVRLFRFDRIVDAQLLDDPAAPPPPAVAAGPDTSLFDADPSLPSA
TLLIGAAAAWMFDYYPLRDITERPDGSCEATMTYASEDWMARFILGFGAEVQVLAPESLATRVRQAAEAALQAYARCV
;
AX
10 'polypeptide(L)'
;MAVSKVERLMNLVIALLSTRTYLPAEKIRTTVAGYADSPSDEAFSRMFERDKNELRDLGIPLETGRVSKWDSTEGYRINR
DSYALPPIGLTADEAAAVAVATQLWQSPELVTATQNAVLKLRAAGVDVDADGVGVAIASTATLPGVRGSEEVLQSLLSAI
DEGRAVQFEHRPSRSADYTTRTVEPWGVVTHRGRWYLVGHDRDREDTRTFRLSRISAAARPIGPAGAVQKPQDVNLRDIV
RRAVAEQPTGERARIWIAGGRATALRRQAVTSTPRTIGGRAGEEITVDIGTWDRLAREIASYGSDAVALEPSSLRDDVVE
RLRAHAAGGER
;
AY
#
loop_
_chem_comp.id
_chem_comp.type
_chem_comp.name
_chem_comp.formula
DA DNA linking 2'-DEOXYADENOSINE-5'-MONOPHOSPHATE 'C10 H14 N5 O6 P'
DC DNA linking 2'-DEOXYCYTIDINE-5'-MONOPHOSPHATE 'C9 H14 N3 O7 P'
DG DNA linking 2'-DEOXYGUANOSINE-5'-MONOPHOSPHATE 'C10 H14 N5 O7 P'
DT DNA linking THYMIDINE-5'-MONOPHOSPHATE 'C10 H15 N2 O8 P'
ZN non-polymer 'ZINC ION' 'Zn 2'
#
# COMPACT_ATOMS: atom_id res chain seq x y z
N LEU A 2 -69.79 5.95 22.67
CA LEU A 2 -69.93 6.74 21.46
C LEU A 2 -70.16 8.22 21.80
N ILE A 3 -69.29 9.07 21.28
CA ILE A 3 -69.34 10.50 21.56
C ILE A 3 -69.78 11.24 20.30
N SER A 4 -70.79 12.09 20.43
CA SER A 4 -71.27 12.92 19.34
C SER A 4 -70.62 14.31 19.33
N GLN A 5 -69.71 14.58 20.26
CA GLN A 5 -69.05 15.87 20.34
C GLN A 5 -67.79 15.87 19.48
N ARG A 6 -67.71 16.83 18.55
CA ARG A 6 -66.57 16.93 17.67
C ARG A 6 -65.41 17.64 18.36
N PRO A 7 -64.18 17.34 17.97
CA PRO A 7 -63.03 18.03 18.56
C PRO A 7 -62.99 19.50 18.20
N THR A 8 -62.41 20.29 19.10
CA THR A 8 -62.25 21.73 18.92
C THR A 8 -60.83 22.14 19.26
N LEU A 9 -60.41 23.25 18.67
CA LEU A 9 -59.06 23.78 18.84
C LEU A 9 -59.12 25.19 19.41
N SER A 10 -58.25 25.45 20.37
CA SER A 10 -58.15 26.75 21.02
C SER A 10 -56.68 27.16 21.12
N GLU A 11 -56.45 28.47 21.24
CA GLU A 11 -55.11 29.02 21.25
C GLU A 11 -54.87 29.84 22.50
N GLU A 12 -53.65 29.75 23.04
CA GLU A 12 -53.20 30.64 24.11
C GLU A 12 -51.80 31.14 23.74
N THR A 13 -51.48 32.34 24.22
CA THR A 13 -50.24 33.01 23.87
C THR A 13 -49.24 32.91 25.01
N VAL A 14 -48.04 32.42 24.71
CA VAL A 14 -46.96 32.34 25.69
C VAL A 14 -46.01 33.53 25.57
N ALA A 15 -45.67 33.91 24.34
CA ALA A 15 -44.78 35.03 24.09
C ALA A 15 -45.18 35.67 22.76
N GLU A 16 -44.34 36.58 22.27
CA GLU A 16 -44.62 37.22 21.00
C GLU A 16 -44.50 36.24 19.84
N ASN A 17 -43.54 35.31 19.92
CA ASN A 17 -43.32 34.33 18.87
C ASN A 17 -43.64 32.90 19.31
N ARG A 18 -44.20 32.71 20.50
CA ARG A 18 -44.59 31.40 20.98
C ARG A 18 -46.11 31.33 21.13
N SER A 19 -46.66 30.13 20.97
CA SER A 19 -48.07 29.92 21.19
C SER A 19 -48.31 28.46 21.55
N ARG A 20 -49.46 28.19 22.16
CA ARG A 20 -49.81 26.86 22.61
C ARG A 20 -51.25 26.58 22.21
N PHE A 21 -51.46 25.54 21.40
CA PHE A 21 -52.76 25.19 20.88
C PHE A 21 -53.24 23.88 21.51
N VAL A 22 -54.51 23.88 21.93
CA VAL A 22 -55.12 22.72 22.58
C VAL A 22 -56.23 22.19 21.68
N ILE A 23 -56.18 20.89 21.42
CA ILE A 23 -57.19 20.19 20.63
C ILE A 23 -57.83 19.13 21.53
N GLU A 24 -59.16 19.17 21.65
CA GLU A 24 -59.86 18.25 22.52
C GLU A 24 -61.34 18.24 22.16
N PRO A 25 -62.03 17.11 22.32
CA PRO A 25 -61.53 15.79 22.74
C PRO A 25 -60.93 14.98 21.61
N LEU A 26 -60.20 13.91 21.94
CA LEU A 26 -59.63 13.03 20.94
C LEU A 26 -59.78 11.58 21.41
N GLU A 27 -59.77 10.67 20.44
CA GLU A 27 -59.84 9.25 20.75
C GLU A 27 -58.57 8.80 21.48
N PRO A 28 -58.65 7.78 22.32
CA PRO A 28 -57.45 7.31 23.02
C PRO A 28 -56.39 6.83 22.05
N GLY A 29 -55.13 7.13 22.37
CA GLY A 29 -54.03 6.75 21.52
C GLY A 29 -53.94 7.51 20.21
N PHE A 30 -54.60 8.66 20.09
CA PHE A 30 -54.64 9.41 18.85
C PHE A 30 -53.95 10.76 18.94
N GLY A 31 -53.69 11.27 20.14
CA GLY A 31 -53.07 12.58 20.26
C GLY A 31 -51.64 12.60 19.76
N TYR A 32 -50.88 11.54 20.05
CA TYR A 32 -49.46 11.52 19.69
C TYR A 32 -49.26 11.58 18.18
N THR A 33 -50.08 10.84 17.42
CA THR A 33 -49.89 10.81 15.97
C THR A 33 -50.27 12.15 15.33
N LEU A 34 -51.36 12.76 15.78
CA LEU A 34 -51.72 14.08 15.28
C LEU A 34 -50.63 15.10 15.61
N GLY A 35 -50.13 15.07 16.84
CA GLY A 35 -49.07 15.98 17.22
C GLY A 35 -47.82 15.78 16.39
N ASN A 36 -47.46 14.53 16.12
CA ASN A 36 -46.25 14.27 15.35
C ASN A 36 -46.43 14.67 13.88
N SER A 37 -47.60 14.44 13.32
CA SER A 37 -47.85 14.87 11.95
C SER A 37 -47.75 16.39 11.83
N LEU A 38 -48.37 17.10 12.78
CA LEU A 38 -48.27 18.56 12.78
C LEU A 38 -46.83 19.02 12.96
N ARG A 39 -46.08 18.36 13.86
CA ARG A 39 -44.70 18.76 14.10
C ARG A 39 -43.83 18.53 12.87
N ARG A 40 -43.99 17.40 12.20
CA ARG A 40 -43.21 17.13 11.00
C ARG A 40 -43.55 18.11 9.89
N THR A 41 -44.82 18.41 9.70
CA THR A 41 -45.19 19.36 8.67
C THR A 41 -44.67 20.76 8.99
N LEU A 42 -44.71 21.15 10.26
CA LEU A 42 -44.18 22.46 10.65
C LEU A 42 -42.68 22.54 10.45
N LEU A 43 -41.96 21.48 10.79
CA LEU A 43 -40.51 21.51 10.68
C LEU A 43 -40.00 21.27 9.26
N SER A 44 -40.86 20.80 8.36
CA SER A 44 -40.42 20.47 7.00
C SER A 44 -40.97 21.40 5.94
N SER A 45 -42.29 21.65 5.91
CA SER A 45 -42.92 22.24 4.74
C SER A 45 -43.62 23.57 5.01
N ILE A 46 -42.97 24.49 5.72
CA ILE A 46 -43.49 25.84 5.90
C ILE A 46 -42.66 26.78 5.03
N PRO A 47 -43.25 27.43 4.02
CA PRO A 47 -42.48 28.28 3.13
C PRO A 47 -41.98 29.55 3.83
N GLY A 48 -40.87 30.06 3.34
CA GLY A 48 -40.29 31.27 3.89
C GLY A 48 -39.41 31.95 2.87
N ALA A 49 -38.58 32.87 3.37
CA ALA A 49 -37.66 33.63 2.53
C ALA A 49 -36.28 33.63 3.16
N ALA A 50 -35.26 33.64 2.30
CA ALA A 50 -33.88 33.67 2.76
C ALA A 50 -33.00 34.20 1.63
N VAL A 51 -31.80 34.64 2.00
CA VAL A 51 -30.85 35.14 1.01
C VAL A 51 -30.18 33.95 0.32
N THR A 52 -29.92 34.09 -0.98
CA THR A 52 -29.32 33.02 -1.77
C THR A 52 -27.96 33.35 -2.32
N SER A 53 -27.58 34.63 -2.41
CA SER A 53 -26.28 35.01 -2.93
C SER A 53 -25.92 36.39 -2.40
N ILE A 54 -24.63 36.65 -2.28
CA ILE A 54 -24.12 37.97 -1.93
C ILE A 54 -22.99 38.32 -2.87
N ARG A 55 -22.78 39.62 -3.07
CA ARG A 55 -21.67 40.13 -3.87
C ARG A 55 -21.08 41.32 -3.13
N ILE A 56 -19.80 41.21 -2.77
CA ILE A 56 -19.09 42.28 -2.09
C ILE A 56 -18.27 43.04 -3.12
N ASP A 57 -17.88 44.27 -2.77
CA ASP A 57 -17.29 45.18 -3.73
C ASP A 57 -15.97 44.63 -4.28
N GLY A 58 -14.98 44.45 -3.42
CA GLY A 58 -13.64 44.13 -3.86
C GLY A 58 -13.24 42.67 -3.81
N VAL A 59 -14.10 41.78 -3.36
CA VAL A 59 -13.74 40.37 -3.21
C VAL A 59 -14.14 39.62 -4.48
N LEU A 60 -13.46 38.49 -4.70
CA LEU A 60 -13.76 37.62 -5.84
C LEU A 60 -14.22 36.23 -5.43
N HIS A 61 -13.95 35.81 -4.20
CA HIS A 61 -14.35 34.49 -3.73
C HIS A 61 -14.60 34.56 -2.22
N GLU A 62 -15.00 33.44 -1.66
CA GLU A 62 -15.33 33.38 -0.23
C GLU A 62 -14.08 33.38 0.64
N PHE A 63 -12.99 32.79 0.15
CA PHE A 63 -11.79 32.58 0.98
C PHE A 63 -10.83 33.74 0.80
N THR A 64 -11.25 34.91 1.28
CA THR A 64 -10.42 36.10 1.23
C THR A 64 -10.79 37.00 2.41
N THR A 65 -10.22 38.21 2.43
CA THR A 65 -10.47 39.17 3.48
C THR A 65 -10.64 40.56 2.87
N VAL A 66 -11.38 41.39 3.57
CA VAL A 66 -11.66 42.76 3.14
C VAL A 66 -10.78 43.70 3.96
N PRO A 67 -10.05 44.62 3.33
CA PRO A 67 -9.20 45.54 4.10
C PRO A 67 -10.01 46.39 5.06
N GLY A 68 -9.51 46.51 6.29
CA GLY A 68 -10.15 47.32 7.30
C GLY A 68 -11.25 46.62 8.07
N VAL A 69 -11.63 45.41 7.69
CA VAL A 69 -12.70 44.67 8.34
C VAL A 69 -12.08 43.59 9.22
N LYS A 70 -12.53 43.49 10.46
CA LYS A 70 -11.95 42.55 11.40
C LYS A 70 -12.30 41.11 11.05
N GLU A 71 -13.46 40.88 10.44
CA GLU A 71 -13.90 39.53 10.06
C GLU A 71 -13.67 39.31 8.58
N ASP A 72 -13.14 38.14 8.23
CA ASP A 72 -12.98 37.78 6.83
C ASP A 72 -14.34 37.48 6.20
N VAL A 73 -14.33 37.15 4.91
CA VAL A 73 -15.57 36.96 4.18
C VAL A 73 -16.34 35.76 4.71
N THR A 74 -15.63 34.70 5.13
CA THR A 74 -16.31 33.52 5.63
C THR A 74 -17.09 33.82 6.90
N ASP A 75 -16.49 34.59 7.81
CA ASP A 75 -17.20 34.96 9.03
C ASP A 75 -18.39 35.88 8.72
N ILE A 76 -18.24 36.75 7.72
CA ILE A 76 -19.36 37.61 7.32
C ILE A 76 -20.52 36.77 6.80
N ILE A 77 -20.21 35.75 5.99
CA ILE A 77 -21.25 34.86 5.48
C ILE A 77 -21.90 34.07 6.61
N LEU A 78 -21.10 33.58 7.56
CA LEU A 78 -21.66 32.86 8.70
C LEU A 78 -22.58 33.74 9.52
N ASN A 79 -22.20 35.01 9.71
CA ASN A 79 -23.08 35.94 10.41
C ASN A 79 -24.35 36.23 9.61
N LEU A 80 -24.23 36.38 8.29
CA LEU A 80 -25.38 36.68 7.46
C LEU A 80 -26.35 35.51 7.40
N LYS A 81 -25.86 34.29 7.60
CA LYS A 81 -26.75 33.14 7.58
C LYS A 81 -27.71 33.09 8.76
N GLY A 82 -27.59 34.02 9.72
CA GLY A 82 -28.51 34.14 10.81
C GLY A 82 -29.57 35.21 10.65
N LEU A 83 -29.71 35.78 9.46
CA LEU A 83 -30.72 36.80 9.22
C LEU A 83 -32.10 36.17 9.12
N VAL A 84 -33.10 36.85 9.68
CA VAL A 84 -34.50 36.51 9.48
C VAL A 84 -35.11 37.59 8.61
N VAL A 85 -35.58 37.22 7.43
CA VAL A 85 -36.06 38.16 6.42
C VAL A 85 -37.41 37.69 5.92
N SER A 86 -38.29 38.65 5.62
CA SER A 86 -39.63 38.36 5.12
C SER A 86 -39.82 39.09 3.80
N SER A 87 -40.13 38.34 2.75
CA SER A 87 -40.37 38.89 1.43
C SER A 87 -41.78 38.50 0.97
N ASP A 88 -42.43 39.41 0.25
CA ASP A 88 -43.76 39.17 -0.30
C ASP A 88 -43.75 38.99 -1.81
N ASP A 89 -42.58 38.85 -2.42
CA ASP A 89 -42.43 38.76 -3.87
C ASP A 89 -41.74 37.46 -4.22
N ASP A 90 -42.32 36.72 -5.18
CA ASP A 90 -41.79 35.40 -5.53
C ASP A 90 -40.42 35.51 -6.18
N GLU A 91 -40.28 36.36 -7.19
CA GLU A 91 -39.02 36.48 -7.90
C GLU A 91 -37.95 37.12 -7.02
N PRO A 92 -36.68 36.85 -7.30
CA PRO A 92 -35.60 37.38 -6.45
C PRO A 92 -35.58 38.90 -6.45
N VAL A 93 -35.23 39.46 -5.28
CA VAL A 93 -35.03 40.88 -5.11
C VAL A 93 -33.61 41.11 -4.61
N THR A 94 -33.19 42.37 -4.59
CA THR A 94 -31.82 42.72 -4.20
C THR A 94 -31.85 43.80 -3.13
N MET A 95 -31.13 43.56 -2.05
CA MET A 95 -30.91 44.53 -0.99
C MET A 95 -29.47 44.99 -0.99
N TYR A 96 -29.24 46.22 -0.56
CA TYR A 96 -27.91 46.83 -0.57
C TYR A 96 -27.52 47.25 0.84
N LEU A 97 -26.30 46.90 1.22
CA LEU A 97 -25.70 47.34 2.48
C LEU A 97 -24.40 48.06 2.16
N ARG A 98 -24.19 49.22 2.78
CA ARG A 98 -23.02 50.02 2.48
C ARG A 98 -22.71 50.93 3.66
N LYS A 99 -21.56 50.72 4.29
CA LYS A 99 -21.11 51.54 5.41
C LYS A 99 -19.63 51.86 5.24
N GLN A 100 -19.23 53.01 5.78
CA GLN A 100 -17.85 53.47 5.68
C GLN A 100 -17.40 53.99 7.05
N GLY A 101 -16.11 53.91 7.29
CA GLY A 101 -15.53 54.43 8.50
C GLY A 101 -15.69 53.49 9.68
N PRO A 102 -15.18 53.90 10.85
CA PRO A 102 -15.28 53.05 12.03
C PRO A 102 -16.72 52.86 12.46
N GLY A 103 -16.99 51.67 13.00
CA GLY A 103 -18.32 51.37 13.50
C GLY A 103 -18.57 49.88 13.49
N VAL A 104 -19.81 49.52 13.81
CA VAL A 104 -20.26 48.14 13.86
C VAL A 104 -21.37 47.99 12.84
N VAL A 105 -21.08 47.32 11.72
CA VAL A 105 -22.08 47.08 10.69
C VAL A 105 -23.00 45.97 11.20
N THR A 106 -24.25 46.32 11.46
CA THR A 106 -25.27 45.40 11.93
C THR A 106 -26.28 45.15 10.81
N ALA A 107 -27.35 44.41 11.13
CA ALA A 107 -28.42 44.15 10.18
C ALA A 107 -29.35 45.34 10.02
N GLY A 108 -29.28 46.33 10.91
CA GLY A 108 -30.09 47.52 10.77
C GLY A 108 -29.62 48.51 9.73
N ASP A 109 -28.42 48.30 9.20
CA ASP A 109 -27.88 49.17 8.15
C ASP A 109 -28.25 48.70 6.76
N ILE A 110 -28.94 47.57 6.64
CA ILE A 110 -29.41 47.08 5.35
C ILE A 110 -30.72 47.78 5.01
N VAL A 111 -30.74 48.49 3.89
CA VAL A 111 -31.94 49.16 3.41
C VAL A 111 -32.64 48.24 2.42
N PRO A 112 -33.79 47.67 2.76
CA PRO A 112 -34.44 46.72 1.88
C PRO A 112 -35.45 47.41 0.98
N PRO A 113 -35.77 46.82 -0.18
CA PRO A 113 -36.78 47.42 -1.06
C PRO A 113 -38.17 47.32 -0.44
N ALA A 114 -39.12 47.97 -1.11
CA ALA A 114 -40.51 47.90 -0.69
C ALA A 114 -41.03 46.47 -0.86
N GLY A 115 -41.44 45.86 0.24
CA GLY A 115 -41.90 44.48 0.24
C GLY A 115 -40.98 43.50 0.90
N VAL A 116 -39.80 43.92 1.34
CA VAL A 116 -38.85 43.06 2.04
C VAL A 116 -38.51 43.71 3.37
N THR A 117 -38.56 42.91 4.44
CA THR A 117 -38.29 43.42 5.78
C THR A 117 -37.33 42.50 6.52
N VAL A 118 -36.57 43.10 7.42
CA VAL A 118 -35.61 42.39 8.28
C VAL A 118 -36.07 42.55 9.71
N HIS A 119 -36.24 41.43 10.41
CA HIS A 119 -36.90 41.43 11.70
C HIS A 119 -35.95 41.53 12.89
N ASN A 120 -34.64 41.51 12.67
CA ASN A 120 -33.66 41.64 13.75
C ASN A 120 -32.63 42.70 13.38
N PRO A 121 -32.97 43.98 13.49
CA PRO A 121 -32.01 45.03 13.13
C PRO A 121 -31.03 45.32 14.26
N ASP A 122 -30.52 44.26 14.90
CA ASP A 122 -29.49 44.42 15.92
C ASP A 122 -28.44 43.33 15.91
N MET A 123 -28.49 42.40 14.96
CA MET A 123 -27.50 41.32 14.92
C MET A 123 -26.16 41.84 14.40
N HIS A 124 -25.09 41.21 14.85
CA HIS A 124 -23.74 41.64 14.47
C HIS A 124 -23.35 41.03 13.13
N ILE A 125 -22.91 41.87 12.20
CA ILE A 125 -22.41 41.42 10.91
C ILE A 125 -20.90 41.60 10.82
N ALA A 126 -20.41 42.82 11.04
CA ALA A 126 -18.99 43.08 10.93
C ALA A 126 -18.63 44.31 11.75
N THR A 127 -17.33 44.57 11.86
CA THR A 127 -16.83 45.76 12.53
C THR A 127 -15.72 46.38 11.69
N LEU A 128 -15.76 47.69 11.53
CA LEU A 128 -14.86 48.41 10.64
C LEU A 128 -14.08 49.46 11.42
N ASN A 129 -12.80 49.60 11.08
CA ASN A 129 -11.95 50.64 11.66
C ASN A 129 -11.99 51.88 10.76
N ASP A 130 -11.05 52.81 11.00
CA ASP A 130 -10.99 54.04 10.23
C ASP A 130 -10.66 53.82 8.76
N LYS A 131 -10.11 52.66 8.40
CA LYS A 131 -9.71 52.37 7.04
C LYS A 131 -10.55 51.28 6.39
N GLY A 132 -11.73 51.00 6.94
CA GLY A 132 -12.58 49.92 6.47
C GLY A 132 -13.85 50.45 5.84
N LYS A 133 -14.19 49.90 4.68
CA LYS A 133 -15.42 50.21 3.97
C LYS A 133 -16.06 48.91 3.52
N LEU A 134 -17.35 48.75 3.79
CA LEU A 134 -18.09 47.55 3.44
C LEU A 134 -19.21 47.92 2.48
N GLU A 135 -19.31 47.17 1.39
CA GLU A 135 -20.34 47.42 0.38
C GLU A 135 -20.73 46.08 -0.23
N VAL A 136 -21.92 45.59 0.11
CA VAL A 136 -22.39 44.28 -0.32
C VAL A 136 -23.80 44.39 -0.85
N GLU A 137 -24.17 43.47 -1.73
CA GLU A 137 -25.54 43.36 -2.21
C GLU A 137 -25.99 41.91 -2.07
N LEU A 138 -27.18 41.72 -1.51
CA LEU A 138 -27.72 40.41 -1.21
C LEU A 138 -28.96 40.14 -2.06
N VAL A 139 -29.12 38.89 -2.47
CA VAL A 139 -30.26 38.47 -3.28
C VAL A 139 -31.19 37.65 -2.39
N VAL A 140 -32.44 38.08 -2.31
CA VAL A 140 -33.44 37.46 -1.45
C VAL A 140 -34.48 36.77 -2.34
N GLU A 141 -34.72 35.49 -2.07
CA GLU A 141 -35.69 34.68 -2.81
C GLU A 141 -36.61 33.99 -1.81
N ARG A 142 -37.52 33.18 -2.32
CA ARG A 142 -38.47 32.45 -1.49
C ARG A 142 -38.39 30.96 -1.77
N GLY A 143 -38.81 30.17 -0.80
CA GLY A 143 -38.77 28.72 -0.94
C GLY A 143 -39.16 28.06 0.36
N ARG A 144 -38.80 26.78 0.48
CA ARG A 144 -39.08 26.02 1.68
C ARG A 144 -38.01 24.96 1.87
N GLY A 145 -37.71 24.65 3.13
CA GLY A 145 -36.71 23.65 3.44
C GLY A 145 -35.30 24.21 3.38
N TYR A 146 -34.34 23.31 3.21
CA TYR A 146 -32.93 23.65 3.12
C TYR A 146 -32.44 23.36 1.71
N VAL A 147 -31.85 24.36 1.07
CA VAL A 147 -31.34 24.26 -0.29
C VAL A 147 -29.86 24.64 -0.27
N PRO A 148 -28.95 23.74 -0.61
CA PRO A 148 -27.53 24.10 -0.64
C PRO A 148 -27.24 25.10 -1.77
N ALA A 149 -26.05 25.68 -1.70
CA ALA A 149 -25.67 26.73 -2.63
C ALA A 149 -25.66 26.24 -4.07
N VAL A 150 -26.17 27.07 -4.97
CA VAL A 150 -26.16 26.76 -6.40
C VAL A 150 -24.94 27.40 -7.03
N GLN A 151 -24.12 26.60 -7.70
CA GLN A 151 -22.86 27.09 -8.23
C GLN A 151 -23.09 27.98 -9.44
N ASN A 152 -22.12 28.86 -9.71
CA ASN A 152 -22.24 29.82 -10.79
C ASN A 152 -22.22 29.16 -12.17
N LYS A 153 -21.65 27.96 -12.29
CA LYS A 153 -21.66 27.25 -13.56
C LYS A 153 -23.06 26.78 -13.95
N ALA A 154 -24.01 26.78 -13.02
CA ALA A 154 -25.39 26.37 -13.31
C ALA A 154 -26.23 27.54 -13.79
N SER A 155 -26.16 28.68 -13.11
CA SER A 155 -26.91 29.86 -13.48
C SER A 155 -26.13 30.81 -14.39
N GLY A 156 -24.89 30.46 -14.75
CA GLY A 156 -24.11 31.31 -15.63
C GLY A 156 -23.80 32.68 -15.07
N ALA A 157 -23.44 32.75 -13.80
CA ALA A 157 -23.14 34.02 -13.15
C ALA A 157 -21.67 34.38 -13.32
N GLU A 158 -21.29 35.57 -12.84
CA GLU A 158 -19.93 36.06 -12.99
C GLU A 158 -19.04 35.48 -11.89
N ILE A 159 -17.82 36.00 -11.79
CA ILE A 159 -16.86 35.47 -10.82
C ILE A 159 -17.03 36.07 -9.43
N GLY A 160 -17.46 37.32 -9.34
CA GLY A 160 -17.60 37.97 -8.05
C GLY A 160 -18.79 37.56 -7.22
N ARG A 161 -19.69 36.75 -7.77
CA ARG A 161 -20.87 36.31 -7.04
C ARG A 161 -20.54 35.13 -6.15
N ILE A 162 -21.02 35.19 -4.92
CA ILE A 162 -20.77 34.16 -3.90
C ILE A 162 -22.09 33.51 -3.53
N PRO A 163 -22.34 32.30 -4.00
CA PRO A 163 -23.56 31.58 -3.58
C PRO A 163 -23.52 31.25 -2.10
N VAL A 164 -24.70 31.29 -1.49
CA VAL A 164 -24.86 31.08 -0.05
C VAL A 164 -25.96 30.06 0.19
N ASP A 165 -25.72 29.15 1.13
CA ASP A 165 -26.77 28.21 1.53
C ASP A 165 -27.93 28.96 2.13
N SER A 166 -29.15 28.55 1.79
CA SER A 166 -30.36 29.22 2.23
C SER A 166 -31.25 28.25 3.00
N ILE A 167 -31.65 28.66 4.20
CA ILE A 167 -32.60 27.92 5.01
C ILE A 167 -33.88 28.74 5.06
N TYR A 168 -34.94 28.22 4.45
CA TYR A 168 -36.19 28.96 4.32
C TYR A 168 -37.18 28.67 5.44
N SER A 169 -36.90 27.72 6.31
CA SER A 169 -37.87 27.33 7.33
C SER A 169 -37.97 28.40 8.41
N PRO A 170 -39.14 28.97 8.66
CA PRO A 170 -39.28 30.02 9.69
C PRO A 170 -39.68 29.52 11.08
N VAL A 171 -39.63 28.22 11.32
CA VAL A 171 -40.10 27.64 12.59
C VAL A 171 -38.89 27.26 13.43
N LEU A 172 -38.91 27.63 14.70
CA LEU A 172 -37.80 27.33 15.60
C LEU A 172 -37.97 25.99 16.31
N LYS A 173 -39.06 25.85 17.08
CA LYS A 173 -39.19 24.68 17.94
C LYS A 173 -40.66 24.32 18.12
N VAL A 174 -40.98 23.05 17.89
CA VAL A 174 -42.34 22.53 18.04
C VAL A 174 -42.29 21.33 18.98
N THR A 175 -43.22 21.27 19.91
CA THR A 175 -43.35 20.13 20.81
C THR A 175 -44.82 19.88 21.10
N TYR A 176 -45.12 18.73 21.71
CA TYR A 176 -46.49 18.38 22.01
C TYR A 176 -46.55 17.50 23.24
N LYS A 177 -47.72 17.43 23.86
CA LYS A 177 -47.97 16.58 25.00
C LYS A 177 -49.46 16.26 25.08
N VAL A 178 -49.77 15.05 25.56
CA VAL A 178 -51.16 14.63 25.71
C VAL A 178 -51.47 14.48 27.19
N GLU A 179 -52.76 14.60 27.51
CA GLU A 179 -53.23 14.52 28.88
C GLU A 179 -54.05 13.28 29.18
N ALA A 180 -54.84 12.80 28.22
CA ALA A 180 -55.70 11.63 28.39
C ALA A 180 -56.64 11.82 29.58
N THR A 181 -57.19 13.02 29.72
CA THR A 181 -58.07 13.34 30.84
C THR A 181 -59.47 13.79 30.43
N ARG A 182 -59.78 13.82 29.14
CA ARG A 182 -61.11 14.21 28.71
C ARG A 182 -62.12 13.14 29.10
N VAL A 183 -63.23 13.57 29.70
CA VAL A 183 -64.25 12.66 30.22
C VAL A 183 -65.61 13.11 29.72
N GLU A 184 -66.34 12.20 29.07
CA GLU A 184 -67.75 12.39 28.77
C GLU A 184 -68.61 11.36 29.47
N GLN A 185 -68.37 10.07 29.22
CA GLN A 185 -68.95 8.99 30.00
C GLN A 185 -67.84 8.00 30.35
N ARG A 186 -66.76 8.04 29.57
CA ARG A 186 -65.58 7.23 29.80
C ARG A 186 -64.39 8.16 30.03
N THR A 187 -63.45 7.71 30.85
CA THR A 187 -62.34 8.55 31.33
C THR A 187 -61.03 8.25 30.61
N ASP A 188 -61.08 7.95 29.31
CA ASP A 188 -59.89 7.55 28.56
C ASP A 188 -59.84 8.26 27.21
N PHE A 189 -60.09 9.57 27.21
CA PHE A 189 -60.04 10.37 25.99
C PHE A 189 -58.91 11.38 26.08
N ASP A 190 -58.17 11.51 24.98
CA ASP A 190 -56.93 12.29 24.96
C ASP A 190 -57.22 13.79 24.84
N LYS A 191 -56.15 14.56 25.01
CA LYS A 191 -56.21 16.02 24.84
C LYS A 191 -54.82 16.47 24.39
N LEU A 192 -54.72 16.99 23.17
CA LEU A 192 -53.43 17.35 22.60
C LEU A 192 -53.11 18.80 22.91
N ILE A 193 -51.88 19.07 23.32
CA ILE A 193 -51.40 20.41 23.59
C ILE A 193 -50.07 20.58 22.88
N ILE A 194 -50.01 21.44 21.87
CA ILE A 194 -48.85 21.59 21.01
C ILE A 194 -48.33 23.01 21.13
N ASP A 195 -47.04 23.13 21.41
CA ASP A 195 -46.35 24.41 21.59
C ASP A 195 -45.50 24.68 20.35
N VAL A 196 -45.70 25.85 19.75
CA VAL A 196 -45.03 26.25 18.51
C VAL A 196 -44.31 27.56 18.75
N GLU A 197 -43.04 27.61 18.37
CA GLU A 197 -42.22 28.82 18.44
C GLU A 197 -41.53 29.03 17.11
N THR A 198 -41.69 30.23 16.54
CA THR A 198 -41.18 30.58 15.23
C THR A 198 -40.04 31.60 15.34
N LYS A 199 -39.53 32.03 14.18
CA LYS A 199 -38.42 32.96 14.11
C LYS A 199 -38.88 34.41 13.93
N ASN A 200 -40.09 34.73 14.35
CA ASN A 200 -40.69 36.06 14.29
C ASN A 200 -40.98 36.51 12.86
N SER A 201 -40.60 35.71 11.85
CA SER A 201 -40.96 36.04 10.47
C SER A 201 -42.46 35.93 10.25
N ILE A 202 -43.07 34.85 10.75
CA ILE A 202 -44.51 34.67 10.70
C ILE A 202 -45.00 34.26 12.08
N SER A 203 -46.25 34.61 12.37
CA SER A 203 -46.85 34.23 13.64
C SER A 203 -47.08 32.72 13.66
N PRO A 204 -47.06 32.10 14.85
CA PRO A 204 -47.29 30.65 14.92
C PRO A 204 -48.64 30.23 14.38
N ARG A 205 -49.65 31.09 14.45
CA ARG A 205 -50.95 30.76 13.88
C ARG A 205 -50.85 30.52 12.38
N ASP A 206 -50.10 31.37 11.68
CA ASP A 206 -49.95 31.21 10.24
C ASP A 206 -49.21 29.92 9.90
N ALA A 207 -48.19 29.57 10.66
CA ALA A 207 -47.46 28.33 10.43
C ALA A 207 -48.37 27.11 10.66
N LEU A 208 -49.16 27.14 11.74
CA LEU A 208 -50.08 26.05 11.99
C LEU A 208 -51.13 25.94 10.89
N ALA A 209 -51.61 27.09 10.40
CA ALA A 209 -52.58 27.07 9.32
C ALA A 209 -51.99 26.50 8.03
N SER A 210 -50.74 26.86 7.73
CA SER A 210 -50.09 26.31 6.55
C SER A 210 -49.91 24.80 6.65
N ALA A 211 -49.48 24.32 7.83
CA ALA A 211 -49.36 22.89 8.04
C ALA A 211 -50.70 22.19 7.90
N GLY A 212 -51.75 22.78 8.47
CA GLY A 212 -53.07 22.21 8.33
C GLY A 212 -53.54 22.15 6.89
N GLY A 213 -53.23 23.20 6.11
CA GLY A 213 -53.61 23.18 4.71
C GLY A 213 -52.90 22.10 3.92
N THR A 214 -51.59 21.95 4.15
CA THR A 214 -50.84 20.89 3.47
C THR A 214 -51.41 19.52 3.82
N LEU A 215 -51.68 19.28 5.10
CA LEU A 215 -52.19 17.99 5.52
C LEU A 215 -53.59 17.75 4.99
N VAL A 216 -54.41 18.80 4.91
CA VAL A 216 -55.75 18.66 4.33
C VAL A 216 -55.66 18.25 2.87
N GLU A 217 -54.77 18.91 2.12
CA GLU A 217 -54.60 18.54 0.71
C GLU A 217 -54.19 17.08 0.58
N LEU A 218 -53.22 16.65 1.38
CA LEU A 218 -52.72 15.28 1.26
C LEU A 218 -53.80 14.27 1.64
N PHE A 219 -54.43 14.44 2.80
CA PHE A 219 -55.44 13.47 3.22
C PHE A 219 -56.74 13.60 2.44
N GLY A 220 -56.91 14.63 1.64
CA GLY A 220 -58.05 14.72 0.75
C GLY A 220 -57.79 14.01 -0.55
N LEU A 221 -56.57 14.13 -1.08
CA LEU A 221 -56.21 13.31 -2.24
C LEU A 221 -56.16 11.84 -1.86
N ALA A 222 -55.92 11.55 -0.57
CA ALA A 222 -55.96 10.16 -0.11
C ALA A 222 -57.36 9.55 -0.19
N ARG A 223 -58.41 10.36 -0.08
CA ARG A 223 -59.78 9.84 -0.07
C ARG A 223 -60.53 10.06 -1.37
N GLU A 224 -60.20 11.09 -2.14
CA GLU A 224 -60.96 11.38 -3.36
C GLU A 224 -60.60 10.43 -4.50
N LEU A 225 -59.40 9.85 -4.49
CA LEU A 225 -58.95 8.99 -5.56
C LEU A 225 -59.40 7.54 -5.40
N ASN A 226 -60.41 7.29 -4.58
CA ASN A 226 -60.93 5.93 -4.41
C ASN A 226 -61.88 5.58 -5.55
N MET B 1 -46.91 27.40 -2.79
CA MET B 1 -45.95 26.48 -3.38
C MET B 1 -46.67 25.37 -4.15
N LEU B 2 -45.95 24.74 -5.08
CA LEU B 2 -46.50 23.65 -5.88
C LEU B 2 -45.62 22.42 -5.73
N ILE B 3 -46.25 21.27 -5.46
CA ILE B 3 -45.52 20.02 -5.36
C ILE B 3 -44.96 19.65 -6.73
N SER B 4 -43.83 18.93 -6.73
CA SER B 4 -43.19 18.56 -7.98
C SER B 4 -44.08 17.66 -8.83
N GLN B 5 -44.74 16.68 -8.19
CA GLN B 5 -45.63 15.78 -8.91
C GLN B 5 -46.75 15.35 -7.97
N ARG B 6 -47.96 15.27 -8.51
CA ARG B 6 -49.12 14.96 -7.69
C ARG B 6 -49.10 13.49 -7.28
N PRO B 7 -49.28 13.18 -6.00
CA PRO B 7 -49.33 11.78 -5.57
C PRO B 7 -50.57 11.08 -6.11
N THR B 8 -50.45 9.76 -6.27
CA THR B 8 -51.53 8.93 -6.77
C THR B 8 -51.73 7.73 -5.86
N LEU B 9 -52.98 7.28 -5.78
CA LEU B 9 -53.39 6.16 -4.94
C LEU B 9 -53.92 5.04 -5.82
N SER B 10 -53.46 3.81 -5.56
CA SER B 10 -53.88 2.65 -6.33
C SER B 10 -54.17 1.49 -5.40
N GLU B 11 -55.20 0.72 -5.72
CA GLU B 11 -55.62 -0.42 -4.91
C GLU B 11 -55.11 -1.72 -5.52
N GLU B 12 -55.03 -2.75 -4.66
CA GLU B 12 -54.58 -4.08 -5.08
C GLU B 12 -55.29 -5.10 -4.20
N THR B 13 -56.30 -5.77 -4.77
CA THR B 13 -57.06 -6.77 -4.02
C THR B 13 -56.20 -7.98 -3.70
N VAL B 14 -56.29 -8.44 -2.45
CA VAL B 14 -55.50 -9.59 -2.00
C VAL B 14 -56.42 -10.74 -1.62
N ALA B 15 -57.62 -10.41 -1.14
CA ALA B 15 -58.58 -11.42 -0.69
C ALA B 15 -59.97 -10.81 -0.73
N GLU B 16 -60.94 -11.51 -0.15
CA GLU B 16 -62.32 -11.03 -0.16
C GLU B 16 -62.45 -9.71 0.62
N ASN B 17 -61.84 -9.63 1.80
CA ASN B 17 -61.73 -8.38 2.55
C ASN B 17 -60.27 -8.22 2.95
N ARG B 18 -59.47 -7.69 2.02
CA ARG B 18 -58.07 -7.41 2.24
C ARG B 18 -57.53 -6.64 1.04
N SER B 19 -56.84 -5.54 1.26
CA SER B 19 -56.34 -4.72 0.17
C SER B 19 -54.96 -4.19 0.53
N ARG B 20 -54.25 -3.74 -0.51
CA ARG B 20 -52.90 -3.19 -0.36
C ARG B 20 -52.84 -1.90 -1.19
N PHE B 21 -53.15 -0.79 -0.54
CA PHE B 21 -53.14 0.51 -1.19
C PHE B 21 -51.71 1.05 -1.30
N VAL B 22 -51.42 1.68 -2.43
CA VAL B 22 -50.11 2.28 -2.67
C VAL B 22 -50.31 3.75 -2.99
N ILE B 23 -49.60 4.61 -2.28
CA ILE B 23 -49.60 6.05 -2.50
C ILE B 23 -48.21 6.46 -2.91
N GLU B 24 -48.09 7.08 -4.10
CA GLU B 24 -46.80 7.46 -4.64
C GLU B 24 -46.97 8.40 -5.83
N PRO B 25 -46.01 9.31 -6.07
CA PRO B 25 -44.86 9.61 -5.23
C PRO B 25 -45.19 10.59 -4.10
N LEU B 26 -44.42 10.55 -3.02
CA LEU B 26 -44.60 11.44 -1.89
C LEU B 26 -43.33 12.22 -1.64
N GLU B 27 -43.48 13.47 -1.21
CA GLU B 27 -42.33 14.28 -0.86
C GLU B 27 -41.54 13.60 0.25
N PRO B 28 -40.21 13.74 0.26
CA PRO B 28 -39.40 13.00 1.24
C PRO B 28 -39.77 13.38 2.67
N GLY B 29 -40.15 12.36 3.44
CA GLY B 29 -40.53 12.52 4.83
C GLY B 29 -42.01 12.50 5.11
N PHE B 30 -42.86 12.57 4.08
CA PHE B 30 -44.30 12.57 4.28
C PHE B 30 -44.89 11.18 4.38
N GLY B 31 -44.17 10.16 3.90
CA GLY B 31 -44.69 8.80 3.96
C GLY B 31 -44.96 8.35 5.38
N TYR B 32 -44.03 8.63 6.30
CA TYR B 32 -44.19 8.16 7.67
C TYR B 32 -45.37 8.85 8.37
N THR B 33 -45.48 10.17 8.22
CA THR B 33 -46.60 10.89 8.82
C THR B 33 -47.93 10.38 8.28
N LEU B 34 -48.05 10.30 6.95
CA LEU B 34 -49.29 9.84 6.36
C LEU B 34 -49.62 8.42 6.80
N GLY B 35 -48.63 7.53 6.80
CA GLY B 35 -48.89 6.14 7.15
C GLY B 35 -49.35 5.97 8.58
N ASN B 36 -48.64 6.61 9.52
CA ASN B 36 -49.00 6.45 10.92
C ASN B 36 -50.38 7.06 11.21
N SER B 37 -50.64 8.25 10.66
CA SER B 37 -51.95 8.87 10.90
C SER B 37 -53.07 8.02 10.30
N LEU B 38 -52.87 7.51 9.07
CA LEU B 38 -53.90 6.69 8.46
C LEU B 38 -54.13 5.40 9.24
N ARG B 39 -53.06 4.76 9.71
CA ARG B 39 -53.21 3.53 10.47
C ARG B 39 -54.01 3.77 11.75
N ARG B 40 -53.63 4.80 12.51
CA ARG B 40 -54.35 5.08 13.75
C ARG B 40 -55.81 5.45 13.48
N THR B 41 -56.06 6.25 12.44
CA THR B 41 -57.42 6.64 12.13
C THR B 41 -58.27 5.44 11.72
N LEU B 42 -57.72 4.55 10.89
CA LEU B 42 -58.45 3.36 10.49
C LEU B 42 -58.75 2.47 11.69
N LEU B 43 -57.79 2.32 12.60
CA LEU B 43 -57.99 1.40 13.72
C LEU B 43 -58.89 1.97 14.80
N SER B 44 -58.97 3.30 14.96
CA SER B 44 -59.69 3.85 16.09
C SER B 44 -60.61 5.00 15.70
N SER B 45 -61.14 4.99 14.48
CA SER B 45 -62.04 6.09 14.14
C SER B 45 -63.38 5.64 13.59
N ILE B 46 -63.43 4.55 12.85
CA ILE B 46 -64.68 4.13 12.19
C ILE B 46 -65.64 3.57 13.24
N PRO B 47 -66.86 4.07 13.34
CA PRO B 47 -67.84 3.50 14.27
C PRO B 47 -68.36 2.15 13.80
N GLY B 48 -68.83 1.37 14.77
CA GLY B 48 -69.34 0.04 14.47
C GLY B 48 -70.03 -0.55 15.68
N ALA B 49 -70.63 -1.71 15.47
CA ALA B 49 -71.33 -2.43 16.52
C ALA B 49 -70.63 -3.73 16.86
N ALA B 50 -70.76 -4.15 18.12
CA ALA B 50 -70.14 -5.37 18.59
C ALA B 50 -70.89 -5.87 19.81
N VAL B 51 -70.66 -7.14 20.15
CA VAL B 51 -71.27 -7.74 21.32
C VAL B 51 -70.54 -7.28 22.56
N THR B 52 -71.27 -6.71 23.51
CA THR B 52 -70.70 -6.17 24.74
C THR B 52 -70.65 -7.18 25.87
N SER B 53 -71.75 -7.90 26.12
CA SER B 53 -71.77 -8.89 27.18
C SER B 53 -72.66 -10.05 26.76
N ILE B 54 -72.42 -11.20 27.39
CA ILE B 54 -73.22 -12.40 27.15
C ILE B 54 -73.69 -12.93 28.49
N ARG B 55 -74.76 -13.73 28.44
CA ARG B 55 -75.27 -14.40 29.63
C ARG B 55 -75.75 -15.77 29.20
N ILE B 56 -75.12 -16.81 29.75
CA ILE B 56 -75.40 -18.19 29.38
C ILE B 56 -76.32 -18.80 30.42
N ASP B 57 -77.40 -19.42 29.97
CA ASP B 57 -78.31 -20.10 30.88
C ASP B 57 -77.66 -21.35 31.44
N GLY B 58 -77.83 -21.55 32.75
CA GLY B 58 -77.23 -22.67 33.44
C GLY B 58 -75.85 -22.41 34.01
N VAL B 59 -75.26 -21.25 33.72
CA VAL B 59 -73.95 -20.87 34.25
C VAL B 59 -74.13 -19.56 35.00
N LEU B 60 -74.13 -19.63 36.33
CA LEU B 60 -74.37 -18.48 37.18
C LEU B 60 -73.14 -18.11 38.01
N HIS B 61 -72.59 -19.05 38.78
CA HIS B 61 -71.48 -18.76 39.67
C HIS B 61 -70.13 -19.21 39.09
N GLU B 62 -70.00 -20.49 38.76
CA GLU B 62 -68.74 -21.04 38.29
C GLU B 62 -68.69 -20.95 36.78
N PHE B 63 -67.78 -20.13 36.26
CA PHE B 63 -67.63 -19.94 34.82
C PHE B 63 -66.52 -20.82 34.27
N THR B 64 -66.75 -22.14 34.33
CA THR B 64 -65.77 -23.11 33.85
C THR B 64 -66.28 -23.91 32.67
N THR B 65 -67.44 -24.54 32.79
CA THR B 65 -68.01 -25.34 31.70
C THR B 65 -69.52 -25.16 31.67
N VAL B 66 -70.09 -25.39 30.50
CA VAL B 66 -71.53 -25.28 30.27
C VAL B 66 -72.07 -26.69 30.04
N PRO B 67 -72.98 -27.18 30.88
CA PRO B 67 -73.52 -28.53 30.68
C PRO B 67 -74.33 -28.63 29.39
N GLY B 68 -74.24 -29.79 28.75
CA GLY B 68 -74.98 -30.06 27.54
C GLY B 68 -74.30 -29.66 26.25
N VAL B 69 -73.14 -29.02 26.32
CA VAL B 69 -72.42 -28.57 25.12
C VAL B 69 -70.94 -28.93 25.29
N LYS B 70 -70.33 -29.37 24.19
CA LYS B 70 -68.93 -29.78 24.24
C LYS B 70 -68.01 -28.61 24.59
N GLU B 71 -68.22 -27.45 23.98
CA GLU B 71 -67.37 -26.30 24.24
C GLU B 71 -67.59 -25.77 25.66
N ASP B 72 -66.54 -25.18 26.22
CA ASP B 72 -66.61 -24.59 27.54
C ASP B 72 -67.00 -23.11 27.42
N VAL B 73 -66.92 -22.37 28.52
CA VAL B 73 -67.29 -20.97 28.50
C VAL B 73 -66.33 -20.16 27.65
N THR B 74 -65.03 -20.45 27.76
CA THR B 74 -64.03 -19.69 27.01
C THR B 74 -64.20 -19.84 25.51
N ASP B 75 -64.47 -21.06 25.04
CA ASP B 75 -64.67 -21.28 23.61
C ASP B 75 -65.92 -20.55 23.12
N ILE B 76 -67.00 -20.57 23.90
CA ILE B 76 -68.20 -19.84 23.52
C ILE B 76 -67.93 -18.36 23.44
N ILE B 77 -67.19 -17.81 24.41
CA ILE B 77 -66.85 -16.39 24.39
C ILE B 77 -66.02 -16.04 23.17
N LEU B 78 -65.02 -16.88 22.85
CA LEU B 78 -64.18 -16.61 21.69
C LEU B 78 -64.97 -16.70 20.40
N ASN B 79 -65.89 -17.65 20.29
CA ASN B 79 -66.72 -17.75 19.10
C ASN B 79 -67.64 -16.54 18.97
N LEU B 80 -68.20 -16.06 20.09
CA LEU B 80 -69.11 -14.93 20.02
C LEU B 80 -68.37 -13.62 19.75
N LYS B 81 -67.13 -13.50 20.21
CA LYS B 81 -66.37 -12.28 19.95
C LYS B 81 -66.01 -12.12 18.49
N GLY B 82 -66.09 -13.19 17.70
CA GLY B 82 -65.89 -13.13 16.27
C GLY B 82 -67.14 -12.89 15.46
N LEU B 83 -68.25 -12.60 16.12
CA LEU B 83 -69.53 -12.39 15.44
C LEU B 83 -69.61 -10.95 14.94
N VAL B 84 -69.62 -10.77 13.62
CA VAL B 84 -69.81 -9.45 13.04
C VAL B 84 -71.30 -9.12 13.04
N VAL B 85 -71.62 -7.88 13.36
CA VAL B 85 -73.02 -7.48 13.50
C VAL B 85 -73.13 -5.98 13.26
N SER B 86 -74.10 -5.59 12.45
CA SER B 86 -74.42 -4.20 12.21
C SER B 86 -75.68 -3.82 12.96
N SER B 87 -75.75 -2.56 13.40
CA SER B 87 -76.86 -2.10 14.20
C SER B 87 -77.29 -0.72 13.72
N ASP B 88 -78.55 -0.39 13.99
CA ASP B 88 -79.11 0.91 13.67
C ASP B 88 -79.28 1.81 14.88
N ASP B 89 -79.61 1.25 16.04
CA ASP B 89 -79.73 2.01 17.26
C ASP B 89 -78.37 2.20 17.93
N ASP B 90 -78.27 3.24 18.74
CA ASP B 90 -77.05 3.52 19.49
C ASP B 90 -77.08 2.96 20.90
N GLU B 91 -78.24 2.97 21.55
CA GLU B 91 -78.37 2.39 22.87
C GLU B 91 -78.25 0.88 22.79
N PRO B 92 -77.84 0.23 23.87
CA PRO B 92 -77.69 -1.23 23.86
C PRO B 92 -79.01 -1.94 23.56
N VAL B 93 -78.89 -3.06 22.85
CA VAL B 93 -80.04 -3.89 22.50
C VAL B 93 -79.73 -5.32 22.94
N THR B 94 -80.77 -6.11 23.11
CA THR B 94 -80.66 -7.47 23.59
C THR B 94 -81.12 -8.46 22.52
N MET B 95 -80.31 -9.49 22.28
CA MET B 95 -80.63 -10.54 21.34
C MET B 95 -80.62 -11.89 22.05
N TYR B 96 -81.37 -12.84 21.50
CA TYR B 96 -81.52 -14.17 22.08
C TYR B 96 -81.03 -15.23 21.11
N LEU B 97 -80.50 -16.31 21.67
CA LEU B 97 -80.05 -17.46 20.89
C LEU B 97 -80.48 -18.71 21.63
N ARG B 98 -81.50 -19.39 21.12
CA ARG B 98 -82.04 -20.59 21.75
C ARG B 98 -81.90 -21.77 20.80
N LYS B 99 -81.39 -22.89 21.31
CA LYS B 99 -81.27 -24.10 20.53
C LYS B 99 -81.73 -25.29 21.36
N GLN B 100 -82.48 -26.18 20.73
CA GLN B 100 -83.02 -27.37 21.37
C GLN B 100 -82.45 -28.61 20.71
N GLY B 101 -81.99 -29.56 21.51
CA GLY B 101 -81.53 -30.84 21.01
C GLY B 101 -80.10 -30.78 20.49
N PRO B 102 -79.57 -31.92 20.08
CA PRO B 102 -78.20 -31.96 19.56
C PRO B 102 -78.09 -31.26 18.22
N GLY B 103 -76.90 -30.75 17.95
CA GLY B 103 -76.64 -30.09 16.68
C GLY B 103 -75.63 -28.96 16.87
N VAL B 104 -75.28 -28.35 15.75
CA VAL B 104 -74.34 -27.24 15.72
C VAL B 104 -75.14 -25.94 15.75
N VAL B 105 -74.85 -25.09 16.74
CA VAL B 105 -75.57 -23.82 16.92
C VAL B 105 -74.78 -22.77 16.14
N THR B 106 -75.12 -22.62 14.86
CA THR B 106 -74.47 -21.61 14.05
C THR B 106 -75.02 -20.23 14.39
N ALA B 107 -74.32 -19.20 13.91
CA ALA B 107 -74.73 -17.82 14.19
C ALA B 107 -76.04 -17.45 13.51
N GLY B 108 -76.49 -18.25 12.54
CA GLY B 108 -77.74 -17.96 11.87
C GLY B 108 -78.97 -18.18 12.73
N ASP B 109 -78.85 -18.98 13.79
CA ASP B 109 -79.97 -19.26 14.66
C ASP B 109 -80.35 -18.09 15.55
N ILE B 110 -79.49 -17.07 15.65
CA ILE B 110 -79.80 -15.89 16.44
C ILE B 110 -80.92 -15.11 15.74
N VAL B 111 -81.95 -14.75 16.50
CA VAL B 111 -83.07 -13.98 15.97
C VAL B 111 -82.72 -12.50 16.10
N PRO B 112 -82.53 -11.78 15.00
CA PRO B 112 -82.15 -10.37 15.08
C PRO B 112 -83.37 -9.50 15.33
N PRO B 113 -83.31 -8.61 16.32
CA PRO B 113 -84.42 -7.66 16.52
C PRO B 113 -84.45 -6.59 15.44
N ALA B 114 -85.34 -5.62 15.59
CA ALA B 114 -85.45 -4.55 14.60
C ALA B 114 -84.22 -3.66 14.65
N GLY B 115 -83.64 -3.40 13.48
CA GLY B 115 -82.48 -2.53 13.37
C GLY B 115 -81.15 -3.22 13.52
N VAL B 116 -81.13 -4.50 13.86
CA VAL B 116 -79.89 -5.25 14.08
C VAL B 116 -79.83 -6.38 13.06
N THR B 117 -78.66 -6.55 12.44
CA THR B 117 -78.45 -7.60 11.45
C THR B 117 -77.09 -8.23 11.65
N VAL B 118 -76.97 -9.50 11.27
CA VAL B 118 -75.70 -10.23 11.31
C VAL B 118 -75.25 -10.48 9.87
N HIS B 119 -73.94 -10.58 9.69
CA HIS B 119 -73.37 -10.74 8.36
C HIS B 119 -72.66 -12.06 8.14
N ASN B 120 -72.49 -12.90 9.17
CA ASN B 120 -71.86 -14.21 9.05
C ASN B 120 -72.76 -15.24 9.70
N PRO B 121 -73.86 -15.62 9.03
CA PRO B 121 -74.77 -16.62 9.63
C PRO B 121 -74.20 -18.02 9.69
N ASP B 122 -73.04 -18.27 9.10
CA ASP B 122 -72.41 -19.59 9.09
C ASP B 122 -71.20 -19.66 10.02
N MET B 123 -71.20 -18.86 11.07
CA MET B 123 -70.11 -18.86 12.04
C MET B 123 -70.42 -19.89 13.13
N HIS B 124 -69.54 -20.87 13.28
CA HIS B 124 -69.73 -21.89 14.30
C HIS B 124 -69.59 -21.28 15.68
N ILE B 125 -70.50 -21.63 16.58
CA ILE B 125 -70.50 -21.13 17.96
C ILE B 125 -70.33 -22.26 18.96
N ALA B 126 -71.18 -23.28 18.88
CA ALA B 126 -71.16 -24.38 19.85
C ALA B 126 -71.74 -25.63 19.22
N THR B 127 -71.49 -26.77 19.87
CA THR B 127 -71.98 -28.06 19.43
C THR B 127 -72.65 -28.75 20.61
N LEU B 128 -73.99 -28.79 20.61
CA LEU B 128 -74.71 -29.39 21.71
C LEU B 128 -74.60 -30.92 21.66
N ASN B 129 -74.79 -31.54 22.81
CA ASN B 129 -74.79 -33.00 22.93
C ASN B 129 -76.22 -33.51 22.75
N ASP B 130 -76.36 -34.83 22.78
CA ASP B 130 -77.68 -35.44 22.63
C ASP B 130 -78.60 -35.01 23.76
N LYS B 131 -79.80 -34.57 23.39
CA LYS B 131 -80.77 -34.04 24.34
C LYS B 131 -80.17 -32.92 25.19
N GLY B 132 -79.76 -31.86 24.50
CA GLY B 132 -79.16 -30.71 25.16
C GLY B 132 -79.79 -29.40 24.75
N LYS B 133 -79.59 -28.35 25.55
CA LYS B 133 -80.18 -27.05 25.28
C LYS B 133 -79.12 -25.97 25.46
N LEU B 134 -79.38 -24.82 24.86
CA LEU B 134 -78.48 -23.67 24.98
C LEU B 134 -79.28 -22.41 24.77
N GLU B 135 -79.34 -21.55 25.80
CA GLU B 135 -80.02 -20.26 25.72
C GLU B 135 -79.03 -19.18 26.13
N VAL B 136 -78.62 -18.36 25.17
CA VAL B 136 -77.62 -17.32 25.39
C VAL B 136 -78.26 -15.97 25.08
N GLU B 137 -78.04 -15.00 25.96
CA GLU B 137 -78.55 -13.65 25.78
C GLU B 137 -77.37 -12.71 25.55
N LEU B 138 -77.38 -12.01 24.42
CA LEU B 138 -76.30 -11.13 24.02
C LEU B 138 -76.75 -9.68 24.12
N VAL B 139 -75.80 -8.79 24.46
CA VAL B 139 -76.03 -7.36 24.49
C VAL B 139 -75.14 -6.72 23.43
N VAL B 140 -75.75 -5.96 22.53
CA VAL B 140 -75.07 -5.34 21.41
C VAL B 140 -75.15 -3.82 21.54
N GLU B 141 -74.00 -3.18 21.52
CA GLU B 141 -73.90 -1.73 21.57
C GLU B 141 -73.19 -1.23 20.31
N ARG B 142 -73.00 0.08 20.23
CA ARG B 142 -72.32 0.70 19.10
C ARG B 142 -71.20 1.60 19.61
N GLY B 143 -70.07 1.56 18.93
CA GLY B 143 -68.93 2.36 19.33
C GLY B 143 -67.85 2.34 18.27
N ARG B 144 -66.68 2.85 18.63
CA ARG B 144 -65.54 2.89 17.73
C ARG B 144 -64.28 2.44 18.48
N GLY B 145 -63.42 1.70 17.77
CA GLY B 145 -62.17 1.26 18.35
C GLY B 145 -62.25 -0.09 19.04
N TYR B 146 -61.41 -0.29 20.05
CA TYR B 146 -61.38 -1.52 20.85
C TYR B 146 -61.36 -1.13 22.31
N VAL B 147 -62.38 -1.53 23.05
CA VAL B 147 -62.49 -1.26 24.48
C VAL B 147 -62.40 -2.57 25.23
N PRO B 148 -61.57 -2.66 26.29
CA PRO B 148 -61.50 -3.90 27.06
C PRO B 148 -62.80 -4.15 27.82
N ALA B 149 -62.85 -5.32 28.46
CA ALA B 149 -64.05 -5.75 29.16
C ALA B 149 -64.34 -4.85 30.36
N VAL B 150 -65.42 -4.07 30.28
CA VAL B 150 -65.82 -3.25 31.41
C VAL B 150 -66.44 -4.12 32.48
N GLN B 151 -66.01 -3.91 33.73
CA GLN B 151 -66.47 -4.74 34.82
C GLN B 151 -67.95 -4.50 35.11
N ASN B 152 -68.54 -5.42 35.87
CA ASN B 152 -69.97 -5.36 36.14
C ASN B 152 -70.33 -4.07 36.86
N LYS B 153 -71.37 -3.39 36.36
CA LYS B 153 -71.79 -2.10 36.88
C LYS B 153 -72.73 -2.22 38.07
N ALA B 154 -72.73 -3.38 38.74
CA ALA B 154 -73.59 -3.59 39.90
C ALA B 154 -72.83 -4.39 40.95
N SER B 155 -73.28 -4.28 42.19
CA SER B 155 -72.68 -5.00 43.31
C SER B 155 -73.18 -6.43 43.42
N GLY B 156 -73.96 -6.91 42.46
CA GLY B 156 -74.51 -8.25 42.52
C GLY B 156 -75.98 -8.29 42.16
N ALA B 157 -76.51 -7.17 41.64
CA ALA B 157 -77.90 -7.15 41.19
C ALA B 157 -78.12 -8.15 40.07
N GLU B 158 -77.19 -8.21 39.11
CA GLU B 158 -77.18 -9.23 38.07
C GLU B 158 -75.84 -9.94 38.15
N ILE B 159 -75.88 -11.26 38.33
CA ILE B 159 -74.68 -12.04 38.56
C ILE B 159 -74.27 -12.86 37.35
N GLY B 160 -75.20 -13.19 36.45
CA GLY B 160 -74.87 -14.01 35.30
C GLY B 160 -74.17 -13.29 34.16
N ARG B 161 -74.05 -11.97 34.24
CA ARG B 161 -73.42 -11.22 33.16
C ARG B 161 -71.95 -11.59 33.01
N ILE B 162 -71.52 -11.76 31.77
CA ILE B 162 -70.14 -12.08 31.44
C ILE B 162 -69.62 -11.01 30.49
N PRO B 163 -69.02 -9.95 31.01
CA PRO B 163 -68.46 -8.91 30.14
C PRO B 163 -67.36 -9.48 29.25
N VAL B 164 -67.32 -8.98 28.01
CA VAL B 164 -66.32 -9.40 27.03
C VAL B 164 -65.74 -8.16 26.37
N ASP B 165 -64.54 -8.31 25.81
CA ASP B 165 -63.93 -7.23 25.06
C ASP B 165 -64.72 -6.96 23.79
N SER B 166 -64.87 -5.68 23.46
CA SER B 166 -65.69 -5.25 22.33
C SER B 166 -64.79 -4.78 21.20
N ILE B 167 -64.88 -5.43 20.05
CA ILE B 167 -64.15 -5.03 18.85
C ILE B 167 -65.13 -4.22 18.01
N TYR B 168 -65.17 -2.92 18.26
CA TYR B 168 -66.09 -2.05 17.54
C TYR B 168 -65.63 -1.76 16.12
N SER B 169 -64.33 -1.67 15.89
CA SER B 169 -63.81 -1.23 14.60
C SER B 169 -64.05 -2.29 13.54
N PRO B 170 -64.69 -1.94 12.42
CA PRO B 170 -64.83 -2.91 11.32
C PRO B 170 -63.50 -3.35 10.73
N VAL B 171 -62.44 -2.56 10.88
CA VAL B 171 -61.13 -2.89 10.36
C VAL B 171 -60.38 -3.73 11.39
N LEU B 172 -59.81 -4.85 10.94
CA LEU B 172 -59.17 -5.80 11.84
C LEU B 172 -57.67 -5.61 11.97
N LYS B 173 -56.96 -5.32 10.87
CA LYS B 173 -55.51 -5.25 10.94
C LYS B 173 -54.98 -4.33 9.85
N VAL B 174 -54.11 -3.39 10.23
CA VAL B 174 -53.50 -2.44 9.30
C VAL B 174 -52.00 -2.45 9.53
N THR B 175 -51.24 -2.54 8.43
CA THR B 175 -49.79 -2.45 8.48
C THR B 175 -49.31 -1.52 7.39
N TYR B 176 -48.48 -0.54 7.74
CA TYR B 176 -47.97 0.42 6.78
C TYR B 176 -46.46 0.27 6.63
N LYS B 177 -45.98 0.44 5.41
CA LYS B 177 -44.57 0.33 5.08
C LYS B 177 -44.19 1.48 4.16
N VAL B 178 -42.99 2.03 4.35
CA VAL B 178 -42.50 3.15 3.57
C VAL B 178 -41.25 2.71 2.81
N GLU B 179 -41.29 2.84 1.50
CA GLU B 179 -40.17 2.49 0.63
C GLU B 179 -39.70 3.75 -0.10
N ALA B 180 -38.61 3.61 -0.84
CA ALA B 180 -38.01 4.72 -1.58
C ALA B 180 -38.19 4.52 -3.07
N THR B 181 -38.51 5.61 -3.78
CA THR B 181 -38.67 5.56 -5.22
C THR B 181 -37.85 6.66 -5.88
N ARG B 182 -38.05 6.88 -7.18
CA ARG B 182 -37.30 7.90 -7.91
C ARG B 182 -38.18 8.46 -9.02
N VAL B 183 -38.19 9.78 -9.16
CA VAL B 183 -38.97 10.42 -10.21
C VAL B 183 -38.08 10.79 -11.38
N GLU B 184 -37.16 11.74 -11.17
CA GLU B 184 -36.22 12.17 -12.21
C GLU B 184 -34.91 12.51 -11.51
N GLN B 185 -33.99 11.55 -11.48
CA GLN B 185 -32.69 11.70 -10.83
C GLN B 185 -32.84 12.13 -9.37
N ARG B 186 -33.96 11.77 -8.76
CA ARG B 186 -34.27 12.11 -7.36
C ARG B 186 -34.73 10.83 -6.68
N THR B 187 -33.80 10.04 -6.16
CA THR B 187 -34.12 8.79 -5.49
C THR B 187 -34.26 8.99 -3.98
N ASP B 188 -35.09 9.95 -3.58
CA ASP B 188 -35.36 10.21 -2.17
C ASP B 188 -36.84 10.34 -1.86
N PHE B 189 -37.71 10.19 -2.86
CA PHE B 189 -39.14 10.28 -2.62
C PHE B 189 -39.66 9.01 -1.95
N ASP B 190 -40.71 9.16 -1.18
CA ASP B 190 -41.27 8.07 -0.39
C ASP B 190 -42.50 7.47 -1.08
N LYS B 191 -42.70 6.17 -0.86
CA LYS B 191 -43.87 5.45 -1.34
C LYS B 191 -44.49 4.73 -0.17
N LEU B 192 -45.80 4.90 0.02
CA LEU B 192 -46.51 4.35 1.16
C LEU B 192 -47.33 3.15 0.73
N ILE B 193 -47.18 2.03 1.44
CA ILE B 193 -47.90 0.80 1.16
C ILE B 193 -48.67 0.42 2.41
N ILE B 194 -49.99 0.43 2.32
CA ILE B 194 -50.88 0.14 3.44
C ILE B 194 -51.63 -1.16 3.15
N ASP B 195 -51.42 -2.17 3.99
CA ASP B 195 -52.12 -3.45 3.88
C ASP B 195 -53.19 -3.45 4.96
N VAL B 196 -54.44 -3.51 4.54
CA VAL B 196 -55.59 -3.42 5.45
C VAL B 196 -56.48 -4.63 5.25
N GLU B 197 -56.81 -5.30 6.35
CA GLU B 197 -57.77 -6.39 6.37
C GLU B 197 -58.89 -6.02 7.33
N THR B 198 -60.13 -6.10 6.85
CA THR B 198 -61.30 -5.73 7.62
C THR B 198 -62.28 -6.91 7.67
N LYS B 199 -63.44 -6.65 8.27
CA LYS B 199 -64.51 -7.62 8.33
C LYS B 199 -65.26 -7.66 7.00
N ASN B 200 -66.31 -8.49 6.92
CA ASN B 200 -67.13 -8.57 5.73
C ASN B 200 -68.30 -7.59 5.74
N SER B 201 -68.47 -6.83 6.83
CA SER B 201 -69.54 -5.84 6.88
C SER B 201 -69.17 -4.54 6.18
N ILE B 202 -67.88 -4.33 5.89
CA ILE B 202 -67.41 -3.14 5.20
C ILE B 202 -66.29 -3.55 4.26
N SER B 203 -66.02 -2.70 3.28
CA SER B 203 -64.92 -2.92 2.37
C SER B 203 -63.73 -2.05 2.75
N PRO B 204 -62.50 -2.49 2.48
CA PRO B 204 -61.33 -1.69 2.83
C PRO B 204 -61.31 -0.31 2.19
N ARG B 205 -61.82 -0.18 0.96
CA ARG B 205 -61.84 1.13 0.31
C ARG B 205 -62.76 2.10 1.04
N ASP B 206 -63.93 1.62 1.48
CA ASP B 206 -64.82 2.47 2.26
C ASP B 206 -64.19 2.88 3.59
N ALA B 207 -63.47 1.96 4.23
CA ALA B 207 -62.77 2.28 5.46
C ALA B 207 -61.73 3.36 5.23
N LEU B 208 -60.97 3.25 4.13
CA LEU B 208 -59.98 4.27 3.81
C LEU B 208 -60.65 5.60 3.55
N ALA B 209 -61.79 5.61 2.85
CA ALA B 209 -62.49 6.85 2.59
C ALA B 209 -62.97 7.51 3.88
N SER B 210 -63.51 6.71 4.81
CA SER B 210 -63.97 7.26 6.08
C SER B 210 -62.80 7.83 6.88
N ALA B 211 -61.68 7.11 6.91
CA ALA B 211 -60.51 7.60 7.63
C ALA B 211 -60.01 8.91 7.03
N GLY B 212 -59.96 8.98 5.69
CA GLY B 212 -59.53 10.20 5.05
C GLY B 212 -60.46 11.36 5.34
N GLY B 213 -61.78 11.10 5.36
CA GLY B 213 -62.72 12.15 5.69
C GLY B 213 -62.54 12.68 7.10
N THR B 214 -62.36 11.78 8.06
CA THR B 214 -62.16 12.22 9.45
C THR B 214 -60.86 13.01 9.59
N LEU B 215 -59.78 12.54 8.95
CA LEU B 215 -58.51 13.27 9.03
C LEU B 215 -58.63 14.65 8.36
N VAL B 216 -59.36 14.72 7.25
CA VAL B 216 -59.58 16.00 6.60
C VAL B 216 -60.35 16.94 7.51
N GLU B 217 -61.35 16.42 8.23
CA GLU B 217 -62.09 17.25 9.17
C GLU B 217 -61.16 17.78 10.27
N LEU B 218 -60.31 16.91 10.82
CA LEU B 218 -59.40 17.33 11.89
C LEU B 218 -58.45 18.41 11.42
N PHE B 219 -57.77 18.18 10.31
CA PHE B 219 -56.77 19.13 9.85
C PHE B 219 -57.41 20.39 9.25
N GLY B 220 -58.66 20.32 8.79
CA GLY B 220 -59.36 21.54 8.45
C GLY B 220 -59.77 22.35 9.65
N LEU B 221 -60.09 21.68 10.76
CA LEU B 221 -60.26 22.38 12.02
C LEU B 221 -58.99 23.10 12.40
N ALA B 222 -57.84 22.45 12.20
CA ALA B 222 -56.56 23.12 12.44
C ALA B 222 -56.32 24.27 11.47
N ARG B 223 -56.73 24.13 10.21
CA ARG B 223 -56.48 25.14 9.18
C ARG B 223 -57.38 26.36 9.32
N GLU B 224 -58.57 26.21 9.90
CA GLU B 224 -59.53 27.32 9.99
C GLU B 224 -58.99 28.55 10.69
N LEU B 225 -57.80 28.46 11.31
CA LEU B 225 -57.21 29.64 11.94
C LEU B 225 -56.90 30.72 10.91
N ASN B 226 -56.40 30.32 9.74
CA ASN B 226 -56.07 31.26 8.67
C ASN B 226 -56.21 30.51 7.35
N ALA B 227 -57.33 30.70 6.66
CA ALA B 227 -57.60 29.96 5.43
C ALA B 227 -56.81 30.48 4.24
N ASP B 228 -56.26 31.70 4.33
CA ASP B 228 -55.54 32.30 3.23
C ASP B 228 -54.02 32.33 3.46
N SER B 229 -53.51 31.33 4.16
CA SER B 229 -52.07 31.21 4.39
C SER B 229 -51.40 30.53 3.21
N GLU B 230 -50.06 30.58 3.20
CA GLU B 230 -49.27 30.02 2.11
C GLU B 230 -48.90 28.59 2.47
N HIS B 231 -49.55 27.63 1.82
CA HIS B 231 -49.28 26.21 2.02
C HIS B 231 -48.89 25.58 0.68
N ILE B 232 -48.72 24.27 0.69
CA ILE B 232 -48.35 23.52 -0.50
C ILE B 232 -49.62 23.05 -1.20
N GLU B 233 -49.77 23.43 -2.47
CA GLU B 233 -50.95 23.11 -3.25
C GLU B 233 -50.65 21.87 -4.10
N ILE B 234 -51.47 20.84 -3.92
CA ILE B 234 -51.28 19.60 -4.68
C ILE B 234 -51.62 19.81 -6.14
N GLY B 235 -52.74 20.48 -6.42
CA GLY B 235 -53.15 20.73 -7.77
C GLY B 235 -54.60 20.35 -8.02
N PRO B 236 -54.83 19.47 -9.01
CA PRO B 236 -56.18 19.02 -9.38
C PRO B 236 -56.59 17.72 -8.67
N ASN C 21 -4.68 31.41 35.50
CA ASN C 21 -3.93 32.08 36.56
C ASN C 21 -2.59 32.59 36.05
N SER C 22 -1.70 31.66 35.70
CA SER C 22 -0.40 32.04 35.17
C SER C 22 -0.53 32.76 33.83
N VAL C 23 -1.36 32.23 32.95
CA VAL C 23 -1.58 32.87 31.64
C VAL C 23 -2.33 34.19 31.86
N PRO C 24 -1.85 35.31 31.31
CA PRO C 24 -2.51 36.61 31.54
C PRO C 24 -3.96 36.63 31.11
N GLY C 25 -4.22 36.38 29.83
CA GLY C 25 -5.58 36.33 29.34
C GLY C 25 -6.05 34.90 29.15
N ALA C 26 -6.86 34.40 30.08
CA ALA C 26 -7.30 33.02 30.05
C ALA C 26 -8.79 32.93 30.38
N PRO C 27 -9.53 32.10 29.67
CA PRO C 27 -10.95 31.90 30.03
C PRO C 27 -11.07 31.16 31.35
N ASN C 28 -12.20 31.40 32.03
CA ASN C 28 -12.44 30.81 33.34
C ASN C 28 -12.98 29.39 33.15
N ARG C 29 -12.19 28.41 33.56
CA ARG C 29 -12.59 26.99 33.48
C ARG C 29 -12.40 26.39 34.87
N VAL C 30 -13.49 26.25 35.62
CA VAL C 30 -13.41 25.71 36.96
C VAL C 30 -12.92 24.26 36.91
N SER C 31 -12.19 23.86 37.95
CA SER C 31 -11.52 22.57 37.98
C SER C 31 -12.00 21.75 39.17
N PHE C 32 -12.05 20.43 38.97
CA PHE C 32 -12.37 19.48 40.03
C PHE C 32 -11.14 18.99 40.77
N ALA C 33 -9.95 19.52 40.45
CA ALA C 33 -8.73 19.05 41.07
C ALA C 33 -8.72 19.37 42.56
N LYS C 34 -8.20 18.42 43.35
CA LYS C 34 -8.15 18.56 44.81
C LYS C 34 -6.73 18.58 45.34
N LEU C 35 -5.72 18.60 44.47
CA LEU C 35 -4.32 18.59 44.87
C LEU C 35 -3.62 19.81 44.29
N ARG C 36 -2.74 20.41 45.09
CA ARG C 36 -1.95 21.55 44.64
C ARG C 36 -0.77 21.07 43.79
N GLU C 37 -0.38 21.90 42.83
CA GLU C 37 0.71 21.56 41.93
C GLU C 37 1.99 22.26 42.40
N PRO C 38 2.98 21.54 42.90
CA PRO C 38 4.22 22.20 43.32
C PRO C 38 5.08 22.66 42.16
N LEU C 39 5.04 21.97 41.03
CA LEU C 39 5.87 22.26 39.88
C LEU C 39 4.97 22.44 38.66
N GLU C 40 5.20 23.51 37.91
CA GLU C 40 4.41 23.79 36.72
C GLU C 40 4.99 23.05 35.52
N VAL C 41 4.16 22.94 34.48
CA VAL C 41 4.56 22.23 33.26
C VAL C 41 5.70 23.00 32.58
N PRO C 42 6.81 22.35 32.24
CA PRO C 42 7.91 23.06 31.59
C PRO C 42 7.59 23.43 30.16
N GLY C 43 8.52 24.10 29.47
CA GLY C 43 8.36 24.37 28.07
C GLY C 43 8.27 23.07 27.27
N LEU C 44 7.22 22.92 26.48
CA LEU C 44 6.98 21.66 25.79
C LEU C 44 7.84 21.50 24.54
N LEU C 45 8.55 22.54 24.11
CA LEU C 45 9.42 22.46 22.94
C LEU C 45 10.89 22.60 23.30
N ASP C 46 11.23 22.48 24.58
CA ASP C 46 12.62 22.64 24.98
C ASP C 46 13.50 21.50 24.50
N VAL C 47 12.92 20.32 24.28
CA VAL C 47 13.70 19.15 23.90
C VAL C 47 14.43 19.38 22.57
N GLN C 48 13.90 20.25 21.72
CA GLN C 48 14.52 20.56 20.44
C GLN C 48 15.38 21.83 20.53
N THR C 49 14.82 22.89 21.10
CA THR C 49 15.52 24.18 21.13
C THR C 49 16.78 24.09 21.98
N ASP C 50 16.72 23.43 23.13
CA ASP C 50 17.90 23.32 23.98
C ASP C 50 19.00 22.55 23.28
N SER C 51 18.66 21.45 22.61
CA SER C 51 19.66 20.66 21.89
C SER C 51 20.30 21.47 20.77
N PHE C 52 19.48 22.20 20.00
CA PHE C 52 20.06 22.95 18.89
C PHE C 52 20.92 24.12 19.38
N GLU C 53 20.49 24.78 20.46
CA GLU C 53 21.31 25.88 20.97
C GLU C 53 22.56 25.37 21.67
N TRP C 54 22.57 24.13 22.15
CA TRP C 54 23.83 23.51 22.55
C TRP C 54 24.72 23.26 21.34
N LEU C 55 24.13 22.78 20.24
CA LEU C 55 24.93 22.51 19.04
C LEU C 55 25.59 23.78 18.54
N VAL C 56 24.80 24.84 18.34
CA VAL C 56 25.36 26.10 17.86
C VAL C 56 26.30 26.71 18.90
N GLY C 57 25.89 26.69 20.16
CA GLY C 57 26.70 27.28 21.21
C GLY C 57 26.25 28.69 21.55
N SER C 58 24.94 28.88 21.69
CA SER C 58 24.40 30.20 21.96
C SER C 58 24.76 30.65 23.37
N ASP C 59 24.62 31.96 23.60
CA ASP C 59 25.02 32.54 24.88
C ASP C 59 24.16 32.03 26.03
N ARG C 60 22.85 31.86 25.80
CA ARG C 60 21.98 31.41 26.86
C ARG C 60 22.31 29.97 27.29
N TRP C 61 22.68 29.12 26.33
CA TRP C 61 23.12 27.77 26.68
C TRP C 61 24.39 27.83 27.52
N ARG C 62 25.33 28.71 27.16
CA ARG C 62 26.56 28.85 27.93
C ARG C 62 26.25 29.29 29.36
N GLN C 63 25.35 30.26 29.50
CA GLN C 63 24.98 30.72 30.84
C GLN C 63 24.31 29.61 31.65
N ALA C 64 23.42 28.84 31.01
CA ALA C 64 22.76 27.74 31.70
C ALA C 64 23.76 26.68 32.14
N ALA C 65 24.72 26.37 31.27
CA ALA C 65 25.75 25.39 31.63
C ALA C 65 26.62 25.89 32.78
N ILE C 66 26.98 27.18 32.76
CA ILE C 66 27.79 27.73 33.84
C ILE C 66 27.04 27.70 35.16
N ASP C 67 25.76 28.09 35.14
CA ASP C 67 24.98 28.12 36.36
C ASP C 67 24.66 26.72 36.90
N ARG C 68 24.82 25.69 36.07
CA ARG C 68 24.56 24.32 36.50
C ARG C 68 25.81 23.61 37.01
N GLY C 69 26.98 24.23 36.92
CA GLY C 69 28.22 23.58 37.30
C GLY C 69 28.99 23.13 36.07
N GLU C 70 30.06 23.86 35.75
CA GLU C 70 30.76 23.65 34.49
C GLU C 70 32.26 23.72 34.72
N GLU C 71 33.00 23.19 33.75
CA GLU C 71 34.44 23.34 33.68
C GLU C 71 34.86 24.17 32.47
N ASN C 72 34.42 23.79 31.27
CA ASN C 72 34.65 24.53 30.04
C ASN C 72 33.65 24.05 29.00
N PRO C 73 32.41 24.55 29.02
CA PRO C 73 31.39 24.05 28.08
C PRO C 73 31.80 24.29 26.64
N VAL C 74 31.46 23.33 25.78
CA VAL C 74 31.76 23.41 24.35
C VAL C 74 30.54 22.93 23.58
N GLY C 75 30.24 23.61 22.49
CA GLY C 75 29.16 23.21 21.61
C GLY C 75 29.56 22.05 20.73
N GLY C 76 28.60 21.60 19.92
CA GLY C 76 28.87 20.50 19.01
C GLY C 76 29.90 20.88 17.96
N LEU C 77 29.75 22.06 17.37
CA LEU C 77 30.72 22.53 16.38
C LEU C 77 32.09 22.72 17.00
N GLU C 78 32.14 23.33 18.19
CA GLU C 78 33.42 23.49 18.87
C GLU C 78 34.05 22.14 19.19
N GLU C 79 33.23 21.17 19.61
CA GLU C 79 33.75 19.85 19.94
C GLU C 79 34.33 19.17 18.71
N VAL C 80 33.60 19.19 17.58
CA VAL C 80 34.10 18.50 16.40
C VAL C 80 35.33 19.21 15.83
N LEU C 81 35.38 20.54 15.91
CA LEU C 81 36.56 21.26 15.46
C LEU C 81 37.77 20.98 16.36
N ALA C 82 37.55 20.89 17.67
CA ALA C 82 38.66 20.58 18.57
C ALA C 82 39.17 19.16 18.37
N GLU C 83 38.26 18.21 18.14
CA GLU C 83 38.68 16.84 17.88
C GLU C 83 39.35 16.69 16.52
N LEU C 84 39.24 17.69 15.65
CA LEU C 84 39.86 17.66 14.33
C LEU C 84 40.89 18.76 14.13
N SER C 85 41.18 19.54 15.17
CA SER C 85 42.05 20.70 15.00
C SER C 85 43.44 20.37 14.49
N PRO C 86 44.20 19.40 15.05
CA PRO C 86 45.50 19.08 14.47
C PRO C 86 45.36 18.16 13.26
N ILE C 87 45.60 18.70 12.07
CA ILE C 87 45.62 17.90 10.85
C ILE C 87 47.04 17.89 10.30
N GLU C 88 47.82 16.87 10.67
CA GLU C 88 49.20 16.77 10.26
C GLU C 88 49.40 15.62 9.28
N ASP C 89 50.38 15.76 8.40
CA ASP C 89 50.71 14.74 7.43
C ASP C 89 51.68 13.72 8.05
N PHE C 90 52.03 12.70 7.28
CA PHE C 90 52.92 11.66 7.78
C PHE C 90 54.31 12.22 8.08
N SER C 91 54.81 13.12 7.22
CA SER C 91 56.13 13.69 7.42
C SER C 91 56.18 14.56 8.66
N GLY C 92 55.05 15.15 9.06
CA GLY C 92 55.03 16.04 10.21
C GLY C 92 55.56 17.42 9.95
N SER C 93 55.67 17.84 8.69
CA SER C 93 56.18 19.16 8.35
C SER C 93 55.09 20.21 8.17
N MET C 94 53.85 19.79 7.89
CA MET C 94 52.75 20.71 7.67
C MET C 94 51.58 20.32 8.57
N SER C 95 50.78 21.33 8.92
CA SER C 95 49.60 21.10 9.75
C SER C 95 48.56 22.17 9.42
N LEU C 96 47.29 21.79 9.58
CA LEU C 96 46.17 22.69 9.38
C LEU C 96 45.26 22.60 10.59
N SER C 97 44.81 23.76 11.07
CA SER C 97 43.98 23.84 12.26
C SER C 97 42.74 24.66 11.97
N PHE C 98 41.64 24.30 12.64
CA PHE C 98 40.38 25.02 12.52
C PHE C 98 39.93 25.47 13.90
N SER C 99 39.36 26.68 13.96
CA SER C 99 38.93 27.22 15.25
C SER C 99 37.88 28.28 15.02
N ASP C 100 37.32 28.78 16.12
CA ASP C 100 36.42 29.93 16.17
C ASP C 100 35.28 29.83 15.18
N PRO C 101 34.31 28.95 15.40
CA PRO C 101 33.11 28.95 14.56
C PRO C 101 32.23 30.15 14.87
N ARG C 102 31.76 30.81 13.83
CA ARG C 102 30.97 32.02 13.97
C ARG C 102 29.83 32.01 12.97
N PHE C 103 28.66 32.43 13.42
CA PHE C 103 27.47 32.52 12.57
C PHE C 103 27.11 33.97 12.33
N ASP C 104 26.82 34.29 11.06
CA ASP C 104 26.41 35.63 10.69
C ASP C 104 24.89 35.74 10.78
N GLU C 105 24.33 36.83 10.25
CA GLU C 105 22.89 37.00 10.27
C GLU C 105 22.21 36.06 9.27
N VAL C 106 20.92 35.83 9.49
CA VAL C 106 20.17 34.90 8.64
C VAL C 106 20.00 35.49 7.25
N LYS C 107 20.05 34.63 6.24
CA LYS C 107 19.92 35.07 4.86
C LYS C 107 18.53 35.66 4.59
N ALA C 108 17.48 35.01 5.09
CA ALA C 108 16.13 35.45 4.84
C ALA C 108 15.22 34.97 5.97
N SER C 109 14.06 35.60 6.09
CA SER C 109 13.10 35.25 7.12
C SER C 109 12.38 33.95 6.75
N VAL C 110 11.59 33.45 7.70
CA VAL C 110 10.89 32.19 7.50
C VAL C 110 9.84 32.31 6.40
N ASP C 111 9.07 33.40 6.40
CA ASP C 111 8.03 33.58 5.40
C ASP C 111 8.62 33.69 4.01
N GLU C 112 9.73 34.42 3.86
CA GLU C 112 10.40 34.51 2.57
C GLU C 112 10.91 33.15 2.12
N CYS C 113 11.47 32.37 3.04
CA CYS C 113 11.98 31.06 2.70
C CYS C 113 10.87 30.13 2.23
N LYS C 114 9.72 30.17 2.91
CA LYS C 114 8.62 29.31 2.51
C LYS C 114 7.96 29.78 1.22
N ASP C 115 7.91 31.09 0.99
CA ASP C 115 7.28 31.60 -0.23
C ASP C 115 8.15 31.34 -1.45
N LYS C 116 9.46 31.55 -1.34
CA LYS C 116 10.37 31.43 -2.46
C LYS C 116 11.02 30.05 -2.57
N ASP C 117 10.63 29.11 -1.71
CA ASP C 117 11.19 27.76 -1.68
C ASP C 117 12.70 27.79 -1.47
N MET C 118 13.11 28.44 -0.38
CA MET C 118 14.49 28.54 0.02
C MET C 118 14.71 27.77 1.32
N THR C 119 15.93 27.83 1.84
CA THR C 119 16.31 27.17 3.08
C THR C 119 16.67 28.22 4.13
N TYR C 120 16.11 28.08 5.31
CA TYR C 120 16.36 29.00 6.42
C TYR C 120 17.70 28.65 7.04
N ALA C 121 18.76 29.29 6.54
CA ALA C 121 20.12 28.97 6.94
C ALA C 121 20.91 30.26 7.20
N ALA C 122 22.05 30.10 7.85
CA ALA C 122 22.95 31.20 8.14
C ALA C 122 24.38 30.82 7.76
N PRO C 123 25.18 31.79 7.32
CA PRO C 123 26.57 31.47 6.93
C PRO C 123 27.41 31.04 8.12
N LEU C 124 28.35 30.14 7.86
CA LEU C 124 29.28 29.64 8.86
C LEU C 124 30.71 29.95 8.45
N PHE C 125 31.47 30.57 9.35
CA PHE C 125 32.85 30.93 9.08
C PHE C 125 33.75 30.32 10.16
N VAL C 126 34.82 29.66 9.72
CA VAL C 126 35.76 29.00 10.62
C VAL C 126 37.16 29.49 10.28
N THR C 127 37.91 29.93 11.29
CA THR C 127 39.26 30.43 11.09
C THR C 127 40.21 29.25 10.93
N ALA C 128 40.87 29.16 9.79
CA ALA C 128 41.81 28.09 9.49
C ALA C 128 43.23 28.63 9.48
N GLU C 129 44.13 27.92 10.14
CA GLU C 129 45.52 28.32 10.26
C GLU C 129 46.43 27.22 9.72
N PHE C 130 47.36 27.58 8.85
CA PHE C 130 48.31 26.65 8.25
C PHE C 130 49.69 26.88 8.85
N ILE C 131 50.34 25.80 9.27
CA ILE C 131 51.65 25.86 9.90
C ILE C 131 52.60 24.96 9.12
N ASN C 132 53.75 25.51 8.74
CA ASN C 132 54.81 24.75 8.09
C ASN C 132 55.94 24.60 9.11
N ASN C 133 56.11 23.38 9.63
CA ASN C 133 57.00 23.17 10.77
C ASN C 133 58.46 23.44 10.41
N ASN C 134 58.88 23.02 9.21
CA ASN C 134 60.29 23.14 8.84
C ASN C 134 60.73 24.60 8.76
N THR C 135 59.89 25.47 8.17
CA THR C 135 60.25 26.87 8.04
C THR C 135 59.67 27.77 9.12
N GLY C 136 58.62 27.32 9.81
CA GLY C 136 58.04 28.11 10.88
C GLY C 136 57.13 29.24 10.44
N GLU C 137 56.77 29.31 9.16
CA GLU C 137 55.90 30.36 8.66
C GLU C 137 54.45 29.90 8.73
N ILE C 138 53.59 30.74 9.30
CA ILE C 138 52.20 30.38 9.55
C ILE C 138 51.28 31.35 8.82
N LYS C 139 50.16 30.84 8.32
CA LYS C 139 49.16 31.64 7.64
C LYS C 139 47.81 31.39 8.29
N SER C 140 46.94 32.40 8.24
CA SER C 140 45.63 32.29 8.86
C SER C 140 44.62 33.10 8.06
N GLN C 141 43.54 32.45 7.65
CA GLN C 141 42.48 33.10 6.89
C GLN C 141 41.13 32.64 7.43
N THR C 142 40.11 33.47 7.18
CA THR C 142 38.75 33.17 7.58
C THR C 142 38.06 32.43 6.45
N VAL C 143 37.71 31.16 6.68
CA VAL C 143 37.17 30.29 5.64
C VAL C 143 35.67 30.18 5.80
N PHE C 144 34.96 30.31 4.68
CA PHE C 144 33.51 30.17 4.65
C PHE C 144 33.15 28.70 4.50
N MET C 145 32.36 28.18 5.44
CA MET C 145 32.05 26.75 5.47
C MET C 145 30.70 26.40 4.87
N GLY C 146 29.88 27.37 4.52
CA GLY C 146 28.59 27.12 3.89
C GLY C 146 27.43 27.69 4.69
N ASP C 147 26.24 27.47 4.14
CA ASP C 147 25.00 27.94 4.76
C ASP C 147 24.46 26.83 5.64
N PHE C 148 24.75 26.93 6.93
CA PHE C 148 24.29 25.95 7.90
C PHE C 148 22.82 26.19 8.22
N PRO C 149 21.94 25.20 8.04
CA PRO C 149 20.53 25.40 8.37
C PRO C 149 20.33 25.71 9.84
N MET C 150 19.37 26.60 10.12
CA MET C 150 19.11 27.06 11.48
C MET C 150 17.69 26.70 11.88
N MET C 151 17.54 26.21 13.11
CA MET C 151 16.22 25.94 13.65
C MET C 151 15.48 27.23 13.95
N THR C 152 14.17 27.24 13.66
CA THR C 152 13.35 28.41 13.91
C THR C 152 12.99 28.47 15.39
N GLU C 153 12.13 29.41 15.75
CA GLU C 153 11.72 29.58 17.14
C GLU C 153 10.67 28.55 17.57
N LYS C 154 10.18 27.72 16.65
CA LYS C 154 9.17 26.73 16.96
C LYS C 154 9.69 25.30 16.85
N GLY C 155 10.99 25.11 16.66
CA GLY C 155 11.56 23.78 16.64
C GLY C 155 11.54 23.07 15.31
N THR C 156 11.34 23.79 14.21
CA THR C 156 11.29 23.19 12.88
C THR C 156 12.35 23.81 11.99
N PHE C 157 12.73 23.04 10.96
CA PHE C 157 13.69 23.48 9.96
C PHE C 157 12.97 23.69 8.64
N ILE C 158 13.13 24.87 8.05
CA ILE C 158 12.57 25.14 6.73
C ILE C 158 13.62 24.71 5.71
N ILE C 159 13.37 23.57 5.06
CA ILE C 159 14.27 23.01 4.06
C ILE C 159 13.53 23.01 2.74
N ASN C 160 14.09 23.69 1.73
CA ASN C 160 13.49 23.80 0.40
C ASN C 160 12.05 24.29 0.46
N GLY C 161 11.74 25.15 1.43
CA GLY C 161 10.42 25.70 1.56
C GLY C 161 9.43 24.87 2.36
N THR C 162 9.83 23.70 2.84
CA THR C 162 8.96 22.82 3.60
C THR C 162 9.45 22.72 5.04
N GLU C 163 8.53 22.79 5.99
CA GLU C 163 8.89 22.60 7.38
C GLU C 163 9.12 21.12 7.68
N ARG C 164 10.23 20.82 8.35
CA ARG C 164 10.59 19.47 8.70
C ARG C 164 11.00 19.41 10.17
N VAL C 165 10.81 18.24 10.76
CA VAL C 165 11.12 18.00 12.17
C VAL C 165 12.10 16.85 12.25
N VAL C 166 13.14 17.02 13.07
CA VAL C 166 14.11 15.98 13.35
C VAL C 166 13.67 15.28 14.64
N VAL C 167 13.47 13.96 14.56
CA VAL C 167 12.91 13.19 15.65
C VAL C 167 14.05 12.59 16.46
N SER C 168 13.97 12.74 17.79
CA SER C 168 14.96 12.17 18.67
C SER C 168 14.95 10.65 18.57
N GLN C 169 16.14 10.05 18.64
CA GLN C 169 16.30 8.62 18.43
C GLN C 169 16.70 7.94 19.73
N LEU C 170 16.00 6.86 20.08
CA LEU C 170 16.34 6.06 21.25
C LEU C 170 17.34 4.99 20.83
N VAL C 171 18.55 5.06 21.37
CA VAL C 171 19.61 4.11 21.07
C VAL C 171 20.14 3.54 22.38
N ARG C 172 21.01 2.54 22.25
CA ARG C 172 21.66 1.94 23.41
C ARG C 172 23.00 2.61 23.64
N SER C 173 23.20 3.11 24.85
CA SER C 173 24.43 3.85 25.14
C SER C 173 25.63 2.91 25.11
N PRO C 174 26.78 3.38 24.62
CA PRO C 174 27.99 2.56 24.65
C PRO C 174 28.44 2.26 26.08
N GLY C 175 29.06 1.10 26.25
CA GLY C 175 29.54 0.71 27.56
C GLY C 175 29.72 -0.79 27.64
N VAL C 176 29.85 -1.27 28.87
CA VAL C 176 30.02 -2.70 29.16
C VAL C 176 28.69 -3.26 29.62
N TYR C 177 28.26 -4.37 29.02
CA TYR C 177 26.98 -4.99 29.36
C TYR C 177 27.21 -6.45 29.68
N PHE C 178 26.73 -6.88 30.84
CA PHE C 178 26.88 -8.25 31.31
C PHE C 178 25.56 -9.00 31.16
N ASP C 179 25.64 -10.23 30.67
CA ASP C 179 24.46 -11.02 30.38
C ASP C 179 24.67 -12.45 30.89
N GLU C 180 23.56 -13.12 31.19
CA GLU C 180 23.58 -14.48 31.69
C GLU C 180 22.55 -15.30 30.92
N THR C 181 22.90 -16.54 30.59
CA THR C 181 22.03 -17.44 29.87
C THR C 181 22.09 -18.82 30.51
N ILE C 182 21.10 -19.65 30.20
CA ILE C 182 21.03 -21.03 30.68
C ILE C 182 21.03 -21.95 29.47
N ASP C 183 21.98 -22.89 29.45
CA ASP C 183 22.08 -23.83 28.35
C ASP C 183 21.08 -24.97 28.53
N LYS C 184 20.44 -25.36 27.42
CA LYS C 184 19.45 -26.42 27.44
C LYS C 184 20.05 -27.78 27.12
N SER C 185 21.35 -27.85 26.81
CA SER C 185 22.01 -29.12 26.55
C SER C 185 22.73 -29.68 27.76
N THR C 186 23.03 -28.85 28.75
CA THR C 186 23.69 -29.30 29.97
C THR C 186 23.07 -28.74 31.24
N GLU C 187 22.17 -27.76 31.15
CA GLU C 187 21.53 -27.13 32.30
C GLU C 187 22.57 -26.51 33.24
N LYS C 188 23.38 -25.62 32.68
CA LYS C 188 24.35 -24.85 33.43
C LYS C 188 24.28 -23.39 33.00
N THR C 189 24.64 -22.49 33.92
CA THR C 189 24.57 -21.06 33.67
C THR C 189 25.86 -20.58 33.02
N LEU C 190 25.74 -19.74 31.99
CA LEU C 190 26.88 -19.21 31.27
C LEU C 190 26.77 -17.70 31.25
N HIS C 191 27.86 -17.02 31.60
CA HIS C 191 27.90 -15.57 31.63
C HIS C 191 28.70 -15.02 30.46
N SER C 192 28.48 -13.74 30.17
CA SER C 192 29.20 -13.08 29.10
C SER C 192 29.19 -11.58 29.35
N VAL C 193 30.12 -10.89 28.71
CA VAL C 193 30.20 -9.43 28.77
C VAL C 193 30.56 -8.91 27.38
N LYS C 194 29.92 -7.82 26.98
CA LYS C 194 30.16 -7.19 25.69
C LYS C 194 30.52 -5.74 25.91
N VAL C 195 31.60 -5.29 25.27
CA VAL C 195 32.00 -3.89 25.29
C VAL C 195 31.55 -3.28 23.97
N ILE C 196 30.58 -2.39 24.02
CA ILE C 196 29.98 -1.80 22.83
C ILE C 196 30.41 -0.34 22.75
N PRO C 197 31.35 0.00 21.88
CA PRO C 197 31.76 1.40 21.71
C PRO C 197 31.00 2.07 20.56
N GLY C 198 31.25 3.37 20.42
CA GLY C 198 30.81 4.11 19.26
C GLY C 198 31.96 4.28 18.29
N ARG C 199 31.79 3.73 17.08
CA ARG C 199 32.81 3.74 16.05
C ARG C 199 34.09 3.05 16.55
N GLY C 200 33.95 1.76 16.79
CA GLY C 200 35.07 0.95 17.23
C GLY C 200 34.77 -0.52 17.09
N ALA C 201 35.80 -1.33 17.36
CA ALA C 201 35.67 -2.77 17.30
C ALA C 201 34.95 -3.31 18.53
N TRP C 202 34.43 -4.53 18.41
CA TRP C 202 33.67 -5.17 19.47
C TRP C 202 34.56 -6.15 20.24
N LEU C 203 34.47 -6.12 21.56
CA LEU C 203 35.22 -7.00 22.45
C LEU C 203 34.24 -7.76 23.33
N GLU C 204 34.23 -9.09 23.21
CA GLU C 204 33.30 -9.92 23.94
C GLU C 204 34.07 -10.99 24.72
N PHE C 205 33.65 -11.21 25.96
CA PHE C 205 34.16 -12.31 26.77
C PHE C 205 32.99 -13.20 27.16
N ASP C 206 33.24 -14.50 27.26
CA ASP C 206 32.17 -15.43 27.59
C ASP C 206 32.73 -16.62 28.37
N VAL C 207 31.83 -17.30 29.08
CA VAL C 207 32.15 -18.54 29.78
C VAL C 207 31.28 -19.65 29.19
N ASP C 208 31.91 -20.75 28.81
CA ASP C 208 31.24 -21.82 28.09
C ASP C 208 31.03 -23.04 29.00
N LYS C 209 30.58 -24.14 28.40
CA LYS C 209 30.33 -25.36 29.15
C LYS C 209 31.60 -25.91 29.77
N ARG C 210 32.72 -25.86 29.04
CA ARG C 210 33.99 -26.38 29.53
C ARG C 210 34.67 -25.46 30.55
N ASP C 211 33.97 -24.45 31.05
CA ASP C 211 34.49 -23.52 32.05
C ASP C 211 35.78 -22.85 31.56
N THR C 212 35.82 -22.55 30.27
CA THR C 212 36.98 -21.91 29.65
C THR C 212 36.57 -20.51 29.20
N VAL C 213 37.12 -19.50 29.86
CA VAL C 213 36.81 -18.12 29.50
C VAL C 213 37.40 -17.81 28.13
N GLY C 214 36.57 -17.30 27.23
CA GLY C 214 36.99 -17.04 25.87
C GLY C 214 36.67 -15.65 25.39
N VAL C 215 37.64 -15.00 24.75
CA VAL C 215 37.48 -13.66 24.21
C VAL C 215 37.39 -13.75 22.70
N ARG C 216 36.46 -12.99 22.12
CA ARG C 216 36.26 -12.95 20.67
C ARG C 216 36.54 -11.51 20.21
N ILE C 217 37.81 -11.22 19.93
CA ILE C 217 38.18 -9.90 19.44
C ILE C 217 37.53 -9.67 18.09
N ASP C 218 36.94 -8.49 17.91
CA ASP C 218 36.14 -8.16 16.72
C ASP C 218 35.04 -9.22 16.61
N ARG C 219 34.84 -9.83 15.44
CA ARG C 219 33.86 -10.90 15.29
C ARG C 219 34.56 -12.20 14.90
N LYS C 220 35.76 -12.40 15.41
CA LYS C 220 36.57 -13.57 15.06
C LYS C 220 36.19 -14.74 15.96
N ARG C 221 36.96 -15.82 15.89
CA ARG C 221 36.66 -17.02 16.65
C ARG C 221 37.16 -16.87 18.10
N ARG C 222 36.72 -17.80 18.94
CA ARG C 222 37.08 -17.75 20.36
C ARG C 222 38.55 -18.06 20.56
N GLN C 223 39.13 -17.44 21.60
CA GLN C 223 40.48 -17.69 22.06
C GLN C 223 40.45 -17.50 23.57
N PRO C 224 41.20 -18.30 24.33
CA PRO C 224 41.23 -18.10 25.79
C PRO C 224 41.76 -16.72 26.14
N VAL C 225 41.16 -16.12 27.17
CA VAL C 225 41.51 -14.75 27.54
C VAL C 225 42.93 -14.67 28.09
N THR C 226 43.51 -15.79 28.51
CA THR C 226 44.89 -15.77 28.98
C THR C 226 45.84 -15.38 27.86
N VAL C 227 45.54 -15.78 26.62
CA VAL C 227 46.36 -15.36 25.48
C VAL C 227 46.31 -13.84 25.33
N LEU C 228 45.11 -13.26 25.43
CA LEU C 228 44.98 -11.81 25.34
C LEU C 228 45.72 -11.11 26.47
N LEU C 229 45.63 -11.66 27.69
CA LEU C 229 46.33 -11.06 28.82
C LEU C 229 47.84 -11.10 28.62
N LYS C 230 48.37 -12.23 28.14
CA LYS C 230 49.80 -12.34 27.90
C LYS C 230 50.24 -11.41 26.79
N ALA C 231 49.41 -11.25 25.75
CA ALA C 231 49.76 -10.34 24.66
C ALA C 231 49.82 -8.89 25.14
N LEU C 232 49.11 -8.55 26.21
CA LEU C 232 49.11 -7.19 26.74
C LEU C 232 50.34 -6.90 27.59
N GLY C 233 51.32 -7.80 27.61
CA GLY C 233 52.52 -7.61 28.40
C GLY C 233 52.55 -8.32 29.73
N TRP C 234 51.52 -9.08 30.05
CA TRP C 234 51.49 -9.82 31.31
C TRP C 234 52.18 -11.17 31.17
N THR C 235 52.62 -11.70 32.31
CA THR C 235 53.28 -13.00 32.37
C THR C 235 52.40 -13.98 33.13
N ASN C 236 52.89 -15.22 33.26
CA ASN C 236 52.16 -16.22 34.02
C ASN C 236 52.05 -15.83 35.49
N GLU C 237 53.13 -15.29 36.06
CA GLU C 237 53.10 -14.85 37.46
C GLU C 237 52.10 -13.73 37.67
N GLN C 238 52.02 -12.80 36.71
CA GLN C 238 51.06 -11.70 36.83
C GLN C 238 49.63 -12.23 36.84
N ILE C 239 49.32 -13.17 35.96
CA ILE C 239 47.97 -13.75 35.91
C ILE C 239 47.67 -14.50 37.20
N VAL C 240 48.65 -15.26 37.71
CA VAL C 240 48.43 -16.01 38.94
C VAL C 240 48.17 -15.08 40.11
N GLU C 241 48.97 -14.01 40.23
CA GLU C 241 48.80 -13.09 41.36
C GLU C 241 47.59 -12.20 41.20
N ARG C 242 47.08 -12.03 39.98
CA ARG C 242 45.92 -11.18 39.75
C ARG C 242 44.60 -11.93 39.90
N PHE C 243 44.49 -13.11 39.29
CA PHE C 243 43.27 -13.91 39.31
C PHE C 243 43.42 -15.13 40.23
N GLY C 244 44.09 -14.95 41.36
CA GLY C 244 44.31 -16.01 42.31
C GLY C 244 43.14 -16.37 43.17
N PHE C 245 42.03 -15.64 43.07
CA PHE C 245 40.84 -15.91 43.86
C PHE C 245 39.86 -16.85 43.17
N SER C 246 40.10 -17.21 41.92
CA SER C 246 39.15 -17.97 41.12
C SER C 246 39.70 -19.35 40.80
N GLU C 247 38.92 -20.12 40.08
CA GLU C 247 39.27 -21.47 39.64
C GLU C 247 39.20 -21.64 38.12
N ILE C 248 38.23 -21.00 37.47
CA ILE C 248 38.12 -21.12 36.02
C ILE C 248 39.30 -20.43 35.33
N MET C 249 39.78 -19.32 35.89
CA MET C 249 40.95 -18.66 35.31
C MET C 249 42.18 -19.56 35.39
N MET C 250 42.36 -20.24 36.52
CA MET C 250 43.49 -21.16 36.64
C MET C 250 43.36 -22.32 35.65
N GLY C 251 42.16 -22.86 35.49
CA GLY C 251 41.97 -23.93 34.52
C GLY C 251 42.25 -23.49 33.10
N THR C 252 41.84 -22.26 32.75
CA THR C 252 42.13 -21.71 31.44
C THR C 252 43.63 -21.51 31.25
N LEU C 253 44.31 -21.01 32.28
CA LEU C 253 45.75 -20.76 32.19
C LEU C 253 46.53 -22.07 32.05
N GLU C 254 46.08 -23.13 32.72
CA GLU C 254 46.77 -24.41 32.60
C GLU C 254 46.60 -25.01 31.22
N LYS C 255 45.52 -24.68 30.52
CA LYS C 255 45.22 -25.22 29.21
C LYS C 255 45.53 -24.25 28.08
N ASP C 256 46.28 -23.18 28.36
CA ASP C 256 46.57 -22.19 27.32
C ASP C 256 47.38 -22.79 26.17
N THR C 257 48.33 -23.68 26.50
CA THR C 257 49.22 -24.30 25.52
C THR C 257 49.96 -23.24 24.71
N THR C 258 50.37 -22.17 25.38
CA THR C 258 51.11 -21.09 24.73
C THR C 258 51.88 -20.35 25.81
N SER C 259 53.21 -20.42 25.75
CA SER C 259 54.08 -19.78 26.73
C SER C 259 54.65 -18.49 26.17
N GLY C 260 55.07 -17.61 27.09
CA GLY C 260 55.68 -16.36 26.71
C GLY C 260 54.67 -15.34 26.23
N THR C 261 55.22 -14.24 25.69
CA THR C 261 54.43 -13.14 25.18
C THR C 261 54.43 -13.05 23.65
N ASP C 262 55.59 -13.29 23.02
CA ASP C 262 55.68 -13.19 21.57
C ASP C 262 54.80 -14.22 20.88
N GLU C 263 54.77 -15.45 21.42
CA GLU C 263 53.96 -16.51 20.80
C GLU C 263 52.48 -16.17 20.85
N ALA C 264 52.00 -15.66 21.99
CA ALA C 264 50.60 -15.29 22.11
C ALA C 264 50.26 -14.13 21.18
N LEU C 265 51.15 -13.14 21.09
CA LEU C 265 50.91 -12.01 20.19
C LEU C 265 50.86 -12.46 18.74
N LEU C 266 51.74 -13.38 18.35
CA LEU C 266 51.71 -13.92 17.00
C LEU C 266 50.42 -14.71 16.75
N ASP C 267 49.97 -15.48 17.73
CA ASP C 267 48.70 -16.21 17.58
C ASP C 267 47.53 -15.26 17.39
N ILE C 268 47.50 -14.17 18.18
CA ILE C 268 46.43 -13.19 18.05
C ILE C 268 46.48 -12.53 16.68
N TYR C 269 47.69 -12.18 16.21
CA TYR C 269 47.82 -11.56 14.90
C TYR C 269 47.35 -12.51 13.80
N ARG C 270 47.71 -13.78 13.90
CA ARG C 270 47.31 -14.76 12.89
C ARG C 270 45.80 -14.93 12.88
N LYS C 271 45.17 -15.00 14.05
CA LYS C 271 43.72 -15.16 14.10
C LYS C 271 43.00 -13.92 13.59
N LEU C 272 43.48 -12.73 13.97
CA LEU C 272 42.76 -11.49 13.63
C LEU C 272 42.90 -11.13 12.16
N ARG C 273 44.12 -11.25 11.60
CA ARG C 273 44.41 -10.83 10.24
C ARG C 273 45.05 -11.99 9.48
N PRO C 274 44.26 -12.93 8.99
CA PRO C 274 44.82 -14.04 8.20
C PRO C 274 45.29 -13.56 6.84
N GLY C 275 46.36 -14.19 6.36
CA GLY C 275 46.92 -13.88 5.06
C GLY C 275 47.99 -12.81 5.05
N GLU C 276 48.25 -12.17 6.19
CA GLU C 276 49.27 -11.14 6.28
C GLU C 276 50.50 -11.69 6.99
N PRO C 277 51.67 -11.61 6.38
CA PRO C 277 52.90 -12.05 7.05
C PRO C 277 53.18 -11.19 8.27
N PRO C 278 53.33 -11.81 9.44
CA PRO C 278 53.52 -11.03 10.68
C PRO C 278 54.98 -10.69 10.96
N THR C 279 55.17 -9.54 11.62
CA THR C 279 56.45 -9.13 12.15
C THR C 279 56.24 -8.65 13.58
N LYS C 280 57.34 -8.23 14.23
CA LYS C 280 57.31 -7.94 15.66
C LYS C 280 56.47 -6.70 15.98
N GLU C 281 56.71 -5.60 15.26
CA GLU C 281 56.04 -4.35 15.60
C GLU C 281 54.63 -4.26 15.03
N SER C 282 54.34 -5.04 13.97
CA SER C 282 53.04 -4.93 13.32
C SER C 282 51.91 -5.33 14.27
N ALA C 283 52.11 -6.40 15.03
CA ALA C 283 51.06 -6.87 15.94
C ALA C 283 50.80 -5.85 17.05
N GLN C 284 51.86 -5.28 17.62
CA GLN C 284 51.69 -4.27 18.66
C GLN C 284 50.98 -3.04 18.11
N THR C 285 51.36 -2.59 16.91
CA THR C 285 50.69 -1.45 16.30
C THR C 285 49.23 -1.76 16.02
N LEU C 286 48.94 -2.99 15.58
CA LEU C 286 47.56 -3.39 15.32
C LEU C 286 46.73 -3.35 16.60
N LEU C 287 47.27 -3.89 17.69
CA LEU C 287 46.53 -3.87 18.95
C LEU C 287 46.29 -2.46 19.44
N GLU C 288 47.32 -1.60 19.36
CA GLU C 288 47.16 -0.20 19.78
C GLU C 288 46.13 0.51 18.93
N ASN C 289 46.15 0.27 17.60
CA ASN C 289 45.16 0.87 16.72
C ASN C 289 43.76 0.39 17.07
N LEU C 290 43.61 -0.90 17.36
CA LEU C 290 42.29 -1.45 17.63
C LEU C 290 41.70 -0.90 18.92
N PHE C 291 42.49 -0.84 19.99
CA PHE C 291 41.87 -0.59 21.28
C PHE C 291 42.34 0.67 21.99
N PHE C 292 43.62 1.02 21.92
CA PHE C 292 44.19 2.06 22.77
C PHE C 292 44.64 3.28 21.96
N LYS C 293 43.87 3.67 20.96
CA LYS C 293 44.17 4.86 20.17
C LYS C 293 42.87 5.59 19.83
N GLU C 294 42.98 6.91 19.70
CA GLU C 294 41.84 7.76 19.35
C GLU C 294 41.46 7.66 17.88
N LYS C 295 42.32 7.09 17.04
CA LYS C 295 42.06 7.11 15.60
C LYS C 295 40.91 6.18 15.22
N ARG C 296 40.92 4.96 15.75
CA ARG C 296 39.98 3.93 15.31
C ARG C 296 39.14 3.35 16.44
N TYR C 297 39.25 3.89 17.66
CA TYR C 297 38.42 3.47 18.76
C TYR C 297 38.03 4.69 19.59
N ASP C 298 36.75 4.81 19.90
CA ASP C 298 36.26 5.99 20.60
C ASP C 298 35.10 5.60 21.50
N LEU C 299 35.41 5.30 22.76
CA LEU C 299 34.38 5.23 23.79
C LEU C 299 34.00 6.66 24.12
N ALA C 300 32.84 7.10 23.62
CA ALA C 300 32.45 8.51 23.74
C ALA C 300 32.27 8.92 25.19
N ARG C 301 31.99 10.21 25.42
CA ARG C 301 31.80 10.70 26.78
C ARG C 301 30.73 9.88 27.49
N VAL C 302 29.65 9.53 26.79
CA VAL C 302 28.63 8.66 27.37
C VAL C 302 29.22 7.30 27.68
N GLY C 303 29.95 6.71 26.73
CA GLY C 303 30.53 5.40 26.96
C GLY C 303 31.59 5.42 28.05
N ARG C 304 32.44 6.44 28.06
CA ARG C 304 33.45 6.57 29.10
C ARG C 304 32.81 6.70 30.47
N TYR C 305 31.78 7.54 30.58
CA TYR C 305 31.07 7.71 31.84
C TYR C 305 30.41 6.41 32.29
N LYS C 306 29.77 5.70 31.37
CA LYS C 306 29.12 4.44 31.72
C LYS C 306 30.13 3.41 32.20
N VAL C 307 31.27 3.29 31.51
CA VAL C 307 32.28 2.31 31.91
C VAL C 307 32.85 2.68 33.27
N ASN C 308 33.15 3.97 33.49
CA ASN C 308 33.68 4.39 34.78
C ASN C 308 32.70 4.11 35.91
N LYS C 309 31.41 4.38 35.69
CA LYS C 309 30.42 4.14 36.72
C LYS C 309 30.21 2.65 36.97
N LYS C 310 30.24 1.84 35.91
CA LYS C 310 29.98 0.41 36.06
C LYS C 310 31.15 -0.28 36.77
N LEU C 311 32.38 0.00 36.34
CA LEU C 311 33.55 -0.68 36.88
C LEU C 311 34.15 0.02 38.09
N GLY C 312 33.65 1.19 38.46
CA GLY C 312 34.20 1.93 39.58
C GLY C 312 35.62 2.41 39.36
N LEU C 313 35.92 2.95 38.18
CA LEU C 313 37.25 3.43 37.83
C LEU C 313 37.21 4.93 37.60
N ASN C 314 38.31 5.59 37.95
CA ASN C 314 38.49 7.02 37.73
C ASN C 314 37.34 7.82 38.34
N ALA C 315 37.09 7.58 39.62
CA ALA C 315 36.01 8.25 40.33
C ALA C 315 36.47 9.65 40.72
N GLY C 316 35.84 10.66 40.12
CA GLY C 316 36.17 12.04 40.43
C GLY C 316 36.88 12.77 39.31
N LYS C 317 37.73 12.06 38.57
CA LYS C 317 38.50 12.68 37.50
C LYS C 317 37.56 13.14 36.37
N PRO C 318 37.89 14.24 35.72
CA PRO C 318 37.06 14.71 34.60
C PRO C 318 37.15 13.76 33.41
N ILE C 319 36.08 13.74 32.62
CA ILE C 319 36.00 12.90 31.44
C ILE C 319 36.80 13.57 30.33
N THR C 320 38.05 13.15 30.15
CA THR C 320 38.92 13.68 29.11
C THR C 320 39.30 12.61 28.09
N SER C 321 39.79 11.47 28.54
CA SER C 321 40.08 10.37 27.62
C SER C 321 38.79 9.75 27.12
N SER C 322 38.87 9.18 25.91
CA SER C 322 37.69 8.56 25.30
C SER C 322 38.06 7.23 24.63
N THR C 323 39.09 6.56 25.13
CA THR C 323 39.55 5.30 24.55
C THR C 323 39.64 4.25 25.64
N LEU C 324 39.57 2.99 25.22
CA LEU C 324 39.70 1.88 26.13
C LEU C 324 41.13 1.78 26.64
N THR C 325 41.29 1.22 27.84
CA THR C 325 42.59 1.04 28.46
C THR C 325 42.68 -0.36 29.04
N GLU C 326 43.93 -0.82 29.24
CA GLU C 326 44.14 -2.16 29.78
C GLU C 326 43.52 -2.33 31.15
N GLU C 327 43.47 -1.27 31.95
CA GLU C 327 42.80 -1.33 33.24
C GLU C 327 41.32 -1.68 33.07
N ASP C 328 40.67 -1.09 32.07
CA ASP C 328 39.27 -1.41 31.82
C ASP C 328 39.10 -2.87 31.43
N VAL C 329 40.00 -3.39 30.61
CA VAL C 329 39.87 -4.79 30.16
C VAL C 329 40.06 -5.75 31.32
N VAL C 330 41.08 -5.52 32.14
CA VAL C 330 41.31 -6.42 33.28
C VAL C 330 40.18 -6.31 34.30
N ALA C 331 39.66 -5.09 34.50
CA ALA C 331 38.51 -4.93 35.39
C ALA C 331 37.29 -5.65 34.84
N THR C 332 37.09 -5.61 33.53
CA THR C 332 35.98 -6.34 32.91
C THR C 332 36.11 -7.84 33.13
N ILE C 333 37.32 -8.37 32.93
CA ILE C 333 37.53 -9.81 33.13
C ILE C 333 37.30 -10.21 34.58
N GLU C 334 37.82 -9.40 35.52
CA GLU C 334 37.61 -9.69 36.93
C GLU C 334 36.14 -9.61 37.31
N TYR C 335 35.42 -8.61 36.79
CA TYR C 335 34.00 -8.50 37.04
C TYR C 335 33.26 -9.71 36.51
N LEU C 336 33.62 -10.18 35.31
CA LEU C 336 32.94 -11.33 34.73
C LEU C 336 33.17 -12.59 35.55
N VAL C 337 34.41 -12.82 35.97
CA VAL C 337 34.69 -14.06 36.71
C VAL C 337 34.04 -14.01 38.10
N ARG C 338 34.04 -12.84 38.74
CA ARG C 338 33.39 -12.74 40.04
C ARG C 338 31.87 -12.84 39.93
N LEU C 339 31.30 -12.33 38.84
CA LEU C 339 29.87 -12.49 38.60
C LEU C 339 29.51 -13.95 38.37
N HIS C 340 30.35 -14.67 37.62
CA HIS C 340 30.11 -16.09 37.40
C HIS C 340 30.21 -16.88 38.70
N GLU C 341 31.19 -16.55 39.53
CA GLU C 341 31.34 -17.28 40.80
C GLU C 341 30.12 -17.05 41.70
N GLY C 342 29.65 -15.82 41.79
CA GLY C 342 28.48 -15.53 42.60
C GLY C 342 28.63 -14.37 43.55
N GLN C 343 29.81 -13.73 43.54
CA GLN C 343 30.04 -12.60 44.42
C GLN C 343 29.18 -11.41 44.01
N THR C 344 28.68 -10.70 45.01
CA THR C 344 27.81 -9.54 44.79
C THR C 344 28.55 -8.22 45.05
N SER C 345 29.88 -8.25 45.11
CA SER C 345 30.67 -7.04 45.32
C SER C 345 32.04 -7.24 44.71
N MET C 346 32.69 -6.12 44.40
CA MET C 346 34.02 -6.15 43.80
C MET C 346 34.65 -4.78 43.93
N THR C 347 35.92 -4.74 44.33
CA THR C 347 36.70 -3.51 44.39
C THR C 347 37.93 -3.68 43.52
N VAL C 348 37.97 -2.97 42.40
CA VAL C 348 39.17 -2.98 41.54
C VAL C 348 40.32 -2.35 42.30
N PRO C 349 41.55 -2.89 42.19
CA PRO C 349 42.70 -2.22 42.82
C PRO C 349 42.81 -0.77 42.39
N GLY C 350 42.87 0.12 43.38
CA GLY C 350 42.80 1.54 43.10
C GLY C 350 41.46 1.99 42.56
N GLY C 351 40.37 1.45 43.11
CA GLY C 351 39.04 1.78 42.65
C GLY C 351 38.06 1.81 43.79
N VAL C 352 36.81 2.11 43.47
CA VAL C 352 35.73 2.23 44.44
C VAL C 352 34.81 1.03 44.30
N GLU C 353 34.40 0.45 45.43
CA GLU C 353 33.56 -0.74 45.41
C GLU C 353 32.24 -0.47 44.69
N VAL C 354 31.85 -1.39 43.83
CA VAL C 354 30.60 -1.29 43.08
C VAL C 354 29.87 -2.63 43.16
N PRO C 355 28.54 -2.65 43.13
CA PRO C 355 27.83 -3.92 43.15
C PRO C 355 28.05 -4.71 41.87
N VAL C 356 27.98 -6.04 42.00
CA VAL C 356 28.16 -6.95 40.88
C VAL C 356 26.80 -7.52 40.51
N GLU C 357 26.35 -7.21 39.29
CA GLU C 357 25.04 -7.66 38.82
C GLU C 357 25.00 -7.59 37.31
N VAL C 358 24.02 -8.28 36.72
CA VAL C 358 23.82 -8.27 35.29
C VAL C 358 23.12 -6.99 34.88
N ASP C 359 23.14 -6.66 33.59
CA ASP C 359 22.56 -5.43 33.08
C ASP C 359 21.40 -5.76 32.15
N ASP C 360 20.33 -4.96 32.26
CA ASP C 360 19.17 -5.06 31.39
C ASP C 360 19.31 -4.00 30.30
N ILE C 361 19.40 -4.44 29.05
CA ILE C 361 19.65 -3.52 27.93
C ILE C 361 18.44 -2.67 27.59
N ASP C 362 17.25 -3.02 28.09
CA ASP C 362 16.05 -2.23 27.87
C ASP C 362 15.80 -1.21 28.97
N HIS C 363 16.61 -1.23 30.03
CA HIS C 363 16.47 -0.26 31.11
C HIS C 363 16.72 1.15 30.57
N PHE C 364 15.95 2.11 31.06
CA PHE C 364 16.14 3.49 30.61
C PHE C 364 17.44 4.09 31.10
N GLY C 365 18.13 3.44 32.05
CA GLY C 365 19.48 3.83 32.36
C GLY C 365 20.52 3.31 31.39
N ASN C 366 20.13 2.39 30.50
CA ASN C 366 21.01 1.88 29.47
C ASN C 366 20.61 2.33 28.07
N ARG C 367 19.47 3.01 27.92
CA ARG C 367 19.04 3.56 26.65
C ARG C 367 19.13 5.08 26.71
N ARG C 368 19.85 5.68 25.77
CA ARG C 368 20.01 7.12 25.70
C ARG C 368 19.27 7.67 24.49
N LEU C 369 19.20 8.99 24.43
CA LEU C 369 18.43 9.69 23.42
C LEU C 369 19.35 10.62 22.63
N ARG C 370 19.48 10.36 21.33
CA ARG C 370 20.20 11.24 20.43
C ARG C 370 19.21 12.26 19.89
N THR C 371 19.36 13.51 20.32
CA THR C 371 18.46 14.57 19.90
C THR C 371 18.87 15.07 18.52
N VAL C 372 18.27 16.19 18.08
CA VAL C 372 18.59 16.75 16.77
C VAL C 372 20.05 17.21 16.73
N GLY C 373 20.51 17.85 17.80
CA GLY C 373 21.86 18.37 17.82
C GLY C 373 22.92 17.30 17.65
N GLU C 374 22.75 16.15 18.32
CA GLU C 374 23.73 15.09 18.22
C GLU C 374 23.76 14.48 16.81
N LEU C 375 22.59 14.31 16.19
CA LEU C 375 22.56 13.78 14.83
C LEU C 375 23.23 14.73 13.84
N ILE C 376 22.92 16.03 13.97
CA ILE C 376 23.58 17.02 13.10
C ILE C 376 25.08 17.03 13.35
N GLN C 377 25.49 16.86 14.61
CA GLN C 377 26.92 16.82 14.93
C GLN C 377 27.59 15.62 14.29
N ASN C 378 26.93 14.46 14.31
CA ASN C 378 27.50 13.27 13.66
C ASN C 378 27.65 13.48 12.16
N GLN C 379 26.64 14.10 11.54
CA GLN C 379 26.75 14.36 10.10
C GLN C 379 27.87 15.35 9.80
N ILE C 380 28.03 16.38 10.64
CA ILE C 380 29.13 17.32 10.47
C ILE C 380 30.47 16.62 10.64
N ARG C 381 30.53 15.67 11.58
CA ARG C 381 31.76 14.91 11.78
C ARG C 381 32.11 14.09 10.53
N VAL C 382 31.11 13.47 9.91
CA VAL C 382 31.36 12.71 8.69
C VAL C 382 31.86 13.64 7.59
N GLY C 383 31.21 14.79 7.43
CA GLY C 383 31.64 15.73 6.42
C GLY C 383 33.05 16.24 6.65
N LEU C 384 33.39 16.52 7.91
CA LEU C 384 34.74 16.98 8.23
C LEU C 384 35.77 15.88 8.01
N SER C 385 35.41 14.62 8.25
CA SER C 385 36.34 13.54 7.95
C SER C 385 36.63 13.45 6.46
N ARG C 386 35.58 13.57 5.63
CA ARG C 386 35.79 13.57 4.19
C ARG C 386 36.65 14.76 3.75
N MET C 387 36.37 15.93 4.32
CA MET C 387 37.16 17.12 3.99
C MET C 387 38.62 16.94 4.40
N GLU C 388 38.85 16.32 5.56
CA GLU C 388 40.21 16.08 6.01
C GLU C 388 40.94 15.11 5.09
N ARG C 389 40.23 14.08 4.60
CA ARG C 389 40.84 13.18 3.62
C ARG C 389 41.24 13.93 2.36
N VAL C 390 40.35 14.81 1.87
CA VAL C 390 40.68 15.59 0.67
C VAL C 390 41.86 16.52 0.94
N VAL C 391 41.91 17.12 2.12
CA VAL C 391 43.00 18.04 2.45
C VAL C 391 44.33 17.29 2.49
N ARG C 392 44.34 16.12 3.13
CA ARG C 392 45.58 15.33 3.18
C ARG C 392 45.99 14.88 1.79
N GLU C 393 45.02 14.55 0.93
CA GLU C 393 45.35 14.20 -0.45
C GLU C 393 45.98 15.37 -1.19
N ARG C 394 45.46 16.58 -0.98
CA ARG C 394 45.97 17.76 -1.67
C ARG C 394 47.29 18.27 -1.11
N MET C 395 47.60 17.95 0.16
CA MET C 395 48.81 18.51 0.77
C MET C 395 50.08 18.02 0.09
N THR C 396 50.12 16.74 -0.28
CA THR C 396 51.35 16.16 -0.82
C THR C 396 51.55 16.45 -2.31
N THR C 397 50.56 17.03 -2.99
CA THR C 397 50.68 17.30 -4.42
C THR C 397 51.03 18.74 -4.73
N GLN C 398 50.58 19.69 -3.92
CA GLN C 398 50.87 21.09 -4.18
C GLN C 398 52.29 21.44 -3.73
N ASP C 399 52.80 22.53 -4.30
CA ASP C 399 54.16 22.99 -4.00
C ASP C 399 54.17 23.81 -2.72
N VAL C 400 55.17 23.55 -1.87
CA VAL C 400 55.30 24.33 -0.64
C VAL C 400 55.67 25.78 -0.97
N GLU C 401 55.50 26.65 0.01
CA GLU C 401 55.68 28.10 -0.07
C GLU C 401 54.57 28.78 -0.88
N ALA C 402 53.68 28.01 -1.50
CA ALA C 402 52.50 28.55 -2.17
C ALA C 402 51.20 28.03 -1.61
N ILE C 403 51.24 27.08 -0.67
CA ILE C 403 50.03 26.53 -0.08
C ILE C 403 49.42 27.54 0.87
N THR C 404 48.12 27.78 0.71
CA THR C 404 47.36 28.67 1.57
C THR C 404 46.15 27.91 2.11
N PRO C 405 45.61 28.32 3.25
CA PRO C 405 44.44 27.61 3.80
C PRO C 405 43.29 27.45 2.82
N GLN C 406 43.03 28.46 1.98
CA GLN C 406 41.85 28.41 1.12
C GLN C 406 42.05 27.56 -0.13
N THR C 407 43.28 27.18 -0.46
CA THR C 407 43.52 26.32 -1.62
C THR C 407 43.52 24.84 -1.25
N LEU C 408 43.36 24.51 0.02
CA LEU C 408 43.31 23.13 0.49
C LEU C 408 41.93 22.69 0.97
N ILE C 409 41.12 23.63 1.43
CA ILE C 409 39.85 23.30 2.08
C ILE C 409 38.76 23.21 1.02
N ASN C 410 38.20 22.01 0.85
CA ASN C 410 37.02 21.80 0.01
C ASN C 410 35.82 21.70 0.94
N ILE C 411 35.02 22.77 0.99
CA ILE C 411 33.91 22.81 1.94
C ILE C 411 32.73 21.99 1.44
N ARG C 412 32.74 21.59 0.18
CA ARG C 412 31.59 20.91 -0.44
C ARG C 412 31.14 19.65 0.30
N PRO C 413 32.03 18.75 0.75
CA PRO C 413 31.55 17.55 1.46
C PRO C 413 30.74 17.85 2.73
N VAL C 414 31.09 18.90 3.48
CA VAL C 414 30.38 19.17 4.73
C VAL C 414 28.92 19.55 4.45
N VAL C 415 28.73 20.51 3.55
CA VAL C 415 27.38 20.94 3.21
C VAL C 415 26.64 19.83 2.51
N ALA C 416 27.34 19.01 1.71
CA ALA C 416 26.71 17.86 1.07
C ALA C 416 26.18 16.88 2.11
N ALA C 417 26.97 16.62 3.16
CA ALA C 417 26.54 15.70 4.21
C ALA C 417 25.33 16.25 4.96
N ILE C 418 25.37 17.55 5.26
CA ILE C 418 24.23 18.16 5.96
C ILE C 418 22.96 18.07 5.12
N LYS C 419 23.08 18.37 3.82
CA LYS C 419 21.93 18.29 2.92
C LYS C 419 21.42 16.86 2.81
N GLU C 420 22.34 15.90 2.71
CA GLU C 420 21.95 14.50 2.62
C GLU C 420 21.20 14.05 3.86
N PHE C 421 21.64 14.50 5.04
CA PHE C 421 20.91 14.20 6.26
C PHE C 421 19.52 14.81 6.24
N PHE C 422 19.44 16.11 5.93
CA PHE C 422 18.14 16.78 5.96
C PHE C 422 17.19 16.30 4.87
N GLY C 423 17.68 15.63 3.83
CA GLY C 423 16.78 15.23 2.76
C GLY C 423 16.64 13.73 2.53
N THR C 424 17.40 12.92 3.26
CA THR C 424 17.37 11.48 3.03
C THR C 424 17.16 10.70 4.32
N SER C 425 17.59 11.25 5.45
CA SER C 425 17.53 10.53 6.71
C SER C 425 16.08 10.26 7.11
N GLN C 426 15.85 9.08 7.70
CA GLN C 426 14.52 8.72 8.18
C GLN C 426 14.10 9.56 9.37
N LEU C 427 15.04 10.09 10.15
CA LEU C 427 14.70 10.86 11.33
C LEU C 427 14.35 12.31 11.02
N SER C 428 14.51 12.75 9.78
CA SER C 428 14.10 14.08 9.34
C SER C 428 12.83 13.93 8.53
N GLN C 429 11.69 14.22 9.15
CA GLN C 429 10.39 13.93 8.56
C GLN C 429 9.62 15.21 8.32
N PHE C 430 8.60 15.10 7.46
CA PHE C 430 7.69 16.22 7.25
C PHE C 430 6.87 16.48 8.50
N MET C 431 6.70 17.75 8.84
CA MET C 431 5.93 18.12 10.02
C MET C 431 4.46 17.81 9.81
N ASP C 432 3.83 17.24 10.83
CA ASP C 432 2.40 16.98 10.81
C ASP C 432 1.65 18.26 11.13
N GLN C 433 0.74 18.67 10.26
CA GLN C 433 0.06 19.94 10.41
C GLN C 433 -1.45 19.79 10.21
N ASN C 434 -2.01 18.66 10.64
CA ASN C 434 -3.46 18.57 10.72
C ASN C 434 -4.01 19.59 11.72
N ASN C 435 -3.35 19.72 12.86
CA ASN C 435 -3.76 20.65 13.91
C ASN C 435 -2.53 20.96 14.76
N PRO C 436 -2.60 21.96 15.64
CA PRO C 436 -1.45 22.25 16.50
C PRO C 436 -0.98 21.07 17.33
N LEU C 437 -1.90 20.22 17.79
CA LEU C 437 -1.51 19.06 18.58
C LEU C 437 -0.65 18.09 17.78
N SER C 438 -0.93 17.95 16.48
CA SER C 438 -0.13 17.05 15.65
C SER C 438 1.33 17.48 15.62
N GLY C 439 1.57 18.77 15.36
CA GLY C 439 2.94 19.25 15.36
C GLY C 439 3.59 19.19 16.74
N LEU C 440 2.83 19.54 17.78
CA LEU C 440 3.39 19.50 19.13
C LEU C 440 3.82 18.09 19.51
N THR C 441 3.00 17.09 19.18
CA THR C 441 3.37 15.71 19.47
C THR C 441 4.50 15.23 18.56
N HIS C 442 4.52 15.71 17.31
CA HIS C 442 5.58 15.33 16.40
C HIS C 442 6.94 15.78 16.91
N LYS C 443 7.01 17.00 17.48
CA LYS C 443 8.29 17.49 17.98
C LYS C 443 8.72 16.77 19.24
N ARG C 444 7.79 16.20 19.99
CA ARG C 444 8.09 15.51 21.25
C ARG C 444 8.14 14.00 21.08
N ARG C 445 8.51 13.50 19.91
CA ARG C 445 8.46 12.08 19.61
C ARG C 445 9.82 11.44 19.78
N LEU C 446 9.83 10.23 20.35
CA LEU C 446 11.05 9.43 20.52
C LEU C 446 10.91 8.19 19.65
N SER C 447 11.80 8.06 18.68
CA SER C 447 11.74 6.96 17.71
C SER C 447 12.92 6.02 17.92
N ALA C 448 12.65 4.72 17.82
CA ALA C 448 13.69 3.70 17.93
C ALA C 448 14.17 3.21 16.58
N LEU C 449 13.71 3.83 15.49
CA LEU C 449 14.04 3.41 14.14
C LEU C 449 14.91 4.45 13.46
N GLY C 450 15.81 3.98 12.60
CA GLY C 450 16.68 4.85 11.85
C GLY C 450 18.08 4.31 11.77
N PRO C 451 19.01 5.12 11.24
CA PRO C 451 20.41 4.70 11.18
C PRO C 451 20.98 4.47 12.56
N GLY C 452 21.53 3.28 12.78
CA GLY C 452 22.02 2.90 14.08
C GLY C 452 20.97 2.43 15.06
N GLY C 453 19.73 2.23 14.60
CA GLY C 453 18.66 1.77 15.47
C GLY C 453 18.02 0.49 14.99
N LEU C 454 16.94 0.09 15.65
CA LEU C 454 16.27 -1.16 15.31
C LEU C 454 15.50 -1.03 14.00
N SER C 455 15.07 -2.18 13.48
CA SER C 455 14.20 -2.24 12.32
C SER C 455 12.89 -2.90 12.72
N ARG C 456 11.80 -2.53 12.04
CA ARG C 456 10.48 -2.98 12.43
C ARG C 456 10.30 -4.49 12.27
N GLU C 457 11.20 -5.17 11.56
CA GLU C 457 11.13 -6.61 11.41
C GLU C 457 12.08 -7.36 12.34
N ARG C 458 13.30 -6.84 12.53
CA ARG C 458 14.27 -7.46 13.43
C ARG C 458 14.13 -6.92 14.86
N ALA C 459 12.91 -6.97 15.39
CA ALA C 459 12.63 -6.51 16.75
C ALA C 459 11.55 -7.42 17.33
N GLY C 460 11.90 -8.19 18.36
CA GLY C 460 11.00 -9.15 18.94
C GLY C 460 10.12 -8.54 20.01
N LEU C 461 9.40 -9.43 20.71
CA LEU C 461 8.52 -9.02 21.79
C LEU C 461 9.32 -8.82 23.08
N GLU C 462 10.38 -8.03 23.00
CA GLU C 462 11.18 -7.69 24.16
C GLU C 462 11.39 -6.19 24.31
N VAL C 463 11.56 -5.48 23.19
CA VAL C 463 11.72 -4.03 23.23
C VAL C 463 10.39 -3.31 23.11
N ARG C 464 9.35 -3.98 22.60
CA ARG C 464 8.02 -3.39 22.51
C ARG C 464 7.21 -3.63 23.78
N ASP C 465 7.80 -3.31 24.93
CA ASP C 465 7.17 -3.53 26.23
C ASP C 465 7.29 -2.27 27.06
N VAL C 466 6.38 -2.12 28.01
CA VAL C 466 6.38 -0.99 28.93
C VAL C 466 7.29 -1.38 30.10
N HIS C 467 8.55 -0.99 30.01
CA HIS C 467 9.48 -1.24 31.10
C HIS C 467 9.09 -0.39 32.32
N PRO C 468 9.27 -0.92 33.53
CA PRO C 468 8.93 -0.13 34.72
C PRO C 468 9.78 1.11 34.91
N SER C 469 10.82 1.32 34.09
CA SER C 469 11.63 2.52 34.15
C SER C 469 11.09 3.64 33.27
N HIS C 470 10.00 3.40 32.54
CA HIS C 470 9.40 4.43 31.70
C HIS C 470 8.53 5.39 32.49
N TYR C 471 8.32 5.16 33.78
CA TYR C 471 7.41 5.99 34.57
C TYR C 471 7.97 7.40 34.67
N GLY C 472 7.25 8.36 34.10
CA GLY C 472 7.66 9.74 34.12
C GLY C 472 8.64 10.15 33.04
N ARG C 473 9.00 9.24 32.14
CA ARG C 473 9.94 9.51 31.06
C ARG C 473 9.37 9.21 29.68
N MET C 474 8.61 8.13 29.53
CA MET C 474 8.01 7.76 28.26
C MET C 474 6.57 7.33 28.51
N CYS C 475 5.66 7.82 27.68
CA CYS C 475 4.25 7.55 27.89
C CYS C 475 3.93 6.11 27.50
N PRO C 476 3.30 5.32 28.37
CA PRO C 476 2.95 3.95 28.03
C PRO C 476 1.67 3.80 27.22
N ILE C 477 0.94 4.89 26.99
CA ILE C 477 -0.32 4.84 26.26
C ILE C 477 -0.14 5.23 24.80
N GLU C 478 0.50 6.36 24.54
CA GLU C 478 0.59 6.92 23.19
C GLU C 478 1.68 6.22 22.42
N THR C 479 1.28 5.33 21.50
CA THR C 479 2.20 4.66 20.59
C THR C 479 1.36 4.16 19.41
N PRO C 480 1.95 4.05 18.22
CA PRO C 480 1.18 3.57 17.06
C PRO C 480 0.67 2.16 17.30
N GLU C 481 -0.51 1.88 16.76
CA GLU C 481 -1.13 0.57 16.90
C GLU C 481 -0.92 -0.33 15.69
N GLY C 482 -0.16 0.12 14.70
CA GLY C 482 0.13 -0.69 13.53
C GLY C 482 1.31 -1.61 13.77
N PRO C 483 2.19 -1.72 12.78
CA PRO C 483 3.39 -2.55 12.94
C PRO C 483 4.49 -1.87 13.75
N ASN C 484 4.37 -0.58 14.06
CA ASN C 484 5.36 0.15 14.83
C ASN C 484 4.96 0.31 16.29
N ILE C 485 4.29 -0.69 16.86
CA ILE C 485 3.82 -0.58 18.23
C ILE C 485 4.99 -0.79 19.18
N GLY C 486 5.21 0.18 20.07
CA GLY C 486 6.28 0.11 21.03
C GLY C 486 7.61 0.65 20.55
N LEU C 487 7.79 0.80 19.23
CA LEU C 487 9.02 1.35 18.68
C LEU C 487 9.00 2.86 18.55
N ILE C 488 7.85 3.49 18.79
CA ILE C 488 7.70 4.94 18.75
C ILE C 488 6.91 5.37 19.97
N GLY C 489 7.37 6.43 20.64
CA GLY C 489 6.69 6.92 21.82
C GLY C 489 6.77 8.42 21.96
N SER C 490 6.25 8.94 23.07
CA SER C 490 6.26 10.38 23.32
C SER C 490 6.83 10.67 24.70
N LEU C 491 7.48 11.81 24.83
CA LEU C 491 7.99 12.26 26.11
C LEU C 491 6.85 12.55 27.07
N SER C 492 7.10 12.33 28.35
CA SER C 492 6.15 12.73 29.38
C SER C 492 6.15 14.24 29.53
N VAL C 493 5.19 14.74 30.32
CA VAL C 493 5.01 16.19 30.45
C VAL C 493 6.21 16.81 31.16
N TYR C 494 6.64 16.21 32.26
CA TYR C 494 7.69 16.78 33.10
C TYR C 494 9.09 16.24 32.78
N ALA C 495 9.21 15.39 31.78
CA ALA C 495 10.50 14.77 31.49
C ALA C 495 11.48 15.77 30.91
N ARG C 496 12.74 15.65 31.32
CA ARG C 496 13.85 16.45 30.80
C ARG C 496 14.87 15.51 30.17
N VAL C 497 15.96 16.08 29.65
CA VAL C 497 17.01 15.31 29.00
C VAL C 497 18.35 15.66 29.62
N ASN C 498 19.10 14.64 30.01
CA ASN C 498 20.42 14.84 30.60
C ASN C 498 21.39 15.34 29.53
N PRO C 499 22.49 16.00 29.92
CA PRO C 499 23.54 16.34 28.94
C PRO C 499 24.12 15.11 28.26
N PHE C 500 24.08 13.96 28.94
CA PHE C 500 24.57 12.72 28.36
C PHE C 500 23.54 12.04 27.47
N GLY C 501 22.31 12.56 27.40
CA GLY C 501 21.28 11.97 26.58
C GLY C 501 20.26 11.12 27.32
N PHE C 502 20.36 11.01 28.64
CA PHE C 502 19.40 10.27 29.42
C PHE C 502 18.23 11.15 29.81
N ILE C 503 17.10 10.51 30.11
CA ILE C 503 15.86 11.21 30.40
C ILE C 503 15.69 11.29 31.91
N GLU C 504 15.51 12.50 32.43
CA GLU C 504 15.33 12.75 33.85
C GLU C 504 13.89 13.15 34.14
N THR C 505 13.45 12.89 35.36
CA THR C 505 12.12 13.27 35.81
C THR C 505 12.22 13.85 37.21
N PRO C 506 11.37 14.81 37.54
CA PRO C 506 11.45 15.46 38.86
C PRO C 506 10.71 14.71 39.95
N TYR C 507 11.26 14.81 41.16
CA TYR C 507 10.66 14.22 42.35
C TYR C 507 10.86 15.16 43.53
N ARG C 508 9.88 15.18 44.43
CA ARG C 508 9.96 15.97 45.64
C ARG C 508 10.62 15.16 46.74
N LYS C 509 11.66 15.73 47.35
CA LYS C 509 12.38 15.04 48.40
C LYS C 509 11.62 15.17 49.73
N VAL C 510 11.43 14.03 50.41
CA VAL C 510 10.75 14.00 51.69
C VAL C 510 11.73 13.50 52.74
N GLU C 511 11.56 13.96 53.98
CA GLU C 511 12.44 13.58 55.07
C GLU C 511 11.62 13.44 56.35
N ASN C 512 11.80 12.31 57.04
CA ASN C 512 11.09 12.02 58.29
C ASN C 512 9.59 12.07 58.12
N GLY C 513 9.10 11.70 56.93
CA GLY C 513 7.68 11.77 56.64
C GLY C 513 7.16 13.13 56.26
N VAL C 514 8.01 14.15 56.23
CA VAL C 514 7.62 15.50 55.88
C VAL C 514 8.03 15.78 54.45
N VAL C 515 7.07 16.19 53.62
CA VAL C 515 7.34 16.46 52.21
C VAL C 515 7.85 17.89 52.08
N THR C 516 9.06 18.03 51.56
CA THR C 516 9.68 19.34 51.39
C THR C 516 9.29 19.94 50.04
N ASP C 517 9.81 21.14 49.77
CA ASP C 517 9.55 21.83 48.52
C ASP C 517 10.76 21.80 47.58
N GLN C 518 11.70 20.89 47.82
CA GLN C 518 12.89 20.77 46.99
C GLN C 518 12.65 19.70 45.94
N ILE C 519 12.80 20.07 44.66
CA ILE C 519 12.56 19.18 43.54
C ILE C 519 13.91 18.78 42.96
N ASP C 520 14.16 17.48 42.87
CA ASP C 520 15.38 16.93 42.30
C ASP C 520 15.06 16.13 41.05
N TYR C 521 15.85 16.32 40.01
CA TYR C 521 15.67 15.60 38.75
C TYR C 521 16.52 14.34 38.77
N LEU C 522 15.88 13.18 38.72
CA LEU C 522 16.56 11.90 38.80
C LEU C 522 16.35 11.11 37.52
N THR C 523 17.36 10.31 37.17
CA THR C 523 17.28 9.37 36.08
C THR C 523 16.90 7.99 36.63
N ALA C 524 16.82 7.00 35.73
CA ALA C 524 16.38 5.67 36.13
C ALA C 524 17.35 5.06 37.14
N ASP C 525 18.66 5.21 36.90
CA ASP C 525 19.66 4.64 37.80
C ASP C 525 19.56 5.25 39.19
N GLU C 526 19.38 6.57 39.28
CA GLU C 526 19.23 7.21 40.58
C GLU C 526 17.87 6.90 41.20
N GLU C 527 16.86 6.68 40.38
CA GLU C 527 15.53 6.37 40.90
C GLU C 527 15.50 4.97 41.52
N ASP C 528 16.26 4.03 40.94
CA ASP C 528 16.23 2.66 41.45
C ASP C 528 16.75 2.57 42.88
N ARG C 529 17.73 3.39 43.24
CA ARG C 529 18.30 3.32 44.58
C ARG C 529 17.29 3.74 45.65
N HIS C 530 16.49 4.76 45.37
CA HIS C 530 15.54 5.29 46.33
C HIS C 530 14.19 4.60 46.16
N VAL C 531 13.25 4.96 47.05
CA VAL C 531 11.89 4.43 47.02
C VAL C 531 10.93 5.61 46.90
N VAL C 532 10.15 5.64 45.82
CA VAL C 532 9.38 6.80 45.43
C VAL C 532 7.92 6.57 45.77
N ALA C 533 7.30 7.55 46.43
CA ALA C 533 5.91 7.45 46.84
C ALA C 533 5.00 7.87 45.68
N GLN C 534 3.72 8.08 45.98
CA GLN C 534 2.71 8.47 45.00
C GLN C 534 2.22 9.87 45.32
N ALA C 535 1.96 10.66 44.28
CA ALA C 535 1.57 12.04 44.45
C ALA C 535 0.19 12.20 45.10
N ASN C 536 -0.61 11.14 45.11
CA ASN C 536 -1.94 11.20 45.69
C ASN C 536 -1.96 10.87 47.19
N SER C 537 -0.80 10.63 47.79
CA SER C 537 -0.74 10.31 49.20
C SER C 537 -1.24 11.50 50.03
N PRO C 538 -2.11 11.27 51.02
CA PRO C 538 -2.61 12.40 51.82
C PRO C 538 -1.52 12.98 52.71
N THR C 539 -1.37 14.30 52.63
CA THR C 539 -0.38 15.02 53.43
C THR C 539 -1.08 16.08 54.28
N ASP C 540 -0.44 16.43 55.39
CA ASP C 540 -0.98 17.43 56.31
C ASP C 540 -0.63 18.83 55.79
N GLU C 541 -0.86 19.84 56.64
CA GLU C 541 -0.55 21.21 56.24
C GLU C 541 0.94 21.43 56.06
N ASN C 542 1.76 20.72 56.85
CA ASN C 542 3.21 20.86 56.75
C ASN C 542 3.84 19.86 55.79
N GLY C 543 3.27 18.67 55.68
CA GLY C 543 3.81 17.65 54.81
C GLY C 543 3.83 16.28 55.45
N ARG C 544 3.54 16.22 56.75
CA ARG C 544 3.50 14.95 57.46
C ARG C 544 2.40 14.07 56.89
N PHE C 545 2.73 12.80 56.63
CA PHE C 545 1.75 11.85 56.13
C PHE C 545 0.72 11.57 57.21
N THR C 546 -0.55 11.84 56.90
CA THR C 546 -1.62 11.56 57.86
C THR C 546 -1.74 10.07 58.13
N GLU C 547 -1.61 9.25 57.10
CA GLU C 547 -1.71 7.80 57.22
C GLU C 547 -0.32 7.17 57.28
N ASP C 548 -0.24 6.06 58.00
CA ASP C 548 1.04 5.36 58.15
C ASP C 548 1.42 4.64 56.87
N ARG C 549 0.53 3.79 56.35
CA ARG C 549 0.82 3.00 55.17
C ARG C 549 0.78 3.88 53.92
N VAL C 550 1.83 3.79 53.11
CA VAL C 550 1.98 4.60 51.91
C VAL C 550 2.30 3.68 50.74
N MET C 551 1.66 3.91 49.60
CA MET C 551 1.93 3.18 48.38
C MET C 551 3.17 3.76 47.71
N VAL C 552 4.15 2.90 47.41
CA VAL C 552 5.42 3.32 46.85
C VAL C 552 5.83 2.35 45.74
N ARG C 553 6.88 2.73 45.01
CA ARG C 553 7.50 1.89 44.01
C ARG C 553 8.93 1.56 44.44
N LYS C 554 9.25 0.27 44.50
CA LYS C 554 10.59 -0.16 44.85
C LYS C 554 11.43 -0.30 43.58
N LYS C 555 12.58 -0.99 43.70
CA LYS C 555 13.57 -1.01 42.63
C LYS C 555 12.98 -1.53 41.32
N GLY C 556 12.56 -2.81 41.30
CA GLY C 556 12.08 -3.41 40.08
C GLY C 556 10.62 -3.15 39.81
N GLY C 557 10.22 -1.88 39.86
CA GLY C 557 8.82 -1.52 39.76
C GLY C 557 8.14 -1.69 41.12
N GLU C 558 7.83 -2.94 41.45
CA GLU C 558 7.50 -3.38 42.82
C GLU C 558 6.61 -2.36 43.54
N VAL C 559 5.38 -2.24 43.07
CA VAL C 559 4.38 -1.46 43.79
C VAL C 559 4.10 -2.12 45.12
N GLU C 560 4.32 -1.40 46.21
CA GLU C 560 4.22 -1.99 47.54
C GLU C 560 3.66 -0.98 48.53
N PHE C 561 3.37 -1.47 49.73
CA PHE C 561 2.97 -0.65 50.87
C PHE C 561 4.13 -0.62 51.86
N VAL C 562 4.52 0.58 52.29
CA VAL C 562 5.58 0.75 53.27
C VAL C 562 5.14 1.75 54.32
N SER C 563 5.94 1.86 55.38
CA SER C 563 5.68 2.84 56.42
C SER C 563 6.09 4.23 55.94
N ALA C 564 5.61 5.25 56.67
CA ALA C 564 5.83 6.63 56.28
C ALA C 564 7.28 7.08 56.46
N ASP C 565 8.12 6.29 57.13
CA ASP C 565 9.50 6.69 57.36
C ASP C 565 10.44 6.19 56.28
N GLN C 566 10.08 5.13 55.55
CA GLN C 566 10.95 4.59 54.51
C GLN C 566 10.97 5.47 53.27
N VAL C 567 9.90 6.23 53.03
CA VAL C 567 9.80 7.05 51.82
C VAL C 567 10.85 8.15 51.85
N ASP C 568 11.50 8.37 50.70
CA ASP C 568 12.45 9.46 50.56
C ASP C 568 12.22 10.31 49.31
N TYR C 569 11.19 10.02 48.53
CA TYR C 569 10.85 10.84 47.36
C TYR C 569 9.36 10.73 47.09
N MET C 570 8.82 11.74 46.41
CA MET C 570 7.42 11.78 46.04
C MET C 570 7.27 12.42 44.67
N ASP C 571 6.25 11.98 43.93
CA ASP C 571 5.96 12.56 42.62
C ASP C 571 5.42 13.98 42.76
N VAL C 572 5.50 14.73 41.66
CA VAL C 572 5.04 16.12 41.67
C VAL C 572 3.56 16.22 41.32
N SER C 573 3.09 15.46 40.34
CA SER C 573 1.70 15.53 39.92
C SER C 573 1.18 14.12 39.66
N PRO C 574 -0.14 13.92 39.80
CA PRO C 574 -0.71 12.60 39.48
C PRO C 574 -0.57 12.20 38.02
N ARG C 575 -0.39 13.16 37.12
CA ARG C 575 -0.29 12.89 35.68
C ARG C 575 1.15 12.98 35.19
N GLN C 576 2.10 12.55 36.01
CA GLN C 576 3.51 12.60 35.62
C GLN C 576 3.86 11.56 34.58
N MET C 577 3.09 10.48 34.48
CA MET C 577 3.41 9.39 33.57
C MET C 577 2.81 9.56 32.18
N VAL C 578 1.96 10.56 31.95
CA VAL C 578 1.23 10.69 30.70
C VAL C 578 1.86 11.80 29.87
N SER C 579 1.68 11.69 28.54
CA SER C 579 2.19 12.68 27.61
C SER C 579 1.15 13.78 27.42
N VAL C 580 1.41 14.69 26.47
CA VAL C 580 0.50 15.82 26.26
C VAL C 580 -0.81 15.34 25.65
N ALA C 581 -0.73 14.46 24.65
CA ALA C 581 -1.95 13.97 24.00
C ALA C 581 -2.78 13.13 24.95
N THR C 582 -2.13 12.29 25.76
CA THR C 582 -2.85 11.45 26.71
C THR C 582 -3.39 12.24 27.90
N ALA C 583 -2.83 13.42 28.17
CA ALA C 583 -3.30 14.24 29.28
C ALA C 583 -4.52 15.07 28.94
N MET C 584 -5.01 15.01 27.70
CA MET C 584 -6.19 15.73 27.29
C MET C 584 -7.43 14.85 27.19
N ILE C 585 -7.37 13.64 27.74
CA ILE C 585 -8.50 12.71 27.74
C ILE C 585 -9.14 12.77 29.12
N PRO C 586 -10.33 13.34 29.26
CA PRO C 586 -11.00 13.33 30.56
C PRO C 586 -11.41 11.92 30.94
N PHE C 587 -11.41 11.65 32.25
CA PHE C 587 -11.77 10.34 32.79
C PHE C 587 -10.91 9.23 32.17
N LEU C 588 -9.60 9.48 32.11
CA LEU C 588 -8.69 8.50 31.51
C LEU C 588 -8.65 7.21 32.31
N GLU C 589 -8.68 7.30 33.63
CA GLU C 589 -8.56 6.10 34.46
C GLU C 589 -9.77 5.18 34.33
N HIS C 590 -10.86 5.65 33.74
CA HIS C 590 -12.03 4.81 33.49
C HIS C 590 -11.98 4.13 32.13
N ASP C 591 -10.96 4.40 31.33
CA ASP C 591 -10.82 3.83 30.00
C ASP C 591 -9.70 2.79 30.00
N ASP C 592 -9.88 1.72 29.23
CA ASP C 592 -8.85 0.72 29.12
C ASP C 592 -7.66 1.26 28.32
N ALA C 593 -6.53 0.56 28.42
CA ALA C 593 -5.30 1.04 27.80
C ALA C 593 -5.41 1.08 26.29
N ASN C 594 -6.03 0.05 25.68
CA ASN C 594 -6.17 0.02 24.23
C ASN C 594 -7.04 1.17 23.74
N ARG C 595 -8.16 1.42 24.42
CA ARG C 595 -9.05 2.49 23.99
C ARG C 595 -8.42 3.85 24.22
N ALA C 596 -7.64 4.02 25.29
CA ALA C 596 -6.93 5.28 25.50
C ALA C 596 -5.87 5.51 24.43
N LEU C 597 -5.16 4.45 24.04
CA LEU C 597 -4.20 4.54 22.95
C LEU C 597 -4.88 4.98 21.66
N MET C 598 -6.00 4.34 21.32
CA MET C 598 -6.74 4.73 20.13
C MET C 598 -7.23 6.16 20.24
N GLY C 599 -7.68 6.57 21.43
CA GLY C 599 -8.18 7.92 21.61
C GLY C 599 -7.11 8.97 21.38
N ALA C 600 -5.91 8.75 21.92
CA ALA C 600 -4.82 9.68 21.68
C ALA C 600 -4.45 9.73 20.20
N ASN C 601 -4.32 8.56 19.58
CA ASN C 601 -3.93 8.52 18.17
C ASN C 601 -4.95 9.23 17.29
N MET C 602 -6.24 9.04 17.56
CA MET C 602 -7.26 9.70 16.76
C MET C 602 -7.40 11.17 17.10
N GLN C 603 -7.14 11.55 18.34
CA GLN C 603 -7.16 12.96 18.70
C GLN C 603 -6.06 13.72 17.99
N ARG C 604 -4.97 13.04 17.64
CA ARG C 604 -3.95 13.68 16.82
C ARG C 604 -4.38 13.85 15.37
N GLN C 605 -5.50 13.27 14.94
CA GLN C 605 -5.88 13.24 13.53
C GLN C 605 -7.05 14.17 13.20
N ALA C 606 -7.50 15.00 14.13
CA ALA C 606 -8.63 15.86 13.87
C ALA C 606 -8.29 16.94 12.85
N VAL C 607 -9.30 17.41 12.13
CA VAL C 607 -9.12 18.46 11.13
C VAL C 607 -9.70 19.76 11.66
N PRO C 608 -9.16 20.92 11.27
CA PRO C 608 -9.73 22.19 11.72
C PRO C 608 -11.05 22.48 11.03
N LEU C 609 -12.02 22.92 11.81
CA LEU C 609 -13.32 23.31 11.28
C LEU C 609 -13.35 24.80 11.00
N VAL C 610 -14.38 25.23 10.27
CA VAL C 610 -14.48 26.65 9.91
C VAL C 610 -14.63 27.51 11.15
N ARG C 611 -15.34 27.01 12.15
CA ARG C 611 -15.50 27.70 13.43
C ARG C 611 -15.21 26.73 14.56
N SER C 612 -14.40 27.16 15.51
CA SER C 612 -13.93 26.29 16.59
C SER C 612 -14.73 26.51 17.86
N GLU C 613 -14.75 25.48 18.71
CA GLU C 613 -15.51 25.54 19.96
C GLU C 613 -14.78 24.70 21.00
N ALA C 614 -14.41 25.34 22.12
CA ALA C 614 -13.72 24.63 23.19
C ALA C 614 -14.65 23.63 23.87
N PRO C 615 -14.13 22.51 24.35
CA PRO C 615 -14.98 21.51 25.00
C PRO C 615 -15.58 22.03 26.30
N LEU C 616 -16.80 21.55 26.58
CA LEU C 616 -17.43 21.87 27.85
C LEU C 616 -16.70 21.22 29.02
N VAL C 617 -16.28 19.97 28.83
CA VAL C 617 -15.51 19.25 29.84
C VAL C 617 -14.12 18.96 29.28
N GLY C 618 -13.09 19.46 29.96
CA GLY C 618 -11.73 19.25 29.53
C GLY C 618 -10.86 18.75 30.65
N THR C 619 -9.54 18.84 30.50
CA THR C 619 -8.60 18.39 31.52
C THR C 619 -7.67 19.48 32.01
N GLY C 620 -7.68 20.67 31.40
CA GLY C 620 -6.78 21.73 31.78
C GLY C 620 -5.51 21.81 30.96
N MET C 621 -5.17 20.76 30.21
CA MET C 621 -4.02 20.78 29.30
C MET C 621 -4.43 21.28 27.92
N GLU C 622 -5.15 22.41 27.89
CA GLU C 622 -5.57 23.03 26.65
C GLU C 622 -4.95 24.39 26.42
N LEU C 623 -4.84 25.22 27.46
CA LEU C 623 -4.12 26.47 27.33
C LEU C 623 -2.65 26.23 27.05
N ARG C 624 -2.00 25.40 27.86
CA ARG C 624 -0.57 25.17 27.71
C ARG C 624 -0.25 24.50 26.38
N ALA C 625 -1.03 23.50 25.98
CA ALA C 625 -0.76 22.80 24.73
C ALA C 625 -0.90 23.74 23.54
N ALA C 626 -1.95 24.57 23.52
CA ALA C 626 -2.15 25.49 22.41
C ALA C 626 -1.09 26.58 22.38
N ILE C 627 -0.70 27.09 23.55
CA ILE C 627 0.29 28.15 23.59
C ILE C 627 1.66 27.63 23.19
N ASP C 628 2.05 26.44 23.68
CA ASP C 628 3.34 25.88 23.34
C ASP C 628 3.37 25.28 21.95
N ALA C 629 2.21 25.04 21.34
CA ALA C 629 2.20 24.56 19.96
C ALA C 629 2.77 25.60 19.00
N GLY C 630 2.42 26.86 19.22
CA GLY C 630 2.96 27.95 18.42
C GLY C 630 2.02 28.49 17.35
N ASP C 631 0.95 27.77 17.01
CA ASP C 631 0.03 28.23 15.99
C ASP C 631 -0.82 29.40 16.45
N VAL C 632 -0.78 29.74 17.74
CA VAL C 632 -1.48 30.90 18.28
C VAL C 632 -0.52 32.09 18.27
N VAL C 633 -1.08 33.29 18.22
CA VAL C 633 -0.30 34.53 18.23
C VAL C 633 -0.34 35.11 19.63
N VAL C 634 0.84 35.40 20.17
CA VAL C 634 1.00 35.83 21.56
C VAL C 634 1.70 37.18 21.57
N ALA C 635 1.15 38.11 22.35
CA ALA C 635 1.76 39.44 22.48
C ALA C 635 3.13 39.33 23.14
N ASP C 636 4.08 40.12 22.64
CA ASP C 636 5.43 40.09 23.17
C ASP C 636 5.65 41.05 24.34
N LYS C 637 5.12 42.26 24.24
CA LYS C 637 5.27 43.25 25.30
C LYS C 637 3.93 43.88 25.62
N THR C 638 3.74 44.22 26.89
CA THR C 638 2.48 44.77 27.36
C THR C 638 2.22 46.13 26.73
N GLY C 639 0.94 46.41 26.49
CA GLY C 639 0.56 47.66 25.86
C GLY C 639 -0.91 47.65 25.51
N VAL C 640 -1.27 48.49 24.53
CA VAL C 640 -2.65 48.63 24.09
C VAL C 640 -2.73 48.42 22.59
N ILE C 641 -3.87 47.96 22.12
CA ILE C 641 -4.11 47.75 20.70
C ILE C 641 -4.41 49.08 20.04
N GLU C 642 -3.80 49.33 18.88
CA GLU C 642 -4.08 50.52 18.09
C GLU C 642 -5.00 50.21 16.91
N GLU C 643 -4.59 49.27 16.06
CA GLU C 643 -5.36 48.91 14.87
C GLU C 643 -5.44 47.39 14.80
N VAL C 644 -6.67 46.87 14.79
CA VAL C 644 -6.90 45.44 14.66
C VAL C 644 -7.68 45.21 13.36
N SER C 645 -7.16 44.31 12.53
CA SER C 645 -7.80 43.97 11.27
C SER C 645 -7.77 42.46 11.10
N ALA C 646 -8.26 41.99 9.95
CA ALA C 646 -8.30 40.56 9.70
C ALA C 646 -6.94 39.98 9.33
N ASP C 647 -5.94 40.83 9.05
CA ASP C 647 -4.63 40.33 8.63
C ASP C 647 -3.46 41.06 9.27
N TYR C 648 -3.69 42.00 10.19
CA TYR C 648 -2.59 42.61 10.92
C TYR C 648 -3.11 43.22 12.21
N ILE C 649 -2.26 43.18 13.23
CA ILE C 649 -2.55 43.76 14.54
C ILE C 649 -1.39 44.66 14.93
N THR C 650 -1.69 45.88 15.35
CA THR C 650 -0.69 46.84 15.80
C THR C 650 -0.85 47.07 17.29
N VAL C 651 0.24 46.89 18.04
CA VAL C 651 0.23 46.97 19.49
C VAL C 651 1.19 48.05 19.93
N MET C 652 0.71 49.00 20.72
CA MET C 652 1.56 49.99 21.37
C MET C 652 2.17 49.37 22.62
N ALA C 653 3.06 50.12 23.27
CA ALA C 653 3.69 49.63 24.49
C ALA C 653 3.99 50.80 25.40
N ASP C 654 4.15 50.50 26.69
CA ASP C 654 4.53 51.53 27.66
C ASP C 654 5.92 52.07 27.36
N ASP C 655 6.79 51.23 26.79
CA ASP C 655 8.13 51.69 26.40
C ASP C 655 8.04 52.75 25.30
N GLY C 656 7.11 52.57 24.37
CA GLY C 656 6.96 53.49 23.25
C GLY C 656 7.36 52.86 21.92
N THR C 657 7.16 51.56 21.81
CA THR C 657 7.52 50.80 20.62
C THR C 657 6.29 50.11 20.06
N ARG C 658 6.14 50.16 18.74
CA ARG C 658 5.01 49.54 18.06
C ARG C 658 5.39 48.17 17.53
N GLN C 659 4.57 47.17 17.85
CA GLN C 659 4.76 45.81 17.35
C GLN C 659 3.66 45.51 16.34
N SER C 660 4.04 45.02 15.16
CA SER C 660 3.10 44.69 14.11
C SER C 660 3.12 43.19 13.89
N TYR C 661 1.95 42.56 14.00
CA TYR C 661 1.80 41.11 13.81
C TYR C 661 0.98 40.86 12.56
N ARG C 662 1.51 40.05 11.65
CA ARG C 662 0.79 39.64 10.45
C ARG C 662 0.19 38.26 10.67
N LEU C 663 -1.09 38.13 10.35
CA LEU C 663 -1.82 36.90 10.59
C LEU C 663 -1.94 36.09 9.31
N ARG C 664 -1.67 34.79 9.41
CA ARG C 664 -1.84 33.90 8.26
C ARG C 664 -3.33 33.73 7.97
N LYS C 665 -3.71 33.89 6.70
CA LYS C 665 -5.10 33.81 6.29
C LYS C 665 -5.20 32.82 5.14
N PHE C 666 -5.91 31.71 5.38
CA PHE C 666 -6.18 30.69 4.38
C PHE C 666 -4.89 30.17 3.75
N ALA C 667 -4.01 29.68 4.61
CA ALA C 667 -2.73 29.13 4.21
C ALA C 667 -2.77 27.61 4.29
N ARG C 668 -2.34 26.96 3.21
CA ARG C 668 -2.35 25.51 3.17
C ARG C 668 -1.27 24.92 4.08
N SER C 669 -1.65 23.94 4.88
CA SER C 669 -0.70 23.23 5.72
C SER C 669 -0.09 22.07 4.93
N ASN C 670 0.80 21.32 5.58
CA ASN C 670 1.47 20.22 4.89
C ASN C 670 0.51 19.12 4.47
N HIS C 671 -0.67 19.02 5.08
CA HIS C 671 -1.59 17.94 4.83
C HIS C 671 -2.88 18.40 4.14
N GLY C 672 -2.92 19.64 3.65
CA GLY C 672 -4.05 20.12 2.88
C GLY C 672 -5.08 20.89 3.67
N THR C 673 -5.04 20.85 5.00
CA THR C 673 -6.02 21.56 5.80
C THR C 673 -5.77 23.07 5.72
N CYS C 674 -6.77 23.84 6.14
CA CYS C 674 -6.69 25.29 6.14
C CYS C 674 -6.23 25.78 7.50
N ALA C 675 -5.21 26.63 7.51
CA ALA C 675 -4.61 27.15 8.74
C ALA C 675 -4.64 28.68 8.67
N ASN C 676 -5.73 29.27 9.16
CA ASN C 676 -5.87 30.72 9.21
C ASN C 676 -6.07 31.17 10.65
N GLN C 677 -5.59 32.37 10.95
CA GLN C 677 -5.65 32.93 12.28
C GLN C 677 -6.58 34.14 12.30
N ARG C 678 -7.30 34.30 13.41
CA ARG C 678 -8.24 35.40 13.56
C ARG C 678 -7.99 36.12 14.88
N PRO C 679 -8.07 37.45 14.89
CA PRO C 679 -7.85 38.19 16.13
C PRO C 679 -9.00 38.00 17.11
N ILE C 680 -8.68 38.13 18.40
CA ILE C 680 -9.68 38.02 19.45
C ILE C 680 -9.58 39.23 20.37
N VAL C 681 -9.02 40.33 19.86
CA VAL C 681 -8.86 41.54 20.63
C VAL C 681 -9.59 42.68 19.91
N ASP C 682 -9.74 43.80 20.62
CA ASP C 682 -10.41 44.97 20.10
C ASP C 682 -9.52 46.19 20.28
N ALA C 683 -9.77 47.21 19.46
CA ALA C 683 -9.00 48.45 19.56
C ALA C 683 -9.23 49.11 20.91
N GLY C 684 -8.14 49.55 21.54
CA GLY C 684 -8.20 50.15 22.86
C GLY C 684 -8.03 49.19 24.00
N GLN C 685 -8.14 47.88 23.76
CA GLN C 685 -7.94 46.90 24.82
C GLN C 685 -6.47 46.86 25.22
N ARG C 686 -6.23 46.76 26.52
CA ARG C 686 -4.88 46.71 27.06
C ARG C 686 -4.50 45.26 27.32
N VAL C 687 -3.43 44.80 26.68
CA VAL C 687 -2.98 43.42 26.77
C VAL C 687 -1.74 43.36 27.65
N GLU C 688 -1.32 42.13 27.98
CA GLU C 688 -0.14 41.88 28.78
C GLU C 688 0.82 40.99 28.01
N ALA C 689 2.09 41.07 28.38
CA ALA C 689 3.11 40.23 27.74
C ALA C 689 2.82 38.76 28.01
N GLY C 690 2.60 37.99 26.96
CA GLY C 690 2.24 36.59 27.07
C GLY C 690 0.77 36.31 26.82
N GLN C 691 -0.08 37.34 26.79
CA GLN C 691 -1.50 37.13 26.54
C GLN C 691 -1.74 36.75 25.08
N VAL C 692 -2.66 35.80 24.88
CA VAL C 692 -3.01 35.37 23.53
C VAL C 692 -3.74 36.49 22.81
N ILE C 693 -3.30 36.78 21.58
CA ILE C 693 -3.82 37.91 20.83
C ILE C 693 -4.55 37.51 19.56
N ALA C 694 -4.40 36.28 19.07
CA ALA C 694 -5.09 35.83 17.88
C ALA C 694 -5.10 34.31 17.86
N ASP C 695 -6.30 33.73 17.71
CA ASP C 695 -6.43 32.28 17.76
C ASP C 695 -5.85 31.63 16.51
N GLY C 696 -5.58 30.34 16.62
CA GLY C 696 -5.08 29.56 15.50
C GLY C 696 -6.17 28.73 14.86
N PRO C 697 -5.77 27.71 14.09
CA PRO C 697 -6.77 26.86 13.42
C PRO C 697 -7.70 26.14 14.38
N CYS C 698 -7.15 25.30 15.24
CA CYS C 698 -7.93 24.58 16.24
C CYS C 698 -7.78 25.24 17.61
N THR C 699 -8.24 26.47 17.72
CA THR C 699 -8.03 27.24 18.95
C THR C 699 -9.16 28.24 19.14
N GLN C 700 -9.77 28.22 20.32
CA GLN C 700 -10.76 29.21 20.72
C GLN C 700 -10.31 29.84 22.02
N ASN C 701 -10.08 31.16 21.99
CA ASN C 701 -9.66 31.92 23.17
C ASN C 701 -8.37 31.37 23.78
N GLY C 702 -7.48 30.85 22.94
CA GLY C 702 -6.21 30.34 23.39
C GLY C 702 -6.21 28.89 23.85
N GLU C 703 -7.37 28.25 23.89
CA GLU C 703 -7.48 26.85 24.30
C GLU C 703 -7.62 25.96 23.08
N MET C 704 -7.07 24.76 23.19
CA MET C 704 -7.16 23.79 22.10
C MET C 704 -8.61 23.32 21.95
N ALA C 705 -9.11 23.34 20.71
CA ALA C 705 -10.50 22.99 20.42
C ALA C 705 -10.51 22.18 19.12
N LEU C 706 -10.49 20.85 19.24
CA LEU C 706 -10.34 19.98 18.09
C LEU C 706 -11.66 19.47 17.53
N GLY C 707 -12.78 19.70 18.19
CA GLY C 707 -14.06 19.16 17.77
C GLY C 707 -15.22 20.02 18.21
N LYS C 708 -16.38 19.39 18.35
CA LYS C 708 -17.61 20.09 18.67
C LYS C 708 -18.39 19.33 19.74
N ASN C 709 -19.15 20.09 20.54
CA ASN C 709 -20.03 19.52 21.56
C ASN C 709 -21.39 19.25 20.93
N LEU C 710 -21.81 17.99 20.93
CA LEU C 710 -23.04 17.58 20.29
C LEU C 710 -23.93 16.83 21.29
N LEU C 711 -25.24 17.03 21.16
CA LEU C 711 -26.21 16.32 21.98
C LEU C 711 -26.30 14.87 21.49
N VAL C 712 -25.99 13.94 22.39
CA VAL C 712 -25.84 12.53 22.06
C VAL C 712 -26.88 11.72 22.83
N ALA C 713 -27.46 10.74 22.15
CA ALA C 713 -28.37 9.77 22.76
C ALA C 713 -27.79 8.38 22.58
N ILE C 714 -27.72 7.61 23.66
CA ILE C 714 -27.13 6.28 23.65
C ILE C 714 -28.27 5.28 23.51
N MET C 715 -28.48 4.79 22.28
CA MET C 715 -29.55 3.84 22.01
C MET C 715 -29.41 3.24 20.62
N PRO C 716 -29.84 1.99 20.41
CA PRO C 716 -29.98 1.48 19.04
C PRO C 716 -31.09 2.21 18.31
N TRP C 717 -30.94 2.30 16.99
CA TRP C 717 -31.95 3.02 16.20
C TRP C 717 -32.04 2.37 14.82
N GLU C 718 -32.97 1.43 14.68
CA GLU C 718 -33.38 0.84 13.40
C GLU C 718 -32.21 0.21 12.64
N GLY C 719 -31.09 -0.05 13.32
CA GLY C 719 -29.97 -0.68 12.67
C GLY C 719 -29.11 0.21 11.81
N HIS C 720 -29.38 1.52 11.79
CA HIS C 720 -28.54 2.44 11.03
C HIS C 720 -27.23 2.75 11.73
N ASN C 721 -27.14 2.48 13.02
CA ASN C 721 -25.88 2.57 13.77
C ASN C 721 -25.39 1.19 14.17
N TYR C 722 -25.61 0.21 13.29
CA TYR C 722 -25.21 -1.16 13.55
C TYR C 722 -23.72 -1.32 13.29
N GLU C 723 -23.03 -1.99 14.22
CA GLU C 723 -21.62 -2.31 14.08
C GLU C 723 -20.76 -1.04 13.93
N ASP C 724 -20.78 -0.22 14.97
CA ASP C 724 -19.92 0.96 15.10
C ASP C 724 -20.24 2.04 14.07
N ALA C 725 -21.47 2.10 13.59
CA ALA C 725 -21.88 3.18 12.71
C ALA C 725 -22.50 4.33 13.52
N ILE C 726 -22.66 5.47 12.87
CA ILE C 726 -23.09 6.70 13.53
C ILE C 726 -24.23 7.32 12.74
N ILE C 727 -25.25 7.79 13.45
CA ILE C 727 -26.37 8.53 12.86
C ILE C 727 -26.22 9.99 13.25
N LEU C 728 -26.26 10.88 12.26
CA LEU C 728 -26.14 12.31 12.48
C LEU C 728 -27.43 13.02 12.13
N SER C 729 -27.68 14.14 12.78
CA SER C 729 -28.80 15.00 12.42
C SER C 729 -28.41 15.86 11.22
N ASN C 730 -29.44 16.32 10.51
CA ASN C 730 -29.19 17.19 9.36
C ASN C 730 -28.92 18.64 9.76
N ARG C 731 -29.13 18.99 11.04
CA ARG C 731 -28.79 20.33 11.50
C ARG C 731 -27.29 20.60 11.38
N LEU C 732 -26.47 19.56 11.50
CA LEU C 732 -25.02 19.73 11.37
C LEU C 732 -24.65 20.16 9.97
N VAL C 733 -25.32 19.60 8.96
CA VAL C 733 -25.05 19.99 7.57
C VAL C 733 -25.58 21.40 7.30
N GLU C 734 -26.79 21.70 7.78
CA GLU C 734 -27.40 22.99 7.50
C GLU C 734 -26.62 24.14 8.13
N GLU C 735 -26.22 23.97 9.38
CA GLU C 735 -25.56 25.04 10.13
C GLU C 735 -24.05 25.01 10.00
N ASP C 736 -23.50 24.14 9.17
CA ASP C 736 -22.05 24.04 8.93
C ASP C 736 -21.29 23.83 10.24
N VAL C 737 -21.75 22.85 11.02
CA VAL C 737 -21.06 22.52 12.26
C VAL C 737 -19.76 21.78 11.96
N LEU C 738 -19.87 20.63 11.30
CA LEU C 738 -18.70 19.83 10.93
C LEU C 738 -18.35 20.08 9.46
N THR C 739 -17.92 21.31 9.18
CA THR C 739 -17.51 21.73 7.85
C THR C 739 -16.06 22.17 7.90
N SER C 740 -15.25 21.69 6.94
CA SER C 740 -13.83 21.99 6.93
C SER C 740 -13.39 22.46 5.54
N ILE C 741 -12.41 23.35 5.52
CA ILE C 741 -11.85 23.88 4.28
C ILE C 741 -10.57 23.12 3.96
N HIS C 742 -10.47 22.62 2.74
CA HIS C 742 -9.29 21.88 2.29
C HIS C 742 -8.72 22.55 1.05
N ILE C 743 -7.41 22.79 1.05
CA ILE C 743 -6.73 23.51 -0.01
C ILE C 743 -5.76 22.56 -0.69
N GLU C 744 -5.80 22.50 -2.02
CA GLU C 744 -4.92 21.67 -2.82
C GLU C 744 -4.06 22.56 -3.71
N GLU C 745 -2.82 22.13 -3.94
CA GLU C 745 -1.85 22.88 -4.71
C GLU C 745 -1.43 22.08 -5.94
N HIS C 746 -1.54 22.69 -7.11
CA HIS C 746 -1.11 22.08 -8.37
C HIS C 746 -0.03 22.93 -9.01
N GLU C 747 1.12 22.34 -9.32
CA GLU C 747 2.24 23.09 -9.87
C GLU C 747 2.68 22.48 -11.19
N ILE C 748 3.01 23.34 -12.14
CA ILE C 748 3.47 22.90 -13.46
C ILE C 748 4.58 23.84 -13.92
N ASP C 749 5.62 23.26 -14.53
CA ASP C 749 6.78 24.00 -14.98
C ASP C 749 7.02 23.76 -16.46
N ALA C 750 7.29 24.85 -17.18
CA ALA C 750 7.68 24.80 -18.59
C ALA C 750 9.19 24.87 -18.66
N ARG C 751 9.82 23.75 -19.02
CA ARG C 751 11.26 23.61 -19.08
C ARG C 751 11.74 23.79 -20.52
N ASP C 752 13.01 23.47 -20.77
CA ASP C 752 13.59 23.48 -22.10
C ASP C 752 13.89 22.04 -22.51
N THR C 753 13.35 21.62 -23.65
CA THR C 753 13.55 20.27 -24.16
C THR C 753 14.56 20.28 -25.31
N LYS C 754 14.90 19.09 -25.77
CA LYS C 754 15.85 18.98 -26.88
C LYS C 754 15.20 19.31 -28.21
N LEU C 755 13.92 18.97 -28.39
CA LEU C 755 13.21 19.25 -29.62
C LEU C 755 12.71 20.68 -29.71
N GLY C 756 12.79 21.44 -28.62
CA GLY C 756 12.31 22.82 -28.62
C GLY C 756 12.09 23.30 -27.20
N ALA C 757 11.29 24.36 -27.10
CA ALA C 757 10.95 24.97 -25.83
C ALA C 757 9.46 24.83 -25.56
N GLU C 758 9.10 24.73 -24.29
CA GLU C 758 7.72 24.58 -23.87
C GLU C 758 7.16 25.96 -23.49
N GLU C 759 5.99 26.29 -24.02
CA GLU C 759 5.40 27.60 -23.87
C GLU C 759 4.06 27.48 -23.15
N ILE C 760 3.85 28.33 -22.14
CA ILE C 760 2.58 28.41 -21.43
C ILE C 760 1.72 29.46 -22.13
N THR C 761 0.66 29.00 -22.80
CA THR C 761 -0.19 29.90 -23.56
C THR C 761 -1.56 29.26 -23.75
N ARG C 762 -2.54 30.08 -24.11
CA ARG C 762 -3.89 29.59 -24.37
C ARG C 762 -4.09 29.37 -25.87
N ASP C 763 -3.36 28.38 -26.39
CA ASP C 763 -3.51 27.96 -27.78
C ASP C 763 -4.19 26.61 -27.88
N ILE C 764 -3.64 25.58 -27.24
CA ILE C 764 -4.29 24.29 -27.04
C ILE C 764 -4.85 23.77 -28.36
N PRO C 765 -3.99 23.22 -29.24
CA PRO C 765 -4.37 22.98 -30.65
C PRO C 765 -5.75 22.39 -30.89
N ASN C 766 -6.08 21.27 -30.25
CA ASN C 766 -7.33 20.56 -30.56
C ASN C 766 -8.22 20.51 -29.32
N VAL C 767 -9.02 21.56 -29.13
CA VAL C 767 -10.06 21.63 -28.12
C VAL C 767 -11.22 22.44 -28.67
N SER C 768 -12.28 22.58 -27.87
CA SER C 768 -13.39 23.44 -28.22
C SER C 768 -13.04 24.87 -27.83
N ASP C 769 -14.02 25.77 -27.89
CA ASP C 769 -13.79 27.17 -27.58
C ASP C 769 -14.26 27.56 -26.18
N GLU C 770 -15.20 26.81 -25.60
CA GLU C 770 -15.70 27.13 -24.27
C GLU C 770 -14.79 26.63 -23.16
N VAL C 771 -13.86 25.71 -23.46
CA VAL C 771 -12.91 25.26 -22.45
C VAL C 771 -11.97 26.39 -22.06
N LEU C 772 -11.62 27.27 -23.01
CA LEU C 772 -10.68 28.35 -22.78
C LEU C 772 -11.36 29.63 -22.33
N ALA C 773 -12.51 29.53 -21.66
CA ALA C 773 -13.26 30.71 -21.24
C ALA C 773 -12.81 31.28 -19.91
N ASP C 774 -12.26 30.44 -19.02
CA ASP C 774 -11.82 30.89 -17.72
C ASP C 774 -10.32 31.22 -17.68
N LEU C 775 -9.64 31.16 -18.81
CA LEU C 775 -8.21 31.44 -18.87
C LEU C 775 -7.98 32.88 -19.31
N ASP C 776 -7.05 33.55 -18.65
CA ASP C 776 -6.75 34.95 -18.95
C ASP C 776 -5.87 35.04 -20.19
N GLU C 777 -5.33 36.24 -20.45
CA GLU C 777 -4.53 36.45 -21.65
C GLU C 777 -3.24 35.62 -21.63
N ARG C 778 -2.69 35.36 -20.45
CA ARG C 778 -1.43 34.63 -20.35
C ARG C 778 -1.62 33.12 -20.25
N GLY C 779 -2.84 32.62 -20.35
CA GLY C 779 -3.09 31.19 -20.38
C GLY C 779 -3.28 30.52 -19.04
N ILE C 780 -3.58 31.29 -17.98
CA ILE C 780 -3.81 30.73 -16.65
C ILE C 780 -5.22 31.09 -16.22
N VAL C 781 -5.79 30.26 -15.34
CA VAL C 781 -7.16 30.50 -14.89
C VAL C 781 -7.26 31.81 -14.13
N ARG C 782 -8.48 32.29 -13.99
CA ARG C 782 -8.75 33.51 -13.24
C ARG C 782 -9.04 33.18 -11.79
N ILE C 783 -8.64 34.08 -10.89
CA ILE C 783 -8.88 33.90 -9.47
C ILE C 783 -10.38 34.04 -9.20
N GLY C 784 -10.93 33.07 -8.45
CA GLY C 784 -12.34 33.02 -8.18
C GLY C 784 -13.15 32.16 -9.12
N ALA C 785 -12.54 31.67 -10.20
CA ALA C 785 -13.25 30.83 -11.16
C ALA C 785 -13.38 29.41 -10.61
N GLU C 786 -14.60 28.91 -10.58
CA GLU C 786 -14.84 27.54 -10.11
C GLU C 786 -14.36 26.54 -11.14
N VAL C 787 -13.64 25.51 -10.69
CA VAL C 787 -13.08 24.49 -11.56
C VAL C 787 -13.70 23.14 -11.20
N ARG C 788 -14.01 22.36 -12.23
CA ARG C 788 -14.55 21.02 -12.08
C ARG C 788 -13.47 20.01 -12.47
N ASP C 789 -13.85 18.74 -12.49
CA ASP C 789 -12.93 17.69 -12.89
C ASP C 789 -12.60 17.83 -14.38
N GLY C 790 -11.31 17.75 -14.70
CA GLY C 790 -10.86 17.82 -16.08
C GLY C 790 -10.71 19.22 -16.65
N ASP C 791 -11.02 20.25 -15.88
CA ASP C 791 -10.89 21.62 -16.38
C ASP C 791 -9.42 22.02 -16.43
N ILE C 792 -9.08 22.83 -17.44
CA ILE C 792 -7.71 23.26 -17.63
C ILE C 792 -7.38 24.37 -16.64
N LEU C 793 -6.31 24.19 -15.88
CA LEU C 793 -5.82 25.19 -14.94
C LEU C 793 -4.73 26.08 -15.55
N VAL C 794 -3.70 25.46 -16.12
CA VAL C 794 -2.62 26.17 -16.80
C VAL C 794 -2.46 25.58 -18.19
N GLY C 795 -2.49 26.44 -19.20
CA GLY C 795 -2.39 25.98 -20.57
C GLY C 795 -0.96 25.91 -21.07
N LYS C 796 -0.41 24.70 -21.15
CA LYS C 796 0.94 24.48 -21.65
C LYS C 796 0.90 23.68 -22.94
N VAL C 797 2.00 23.74 -23.67
CA VAL C 797 2.12 23.01 -24.93
C VAL C 797 3.60 22.72 -25.18
N THR C 798 3.89 21.59 -25.80
CA THR C 798 5.26 21.15 -25.98
C THR C 798 5.56 20.87 -27.44
N PRO C 799 6.82 21.00 -27.86
CA PRO C 799 7.17 20.61 -29.23
C PRO C 799 6.94 19.12 -29.45
N LYS C 800 6.44 18.78 -30.65
CA LYS C 800 6.08 17.42 -30.98
C LYS C 800 7.03 16.75 -31.96
N GLY C 801 7.65 17.53 -32.84
CA GLY C 801 8.49 16.95 -33.88
C GLY C 801 7.69 16.48 -35.07
N GLU C 802 8.36 15.74 -35.94
CA GLU C 802 7.75 15.22 -37.16
C GLU C 802 7.19 13.83 -36.89
N THR C 803 5.87 13.70 -37.06
CA THR C 803 5.19 12.42 -36.89
C THR C 803 4.30 12.18 -38.10
N GLU C 804 4.26 10.92 -38.55
CA GLU C 804 3.46 10.54 -39.71
C GLU C 804 2.02 10.36 -39.28
N LEU C 805 1.14 11.24 -39.75
CA LEU C 805 -0.28 11.16 -39.43
C LEU C 805 -0.96 10.05 -40.22
N THR C 806 -2.08 9.58 -39.68
CA THR C 806 -2.88 8.59 -40.38
C THR C 806 -3.54 9.24 -41.60
N PRO C 807 -3.71 8.48 -42.69
CA PRO C 807 -4.39 9.05 -43.87
C PRO C 807 -5.79 9.56 -43.57
N GLU C 808 -6.53 8.87 -42.71
CA GLU C 808 -7.87 9.31 -42.35
C GLU C 808 -7.83 10.65 -41.61
N GLU C 809 -6.88 10.81 -40.70
CA GLU C 809 -6.75 12.08 -39.98
C GLU C 809 -6.36 13.21 -40.92
N ARG C 810 -5.46 12.94 -41.87
CA ARG C 810 -5.09 13.95 -42.86
C ARG C 810 -6.29 14.35 -43.69
N LEU C 811 -7.09 13.37 -44.13
CA LEU C 811 -8.27 13.70 -44.92
C LEU C 811 -9.28 14.52 -44.11
N LEU C 812 -9.48 14.16 -42.84
CA LEU C 812 -10.41 14.94 -42.00
C LEU C 812 -9.92 16.36 -41.82
N ARG C 813 -8.62 16.54 -41.58
CA ARG C 813 -8.08 17.89 -41.40
C ARG C 813 -8.19 18.69 -42.69
N ALA C 814 -8.00 18.03 -43.84
CA ALA C 814 -8.19 18.71 -45.12
C ALA C 814 -9.65 19.12 -45.31
N ILE C 815 -10.57 18.27 -44.89
CA ILE C 815 -11.99 18.58 -45.04
C ILE C 815 -12.38 19.77 -44.17
N PHE C 816 -11.95 19.76 -42.90
CA PHE C 816 -12.38 20.80 -41.98
C PHE C 816 -11.43 21.99 -41.90
N GLY C 817 -10.24 21.89 -42.49
CA GLY C 817 -9.33 23.01 -42.56
C GLY C 817 -8.41 23.17 -41.36
N GLU C 818 -8.57 22.37 -40.32
CA GLU C 818 -7.71 22.47 -39.14
C GLU C 818 -6.32 21.98 -39.49
N LYS C 819 -5.38 22.90 -39.66
CA LYS C 819 -4.01 22.53 -39.97
C LYS C 819 -3.36 21.84 -38.78
N ALA C 820 -2.59 20.79 -39.06
CA ALA C 820 -1.92 20.03 -38.01
C ALA C 820 -0.65 20.78 -37.59
N ARG C 821 -0.61 21.20 -36.33
CA ARG C 821 0.54 21.91 -35.78
C ARG C 821 1.40 20.95 -34.98
N GLU C 822 2.72 21.12 -35.10
CA GLU C 822 3.65 20.19 -34.45
C GLU C 822 3.83 20.53 -32.98
N VAL C 823 2.72 20.63 -32.25
CA VAL C 823 2.74 20.87 -30.81
C VAL C 823 1.74 19.93 -30.14
N ARG C 824 2.12 19.44 -28.98
CA ARG C 824 1.30 18.51 -28.21
C ARG C 824 0.82 19.20 -26.93
N ASP C 825 -0.48 19.11 -26.67
CA ASP C 825 -1.07 19.75 -25.50
C ASP C 825 -0.71 18.97 -24.25
N THR C 826 -0.17 19.67 -23.26
CA THR C 826 0.20 19.10 -21.96
C THR C 826 -0.29 20.00 -20.84
N SER C 827 -1.53 20.47 -20.94
CA SER C 827 -2.06 21.43 -20.00
C SER C 827 -2.23 20.80 -18.63
N LEU C 828 -2.17 21.64 -17.59
CA LEU C 828 -2.43 21.21 -16.23
C LEU C 828 -3.94 21.18 -16.00
N LYS C 829 -4.46 19.98 -15.72
CA LYS C 829 -5.89 19.77 -15.56
C LYS C 829 -6.20 19.29 -14.15
N VAL C 830 -7.40 19.60 -13.68
CA VAL C 830 -7.82 19.18 -12.34
C VAL C 830 -7.89 17.67 -12.29
N PRO C 831 -7.34 17.03 -11.26
CA PRO C 831 -7.37 15.55 -11.20
C PRO C 831 -8.79 15.02 -11.09
N HIS C 832 -8.89 13.71 -11.31
CA HIS C 832 -10.20 13.05 -11.27
C HIS C 832 -10.78 13.11 -9.87
N GLY C 833 -12.08 13.40 -9.80
CA GLY C 833 -12.77 13.46 -8.53
C GLY C 833 -12.42 14.65 -7.66
N GLU C 834 -11.93 15.73 -8.25
CA GLU C 834 -11.56 16.93 -7.50
C GLU C 834 -12.24 18.15 -8.10
N SER C 835 -12.51 19.13 -7.24
CA SER C 835 -13.15 20.37 -7.67
C SER C 835 -12.91 21.42 -6.58
N GLY C 836 -13.39 22.62 -6.84
CA GLY C 836 -13.25 23.70 -5.86
C GLY C 836 -13.24 25.04 -6.56
N LYS C 837 -12.61 26.01 -5.90
CA LYS C 837 -12.52 27.37 -6.38
C LYS C 837 -11.08 27.84 -6.31
N VAL C 838 -10.63 28.56 -7.34
CA VAL C 838 -9.25 29.02 -7.42
C VAL C 838 -9.09 30.24 -6.52
N ILE C 839 -8.14 30.19 -5.59
CA ILE C 839 -7.94 31.26 -4.63
C ILE C 839 -6.56 31.90 -4.73
N GLY C 840 -5.62 31.32 -5.46
CA GLY C 840 -4.30 31.88 -5.53
C GLY C 840 -3.44 31.33 -6.65
N ILE C 841 -2.68 32.21 -7.30
CA ILE C 841 -1.78 31.83 -8.39
C ILE C 841 -0.41 32.43 -8.11
N ARG C 842 0.62 31.60 -8.17
CA ARG C 842 2.00 32.03 -7.94
C ARG C 842 2.82 31.69 -9.18
N VAL C 843 3.46 32.70 -9.76
CA VAL C 843 4.19 32.56 -11.02
C VAL C 843 5.65 32.91 -10.79
N PHE C 844 6.54 32.02 -11.23
CA PHE C 844 7.97 32.26 -11.23
C PHE C 844 8.48 32.18 -12.67
N SER C 845 9.34 33.13 -13.03
CA SER C 845 9.90 33.18 -14.38
C SER C 845 11.39 33.44 -14.30
N ARG C 846 12.15 32.76 -15.15
CA ARG C 846 13.60 32.92 -15.16
C ARG C 846 13.99 34.31 -15.66
N GLU C 847 13.24 34.88 -16.61
CA GLU C 847 13.56 36.20 -17.13
C GLU C 847 13.37 37.30 -16.11
N ASP C 848 12.73 37.02 -14.97
CA ASP C 848 12.59 37.97 -13.88
C ASP C 848 13.53 37.68 -12.72
N ASP C 849 14.62 36.95 -12.99
CA ASP C 849 15.64 36.63 -11.99
C ASP C 849 15.04 35.87 -10.80
N ASP C 850 14.52 34.68 -11.10
CA ASP C 850 14.00 33.76 -10.09
C ASP C 850 14.88 32.53 -10.06
N GLU C 851 15.22 32.07 -8.85
CA GLU C 851 16.16 30.96 -8.67
C GLU C 851 15.46 29.64 -8.97
N LEU C 852 15.16 29.44 -10.25
CA LEU C 852 14.61 28.19 -10.72
C LEU C 852 15.73 27.18 -10.96
N PRO C 853 15.42 25.88 -10.89
CA PRO C 853 16.43 24.86 -11.18
C PRO C 853 16.87 24.93 -12.64
N ALA C 854 17.92 24.17 -12.94
CA ALA C 854 18.49 24.18 -14.29
C ALA C 854 17.52 23.57 -15.29
N GLY C 855 17.40 24.22 -16.45
CA GLY C 855 16.52 23.78 -17.51
C GLY C 855 15.11 24.35 -17.43
N VAL C 856 14.61 24.59 -16.22
CA VAL C 856 13.25 25.10 -16.06
C VAL C 856 13.23 26.59 -16.41
N ASN C 857 12.30 26.99 -17.27
CA ASN C 857 12.15 28.37 -17.67
C ASN C 857 11.01 29.07 -16.94
N GLU C 858 9.87 28.42 -16.79
CA GLU C 858 8.72 29.02 -16.14
C GLU C 858 8.11 28.02 -15.16
N LEU C 859 7.45 28.54 -14.13
CA LEU C 859 6.78 27.71 -13.14
C LEU C 859 5.53 28.43 -12.66
N VAL C 860 4.46 27.67 -12.42
CA VAL C 860 3.22 28.27 -11.97
C VAL C 860 2.49 27.28 -11.06
N ARG C 861 2.02 27.79 -9.92
CA ARG C 861 1.29 27.01 -8.92
C ARG C 861 -0.08 27.64 -8.70
N VAL C 862 -1.09 26.77 -8.60
CA VAL C 862 -2.48 27.18 -8.45
C VAL C 862 -3.05 26.51 -7.21
N TYR C 863 -3.74 27.28 -6.38
CA TYR C 863 -4.35 26.78 -5.15
C TYR C 863 -5.86 26.73 -5.31
N VAL C 864 -6.45 25.57 -5.04
CA VAL C 864 -7.88 25.35 -5.16
C VAL C 864 -8.42 24.99 -3.79
N ALA C 865 -9.40 25.76 -3.31
CA ALA C 865 -9.96 25.59 -1.99
C ALA C 865 -11.39 25.06 -2.08
N GLN C 866 -11.72 24.10 -1.23
CA GLN C 866 -13.03 23.48 -1.23
C GLN C 866 -13.56 23.36 0.19
N LYS C 867 -14.84 23.72 0.38
CA LYS C 867 -15.51 23.53 1.65
C LYS C 867 -16.25 22.20 1.63
N ARG C 868 -15.89 21.31 2.56
CA ARG C 868 -16.48 19.99 2.66
C ARG C 868 -17.37 19.93 3.88
N LYS C 869 -18.60 19.48 3.68
CA LYS C 869 -19.54 19.22 4.76
C LYS C 869 -19.48 17.75 5.16
N ILE C 870 -20.10 17.44 6.29
CA ILE C 870 -20.10 16.06 6.77
C ILE C 870 -21.04 15.23 5.89
N SER C 871 -20.66 13.98 5.66
CA SER C 871 -21.39 13.12 4.74
C SER C 871 -21.18 11.67 5.12
N ASP C 872 -22.00 10.80 4.55
CA ASP C 872 -21.90 9.36 4.83
C ASP C 872 -20.54 8.85 4.40
N GLY C 873 -19.90 8.09 5.27
CA GLY C 873 -18.58 7.55 5.04
C GLY C 873 -17.46 8.30 5.73
N ASP C 874 -17.70 9.55 6.13
CA ASP C 874 -16.72 10.28 6.91
C ASP C 874 -16.59 9.66 8.30
N LYS C 875 -15.38 9.68 8.85
CA LYS C 875 -15.09 9.07 10.13
C LYS C 875 -15.13 10.13 11.22
N LEU C 876 -15.97 9.91 12.23
CA LEU C 876 -15.99 10.70 13.44
C LEU C 876 -15.41 9.88 14.58
N ALA C 877 -14.97 10.55 15.63
CA ALA C 877 -14.40 9.84 16.77
C ALA C 877 -14.61 10.67 18.02
N GLY C 878 -14.19 10.11 19.15
CA GLY C 878 -14.18 10.82 20.42
C GLY C 878 -12.81 10.73 21.05
N ARG C 879 -12.72 11.28 22.26
CA ARG C 879 -11.48 11.27 23.01
C ARG C 879 -11.26 9.99 23.80
N HIS C 880 -12.19 9.04 23.71
CA HIS C 880 -12.13 7.80 24.48
C HIS C 880 -11.98 6.57 23.59
N GLY C 881 -11.50 6.73 22.37
CA GLY C 881 -11.29 5.62 21.48
C GLY C 881 -12.52 5.09 20.78
N ASN C 882 -13.63 5.84 20.78
CA ASN C 882 -14.86 5.43 20.12
C ASN C 882 -14.93 6.11 18.76
N LYS C 883 -14.73 5.34 17.69
CA LYS C 883 -14.72 5.86 16.34
C LYS C 883 -15.83 5.21 15.53
N GLY C 884 -16.14 5.82 14.39
CA GLY C 884 -17.15 5.26 13.50
C GLY C 884 -17.44 6.11 12.29
N VAL C 885 -17.88 5.50 11.21
CA VAL C 885 -18.23 6.22 9.99
C VAL C 885 -19.72 6.50 10.00
N ILE C 886 -20.10 7.65 9.45
CA ILE C 886 -21.50 8.03 9.42
C ILE C 886 -22.24 7.16 8.43
N GLY C 887 -23.30 6.51 8.88
CA GLY C 887 -24.08 5.64 8.01
C GLY C 887 -25.40 6.25 7.59
N LYS C 888 -25.82 7.32 8.27
CA LYS C 888 -27.10 7.93 7.98
C LYS C 888 -27.08 9.38 8.47
N ILE C 889 -27.70 10.27 7.71
CA ILE C 889 -27.91 11.66 8.12
C ILE C 889 -29.40 11.92 8.03
N LEU C 890 -30.09 11.80 9.15
CA LEU C 890 -31.55 11.89 9.19
C LEU C 890 -31.99 13.36 9.16
N PRO C 891 -33.20 13.61 8.65
CA PRO C 891 -33.78 14.95 8.79
C PRO C 891 -34.01 15.30 10.25
N VAL C 892 -34.25 16.59 10.50
CA VAL C 892 -34.40 17.06 11.87
C VAL C 892 -35.65 16.46 12.52
N GLU C 893 -36.72 16.27 11.73
CA GLU C 893 -37.96 15.76 12.29
C GLU C 893 -37.97 14.25 12.48
N ASP C 894 -36.94 13.54 12.01
CA ASP C 894 -36.86 12.11 12.23
C ASP C 894 -36.04 11.75 13.47
N MET C 895 -35.23 12.66 13.98
CA MET C 895 -34.41 12.40 15.15
C MET C 895 -35.26 12.36 16.41
N PRO C 896 -34.89 11.51 17.38
CA PRO C 896 -35.56 11.56 18.68
C PRO C 896 -35.35 12.91 19.34
N PHE C 897 -36.38 13.39 20.04
CA PHE C 897 -36.32 14.71 20.65
C PHE C 897 -36.79 14.65 22.09
N LEU C 898 -36.24 15.54 22.90
CA LEU C 898 -36.61 15.65 24.30
C LEU C 898 -38.04 16.14 24.41
N PRO C 899 -38.68 15.94 25.57
CA PRO C 899 -40.06 16.45 25.74
C PRO C 899 -40.16 17.96 25.60
N ASP C 900 -39.05 18.69 25.69
CA ASP C 900 -39.07 20.12 25.40
C ASP C 900 -39.17 20.40 23.91
N GLY C 901 -38.83 19.43 23.08
CA GLY C 901 -38.81 19.62 21.64
C GLY C 901 -37.43 19.75 21.03
N THR C 902 -36.37 19.49 21.79
CA THR C 902 -35.01 19.65 21.31
C THR C 902 -34.55 18.33 20.67
N PRO C 903 -34.27 18.30 19.38
CA PRO C 903 -33.78 17.06 18.76
C PRO C 903 -32.35 16.77 19.20
N VAL C 904 -32.01 15.49 19.20
CA VAL C 904 -30.64 15.07 19.50
C VAL C 904 -29.80 15.21 18.24
N ASP C 905 -28.50 15.43 18.43
CA ASP C 905 -27.61 15.66 17.29
C ASP C 905 -26.91 14.41 16.81
N ILE C 906 -26.73 13.41 17.68
CA ILE C 906 -26.04 12.20 17.29
C ILE C 906 -26.55 11.03 18.13
N ILE C 907 -26.64 9.86 17.52
CA ILE C 907 -27.11 8.65 18.18
C ILE C 907 -25.97 7.65 18.16
N LEU C 908 -25.59 7.17 19.35
CA LEU C 908 -24.52 6.19 19.49
C LEU C 908 -25.09 4.87 19.99
N ASN C 909 -24.57 3.77 19.46
CA ASN C 909 -25.11 2.46 19.78
C ASN C 909 -24.73 2.05 21.20
N THR C 910 -25.57 1.21 21.79
CA THR C 910 -25.34 0.74 23.16
C THR C 910 -24.39 -0.46 23.19
N HIS C 911 -24.48 -1.33 22.18
CA HIS C 911 -23.75 -2.59 22.20
C HIS C 911 -22.24 -2.43 22.08
N GLY C 912 -21.76 -1.24 21.76
CA GLY C 912 -20.33 -1.04 21.60
C GLY C 912 -19.59 -0.54 22.83
N VAL C 913 -20.31 -0.04 23.84
CA VAL C 913 -19.67 0.53 25.02
C VAL C 913 -19.18 -0.54 26.00
N PRO C 914 -20.03 -1.46 26.47
CA PRO C 914 -19.61 -2.31 27.60
C PRO C 914 -18.49 -3.28 27.28
N ARG C 915 -18.38 -3.77 26.05
CA ARG C 915 -17.39 -4.78 25.71
C ARG C 915 -16.03 -4.21 25.35
N ARG C 916 -15.89 -2.88 25.33
CA ARG C 916 -14.62 -2.24 25.04
C ARG C 916 -14.01 -1.56 26.27
N MET C 917 -14.73 -1.52 27.39
CA MET C 917 -14.20 -1.04 28.65
C MET C 917 -13.73 0.42 28.56
N ASN C 918 -14.48 1.23 27.82
CA ASN C 918 -14.18 2.66 27.68
C ASN C 918 -15.36 3.49 28.14
N ILE C 919 -15.94 3.12 29.30
CA ILE C 919 -17.14 3.80 29.78
C ILE C 919 -16.89 5.23 30.23
N GLY C 920 -15.64 5.71 30.16
CA GLY C 920 -15.37 7.08 30.54
C GLY C 920 -16.19 8.07 29.74
N GLN C 921 -16.37 7.79 28.45
CA GLN C 921 -17.24 8.62 27.62
C GLN C 921 -18.60 8.80 28.25
N ILE C 922 -19.20 7.72 28.75
CA ILE C 922 -20.50 7.83 29.41
C ILE C 922 -20.43 8.85 30.53
N LEU C 923 -19.42 8.73 31.40
CA LEU C 923 -19.26 9.73 32.46
C LEU C 923 -19.13 11.12 31.87
N GLU C 924 -18.28 11.28 30.85
CA GLU C 924 -18.18 12.57 30.18
C GLU C 924 -19.55 13.04 29.72
N THR C 925 -20.31 12.15 29.09
CA THR C 925 -21.66 12.49 28.65
C THR C 925 -22.45 13.10 29.78
N HIS C 926 -22.52 12.41 30.92
CA HIS C 926 -23.25 12.94 32.06
C HIS C 926 -22.71 14.31 32.44
N LEU C 927 -21.40 14.40 32.64
CA LEU C 927 -20.82 15.68 33.03
C LEU C 927 -21.10 16.74 31.98
N GLY C 928 -21.02 16.36 30.69
CA GLY C 928 -21.29 17.32 29.65
C GLY C 928 -22.65 17.96 29.82
N TRP C 929 -23.67 17.15 30.11
CA TRP C 929 -25.00 17.71 30.31
C TRP C 929 -24.96 18.77 31.40
N VAL C 930 -24.37 18.42 32.55
CA VAL C 930 -24.33 19.38 33.65
C VAL C 930 -23.61 20.64 33.22
N ALA C 931 -22.54 20.49 32.43
CA ALA C 931 -21.82 21.66 31.96
C ALA C 931 -22.73 22.57 31.13
N LYS C 932 -23.50 21.98 30.21
CA LYS C 932 -24.48 22.78 29.50
C LYS C 932 -25.86 22.65 30.14
N ALA C 933 -25.90 22.77 31.47
CA ALA C 933 -27.15 22.95 32.16
C ALA C 933 -27.09 23.94 33.31
N GLY C 934 -25.92 24.18 33.90
CA GLY C 934 -25.83 24.93 35.13
C GLY C 934 -26.27 24.09 36.30
N TRP C 935 -25.72 24.33 37.49
CA TRP C 935 -26.12 23.59 38.66
C TRP C 935 -26.03 24.49 39.88
N ASN C 936 -26.76 24.10 40.92
CA ASN C 936 -26.80 24.88 42.16
C ASN C 936 -27.03 23.89 43.30
N ILE C 937 -25.94 23.50 43.98
CA ILE C 937 -26.05 22.59 45.11
C ILE C 937 -26.79 23.30 46.24
N ASP C 938 -27.80 22.63 46.78
CA ASP C 938 -28.62 23.21 47.84
C ASP C 938 -27.84 23.11 49.15
N VAL C 939 -27.17 24.19 49.52
CA VAL C 939 -26.40 24.22 50.76
C VAL C 939 -27.26 24.39 51.99
N ALA C 940 -28.59 24.40 51.84
CA ALA C 940 -29.47 24.48 52.99
C ALA C 940 -29.29 23.26 53.88
N ALA C 941 -29.43 23.48 55.20
CA ALA C 941 -29.20 22.45 56.20
C ALA C 941 -27.80 21.86 56.08
N GLY C 942 -26.82 22.71 55.79
CA GLY C 942 -25.44 22.30 55.71
C GLY C 942 -25.05 21.77 54.35
N VAL C 943 -23.74 21.60 54.16
CA VAL C 943 -23.20 21.06 52.91
C VAL C 943 -23.60 19.60 52.78
N PRO C 944 -24.04 19.15 51.61
CA PRO C 944 -24.37 17.72 51.45
C PRO C 944 -23.16 16.84 51.67
N ASP C 945 -23.42 15.62 52.13
CA ASP C 945 -22.33 14.70 52.49
C ASP C 945 -21.50 14.35 51.26
N TRP C 946 -22.13 14.12 50.12
CA TRP C 946 -21.39 13.77 48.91
C TRP C 946 -20.54 14.92 48.39
N ALA C 947 -20.88 16.16 48.74
CA ALA C 947 -20.14 17.34 48.30
C ALA C 947 -19.16 17.85 49.34
N SER C 948 -18.63 16.95 50.18
CA SER C 948 -17.73 17.37 51.24
C SER C 948 -16.40 17.86 50.68
N LYS C 949 -15.88 17.21 49.64
CA LYS C 949 -14.58 17.53 49.10
C LYS C 949 -14.63 18.44 47.88
N LEU C 950 -15.81 18.91 47.49
CA LEU C 950 -15.91 19.82 46.36
C LEU C 950 -15.36 21.20 46.75
N PRO C 951 -14.61 21.84 45.86
CA PRO C 951 -14.19 23.22 46.13
C PRO C 951 -15.38 24.16 46.18
N GLU C 952 -15.21 25.25 46.93
CA GLU C 952 -16.31 26.19 47.15
C GLU C 952 -16.77 26.89 45.89
N GLU C 953 -15.93 26.93 44.84
CA GLU C 953 -16.35 27.56 43.60
C GLU C 953 -17.18 26.64 42.71
N LEU C 954 -17.30 25.37 43.08
CA LEU C 954 -18.08 24.41 42.31
C LEU C 954 -19.48 24.19 42.88
N TYR C 955 -19.87 24.96 43.89
CA TYR C 955 -21.19 24.79 44.49
C TYR C 955 -22.31 25.34 43.61
N SER C 956 -21.99 26.17 42.63
CA SER C 956 -23.00 26.72 41.74
C SER C 956 -22.31 27.28 40.50
N ALA C 957 -22.88 26.98 39.34
CA ALA C 957 -22.37 27.45 38.06
C ALA C 957 -23.54 27.85 37.17
N PRO C 958 -23.35 28.81 36.28
CA PRO C 958 -24.40 29.18 35.34
C PRO C 958 -24.45 28.22 34.16
N ALA C 959 -25.34 28.50 33.21
CA ALA C 959 -25.47 27.68 32.02
C ALA C 959 -24.28 27.89 31.09
N ASP C 960 -24.01 26.88 30.28
CA ASP C 960 -22.93 26.87 29.28
C ASP C 960 -21.54 26.99 29.90
N SER C 961 -21.41 26.83 31.22
CA SER C 961 -20.11 26.92 31.86
C SER C 961 -19.25 25.71 31.48
N THR C 962 -17.95 25.94 31.46
CA THR C 962 -16.97 24.90 31.16
C THR C 962 -16.28 24.45 32.45
N VAL C 963 -16.03 23.15 32.56
CA VAL C 963 -15.41 22.58 33.74
C VAL C 963 -14.17 21.80 33.31
N ALA C 964 -13.25 21.64 34.26
CA ALA C 964 -11.99 20.95 34.02
C ALA C 964 -11.93 19.70 34.89
N THR C 965 -11.56 18.57 34.28
CA THR C 965 -11.40 17.30 34.97
C THR C 965 -9.98 16.79 34.68
N PRO C 966 -9.01 17.12 35.53
CA PRO C 966 -7.65 16.64 35.30
C PRO C 966 -7.59 15.12 35.24
N VAL C 967 -6.47 14.61 34.73
CA VAL C 967 -6.41 13.23 34.25
C VAL C 967 -6.70 12.24 35.38
N PHE C 968 -5.82 12.20 36.37
CA PHE C 968 -5.95 11.24 37.46
C PHE C 968 -6.43 11.87 38.76
N ASP C 969 -6.89 13.13 38.71
CA ASP C 969 -7.42 13.79 39.89
C ASP C 969 -8.52 14.75 39.41
N GLY C 970 -9.75 14.26 39.41
CA GLY C 970 -10.87 15.01 38.91
C GLY C 970 -12.16 14.63 39.60
N ALA C 971 -13.27 14.73 38.87
CA ALA C 971 -14.58 14.43 39.44
C ALA C 971 -14.72 12.94 39.72
N GLN C 972 -15.40 12.63 40.82
CA GLN C 972 -15.66 11.25 41.21
C GLN C 972 -17.06 10.84 40.79
N GLU C 973 -17.38 9.56 41.02
CA GLU C 973 -18.70 9.06 40.66
C GLU C 973 -19.78 9.62 41.56
N GLY C 974 -19.52 9.70 42.87
CA GLY C 974 -20.50 10.28 43.77
C GLY C 974 -20.76 11.74 43.49
N GLU C 975 -19.71 12.50 43.22
CA GLU C 975 -19.88 13.90 42.85
C GLU C 975 -20.64 14.04 41.54
N LEU C 976 -20.37 13.14 40.59
CA LEU C 976 -21.12 13.16 39.33
C LEU C 976 -22.60 12.91 39.54
N ALA C 977 -22.94 11.92 40.37
CA ALA C 977 -24.34 11.65 40.67
C ALA C 977 -24.99 12.84 41.37
N GLY C 978 -24.28 13.43 42.34
CA GLY C 978 -24.84 14.58 43.03
C GLY C 978 -25.08 15.76 42.12
N LEU C 979 -24.15 16.01 41.19
CA LEU C 979 -24.34 17.10 40.24
C LEU C 979 -25.44 16.81 39.25
N LEU C 980 -25.61 15.53 38.87
CA LEU C 980 -26.76 15.17 38.04
C LEU C 980 -28.07 15.43 38.76
N GLY C 981 -28.11 15.17 40.07
CA GLY C 981 -29.31 15.46 40.83
C GLY C 981 -29.53 16.94 41.11
N SER C 982 -28.50 17.77 40.94
CA SER C 982 -28.56 19.17 41.34
C SER C 982 -28.62 20.14 40.17
N THR C 983 -28.87 19.64 38.95
CA THR C 983 -28.92 20.52 37.79
C THR C 983 -30.16 21.41 37.83
N LEU C 984 -30.06 22.59 37.14
CA LEU C 984 -31.17 23.53 37.21
C LEU C 984 -32.06 23.43 35.97
N PRO C 985 -33.36 23.79 36.11
CA PRO C 985 -34.30 23.56 35.02
C PRO C 985 -34.04 24.38 33.76
N ASN C 986 -34.84 24.14 32.73
CA ASN C 986 -34.74 24.87 31.47
C ASN C 986 -35.58 26.14 31.54
N ARG C 987 -35.82 26.76 30.38
CA ARG C 987 -36.58 28.02 30.35
C ARG C 987 -38.04 27.83 30.75
N ASP C 988 -38.54 26.59 30.72
CA ASP C 988 -39.92 26.32 31.12
C ASP C 988 -40.03 25.89 32.59
N GLY C 989 -38.93 25.88 33.33
CA GLY C 989 -38.98 25.49 34.72
C GLY C 989 -39.14 24.00 34.96
N GLU C 990 -38.77 23.17 34.00
CA GLU C 990 -38.88 21.72 34.14
C GLU C 990 -37.53 21.08 33.88
N VAL C 991 -37.34 19.89 34.42
CA VAL C 991 -36.09 19.14 34.29
C VAL C 991 -36.28 18.06 33.22
N MET C 992 -35.39 18.05 32.23
CA MET C 992 -35.49 17.10 31.13
C MET C 992 -34.72 15.81 31.40
N VAL C 993 -33.69 15.86 32.25
CA VAL C 993 -32.87 14.70 32.58
C VAL C 993 -32.90 14.51 34.09
N ASP C 994 -33.25 13.32 34.53
CA ASP C 994 -33.40 13.04 35.95
C ASP C 994 -32.04 12.72 36.56
N ALA C 995 -32.03 12.31 37.83
CA ALA C 995 -30.80 12.08 38.56
C ALA C 995 -29.98 10.91 38.04
N ASP C 996 -30.56 10.06 37.20
CA ASP C 996 -29.83 8.92 36.64
C ASP C 996 -29.20 9.23 35.29
N GLY C 997 -29.37 10.45 34.78
CA GLY C 997 -28.84 10.78 33.48
C GLY C 997 -29.62 10.24 32.32
N LYS C 998 -30.93 10.08 32.47
CA LYS C 998 -31.78 9.50 31.43
C LYS C 998 -32.98 10.43 31.19
N SER C 999 -33.46 10.41 29.94
CA SER C 999 -34.57 11.26 29.53
C SER C 999 -35.57 10.43 28.72
N THR C 1000 -36.83 10.90 28.73
CA THR C 1000 -37.90 10.25 27.99
C THR C 1000 -37.98 10.87 26.60
N LEU C 1001 -37.43 10.17 25.61
CA LEU C 1001 -37.39 10.66 24.25
C LEU C 1001 -38.64 10.24 23.49
N PHE C 1002 -39.01 11.05 22.50
CA PHE C 1002 -40.10 10.73 21.59
C PHE C 1002 -39.54 10.22 20.27
N ASP C 1003 -40.36 9.47 19.55
CA ASP C 1003 -39.96 8.97 18.24
C ASP C 1003 -40.29 10.00 17.18
N GLY C 1004 -39.29 10.36 16.37
CA GLY C 1004 -39.49 11.39 15.37
C GLY C 1004 -40.46 10.99 14.28
N ARG C 1005 -40.33 9.76 13.76
CA ARG C 1005 -41.12 9.31 12.63
C ARG C 1005 -42.38 8.56 13.03
N SER C 1006 -42.65 8.41 14.32
CA SER C 1006 -43.86 7.74 14.76
C SER C 1006 -44.67 8.57 15.74
N GLY C 1007 -44.02 9.33 16.61
CA GLY C 1007 -44.69 10.19 17.57
C GLY C 1007 -44.86 9.58 18.95
N GLU C 1008 -44.87 8.26 19.04
CA GLU C 1008 -45.01 7.62 20.34
C GLU C 1008 -43.70 7.72 21.12
N PRO C 1009 -43.75 8.04 22.41
CA PRO C 1009 -42.54 8.06 23.22
C PRO C 1009 -41.94 6.66 23.33
N PHE C 1010 -40.62 6.60 23.41
CA PHE C 1010 -39.95 5.33 23.59
C PHE C 1010 -40.33 4.74 24.95
N PRO C 1011 -40.51 3.42 25.05
CA PRO C 1011 -41.04 2.84 26.30
C PRO C 1011 -40.15 3.05 27.50
N TYR C 1012 -38.85 3.24 27.31
CA TYR C 1012 -37.92 3.36 28.42
C TYR C 1012 -37.10 4.63 28.29
N PRO C 1013 -36.66 5.21 29.42
CA PRO C 1013 -35.79 6.38 29.36
C PRO C 1013 -34.45 6.05 28.73
N VAL C 1014 -33.90 7.03 28.02
CA VAL C 1014 -32.68 6.88 27.24
C VAL C 1014 -31.62 7.83 27.78
N THR C 1015 -30.38 7.36 27.85
CA THR C 1015 -29.26 8.20 28.27
C THR C 1015 -28.99 9.27 27.22
N VAL C 1016 -29.05 10.54 27.63
CA VAL C 1016 -28.74 11.66 26.75
C VAL C 1016 -27.74 12.56 27.46
N GLY C 1017 -27.00 13.30 26.66
CA GLY C 1017 -26.02 14.23 27.22
C GLY C 1017 -25.31 14.99 26.13
N TYR C 1018 -24.18 15.59 26.48
CA TYR C 1018 -23.35 16.33 25.54
C TYR C 1018 -21.99 15.67 25.46
N MET C 1019 -21.58 15.26 24.26
CA MET C 1019 -20.28 14.64 24.05
C MET C 1019 -19.48 15.47 23.07
N TYR C 1020 -18.17 15.53 23.30
CA TYR C 1020 -17.25 16.29 22.45
C TYR C 1020 -16.67 15.33 21.41
N ILE C 1021 -17.08 15.50 20.16
CA ILE C 1021 -16.65 14.58 19.10
C ILE C 1021 -15.79 15.33 18.09
N LEU C 1022 -14.90 14.58 17.45
CA LEU C 1022 -13.89 15.10 16.55
C LEU C 1022 -14.11 14.55 15.15
N LYS C 1023 -13.87 15.39 14.14
CA LYS C 1023 -13.96 14.97 12.74
C LYS C 1023 -12.57 14.59 12.27
N LEU C 1024 -12.35 13.29 12.07
CA LEU C 1024 -11.04 12.78 11.70
C LEU C 1024 -10.76 12.99 10.22
N HIS C 1025 -9.49 12.88 9.87
CA HIS C 1025 -9.04 13.13 8.49
C HIS C 1025 -9.10 11.87 7.64
N HIS C 1026 -10.26 11.21 7.63
CA HIS C 1026 -10.52 10.04 6.80
C HIS C 1026 -11.86 10.26 6.12
N LEU C 1027 -11.83 10.91 4.97
CA LEU C 1027 -13.04 11.32 4.26
C LEU C 1027 -13.20 10.49 2.99
N VAL C 1028 -14.46 10.18 2.65
CA VAL C 1028 -14.73 9.34 1.49
C VAL C 1028 -14.26 10.01 0.20
N ASP C 1029 -14.24 11.35 0.17
CA ASP C 1029 -13.80 12.06 -1.02
C ASP C 1029 -12.38 11.70 -1.41
N ASP C 1030 -11.55 11.35 -0.42
CA ASP C 1030 -10.18 10.93 -0.67
C ASP C 1030 -10.02 9.42 -0.79
N LYS C 1031 -11.10 8.66 -0.57
CA LYS C 1031 -11.04 7.21 -0.60
C LYS C 1031 -11.65 6.58 -1.84
N ILE C 1032 -12.70 7.19 -2.40
CA ILE C 1032 -13.42 6.58 -3.51
C ILE C 1032 -12.55 6.60 -4.76
N HIS C 1033 -12.48 5.46 -5.45
CA HIS C 1033 -11.71 5.34 -6.67
C HIS C 1033 -12.32 4.23 -7.52
N ALA C 1034 -12.37 4.46 -8.83
CA ALA C 1034 -12.84 3.45 -9.77
C ALA C 1034 -12.11 3.65 -11.09
N ARG C 1035 -12.01 2.57 -11.86
CA ARG C 1035 -11.33 2.60 -13.14
C ARG C 1035 -11.88 1.52 -14.05
N SER C 1036 -11.96 1.84 -15.34
CA SER C 1036 -12.26 0.87 -16.38
C SER C 1036 -11.05 0.55 -17.24
N THR C 1037 -10.30 1.57 -17.65
CA THR C 1037 -9.08 1.40 -18.42
C THR C 1037 -8.24 2.66 -18.25
N GLY C 1038 -6.93 2.47 -18.03
CA GLY C 1038 -6.05 3.58 -17.82
C GLY C 1038 -4.61 3.28 -18.16
N PRO C 1039 -3.68 3.92 -17.45
CA PRO C 1039 -2.26 3.69 -17.70
C PRO C 1039 -1.82 2.29 -17.30
N TYR C 1040 -0.76 1.82 -17.97
CA TYR C 1040 -0.18 0.51 -17.71
C TYR C 1040 1.29 0.65 -17.41
N SER C 1041 1.90 -0.44 -16.97
CA SER C 1041 3.32 -0.47 -16.64
C SER C 1041 4.14 -0.75 -17.90
N MET C 1042 5.47 -0.76 -17.75
CA MET C 1042 6.37 -0.85 -18.91
C MET C 1042 6.90 -2.26 -19.15
N ILE C 1043 7.56 -2.86 -18.15
CA ILE C 1043 8.16 -4.18 -18.35
C ILE C 1043 7.06 -5.23 -18.48
N THR C 1044 6.21 -5.34 -17.47
CA THR C 1044 5.02 -6.19 -17.53
C THR C 1044 3.82 -5.28 -17.75
N GLN C 1045 3.03 -5.58 -18.79
CA GLN C 1045 1.98 -4.68 -19.24
C GLN C 1045 0.77 -4.77 -18.32
N GLN C 1046 1.01 -4.46 -17.05
CA GLN C 1046 -0.05 -4.53 -16.05
C GLN C 1046 -0.46 -3.14 -15.58
N PRO C 1047 -1.70 -2.98 -15.16
CA PRO C 1047 -2.16 -1.65 -14.72
C PRO C 1047 -1.37 -1.15 -13.51
N LEU C 1048 -1.24 0.18 -13.43
CA LEU C 1048 -0.58 0.81 -12.31
C LEU C 1048 -1.43 0.69 -11.05
N GLY C 1049 -0.94 1.26 -9.96
CA GLY C 1049 -1.64 1.21 -8.69
C GLY C 1049 -1.67 2.55 -8.02
N GLY C 1050 -2.77 2.82 -7.33
CA GLY C 1050 -2.91 4.06 -6.60
C GLY C 1050 -3.99 4.95 -7.20
N LYS C 1051 -4.66 5.70 -6.33
CA LYS C 1051 -5.68 6.65 -6.79
C LYS C 1051 -5.05 7.78 -7.58
N ALA C 1052 -3.88 8.25 -7.16
CA ALA C 1052 -3.22 9.38 -7.81
C ALA C 1052 -2.75 9.04 -9.23
N GLN C 1053 -2.73 7.77 -9.60
CA GLN C 1053 -2.29 7.36 -10.92
C GLN C 1053 -3.39 6.66 -11.72
N PHE C 1054 -4.63 6.72 -11.25
CA PHE C 1054 -5.75 6.05 -11.89
C PHE C 1054 -5.46 4.55 -12.07
N GLY C 1055 -4.90 3.96 -11.02
CA GLY C 1055 -4.52 2.55 -11.08
C GLY C 1055 -5.65 1.62 -10.71
N GLY C 1056 -5.37 0.32 -10.85
CA GLY C 1056 -6.35 -0.71 -10.58
C GLY C 1056 -6.18 -1.33 -9.19
N GLN C 1057 -7.08 -2.26 -8.90
CA GLN C 1057 -7.08 -2.97 -7.63
C GLN C 1057 -6.37 -4.30 -7.78
N ARG C 1058 -5.51 -4.62 -6.81
CA ARG C 1058 -4.74 -5.85 -6.88
C ARG C 1058 -5.61 -7.05 -6.55
N PHE C 1059 -5.53 -8.08 -7.40
CA PHE C 1059 -6.19 -9.36 -7.17
C PHE C 1059 -5.09 -10.33 -6.77
N GLY C 1060 -4.80 -10.38 -5.47
CA GLY C 1060 -3.65 -11.09 -4.96
C GLY C 1060 -3.83 -12.59 -4.97
N GLU C 1061 -2.90 -13.26 -4.28
CA GLU C 1061 -2.90 -14.71 -4.24
C GLU C 1061 -4.04 -15.25 -3.39
N MET C 1062 -4.40 -14.55 -2.32
CA MET C 1062 -5.51 -14.99 -1.47
C MET C 1062 -6.83 -14.97 -2.23
N GLU C 1063 -7.05 -13.94 -3.04
CA GLU C 1063 -8.25 -13.88 -3.86
C GLU C 1063 -8.26 -15.02 -4.88
N CYS C 1064 -7.08 -15.35 -5.42
CA CYS C 1064 -6.99 -16.50 -6.33
C CYS C 1064 -7.37 -17.79 -5.61
N TRP C 1065 -6.92 -17.95 -4.37
CA TRP C 1065 -7.31 -19.13 -3.60
C TRP C 1065 -8.81 -19.17 -3.38
N ALA C 1066 -9.42 -18.02 -3.08
CA ALA C 1066 -10.87 -17.97 -2.89
C ALA C 1066 -11.60 -18.36 -4.17
N MET C 1067 -11.14 -17.85 -5.32
CA MET C 1067 -11.76 -18.20 -6.59
C MET C 1067 -11.59 -19.68 -6.90
N GLN C 1068 -10.42 -20.25 -6.62
CA GLN C 1068 -10.21 -21.67 -6.86
C GLN C 1068 -11.10 -22.52 -5.96
N ALA C 1069 -11.27 -22.11 -4.70
CA ALA C 1069 -12.17 -22.84 -3.80
C ALA C 1069 -13.62 -22.74 -4.25
N TYR C 1070 -14.02 -21.58 -4.77
CA TYR C 1070 -15.37 -21.44 -5.30
C TYR C 1070 -15.61 -22.34 -6.50
N GLY C 1071 -14.55 -22.62 -7.27
CA GLY C 1071 -14.69 -23.35 -8.51
C GLY C 1071 -14.90 -22.48 -9.73
N ALA C 1072 -14.73 -21.17 -9.61
CA ALA C 1072 -14.96 -20.23 -10.71
C ALA C 1072 -13.70 -20.15 -11.55
N ALA C 1073 -13.60 -21.03 -12.54
CA ALA C 1073 -12.42 -21.05 -13.40
C ALA C 1073 -12.42 -19.88 -14.39
N TYR C 1074 -13.58 -19.58 -14.98
CA TYR C 1074 -13.64 -18.57 -16.03
C TYR C 1074 -13.43 -17.16 -15.48
N THR C 1075 -14.00 -16.86 -14.32
CA THR C 1075 -13.81 -15.54 -13.73
C THR C 1075 -12.34 -15.30 -13.41
N LEU C 1076 -11.68 -16.30 -12.81
CA LEU C 1076 -10.26 -16.18 -12.50
C LEU C 1076 -9.44 -16.05 -13.77
N GLN C 1077 -9.76 -16.85 -14.80
CA GLN C 1077 -9.00 -16.79 -16.04
C GLN C 1077 -9.10 -15.42 -16.69
N GLU C 1078 -10.32 -14.86 -16.76
CA GLU C 1078 -10.48 -13.56 -17.39
C GLU C 1078 -9.82 -12.46 -16.57
N LEU C 1079 -9.91 -12.55 -15.23
CA LEU C 1079 -9.27 -11.57 -14.37
C LEU C 1079 -7.76 -11.56 -14.59
N LEU C 1080 -7.15 -12.74 -14.71
CA LEU C 1080 -5.71 -12.80 -14.88
C LEU C 1080 -5.30 -12.40 -16.29
N THR C 1081 -6.02 -12.87 -17.31
CA THR C 1081 -5.58 -12.67 -18.69
C THR C 1081 -6.04 -11.33 -19.26
N ILE C 1082 -7.36 -11.14 -19.41
CA ILE C 1082 -7.85 -10.06 -20.27
C ILE C 1082 -8.10 -8.76 -19.53
N LYS C 1083 -7.84 -8.72 -18.22
CA LYS C 1083 -7.92 -7.49 -17.47
C LYS C 1083 -6.56 -6.98 -17.03
N SER C 1084 -5.52 -7.80 -17.11
CA SER C 1084 -4.18 -7.38 -16.69
C SER C 1084 -3.17 -7.42 -17.83
N ASP C 1085 -2.98 -8.56 -18.49
CA ASP C 1085 -1.77 -8.78 -19.27
C ASP C 1085 -2.00 -9.03 -20.76
N ASP C 1086 -3.15 -9.55 -21.16
CA ASP C 1086 -3.37 -9.90 -22.56
C ASP C 1086 -3.48 -8.62 -23.37
N THR C 1087 -2.37 -8.25 -24.03
CA THR C 1087 -2.31 -6.95 -24.71
C THR C 1087 -3.34 -6.85 -25.83
N VAL C 1088 -3.44 -7.88 -26.67
CA VAL C 1088 -4.47 -7.90 -27.70
C VAL C 1088 -5.85 -8.08 -27.08
N GLY C 1089 -5.93 -8.90 -26.03
CA GLY C 1089 -7.22 -9.20 -25.43
C GLY C 1089 -7.91 -7.99 -24.83
N ARG C 1090 -7.15 -7.06 -24.25
CA ARG C 1090 -7.76 -5.87 -23.66
C ARG C 1090 -8.49 -5.05 -24.72
N VAL C 1091 -7.82 -4.75 -25.83
CA VAL C 1091 -8.45 -3.93 -26.86
C VAL C 1091 -9.58 -4.70 -27.54
N LYS C 1092 -9.42 -6.02 -27.73
CA LYS C 1092 -10.50 -6.80 -28.33
C LYS C 1092 -11.72 -6.83 -27.42
N VAL C 1093 -11.52 -6.95 -26.11
CA VAL C 1093 -12.64 -6.94 -25.17
C VAL C 1093 -13.33 -5.59 -25.17
N TYR C 1094 -12.57 -4.50 -25.19
CA TYR C 1094 -13.20 -3.19 -25.23
C TYR C 1094 -14.02 -3.00 -26.50
N GLU C 1095 -13.47 -3.43 -27.65
CA GLU C 1095 -14.21 -3.31 -28.90
C GLU C 1095 -15.47 -4.17 -28.89
N ALA C 1096 -15.38 -5.39 -28.34
CA ALA C 1096 -16.54 -6.26 -28.28
C ALA C 1096 -17.62 -5.69 -27.37
N ILE C 1097 -17.23 -5.12 -26.24
CA ILE C 1097 -18.20 -4.50 -25.34
C ILE C 1097 -18.88 -3.32 -26.01
N VAL C 1098 -18.11 -2.47 -26.69
CA VAL C 1098 -18.68 -1.29 -27.33
C VAL C 1098 -19.62 -1.70 -28.46
N LYS C 1099 -19.19 -2.64 -29.30
CA LYS C 1099 -20.00 -3.05 -30.45
C LYS C 1099 -21.09 -4.05 -30.09
N GLY C 1100 -21.00 -4.67 -28.92
CA GLY C 1100 -22.06 -5.54 -28.44
C GLY C 1100 -21.91 -7.02 -28.73
N GLU C 1101 -20.75 -7.47 -29.19
CA GLU C 1101 -20.54 -8.88 -29.48
C GLU C 1101 -20.13 -9.60 -28.20
N ASN C 1102 -19.82 -10.90 -28.34
CA ASN C 1102 -19.38 -11.70 -27.21
C ASN C 1102 -17.92 -11.40 -26.87
N ILE C 1103 -17.57 -11.64 -25.62
CA ILE C 1103 -16.18 -11.45 -25.19
C ILE C 1103 -15.31 -12.54 -25.80
N PRO C 1104 -14.21 -12.20 -26.48
CA PRO C 1104 -13.39 -13.23 -27.12
C PRO C 1104 -12.60 -14.03 -26.11
N GLU C 1105 -11.99 -15.10 -26.59
CA GLU C 1105 -11.20 -15.97 -25.73
C GLU C 1105 -9.89 -15.29 -25.33
N PRO C 1106 -9.41 -15.56 -24.12
CA PRO C 1106 -8.16 -14.95 -23.66
C PRO C 1106 -6.95 -15.51 -24.42
N GLY C 1107 -5.85 -14.78 -24.33
CA GLY C 1107 -4.61 -15.20 -24.95
C GLY C 1107 -3.57 -15.66 -23.95
N ILE C 1108 -2.34 -15.19 -24.11
CA ILE C 1108 -1.22 -15.52 -23.23
C ILE C 1108 -0.81 -14.26 -22.48
N PRO C 1109 -0.73 -14.29 -21.15
CA PRO C 1109 -0.27 -13.10 -20.43
C PRO C 1109 1.17 -12.75 -20.76
N GLU C 1110 1.46 -11.45 -20.75
CA GLU C 1110 2.81 -10.97 -21.07
C GLU C 1110 3.80 -11.31 -19.97
N SER C 1111 3.34 -11.42 -18.73
CA SER C 1111 4.24 -11.73 -17.63
C SER C 1111 4.90 -13.08 -17.80
N PHE C 1112 4.18 -14.05 -18.38
CA PHE C 1112 4.78 -15.35 -18.62
C PHE C 1112 5.93 -15.27 -19.62
N LYS C 1113 5.75 -14.47 -20.68
CA LYS C 1113 6.82 -14.29 -21.65
C LYS C 1113 8.00 -13.56 -21.05
N VAL C 1114 7.74 -12.56 -20.20
CA VAL C 1114 8.82 -11.88 -19.48
C VAL C 1114 9.58 -12.87 -18.61
N LEU C 1115 8.86 -13.76 -17.91
CA LEU C 1115 9.50 -14.77 -17.09
C LEU C 1115 10.35 -15.71 -17.93
N LEU C 1116 9.85 -16.11 -19.09
CA LEU C 1116 10.62 -17.00 -19.96
C LEU C 1116 11.90 -16.34 -20.44
N LYS C 1117 11.82 -15.06 -20.81
CA LYS C 1117 13.03 -14.34 -21.21
C LYS C 1117 14.02 -14.21 -20.07
N GLU C 1118 13.52 -13.92 -18.85
CA GLU C 1118 14.40 -13.81 -17.71
C GLU C 1118 15.05 -15.15 -17.36
N LEU C 1119 14.35 -16.25 -17.58
CA LEU C 1119 14.93 -17.56 -17.37
C LEU C 1119 15.98 -17.89 -18.43
N GLN C 1120 15.70 -17.54 -19.69
CA GLN C 1120 16.67 -17.78 -20.75
C GLN C 1120 17.94 -16.95 -20.55
N SER C 1121 17.82 -15.75 -20.01
CA SER C 1121 18.98 -14.92 -19.77
C SER C 1121 19.89 -15.48 -18.68
N LEU C 1122 19.44 -16.47 -17.92
CA LEU C 1122 20.25 -17.15 -16.91
C LEU C 1122 20.84 -18.44 -17.43
N CYS C 1123 20.99 -18.58 -18.75
CA CYS C 1123 21.53 -19.78 -19.38
C CYS C 1123 20.67 -21.01 -19.05
N LEU C 1124 19.37 -20.83 -19.00
CA LEU C 1124 18.42 -21.92 -18.80
C LEU C 1124 17.61 -22.11 -20.08
N ASN C 1125 17.54 -23.34 -20.56
CA ASN C 1125 16.89 -23.65 -21.82
C ASN C 1125 15.44 -24.02 -21.55
N VAL C 1126 14.60 -23.00 -21.39
CA VAL C 1126 13.17 -23.18 -21.17
C VAL C 1126 12.47 -23.12 -22.53
N GLU C 1127 11.72 -24.16 -22.86
CA GLU C 1127 11.03 -24.24 -24.13
C GLU C 1127 9.67 -24.90 -23.94
N VAL C 1128 8.67 -24.35 -24.63
CA VAL C 1128 7.31 -24.89 -24.57
C VAL C 1128 7.16 -25.94 -25.66
N LEU C 1129 6.68 -27.12 -25.27
CA LEU C 1129 6.54 -28.26 -26.16
C LEU C 1129 5.08 -28.50 -26.48
N SER C 1130 4.77 -28.72 -27.75
CA SER C 1130 3.43 -29.05 -28.17
C SER C 1130 3.19 -30.54 -27.97
N SER C 1131 2.03 -31.04 -28.41
CA SER C 1131 1.71 -32.45 -28.23
C SER C 1131 2.61 -33.33 -29.06
N ASP C 1132 2.99 -32.88 -30.25
CA ASP C 1132 3.90 -33.67 -31.09
C ASP C 1132 5.26 -33.83 -30.45
N GLY C 1133 5.78 -32.76 -29.85
CA GLY C 1133 7.10 -32.78 -29.26
C GLY C 1133 8.01 -31.71 -29.79
N ALA C 1134 7.46 -30.85 -30.65
CA ALA C 1134 8.22 -29.74 -31.21
C ALA C 1134 8.25 -28.57 -30.22
N ALA C 1135 8.85 -27.47 -30.63
CA ALA C 1135 8.97 -26.27 -29.80
C ALA C 1135 8.07 -25.17 -30.36
N ILE C 1136 7.30 -24.55 -29.49
CA ILE C 1136 6.37 -23.48 -29.88
C ILE C 1136 7.07 -22.15 -29.71
N GLU C 1137 7.21 -21.41 -30.81
CA GLU C 1137 7.86 -20.11 -30.76
C GLU C 1137 6.94 -19.07 -30.11
N MET C 1138 7.53 -18.20 -29.29
CA MET C 1138 6.80 -17.15 -28.59
C MET C 1138 6.93 -15.80 -29.29
N ARG C 1139 7.28 -15.80 -30.57
CA ARG C 1139 7.50 -14.57 -31.35
C ARG C 1139 6.30 -14.21 -32.20
N ASP C 1140 5.09 -14.44 -31.70
CA ASP C 1140 3.89 -14.09 -32.44
C ASP C 1140 3.82 -12.58 -32.66
N GLY C 1141 3.44 -12.19 -33.88
CA GLY C 1141 3.35 -10.78 -34.24
C GLY C 1141 3.98 -10.47 -35.58
N MET D 1 2.54 -18.99 -28.19
CA MET D 1 2.16 -17.84 -28.99
C MET D 1 0.65 -17.63 -28.97
N LEU D 2 -0.10 -18.67 -29.32
CA LEU D 2 -1.55 -18.65 -29.30
C LEU D 2 -2.07 -20.01 -28.87
N ASP D 3 -3.33 -20.04 -28.45
CA ASP D 3 -4.00 -21.29 -28.08
C ASP D 3 -3.27 -22.00 -26.94
N VAL D 4 -3.35 -21.37 -25.77
CA VAL D 4 -2.75 -21.92 -24.55
C VAL D 4 -3.11 -23.39 -24.36
N ASN D 5 -4.25 -23.82 -24.89
CA ASN D 5 -4.64 -25.23 -24.81
C ASN D 5 -3.73 -26.14 -25.62
N PHE D 6 -2.89 -25.59 -26.50
CA PHE D 6 -1.95 -26.38 -27.28
C PHE D 6 -0.62 -26.60 -26.59
N PHE D 7 -0.42 -26.03 -25.40
CA PHE D 7 0.81 -26.21 -24.65
C PHE D 7 0.74 -27.55 -23.92
N ASP D 8 1.62 -28.48 -24.30
CA ASP D 8 1.63 -29.80 -23.69
C ASP D 8 2.62 -29.92 -22.53
N GLU D 9 3.81 -29.35 -22.66
CA GLU D 9 4.82 -29.45 -21.62
C GLU D 9 5.64 -28.17 -21.59
N LEU D 10 6.34 -27.98 -20.49
CA LEU D 10 7.27 -26.86 -20.30
C LEU D 10 8.58 -27.45 -19.78
N ARG D 11 9.54 -27.63 -20.68
CA ARG D 11 10.79 -28.30 -20.36
C ARG D 11 11.89 -27.29 -20.04
N ILE D 12 12.75 -27.67 -19.11
CA ILE D 12 13.88 -26.84 -18.69
C ILE D 12 15.14 -27.68 -18.73
N GLY D 13 16.27 -27.02 -18.93
CA GLY D 13 17.54 -27.73 -18.98
C GLY D 13 18.68 -26.74 -19.13
N LEU D 14 19.89 -27.29 -19.08
CA LEU D 14 21.09 -26.47 -19.25
C LEU D 14 21.22 -26.00 -20.69
N ALA D 15 21.69 -24.76 -20.85
CA ALA D 15 21.89 -24.16 -22.17
C ALA D 15 23.38 -24.17 -22.49
N THR D 16 23.74 -24.79 -23.62
CA THR D 16 25.12 -24.81 -24.07
C THR D 16 25.43 -23.54 -24.84
N ALA D 17 26.68 -23.40 -25.25
CA ALA D 17 27.09 -22.22 -26.00
C ALA D 17 26.38 -22.16 -27.35
N ASP D 18 26.16 -23.31 -27.99
CA ASP D 18 25.48 -23.33 -29.27
C ASP D 18 24.05 -22.79 -29.15
N ASP D 19 23.32 -23.20 -28.10
CA ASP D 19 21.97 -22.67 -27.92
C ASP D 19 22.01 -21.17 -27.63
N ILE D 20 22.99 -20.72 -26.84
CA ILE D 20 23.08 -19.31 -26.50
C ILE D 20 23.32 -18.47 -27.75
N ARG D 21 24.21 -18.91 -28.63
CA ARG D 21 24.47 -18.16 -29.85
C ARG D 21 23.48 -18.46 -30.97
N ASN D 22 22.58 -19.44 -30.77
CA ASN D 22 21.46 -19.59 -31.69
C ASN D 22 20.27 -18.72 -31.30
N TRP D 23 20.12 -18.44 -30.01
CA TRP D 23 19.08 -17.49 -29.60
C TRP D 23 19.39 -16.08 -30.08
N SER D 24 20.66 -15.70 -30.08
CA SER D 24 21.05 -14.30 -30.28
C SER D 24 20.93 -13.88 -31.74
N TYR D 25 20.59 -12.62 -31.95
CA TYR D 25 20.61 -12.00 -33.27
C TYR D 25 21.88 -11.22 -33.53
N GLY D 26 22.83 -11.24 -32.62
CA GLY D 26 24.08 -10.52 -32.80
C GLY D 26 24.84 -10.46 -31.49
N GLU D 27 26.08 -9.98 -31.59
CA GLU D 27 26.97 -9.86 -30.45
C GLU D 27 27.16 -8.40 -30.11
N VAL D 28 27.02 -8.07 -28.82
CA VAL D 28 27.25 -6.70 -28.36
C VAL D 28 28.73 -6.55 -28.01
N LYS D 29 29.34 -5.47 -28.51
CA LYS D 29 30.78 -5.29 -28.40
C LYS D 29 31.19 -4.03 -27.64
N LYS D 30 30.26 -3.12 -27.36
CA LYS D 30 30.60 -1.87 -26.70
C LYS D 30 29.70 -1.65 -25.50
N PRO D 31 30.24 -1.14 -24.40
CA PRO D 31 29.43 -0.81 -23.21
C PRO D 31 28.71 0.53 -23.33
N GLU D 32 28.08 0.77 -24.47
CA GLU D 32 27.39 2.01 -24.74
C GLU D 32 25.89 1.75 -24.85
N THR D 33 25.09 2.70 -24.39
CA THR D 33 23.64 2.56 -24.41
C THR D 33 22.98 3.55 -25.37
N ILE D 34 23.17 4.85 -25.16
CA ILE D 34 22.60 5.89 -26.01
C ILE D 34 23.63 6.97 -26.22
N ASN D 35 23.45 7.74 -27.29
CA ASN D 35 24.31 8.87 -27.58
C ASN D 35 23.94 10.04 -26.67
N TYR D 36 24.95 10.67 -26.07
CA TYR D 36 24.70 11.75 -25.13
C TYR D 36 24.12 12.99 -25.77
N ARG D 37 24.18 13.10 -27.10
CA ARG D 37 23.76 14.30 -27.82
C ARG D 37 22.41 14.12 -28.50
N THR D 38 22.26 13.09 -29.32
CA THR D 38 21.01 12.86 -30.04
C THR D 38 20.04 11.95 -29.29
N LEU D 39 20.46 11.40 -28.14
CA LEU D 39 19.64 10.47 -27.37
C LEU D 39 19.15 9.32 -28.23
N LYS D 40 20.04 8.80 -29.07
CA LYS D 40 19.74 7.74 -30.01
C LYS D 40 20.64 6.54 -29.73
N PRO D 41 20.13 5.32 -29.85
CA PRO D 41 20.94 4.14 -29.55
C PRO D 41 22.20 4.08 -30.41
N GLU D 42 23.30 3.64 -29.80
CA GLU D 42 24.57 3.53 -30.48
C GLU D 42 24.57 2.27 -31.35
N LYS D 43 25.73 1.94 -31.92
CA LYS D 43 25.88 0.75 -32.74
C LYS D 43 26.75 -0.26 -31.99
N ASP D 44 26.30 -1.51 -31.99
CA ASP D 44 26.96 -2.61 -31.26
C ASP D 44 27.00 -2.37 -29.76
N GLY D 45 26.13 -1.51 -29.25
CA GLY D 45 26.02 -1.27 -27.83
C GLY D 45 24.98 -2.16 -27.17
N LEU D 46 24.53 -1.74 -25.99
CA LEU D 46 23.51 -2.48 -25.27
C LEU D 46 22.11 -2.18 -25.76
N PHE D 47 21.93 -1.21 -26.65
CA PHE D 47 20.62 -0.86 -27.20
C PHE D 47 20.67 -0.77 -28.72
N CYS D 48 21.64 -1.45 -29.33
CA CYS D 48 21.82 -1.35 -30.77
C CYS D 48 20.57 -1.80 -31.52
N GLU D 49 20.15 -1.00 -32.49
CA GLU D 49 18.97 -1.34 -33.28
C GLU D 49 19.25 -2.41 -34.32
N LYS D 50 20.52 -2.55 -34.75
CA LYS D 50 20.84 -3.59 -35.73
C LYS D 50 20.67 -4.98 -35.14
N ILE D 51 20.84 -5.11 -33.82
CA ILE D 51 20.78 -6.42 -33.15
C ILE D 51 19.37 -6.64 -32.61
N PHE D 52 18.88 -5.71 -31.80
CA PHE D 52 17.63 -5.94 -31.07
C PHE D 52 16.40 -5.52 -31.85
N GLY D 53 16.51 -4.50 -32.70
CA GLY D 53 15.39 -4.09 -33.51
C GLY D 53 15.17 -2.59 -33.51
N PRO D 54 14.27 -2.11 -34.38
CA PRO D 54 14.04 -0.67 -34.49
C PRO D 54 13.30 -0.12 -33.29
N THR D 55 13.64 1.11 -32.90
CA THR D 55 12.89 1.79 -31.86
C THR D 55 11.56 2.32 -32.38
N ARG D 56 11.50 2.72 -33.64
CA ARG D 56 10.28 3.14 -34.29
C ARG D 56 9.64 1.97 -35.02
N ASP D 57 8.46 2.20 -35.57
CA ASP D 57 7.76 1.20 -36.36
C ASP D 57 8.05 1.42 -37.85
N TRP D 58 8.50 0.37 -38.53
CA TRP D 58 8.75 0.39 -39.97
C TRP D 58 9.76 1.46 -40.36
N GLU D 59 10.73 1.73 -39.49
CA GLU D 59 11.77 2.73 -39.77
C GLU D 59 13.13 2.16 -39.42
N CYS D 60 14.10 2.38 -40.30
CA CYS D 60 15.46 1.93 -40.04
C CYS D 60 16.24 3.01 -39.31
N TYR D 61 17.55 2.76 -39.09
CA TYR D 61 18.35 3.68 -38.29
C TYR D 61 18.67 4.96 -39.05
N CYS D 62 19.01 4.84 -40.33
CA CYS D 62 19.39 6.01 -41.13
C CYS D 62 18.21 6.66 -41.82
N GLY D 63 17.00 6.11 -41.67
CA GLY D 63 15.81 6.74 -42.21
C GLY D 63 15.59 6.54 -43.70
N LYS D 64 16.35 5.68 -44.35
CA LYS D 64 16.14 5.45 -45.78
C LYS D 64 14.79 4.80 -46.05
N TYR D 65 14.39 3.85 -45.21
CA TYR D 65 13.13 3.13 -45.37
C TYR D 65 12.19 3.52 -44.22
N LYS D 66 11.05 4.11 -44.57
CA LYS D 66 10.07 4.56 -43.59
C LYS D 66 8.65 4.25 -44.04
N ARG D 67 8.42 3.05 -44.57
CA ARG D 67 7.09 2.70 -45.06
C ARG D 67 6.82 1.23 -44.81
N VAL D 68 5.53 0.90 -44.66
CA VAL D 68 5.12 -0.47 -44.41
C VAL D 68 5.38 -1.37 -45.62
N ARG D 69 5.46 -0.79 -46.83
CA ARG D 69 5.73 -1.59 -48.02
C ARG D 69 7.09 -2.28 -47.93
N PHE D 70 8.04 -1.69 -47.21
CA PHE D 70 9.34 -2.31 -46.97
C PHE D 70 9.26 -3.18 -45.71
N LYS D 71 8.55 -4.29 -45.85
CA LYS D 71 8.37 -5.22 -44.75
C LYS D 71 9.24 -6.45 -44.97
N GLY D 72 10.00 -6.81 -43.95
CA GLY D 72 10.84 -7.99 -44.01
C GLY D 72 12.17 -7.82 -44.69
N ILE D 73 12.53 -6.61 -45.09
CA ILE D 73 13.81 -6.34 -45.73
C ILE D 73 14.76 -5.73 -44.71
N ILE D 74 16.04 -5.72 -45.04
CA ILE D 74 17.09 -5.17 -44.19
C ILE D 74 17.76 -4.04 -44.96
N CYS D 75 17.87 -2.87 -44.31
CA CYS D 75 18.53 -1.74 -44.95
C CYS D 75 19.99 -2.06 -45.23
N GLU D 76 20.43 -1.75 -46.44
CA GLU D 76 21.78 -2.10 -46.87
C GLU D 76 22.85 -1.19 -46.29
N ARG D 77 22.47 -0.07 -45.67
CA ARG D 77 23.43 0.88 -45.12
C ARG D 77 23.57 0.77 -43.61
N CYS D 78 22.46 0.86 -42.88
CA CYS D 78 22.51 0.77 -41.42
C CYS D 78 22.32 -0.65 -40.90
N GLY D 79 21.82 -1.57 -41.73
CA GLY D 79 21.66 -2.95 -41.33
C GLY D 79 20.48 -3.24 -40.43
N VAL D 80 19.59 -2.27 -40.24
CA VAL D 80 18.43 -2.45 -39.36
C VAL D 80 17.27 -2.99 -40.18
N GLU D 81 16.68 -4.09 -39.71
CA GLU D 81 15.50 -4.63 -40.35
C GLU D 81 14.32 -3.67 -40.16
N VAL D 82 13.43 -3.64 -41.14
CA VAL D 82 12.28 -2.76 -41.13
C VAL D 82 11.08 -3.58 -40.67
N THR D 83 10.73 -3.46 -39.39
CA THR D 83 9.63 -4.23 -38.82
C THR D 83 9.06 -3.42 -37.65
N ARG D 84 8.21 -4.07 -36.85
CA ARG D 84 7.58 -3.42 -35.71
C ARG D 84 8.60 -3.20 -34.60
N ALA D 85 8.31 -2.23 -33.74
CA ALA D 85 9.17 -1.91 -32.62
C ALA D 85 8.96 -2.82 -31.42
N LYS D 86 7.97 -3.71 -31.46
CA LYS D 86 7.73 -4.62 -30.36
C LYS D 86 8.65 -5.81 -30.35
N VAL D 87 9.49 -5.97 -31.38
CA VAL D 87 10.47 -7.05 -31.39
C VAL D 87 11.65 -6.77 -30.47
N ARG D 88 11.76 -5.55 -29.94
CA ARG D 88 12.84 -5.22 -29.03
C ARG D 88 12.69 -5.88 -27.67
N ARG D 89 11.55 -6.50 -27.38
CA ARG D 89 11.38 -7.30 -26.17
C ARG D 89 11.30 -8.79 -26.47
N GLU D 90 11.78 -9.21 -27.64
CA GLU D 90 11.81 -10.61 -28.01
C GLU D 90 13.16 -11.08 -28.55
N ARG D 91 14.08 -10.18 -28.85
CA ARG D 91 15.37 -10.53 -29.43
C ARG D 91 16.47 -10.38 -28.39
N MET D 92 17.29 -11.40 -28.24
CA MET D 92 18.38 -11.42 -27.28
C MET D 92 19.72 -11.28 -27.99
N GLY D 93 20.73 -10.85 -27.24
CA GLY D 93 22.09 -10.79 -27.73
C GLY D 93 22.98 -11.79 -27.02
N HIS D 94 24.27 -11.74 -27.34
CA HIS D 94 25.23 -12.56 -26.63
C HIS D 94 26.59 -11.89 -26.60
N ILE D 95 27.37 -12.22 -25.58
CA ILE D 95 28.72 -11.72 -25.39
C ILE D 95 29.67 -12.90 -25.46
N GLU D 96 30.68 -12.79 -26.32
CA GLU D 96 31.68 -13.85 -26.49
C GLU D 96 32.82 -13.58 -25.52
N LEU D 97 32.88 -14.37 -24.44
CA LEU D 97 33.92 -14.20 -23.44
C LEU D 97 35.28 -14.61 -24.00
N ALA D 98 36.31 -13.88 -23.58
CA ALA D 98 37.68 -14.21 -23.98
C ALA D 98 38.28 -15.31 -23.12
N ALA D 99 37.59 -15.73 -22.05
CA ALA D 99 38.03 -16.80 -21.18
C ALA D 99 36.79 -17.45 -20.59
N PRO D 100 36.76 -18.78 -20.48
CA PRO D 100 35.57 -19.45 -19.92
C PRO D 100 35.32 -19.02 -18.49
N VAL D 101 34.04 -18.96 -18.13
CA VAL D 101 33.59 -18.57 -16.81
C VAL D 101 32.57 -19.58 -16.31
N THR D 102 32.73 -20.05 -15.08
CA THR D 102 31.79 -20.99 -14.50
C THR D 102 30.49 -20.30 -14.11
N HIS D 103 29.40 -21.06 -14.08
CA HIS D 103 28.11 -20.55 -13.65
C HIS D 103 28.06 -20.53 -12.13
N ILE D 104 27.63 -19.41 -11.56
CA ILE D 104 27.66 -19.24 -10.12
C ILE D 104 26.68 -20.19 -9.43
N TRP D 105 25.58 -20.53 -10.09
CA TRP D 105 24.57 -21.40 -9.48
C TRP D 105 25.13 -22.78 -9.19
N TYR D 106 25.91 -23.33 -10.12
CA TYR D 106 26.38 -24.71 -10.03
C TYR D 106 27.71 -24.84 -9.30
N PHE D 107 28.26 -23.75 -8.79
CA PHE D 107 29.47 -23.79 -7.97
C PHE D 107 29.19 -23.36 -6.53
N LYS D 108 28.61 -22.18 -6.34
CA LYS D 108 28.36 -21.65 -5.00
C LYS D 108 26.94 -22.01 -4.55
N GLY D 109 26.68 -23.30 -4.49
CA GLY D 109 25.39 -23.79 -4.04
C GLY D 109 25.57 -24.79 -2.91
N VAL D 110 24.49 -24.99 -2.17
CA VAL D 110 24.46 -25.94 -1.06
C VAL D 110 23.43 -27.02 -1.38
N PRO D 111 23.88 -28.22 -1.76
CA PRO D 111 25.29 -28.58 -1.91
C PRO D 111 25.86 -28.18 -3.27
N SER D 112 27.18 -28.02 -3.35
CA SER D 112 27.81 -27.69 -4.61
C SER D 112 27.70 -28.86 -5.57
N ARG D 113 27.28 -28.58 -6.81
CA ARG D 113 27.11 -29.63 -7.80
C ARG D 113 28.39 -29.92 -8.56
N LEU D 114 29.21 -28.91 -8.84
CA LEU D 114 30.53 -29.16 -9.42
C LEU D 114 31.40 -29.97 -8.47
N GLY D 115 31.32 -29.68 -7.17
CA GLY D 115 32.09 -30.43 -6.21
C GLY D 115 31.67 -31.89 -6.14
N TYR D 116 30.36 -32.16 -6.17
CA TYR D 116 29.89 -33.53 -6.20
C TYR D 116 30.29 -34.23 -7.49
N LEU D 117 30.20 -33.53 -8.63
CA LEU D 117 30.52 -34.16 -9.90
C LEU D 117 32.00 -34.50 -10.00
N LEU D 118 32.87 -33.59 -9.56
CA LEU D 118 34.32 -33.77 -9.71
C LEU D 118 34.98 -34.31 -8.44
N ASP D 119 34.22 -34.58 -7.39
CA ASP D 119 34.75 -35.06 -6.11
C ASP D 119 35.82 -34.10 -5.59
N LEU D 120 35.50 -32.81 -5.61
CA LEU D 120 36.37 -31.76 -5.11
C LEU D 120 35.66 -30.99 -4.01
N ALA D 121 36.39 -30.64 -2.95
CA ALA D 121 35.81 -29.84 -1.89
C ALA D 121 35.50 -28.44 -2.40
N PRO D 122 34.47 -27.79 -1.84
CA PRO D 122 34.16 -26.42 -2.29
C PRO D 122 35.31 -25.44 -2.11
N LYS D 123 36.11 -25.61 -1.07
CA LYS D 123 37.29 -24.75 -0.90
C LYS D 123 38.29 -24.94 -2.03
N ASP D 124 38.49 -26.18 -2.47
CA ASP D 124 39.37 -26.44 -3.60
C ASP D 124 38.84 -25.80 -4.87
N LEU D 125 37.53 -25.90 -5.11
CA LEU D 125 36.95 -25.26 -6.28
C LEU D 125 37.11 -23.74 -6.22
N GLU D 126 36.90 -23.15 -5.05
CA GLU D 126 37.05 -21.70 -4.92
C GLU D 126 38.48 -21.28 -5.15
N LYS D 127 39.44 -22.07 -4.67
CA LYS D 127 40.85 -21.76 -4.92
C LYS D 127 41.19 -21.88 -6.40
N ILE D 128 40.65 -22.90 -7.08
CA ILE D 128 41.01 -23.14 -8.47
C ILE D 128 40.39 -22.09 -9.38
N ILE D 129 39.06 -21.96 -9.35
CA ILE D 129 38.39 -21.14 -10.34
C ILE D 129 38.60 -19.65 -10.12
N TYR D 130 39.06 -19.24 -8.93
CA TYR D 130 39.37 -17.84 -8.67
C TYR D 130 40.87 -17.57 -8.67
N PHE D 131 41.65 -18.43 -9.34
CA PHE D 131 43.07 -18.21 -9.58
C PHE D 131 43.84 -18.03 -8.27
N ALA D 132 43.83 -19.10 -7.48
CA ALA D 132 44.61 -19.17 -6.24
C ALA D 132 45.41 -20.44 -6.09
N ALA D 133 45.19 -21.45 -6.93
CA ALA D 133 45.93 -22.69 -6.85
C ALA D 133 45.86 -23.41 -8.19
N TYR D 134 46.93 -24.11 -8.54
CA TYR D 134 46.98 -24.90 -9.75
C TYR D 134 46.41 -26.29 -9.49
N VAL D 135 45.88 -26.90 -10.55
CA VAL D 135 45.35 -28.26 -10.48
C VAL D 135 45.89 -29.05 -11.65
N ILE D 136 46.31 -30.28 -11.38
CA ILE D 136 46.88 -31.16 -12.40
C ILE D 136 45.72 -31.71 -13.23
N THR D 137 45.63 -31.28 -14.50
CA THR D 137 44.55 -31.75 -15.35
C THR D 137 44.76 -33.21 -15.75
N SER D 138 45.98 -33.56 -16.14
CA SER D 138 46.31 -34.95 -16.47
C SER D 138 47.81 -35.14 -16.32
N VAL D 139 48.21 -36.40 -16.12
CA VAL D 139 49.60 -36.76 -15.94
C VAL D 139 49.88 -38.04 -16.72
N ASP D 140 51.01 -38.07 -17.42
CA ASP D 140 51.42 -39.22 -18.20
C ASP D 140 52.12 -40.20 -17.25
N ASP D 141 51.34 -41.12 -16.69
CA ASP D 141 51.90 -42.08 -15.74
C ASP D 141 52.79 -43.10 -16.43
N GLU D 142 52.46 -43.46 -17.67
CA GLU D 142 53.26 -44.45 -18.39
C GLU D 142 54.68 -43.94 -18.62
N MET D 143 54.83 -42.67 -18.99
CA MET D 143 56.16 -42.11 -19.22
C MET D 143 56.95 -42.03 -17.92
N ARG D 144 56.30 -41.64 -16.82
CA ARG D 144 57.00 -41.53 -15.55
C ARG D 144 57.49 -42.89 -15.06
N HIS D 145 56.69 -43.93 -15.24
CA HIS D 145 57.06 -45.26 -14.76
C HIS D 145 58.19 -45.88 -15.57
N ASN D 146 58.56 -45.29 -16.71
CA ASN D 146 59.65 -45.82 -17.53
C ASN D 146 60.96 -45.08 -17.36
N GLU D 147 60.91 -43.80 -16.96
CA GLU D 147 62.12 -42.99 -16.80
C GLU D 147 62.28 -42.49 -15.37
N LEU D 148 61.68 -43.18 -14.39
CA LEU D 148 61.80 -42.76 -13.00
C LEU D 148 63.22 -42.94 -12.47
N SER D 149 63.93 -43.98 -12.94
CA SER D 149 65.26 -44.26 -12.43
C SER D 149 66.23 -43.13 -12.74
N THR D 150 66.19 -42.63 -13.98
CA THR D 150 67.09 -41.54 -14.36
C THR D 150 66.80 -40.27 -13.56
N LEU D 151 65.52 -39.96 -13.36
CA LEU D 151 65.16 -38.78 -12.59
C LEU D 151 65.62 -38.91 -11.14
N GLU D 152 65.45 -40.10 -10.55
CA GLU D 152 65.92 -40.32 -9.18
C GLU D 152 67.44 -40.20 -9.10
N ALA D 153 68.14 -40.72 -10.11
CA ALA D 153 69.60 -40.59 -10.12
C ALA D 153 70.02 -39.13 -10.21
N GLU D 154 69.33 -38.35 -11.04
CA GLU D 154 69.65 -36.92 -11.14
C GLU D 154 69.36 -36.19 -9.84
N MET D 155 68.26 -36.55 -9.17
CA MET D 155 67.95 -35.94 -7.88
C MET D 155 69.03 -36.26 -6.85
N ALA D 156 69.48 -37.52 -6.83
CA ALA D 156 70.56 -37.91 -5.92
C ALA D 156 71.85 -37.16 -6.25
N VAL D 157 72.11 -36.95 -7.55
CA VAL D 157 73.28 -36.18 -7.96
C VAL D 157 73.19 -34.75 -7.44
N GLU D 158 72.00 -34.14 -7.55
CA GLU D 158 71.83 -32.78 -7.04
C GLU D 158 72.01 -32.72 -5.53
N LYS D 159 71.47 -33.71 -4.81
CA LYS D 159 71.65 -33.76 -3.36
C LYS D 159 73.13 -33.90 -3.00
N LYS D 160 73.86 -34.76 -3.71
CA LYS D 160 75.29 -34.90 -3.46
C LYS D 160 76.03 -33.60 -3.78
N ALA D 161 75.60 -32.89 -4.82
CA ALA D 161 76.24 -31.62 -5.16
C ALA D 161 76.02 -30.58 -4.07
N VAL D 162 74.81 -30.51 -3.52
CA VAL D 162 74.59 -29.56 -2.44
C VAL D 162 75.34 -29.97 -1.18
N GLU D 163 75.49 -31.28 -0.94
CA GLU D 163 76.31 -31.73 0.18
C GLU D 163 77.77 -31.35 -0.02
N ASP D 164 78.26 -31.45 -1.26
CA ASP D 164 79.63 -31.03 -1.56
C ASP D 164 79.81 -29.53 -1.36
N GLN D 165 78.80 -28.74 -1.74
CA GLN D 165 78.85 -27.31 -1.48
C GLN D 165 78.88 -27.03 0.02
N ARG D 166 78.10 -27.78 0.78
CA ARG D 166 78.13 -27.64 2.24
C ARG D 166 79.51 -27.98 2.79
N ASP D 167 80.13 -29.04 2.26
CA ASP D 167 81.48 -29.40 2.70
C ASP D 167 82.49 -28.33 2.34
N ALA D 168 82.34 -27.70 1.16
CA ALA D 168 83.23 -26.61 0.78
C ALA D 168 83.08 -25.42 1.71
N ASP D 169 81.84 -25.08 2.06
CA ASP D 169 81.62 -24.01 3.03
C ASP D 169 82.22 -24.39 4.38
N LEU D 170 82.09 -25.66 4.78
CA LEU D 170 82.68 -26.12 6.03
C LEU D 170 84.19 -25.96 6.02
N GLU D 171 84.83 -26.31 4.91
CA GLU D 171 86.29 -26.19 4.84
C GLU D 171 86.73 -24.74 4.79
N ALA D 172 85.93 -23.86 4.16
CA ALA D 172 86.26 -22.44 4.17
C ALA D 172 86.18 -21.88 5.59
N ARG D 173 85.12 -22.25 6.32
CA ARG D 173 85.01 -21.81 7.72
C ARG D 173 86.14 -22.39 8.55
N ALA D 174 86.53 -23.64 8.29
CA ALA D 174 87.61 -24.26 9.04
C ALA D 174 88.94 -23.56 8.79
N GLN D 175 89.23 -23.20 7.53
CA GLN D 175 90.49 -22.53 7.25
C GLN D 175 90.50 -21.10 7.79
N LYS D 176 89.35 -20.43 7.76
CA LYS D 176 89.28 -19.11 8.40
C LYS D 176 89.47 -19.23 9.91
N LEU D 177 88.93 -20.27 10.53
CA LEU D 177 89.16 -20.50 11.95
C LEU D 177 90.63 -20.83 12.23
N GLU D 178 91.28 -21.55 11.32
CA GLU D 178 92.71 -21.81 11.46
C GLU D 178 93.51 -20.52 11.40
N ALA D 179 93.14 -19.62 10.49
CA ALA D 179 93.78 -18.31 10.44
C ALA D 179 93.54 -17.53 11.73
N ASP D 180 92.32 -17.60 12.26
CA ASP D 180 92.04 -16.95 13.54
C ASP D 180 92.88 -17.53 14.66
N LEU D 181 93.06 -18.86 14.68
CA LEU D 181 93.90 -19.48 15.69
C LEU D 181 95.35 -19.05 15.55
N ALA D 182 95.83 -18.92 14.31
CA ALA D 182 97.19 -18.42 14.10
C ALA D 182 97.32 -17.00 14.60
N GLU D 183 96.32 -16.15 14.36
CA GLU D 183 96.35 -14.79 14.89
C GLU D 183 96.34 -14.79 16.42
N LEU D 184 95.55 -15.67 17.02
CA LEU D 184 95.49 -15.76 18.48
C LEU D 184 96.83 -16.19 19.06
N GLU D 185 97.51 -17.13 18.38
CA GLU D 185 98.82 -17.55 18.83
C GLU D 185 99.91 -16.53 18.49
N ALA D 186 99.63 -15.58 17.62
CA ALA D 186 100.61 -14.55 17.30
C ALA D 186 100.82 -13.60 18.47
N GLU D 187 99.74 -13.09 19.06
CA GLU D 187 99.83 -12.17 20.18
C GLU D 187 98.83 -12.57 21.25
N GLY D 188 99.14 -12.19 22.49
CA GLY D 188 98.31 -12.55 23.64
C GLY D 188 96.88 -12.08 23.54
N ALA D 189 95.94 -12.99 23.80
CA ALA D 189 94.52 -12.70 23.70
C ALA D 189 93.81 -13.14 24.98
N LYS D 190 92.77 -12.40 25.34
CA LYS D 190 91.97 -12.73 26.50
C LYS D 190 91.01 -13.88 26.20
N SER D 191 90.50 -14.50 27.28
CA SER D 191 89.62 -15.66 27.13
C SER D 191 88.26 -15.27 26.58
N ASP D 192 87.74 -14.10 26.95
CA ASP D 192 86.39 -13.71 26.57
C ASP D 192 86.26 -13.58 25.06
N VAL D 193 87.23 -12.95 24.40
CA VAL D 193 87.14 -12.77 22.95
C VAL D 193 87.28 -14.12 22.24
N ARG D 194 88.13 -15.01 22.76
CA ARG D 194 88.26 -16.34 22.16
C ARG D 194 86.94 -17.10 22.27
N ARG D 195 86.29 -17.05 23.43
CA ARG D 195 85.00 -17.70 23.57
C ARG D 195 83.95 -17.09 22.65
N LYS D 196 83.97 -15.76 22.51
CA LYS D 196 83.01 -15.09 21.64
C LYS D 196 83.19 -15.52 20.19
N VAL D 197 84.43 -15.54 19.70
CA VAL D 197 84.66 -15.93 18.31
C VAL D 197 84.36 -17.41 18.12
N ARG D 198 84.64 -18.25 19.12
CA ARG D 198 84.32 -19.66 19.02
C ARG D 198 82.82 -19.88 18.88
N ASP D 199 82.03 -19.21 19.72
CA ASP D 199 80.58 -19.40 19.63
C ASP D 199 80.03 -18.79 18.35
N SER D 200 80.59 -17.68 17.89
CA SER D 200 80.17 -17.11 16.61
C SER D 200 80.42 -18.09 15.46
N GLY D 201 81.60 -18.70 15.43
CA GLY D 201 81.90 -19.66 14.39
C GLY D 201 81.01 -20.90 14.45
N GLU D 202 80.79 -21.41 15.67
CA GLU D 202 79.93 -22.58 15.81
C GLU D 202 78.50 -22.27 15.40
N ARG D 203 77.99 -21.10 15.78
CA ARG D 203 76.64 -20.72 15.37
C ARG D 203 76.55 -20.55 13.86
N GLU D 204 77.57 -19.96 13.23
CA GLU D 204 77.56 -19.81 11.79
C GLU D 204 77.57 -21.16 11.08
N MET D 205 78.40 -22.09 11.56
CA MET D 205 78.45 -23.40 10.93
C MET D 205 77.15 -24.16 11.14
N ARG D 206 76.52 -24.00 12.31
CA ARG D 206 75.21 -24.61 12.52
C ARG D 206 74.15 -23.99 11.62
N GLN D 207 74.23 -22.68 11.38
CA GLN D 207 73.31 -22.04 10.45
C GLN D 207 73.47 -22.59 9.05
N LEU D 208 74.72 -22.77 8.61
CA LEU D 208 74.95 -23.38 7.30
C LEU D 208 74.43 -24.81 7.25
N ARG D 209 74.63 -25.57 8.32
CA ARG D 209 74.15 -26.95 8.37
C ARG D 209 72.64 -27.01 8.27
N ASP D 210 71.93 -26.15 9.02
CA ASP D 210 70.48 -26.19 8.96
C ASP D 210 69.96 -25.64 7.64
N ARG D 211 70.68 -24.71 7.02
CA ARG D 211 70.30 -24.27 5.67
C ARG D 211 70.41 -25.43 4.69
N ALA D 212 71.48 -26.22 4.78
CA ALA D 212 71.61 -27.39 3.93
C ALA D 212 70.50 -28.40 4.20
N GLN D 213 70.14 -28.56 5.49
CA GLN D 213 69.04 -29.46 5.84
C GLN D 213 67.71 -28.98 5.24
N ARG D 214 67.46 -27.67 5.28
CA ARG D 214 66.25 -27.12 4.69
C ARG D 214 66.24 -27.32 3.18
N GLU D 215 67.39 -27.14 2.53
CA GLU D 215 67.48 -27.41 1.10
C GLU D 215 67.18 -28.87 0.79
N LEU D 216 67.72 -29.78 1.60
CA LEU D 216 67.43 -31.20 1.43
C LEU D 216 65.96 -31.49 1.61
N ASP D 217 65.33 -30.86 2.61
CA ASP D 217 63.89 -31.05 2.83
C ASP D 217 63.09 -30.55 1.63
N ARG D 218 63.49 -29.41 1.06
CA ARG D 218 62.81 -28.88 -0.13
C ARG D 218 62.94 -29.85 -1.30
N LEU D 219 64.13 -30.40 -1.51
CA LEU D 219 64.33 -31.37 -2.58
C LEU D 219 63.48 -32.63 -2.35
N ASP D 220 63.42 -33.09 -1.10
CA ASP D 220 62.60 -34.26 -0.79
C ASP D 220 61.13 -33.99 -1.05
N GLU D 221 60.65 -32.80 -0.69
CA GLU D 221 59.26 -32.46 -0.96
C GLU D 221 58.99 -32.41 -2.45
N ILE D 222 59.92 -31.86 -3.24
CA ILE D 222 59.75 -31.82 -4.68
C ILE D 222 59.65 -33.23 -5.25
N TRP D 223 60.56 -34.11 -4.83
CA TRP D 223 60.55 -35.48 -5.35
C TRP D 223 59.29 -36.22 -4.94
N ASN D 224 58.86 -36.08 -3.68
CA ASN D 224 57.65 -36.75 -3.22
C ASN D 224 56.42 -36.24 -3.95
N THR D 225 56.36 -34.93 -4.19
CA THR D 225 55.23 -34.38 -4.95
C THR D 225 55.21 -34.93 -6.37
N PHE D 226 56.38 -35.03 -7.01
CA PHE D 226 56.42 -35.56 -8.37
C PHE D 226 56.01 -37.03 -8.40
N THR D 227 56.49 -37.84 -7.45
CA THR D 227 56.21 -39.27 -7.48
C THR D 227 54.72 -39.56 -7.27
N LYS D 228 54.09 -38.86 -6.33
CA LYS D 228 52.68 -39.07 -6.02
C LYS D 228 51.76 -38.23 -6.89
N LEU D 229 52.23 -37.77 -8.04
CA LEU D 229 51.45 -36.87 -8.89
C LEU D 229 50.27 -37.61 -9.50
N ALA D 230 49.11 -36.96 -9.49
CA ALA D 230 47.88 -37.53 -10.01
C ALA D 230 46.93 -36.39 -10.33
N PRO D 231 45.94 -36.61 -11.20
CA PRO D 231 45.00 -35.54 -11.52
C PRO D 231 44.14 -35.15 -10.31
N LYS D 232 43.57 -33.95 -10.40
CA LYS D 232 42.73 -33.37 -9.35
C LYS D 232 43.50 -33.17 -8.05
N GLN D 233 44.79 -32.84 -8.15
CA GLN D 233 45.61 -32.50 -7.00
C GLN D 233 45.93 -31.01 -7.03
N LEU D 234 45.75 -30.33 -5.91
CA LEU D 234 45.98 -28.90 -5.83
C LEU D 234 47.41 -28.60 -5.40
N ILE D 235 48.08 -27.73 -6.16
CA ILE D 235 49.40 -27.26 -5.80
C ILE D 235 49.29 -25.80 -5.40
N VAL D 236 49.08 -25.55 -4.11
CA VAL D 236 48.83 -24.18 -3.65
C VAL D 236 50.11 -23.35 -3.56
N ASP D 237 51.27 -23.99 -3.46
CA ASP D 237 52.55 -23.29 -3.40
C ASP D 237 53.04 -23.08 -4.82
N GLU D 238 53.09 -21.82 -5.26
CA GLU D 238 53.42 -21.53 -6.66
C GLU D 238 54.88 -21.84 -6.97
N VAL D 239 55.78 -21.72 -5.99
CA VAL D 239 57.18 -22.01 -6.24
C VAL D 239 57.37 -23.51 -6.50
N LEU D 240 56.64 -24.35 -5.78
CA LEU D 240 56.72 -25.79 -6.01
C LEU D 240 56.23 -26.14 -7.40
N TYR D 241 55.12 -25.52 -7.84
CA TYR D 241 54.61 -25.77 -9.18
C TYR D 241 55.59 -25.29 -10.25
N ARG D 242 56.22 -24.13 -10.03
CA ARG D 242 57.21 -23.64 -10.98
C ARG D 242 58.40 -24.59 -11.06
N GLU D 243 58.86 -25.10 -9.92
CA GLU D 243 59.95 -26.06 -9.92
C GLU D 243 59.57 -27.34 -10.66
N LEU D 244 58.34 -27.83 -10.44
CA LEU D 244 57.88 -29.02 -11.14
C LEU D 244 57.82 -28.78 -12.65
N GLN D 245 57.35 -27.60 -13.05
CA GLN D 245 57.28 -27.27 -14.47
C GLN D 245 58.68 -27.19 -15.08
N ASP D 246 59.64 -26.60 -14.36
CA ASP D 246 60.99 -26.47 -14.88
C ASP D 246 61.66 -27.84 -15.02
N ARG D 247 61.69 -28.60 -13.93
CA ARG D 247 62.39 -29.89 -13.96
C ARG D 247 61.61 -30.94 -14.76
N TYR D 248 60.44 -31.34 -14.25
CA TYR D 248 59.64 -32.37 -14.91
C TYR D 248 58.56 -31.71 -15.78
N GLY D 249 59.03 -31.04 -16.83
CA GLY D 249 58.11 -30.33 -17.70
C GLY D 249 57.24 -31.26 -18.53
N GLU D 250 57.85 -32.17 -19.25
CA GLU D 250 57.13 -33.05 -20.17
C GLU D 250 56.68 -34.35 -19.51
N TYR D 251 55.99 -34.22 -18.37
CA TYR D 251 55.44 -35.36 -17.67
C TYR D 251 54.03 -35.16 -17.15
N PHE D 252 53.51 -33.93 -17.16
CA PHE D 252 52.17 -33.66 -16.69
C PHE D 252 51.74 -32.31 -17.26
N THR D 253 50.50 -31.94 -16.98
CA THR D 253 50.00 -30.61 -17.34
C THR D 253 49.10 -30.10 -16.23
N GLY D 254 49.36 -28.87 -15.79
CA GLY D 254 48.57 -28.23 -14.77
C GLY D 254 47.96 -26.94 -15.29
N ALA D 255 46.77 -26.62 -14.78
CA ALA D 255 46.05 -25.44 -15.23
C ALA D 255 45.51 -24.70 -14.01
N MET D 256 44.83 -23.59 -14.28
CA MET D 256 44.40 -22.67 -13.22
C MET D 256 43.23 -21.86 -13.75
N GLY D 257 42.09 -21.95 -13.09
CA GLY D 257 40.91 -21.20 -13.48
C GLY D 257 39.83 -22.10 -14.05
N ALA D 258 38.85 -21.45 -14.69
CA ALA D 258 37.72 -22.19 -15.26
C ALA D 258 38.12 -23.07 -16.43
N GLU D 259 39.22 -22.76 -17.11
CA GLU D 259 39.71 -23.64 -18.17
C GLU D 259 40.12 -24.99 -17.61
N SER D 260 40.71 -25.00 -16.42
CA SER D 260 41.06 -26.26 -15.77
C SER D 260 39.82 -27.09 -15.47
N ILE D 261 38.77 -26.44 -14.96
CA ILE D 261 37.52 -27.15 -14.67
C ILE D 261 36.92 -27.69 -15.97
N LYS D 262 36.98 -26.91 -17.04
CA LYS D 262 36.48 -27.36 -18.33
C LYS D 262 37.23 -28.59 -18.81
N LYS D 263 38.55 -28.59 -18.69
CA LYS D 263 39.33 -29.75 -19.12
C LYS D 263 39.05 -30.97 -18.24
N LEU D 264 38.89 -30.76 -16.93
CA LEU D 264 38.56 -31.87 -16.04
C LEU D 264 37.22 -32.47 -16.40
N ILE D 265 36.23 -31.63 -16.72
CA ILE D 265 34.93 -32.14 -17.15
C ILE D 265 35.06 -32.89 -18.48
N GLU D 266 35.89 -32.38 -19.38
CA GLU D 266 36.10 -33.07 -20.66
C GLU D 266 36.68 -34.46 -20.45
N ASN D 267 37.65 -34.59 -19.52
CA ASN D 267 38.24 -35.90 -19.25
C ASN D 267 37.39 -36.75 -18.32
N PHE D 268 36.32 -36.19 -17.75
CA PHE D 268 35.48 -36.93 -16.82
C PHE D 268 34.71 -38.05 -17.54
N ASP D 269 34.52 -39.16 -16.84
CA ASP D 269 33.81 -40.32 -17.36
C ASP D 269 32.62 -40.60 -16.45
N ILE D 270 31.41 -40.26 -16.92
CA ILE D 270 30.22 -40.37 -16.09
C ILE D 270 29.89 -41.83 -15.79
N ASP D 271 30.01 -42.70 -16.79
CA ASP D 271 29.59 -44.09 -16.62
C ASP D 271 30.45 -44.80 -15.57
N ALA D 272 31.77 -44.68 -15.69
CA ALA D 272 32.66 -45.35 -14.76
C ALA D 272 32.48 -44.83 -13.34
N GLU D 273 32.32 -43.51 -13.19
CA GLU D 273 32.11 -42.93 -11.87
C GLU D 273 30.80 -43.40 -11.26
N ALA D 274 29.74 -43.47 -12.07
CA ALA D 274 28.46 -43.96 -11.57
C ALA D 274 28.55 -45.43 -11.15
N GLU D 275 29.22 -46.26 -11.94
CA GLU D 275 29.38 -47.66 -11.58
C GLU D 275 30.18 -47.82 -10.30
N SER D 276 31.25 -47.03 -10.14
CA SER D 276 32.03 -47.09 -8.91
C SER D 276 31.21 -46.65 -7.71
N LEU D 277 30.40 -45.60 -7.88
CA LEU D 277 29.53 -45.16 -6.78
C LEU D 277 28.52 -46.22 -6.40
N ARG D 278 27.94 -46.90 -7.38
CA ARG D 278 27.00 -47.98 -7.08
C ARG D 278 27.70 -49.14 -6.37
N GLU D 279 28.90 -49.49 -6.81
CA GLU D 279 29.65 -50.55 -6.12
C GLU D 279 29.94 -50.16 -4.68
N VAL D 280 30.33 -48.91 -4.45
CA VAL D 280 30.62 -48.45 -3.10
C VAL D 280 29.35 -48.51 -2.24
N ILE D 281 28.22 -48.04 -2.78
CA ILE D 281 27.01 -47.98 -1.97
C ILE D 281 26.49 -49.39 -1.68
N ARG D 282 26.70 -50.33 -2.59
CA ARG D 282 26.27 -51.70 -2.32
C ARG D 282 27.30 -52.50 -1.53
N SER D 283 28.51 -51.98 -1.37
CA SER D 283 29.56 -52.67 -0.61
C SER D 283 29.93 -51.93 0.66
N GLY D 284 30.27 -50.65 0.57
CA GLY D 284 30.74 -49.89 1.72
C GLY D 284 29.63 -49.53 2.68
N LYS D 285 30.04 -48.91 3.79
CA LYS D 285 29.11 -48.53 4.84
C LYS D 285 29.74 -47.42 5.67
N GLY D 286 28.90 -46.70 6.41
CA GLY D 286 29.36 -45.64 7.28
C GLY D 286 29.17 -44.26 6.69
N GLN D 287 30.14 -43.37 6.93
CA GLN D 287 30.07 -42.03 6.37
C GLN D 287 30.37 -42.02 4.88
N LYS D 288 31.07 -43.03 4.38
CA LYS D 288 31.29 -43.15 2.94
C LYS D 288 29.98 -43.37 2.19
N LYS D 289 29.04 -44.09 2.80
CA LYS D 289 27.79 -44.42 2.13
C LYS D 289 26.95 -43.19 1.84
N LEU D 290 26.91 -42.23 2.78
CA LEU D 290 26.11 -41.03 2.56
C LEU D 290 26.70 -40.17 1.44
N ARG D 291 28.02 -40.00 1.43
CA ARG D 291 28.65 -39.26 0.35
C ARG D 291 28.45 -39.96 -0.99
N ALA D 292 28.54 -41.29 -0.99
CA ALA D 292 28.26 -42.04 -2.21
C ALA D 292 26.82 -41.83 -2.65
N LEU D 293 25.89 -41.77 -1.71
CA LEU D 293 24.49 -41.52 -2.04
C LEU D 293 24.32 -40.18 -2.74
N LYS D 294 24.88 -39.12 -2.16
CA LYS D 294 24.72 -37.78 -2.74
C LYS D 294 25.42 -37.68 -4.10
N ARG D 295 26.65 -38.18 -4.19
CA ARG D 295 27.38 -38.14 -5.44
C ARG D 295 26.66 -38.95 -6.52
N LEU D 296 26.13 -40.11 -6.15
CA LEU D 296 25.38 -40.91 -7.12
C LEU D 296 24.13 -40.19 -7.56
N LYS D 297 23.45 -39.48 -6.65
CA LYS D 297 22.31 -38.68 -7.03
C LYS D 297 22.67 -37.70 -8.13
N VAL D 298 23.74 -36.92 -7.92
CA VAL D 298 24.12 -35.92 -8.92
C VAL D 298 24.58 -36.57 -10.22
N VAL D 299 25.43 -37.60 -10.11
CA VAL D 299 26.00 -38.23 -11.31
C VAL D 299 24.92 -38.92 -12.13
N ALA D 300 23.99 -39.62 -11.48
CA ALA D 300 22.90 -40.24 -12.21
C ALA D 300 21.93 -39.20 -12.76
N ALA D 301 21.80 -38.05 -12.08
CA ALA D 301 21.02 -36.97 -12.66
C ALA D 301 21.63 -36.50 -13.98
N PHE D 302 22.95 -36.41 -14.03
CA PHE D 302 23.59 -36.03 -15.30
C PHE D 302 23.58 -37.16 -16.32
N GLN D 303 23.59 -38.41 -15.86
CA GLN D 303 23.64 -39.55 -16.77
C GLN D 303 22.29 -39.83 -17.42
N GLN D 304 21.20 -39.69 -16.67
CA GLN D 304 19.88 -40.01 -17.20
C GLN D 304 19.50 -39.08 -18.34
N SER D 305 19.65 -37.78 -18.14
CA SER D 305 19.31 -36.81 -19.18
C SER D 305 20.34 -36.86 -20.31
N GLY D 306 19.93 -36.37 -21.47
CA GLY D 306 20.81 -36.32 -22.62
C GLY D 306 21.75 -35.15 -22.66
N ASN D 307 21.72 -34.29 -21.64
CA ASN D 307 22.60 -33.14 -21.58
C ASN D 307 24.00 -33.57 -21.11
N SER D 308 24.91 -32.61 -21.05
CA SER D 308 26.28 -32.85 -20.65
C SER D 308 26.69 -31.87 -19.57
N PRO D 309 27.64 -32.24 -18.71
CA PRO D 309 28.09 -31.32 -17.66
C PRO D 309 28.77 -30.07 -18.19
N MET D 310 29.16 -30.05 -19.46
CA MET D 310 29.89 -28.93 -20.04
C MET D 310 29.11 -27.63 -19.94
N GLY D 311 27.79 -27.73 -19.77
CA GLY D 311 26.96 -26.55 -19.62
C GLY D 311 27.20 -25.77 -18.34
N MET D 312 27.97 -26.32 -17.41
CA MET D 312 28.33 -25.60 -16.20
C MET D 312 29.42 -24.56 -16.41
N VAL D 313 30.12 -24.61 -17.54
CA VAL D 313 31.17 -23.64 -17.87
C VAL D 313 30.72 -22.87 -19.11
N LEU D 314 30.76 -21.55 -19.01
CA LEU D 314 30.19 -20.67 -20.02
C LEU D 314 31.27 -20.17 -20.99
N ASP D 315 30.94 -20.19 -22.28
CA ASP D 315 31.73 -19.52 -23.30
C ASP D 315 31.04 -18.31 -23.91
N ALA D 316 29.74 -18.14 -23.66
CA ALA D 316 29.00 -16.98 -24.13
C ALA D 316 27.96 -16.62 -23.08
N VAL D 317 27.71 -15.33 -22.94
CA VAL D 317 26.78 -14.80 -21.94
C VAL D 317 25.59 -14.19 -22.67
N PRO D 318 24.38 -14.71 -22.50
CA PRO D 318 23.22 -14.11 -23.17
C PRO D 318 22.88 -12.75 -22.59
N VAL D 319 22.28 -11.90 -23.43
CA VAL D 319 21.92 -10.54 -23.08
C VAL D 319 20.42 -10.37 -23.31
N ILE D 320 19.73 -9.90 -22.28
CA ILE D 320 18.27 -9.78 -22.25
C ILE D 320 17.84 -8.68 -23.22
N PRO D 321 16.63 -8.75 -23.78
CA PRO D 321 16.19 -7.71 -24.71
C PRO D 321 16.10 -6.37 -24.01
N PRO D 322 16.34 -5.27 -24.75
CA PRO D 322 16.39 -3.95 -24.11
C PRO D 322 15.12 -3.53 -23.41
N GLU D 323 13.95 -3.91 -23.94
CA GLU D 323 12.70 -3.46 -23.34
C GLU D 323 12.44 -4.05 -21.96
N LEU D 324 13.15 -5.10 -21.59
CA LEU D 324 13.07 -5.64 -20.24
C LEU D 324 14.06 -4.99 -19.29
N ARG D 325 14.96 -4.16 -19.80
CA ARG D 325 15.85 -3.32 -19.00
C ARG D 325 15.81 -1.91 -19.59
N PRO D 326 14.68 -1.23 -19.48
CA PRO D 326 14.47 -0.02 -20.25
C PRO D 326 15.35 1.14 -19.81
N MET D 327 15.67 2.00 -20.76
CA MET D 327 16.33 3.29 -20.52
C MET D 327 15.31 4.35 -20.87
N VAL D 328 14.52 4.77 -19.88
CA VAL D 328 13.40 5.67 -20.11
C VAL D 328 13.80 7.08 -19.69
N GLN D 329 13.15 8.07 -20.30
CA GLN D 329 13.40 9.48 -20.02
C GLN D 329 12.26 10.00 -19.15
N LEU D 330 12.52 10.13 -17.86
CA LEU D 330 11.52 10.69 -16.96
C LEU D 330 11.28 12.16 -17.30
N ASP D 331 10.08 12.64 -16.99
CA ASP D 331 9.74 14.02 -17.27
C ASP D 331 10.68 14.96 -16.54
N GLY D 332 11.14 16.00 -17.25
CA GLY D 332 12.18 16.87 -16.77
C GLY D 332 13.55 16.58 -17.34
N GLY D 333 13.70 15.56 -18.17
CA GLY D 333 14.94 15.22 -18.82
C GLY D 333 15.75 14.15 -18.12
N ARG D 334 15.46 13.85 -16.87
CA ARG D 334 16.20 12.83 -16.13
C ARG D 334 15.92 11.44 -16.71
N PHE D 335 16.96 10.62 -16.78
CA PHE D 335 16.84 9.27 -17.31
C PHE D 335 16.80 8.26 -16.17
N ALA D 336 16.52 7.01 -16.54
CA ALA D 336 16.43 5.92 -15.58
C ALA D 336 17.03 4.65 -16.17
N THR D 337 17.59 3.82 -15.30
CA THR D 337 18.24 2.57 -15.70
C THR D 337 17.72 1.42 -14.84
N SER D 338 17.98 0.21 -15.28
CA SER D 338 17.42 -1.00 -14.68
C SER D 338 18.42 -1.80 -13.86
N ASP D 339 19.62 -1.26 -13.62
CA ASP D 339 20.65 -1.90 -12.81
C ASP D 339 21.23 -3.14 -13.45
N LEU D 340 20.67 -3.56 -14.58
CA LEU D 340 21.28 -4.63 -15.38
C LEU D 340 22.21 -4.07 -16.43
N ASN D 341 21.97 -2.84 -16.87
CA ASN D 341 22.87 -2.18 -17.80
C ASN D 341 24.25 -2.00 -17.19
N ASP D 342 24.31 -1.65 -15.91
CA ASP D 342 25.60 -1.50 -15.24
C ASP D 342 26.36 -2.81 -15.19
N LEU D 343 25.68 -3.91 -14.87
CA LEU D 343 26.34 -5.22 -14.80
C LEU D 343 26.83 -5.66 -16.18
N TYR D 344 26.00 -5.48 -17.20
CA TYR D 344 26.43 -5.82 -18.56
C TYR D 344 27.61 -4.95 -18.98
N ARG D 345 27.59 -3.67 -18.63
CA ARG D 345 28.70 -2.79 -18.97
C ARG D 345 29.99 -3.23 -18.28
N ARG D 346 29.91 -3.63 -17.01
CA ARG D 346 31.09 -4.13 -16.32
C ARG D 346 31.63 -5.38 -17.00
N VAL D 347 30.74 -6.31 -17.37
CA VAL D 347 31.19 -7.53 -18.04
C VAL D 347 31.89 -7.19 -19.35
N ILE D 348 31.29 -6.29 -20.14
CA ILE D 348 31.86 -5.95 -21.44
C ILE D 348 33.19 -5.24 -21.28
N ASN D 349 33.28 -4.31 -20.33
CA ASN D 349 34.53 -3.59 -20.11
C ASN D 349 35.65 -4.54 -19.73
N ARG D 350 35.38 -5.46 -18.79
CA ARG D 350 36.42 -6.37 -18.36
C ARG D 350 36.79 -7.36 -19.46
N ASN D 351 35.81 -7.79 -20.26
CA ASN D 351 36.12 -8.67 -21.39
C ASN D 351 37.00 -7.97 -22.42
N ASN D 352 36.68 -6.72 -22.75
CA ASN D 352 37.50 -5.99 -23.72
C ASN D 352 38.91 -5.74 -23.19
N ARG D 353 39.02 -5.39 -21.90
CA ARG D 353 40.35 -5.20 -21.31
C ARG D 353 41.14 -6.49 -21.32
N LEU D 354 40.48 -7.63 -21.06
CA LEU D 354 41.15 -8.92 -21.14
C LEU D 354 41.63 -9.21 -22.55
N LYS D 355 40.80 -8.90 -23.56
CA LYS D 355 41.23 -9.09 -24.93
C LYS D 355 42.47 -8.26 -25.24
N ARG D 356 42.47 -6.99 -24.82
CA ARG D 356 43.63 -6.14 -25.07
C ARG D 356 44.87 -6.67 -24.35
N LEU D 357 44.73 -7.09 -23.10
CA LEU D 357 45.87 -7.61 -22.34
C LEU D 357 46.43 -8.87 -22.98
N ILE D 358 45.55 -9.77 -23.42
CA ILE D 358 46.01 -11.00 -24.08
C ILE D 358 46.72 -10.67 -25.38
N ASP D 359 46.18 -9.73 -26.16
CA ASP D 359 46.80 -9.39 -27.43
C ASP D 359 48.16 -8.76 -27.23
N LEU D 360 48.30 -7.88 -26.23
CA LEU D 360 49.59 -7.23 -25.98
C LEU D 360 50.66 -8.25 -25.60
N GLY D 361 50.32 -9.19 -24.73
CA GLY D 361 51.30 -10.14 -24.23
C GLY D 361 51.75 -9.81 -22.83
N ALA D 362 50.81 -9.38 -21.98
CA ALA D 362 51.12 -8.95 -20.64
C ALA D 362 51.60 -10.14 -19.79
N PRO D 363 52.32 -9.87 -18.70
CA PRO D 363 52.74 -10.97 -17.82
C PRO D 363 51.54 -11.68 -17.19
N GLU D 364 51.77 -12.93 -16.80
CA GLU D 364 50.69 -13.80 -16.37
C GLU D 364 49.95 -13.27 -15.15
N ILE D 365 50.59 -12.44 -14.33
CA ILE D 365 49.93 -11.91 -13.14
C ILE D 365 48.77 -11.00 -13.54
N ILE D 366 49.01 -10.08 -14.48
CA ILE D 366 47.98 -9.15 -14.91
C ILE D 366 46.85 -9.89 -15.61
N VAL D 367 47.18 -10.86 -16.46
CA VAL D 367 46.15 -11.63 -17.16
C VAL D 367 45.31 -12.43 -16.17
N ASN D 368 45.95 -13.04 -15.18
CA ASN D 368 45.21 -13.79 -14.17
C ASN D 368 44.29 -12.88 -13.37
N ASN D 369 44.79 -11.69 -13.00
CA ASN D 369 43.95 -10.75 -12.27
C ASN D 369 42.74 -10.34 -13.12
N GLU D 370 42.95 -10.08 -14.40
CA GLU D 370 41.84 -9.69 -15.28
C GLU D 370 40.84 -10.82 -15.43
N LYS D 371 41.31 -12.06 -15.55
CA LYS D 371 40.40 -13.20 -15.65
C LYS D 371 39.59 -13.37 -14.37
N ARG D 372 40.23 -13.19 -13.22
CA ARG D 372 39.49 -13.27 -11.96
C ARG D 372 38.44 -12.17 -11.88
N MET D 373 38.78 -10.96 -12.33
CA MET D 373 37.80 -9.87 -12.34
C MET D 373 36.64 -10.17 -13.27
N LEU D 374 36.92 -10.76 -14.44
CA LEU D 374 35.84 -11.13 -15.36
C LEU D 374 34.93 -12.17 -14.74
N GLN D 375 35.51 -13.17 -14.08
CA GLN D 375 34.71 -14.19 -13.39
C GLN D 375 33.82 -13.55 -12.33
N GLU D 376 34.37 -12.63 -11.54
CA GLU D 376 33.59 -11.98 -10.50
C GLU D 376 32.48 -11.13 -11.10
N SER D 377 32.75 -10.46 -12.21
CA SER D 377 31.73 -9.63 -12.85
C SER D 377 30.59 -10.49 -13.37
N VAL D 378 30.89 -11.63 -13.99
CA VAL D 378 29.83 -12.51 -14.46
C VAL D 378 29.02 -13.06 -13.29
N ASP D 379 29.70 -13.42 -12.20
CA ASP D 379 29.00 -13.91 -11.02
C ASP D 379 28.08 -12.85 -10.44
N ALA D 380 28.55 -11.59 -10.40
CA ALA D 380 27.70 -10.51 -9.92
C ALA D 380 26.52 -10.28 -10.83
N LEU D 381 26.71 -10.46 -12.14
CA LEU D 381 25.60 -10.34 -13.08
C LEU D 381 24.54 -11.39 -12.80
N PHE D 382 24.94 -12.65 -12.66
CA PHE D 382 23.97 -13.72 -12.49
C PHE D 382 23.35 -13.68 -11.10
N ASP D 383 24.16 -13.53 -10.06
CA ASP D 383 23.65 -13.51 -8.69
C ASP D 383 24.58 -12.63 -7.86
N ASN D 384 24.13 -11.41 -7.57
CA ASN D 384 24.95 -10.40 -6.91
C ASN D 384 24.84 -10.57 -5.40
N GLY D 385 25.83 -11.23 -4.80
CA GLY D 385 25.87 -11.35 -3.36
C GLY D 385 26.15 -12.74 -2.83
N ARG D 386 26.06 -13.75 -3.71
CA ARG D 386 26.31 -15.12 -3.28
C ARG D 386 27.75 -15.32 -2.83
N ARG D 387 28.70 -14.76 -3.58
CA ARG D 387 30.12 -14.89 -3.29
C ARG D 387 30.72 -13.50 -3.15
N GLY D 388 31.41 -13.26 -2.03
CA GLY D 388 32.00 -11.97 -1.80
C GLY D 388 30.99 -10.94 -1.32
N ARG D 389 31.33 -9.67 -1.55
CA ARG D 389 30.45 -8.58 -1.14
C ARG D 389 29.63 -8.09 -2.32
N PRO D 390 28.40 -7.62 -2.06
CA PRO D 390 27.54 -7.16 -3.15
C PRO D 390 28.12 -5.92 -3.84
N VAL D 391 27.86 -5.83 -5.14
CA VAL D 391 28.22 -4.65 -5.92
C VAL D 391 27.16 -3.58 -5.69
N THR D 392 27.60 -2.41 -5.23
CA THR D 392 26.68 -1.34 -4.84
C THR D 392 26.79 -0.17 -5.80
N GLY D 393 25.70 0.59 -5.89
CA GLY D 393 25.68 1.81 -6.66
C GLY D 393 25.68 3.02 -5.75
N PRO D 394 25.18 4.16 -6.25
CA PRO D 394 25.09 5.35 -5.40
C PRO D 394 24.21 5.10 -4.19
N GLY D 395 24.63 5.65 -3.05
CA GLY D 395 23.91 5.44 -1.82
C GLY D 395 24.17 4.12 -1.14
N ASN D 396 25.21 3.39 -1.56
CA ASN D 396 25.57 2.09 -0.98
C ASN D 396 24.41 1.11 -1.09
N ARG D 397 23.69 1.16 -2.21
CA ARG D 397 22.59 0.24 -2.46
C ARG D 397 23.07 -0.87 -3.38
N PRO D 398 23.02 -2.13 -2.95
CA PRO D 398 23.46 -3.22 -3.83
C PRO D 398 22.61 -3.30 -5.10
N LEU D 399 23.26 -3.62 -6.20
CA LEU D 399 22.57 -3.70 -7.48
C LEU D 399 21.65 -4.91 -7.53
N LYS D 400 20.68 -4.86 -8.44
CA LYS D 400 19.66 -5.90 -8.59
C LYS D 400 20.00 -6.77 -9.78
N SER D 401 20.21 -8.06 -9.54
CA SER D 401 20.59 -9.01 -10.57
C SER D 401 19.36 -9.78 -11.05
N LEU D 402 19.59 -10.80 -11.88
CA LEU D 402 18.48 -11.60 -12.39
C LEU D 402 17.86 -12.48 -11.29
N SER D 403 18.71 -13.06 -10.44
CA SER D 403 18.20 -13.86 -9.33
C SER D 403 17.34 -13.00 -8.41
N ASP D 404 17.75 -11.76 -8.17
CA ASP D 404 16.92 -10.85 -7.38
C ASP D 404 15.60 -10.55 -8.07
N LEU D 405 15.58 -10.59 -9.41
CA LEU D 405 14.32 -10.45 -10.12
C LEU D 405 13.41 -11.65 -9.87
N LEU D 406 13.98 -12.85 -9.82
CA LEU D 406 13.16 -14.06 -9.74
C LEU D 406 12.80 -14.49 -8.32
N LYS D 407 13.34 -13.88 -7.29
CA LYS D 407 13.21 -14.40 -5.93
C LYS D 407 12.46 -13.43 -5.02
N GLY D 408 11.85 -13.98 -3.97
CA GLY D 408 11.25 -13.20 -2.92
C GLY D 408 9.76 -12.98 -3.12
N LYS D 409 9.15 -12.35 -2.11
CA LYS D 409 7.76 -11.94 -2.24
C LYS D 409 7.60 -10.88 -3.32
N GLN D 410 8.59 -10.01 -3.46
CA GLN D 410 8.61 -8.99 -4.50
C GLN D 410 9.19 -9.49 -5.81
N GLY D 411 9.42 -10.80 -5.93
CA GLY D 411 9.99 -11.37 -7.13
C GLY D 411 8.97 -11.50 -8.25
N ARG D 412 9.43 -12.07 -9.36
CA ARG D 412 8.59 -12.18 -10.54
C ARG D 412 7.38 -13.06 -10.27
N PHE D 413 7.60 -14.27 -9.77
CA PHE D 413 6.53 -15.25 -9.59
C PHE D 413 5.42 -14.74 -8.69
N ARG D 414 5.74 -14.49 -7.42
CA ARG D 414 4.71 -14.18 -6.43
C ARG D 414 4.02 -12.85 -6.73
N GLN D 415 4.79 -11.85 -7.17
CA GLN D 415 4.22 -10.52 -7.32
C GLN D 415 3.51 -10.33 -8.66
N ASN D 416 3.95 -11.01 -9.72
CA ASN D 416 3.45 -10.72 -11.06
C ASN D 416 2.82 -11.91 -11.77
N LEU D 417 2.81 -13.09 -11.17
CA LEU D 417 2.21 -14.23 -11.86
C LEU D 417 1.10 -14.88 -11.06
N LEU D 418 1.24 -14.95 -9.73
CA LEU D 418 0.19 -15.49 -8.87
C LEU D 418 -0.80 -14.43 -8.42
N GLY D 419 -0.56 -13.17 -8.75
CA GLY D 419 -1.47 -12.09 -8.40
C GLY D 419 -1.16 -10.83 -9.20
N LYS D 420 -2.19 -10.19 -9.74
CA LYS D 420 -2.00 -9.07 -10.66
C LYS D 420 -2.94 -7.95 -10.28
N ARG D 421 -2.76 -6.81 -10.94
CA ARG D 421 -3.71 -5.71 -10.88
C ARG D 421 -4.63 -5.77 -12.08
N VAL D 422 -5.91 -5.48 -11.88
CA VAL D 422 -6.93 -5.72 -12.88
C VAL D 422 -7.70 -4.44 -13.18
N ASP D 423 -8.27 -4.39 -14.38
CA ASP D 423 -9.13 -3.30 -14.79
C ASP D 423 -10.55 -3.51 -14.26
N TYR D 424 -11.41 -2.54 -14.52
CA TYR D 424 -12.83 -2.60 -14.13
C TYR D 424 -12.98 -2.90 -12.65
N SER D 425 -12.17 -2.24 -11.83
CA SER D 425 -12.17 -2.44 -10.40
C SER D 425 -12.11 -1.11 -9.68
N GLY D 426 -12.79 -1.04 -8.54
CA GLY D 426 -12.82 0.14 -7.71
C GLY D 426 -12.67 -0.20 -6.25
N ARG D 427 -12.67 0.84 -5.42
CA ARG D 427 -12.47 0.67 -3.98
C ARG D 427 -13.10 1.84 -3.25
N SER D 428 -13.76 1.57 -2.14
CA SER D 428 -14.39 2.65 -1.39
C SER D 428 -14.73 2.19 0.03
N VAL D 429 -15.09 3.16 0.86
CA VAL D 429 -15.48 2.89 2.24
C VAL D 429 -16.87 2.26 2.27
N ILE D 430 -17.10 1.41 3.26
CA ILE D 430 -18.36 0.68 3.41
C ILE D 430 -19.14 1.24 4.59
N VAL D 431 -20.44 1.43 4.39
CA VAL D 431 -21.37 1.78 5.46
C VAL D 431 -22.44 0.70 5.52
N VAL D 432 -23.39 0.84 6.44
CA VAL D 432 -24.39 -0.19 6.68
C VAL D 432 -25.71 0.23 6.05
N GLY D 433 -26.25 -0.63 5.20
CA GLY D 433 -27.60 -0.45 4.70
C GLY D 433 -28.52 -1.52 5.21
N PRO D 434 -29.39 -1.18 6.16
CA PRO D 434 -30.29 -2.19 6.74
C PRO D 434 -31.54 -2.45 5.93
N GLN D 435 -31.84 -1.61 4.93
CA GLN D 435 -33.03 -1.81 4.11
C GLN D 435 -32.77 -2.70 2.90
N LEU D 436 -31.52 -3.10 2.66
CA LEU D 436 -31.20 -3.92 1.50
C LEU D 436 -31.62 -5.37 1.74
N LYS D 437 -31.71 -6.12 0.65
CA LYS D 437 -31.92 -7.55 0.72
C LYS D 437 -30.55 -8.25 0.77
N LEU D 438 -30.58 -9.56 1.05
CA LEU D 438 -29.35 -10.30 1.21
C LEU D 438 -28.55 -10.37 -0.10
N HIS D 439 -29.19 -10.20 -1.24
CA HIS D 439 -28.53 -10.30 -2.54
C HIS D 439 -28.25 -8.93 -3.16
N GLN D 440 -28.39 -7.85 -2.40
CA GLN D 440 -28.26 -6.50 -2.93
C GLN D 440 -27.13 -5.76 -2.24
N CYS D 441 -26.56 -4.80 -2.96
CA CYS D 441 -25.55 -3.90 -2.41
C CYS D 441 -25.79 -2.51 -2.98
N GLY D 442 -25.28 -1.51 -2.26
CA GLY D 442 -25.40 -0.13 -2.71
C GLY D 442 -24.10 0.42 -3.26
N LEU D 443 -24.05 0.66 -4.56
CA LEU D 443 -22.88 1.14 -5.25
C LEU D 443 -23.01 2.62 -5.54
N PRO D 444 -21.97 3.42 -5.30
CA PRO D 444 -22.05 4.85 -5.61
C PRO D 444 -22.25 5.08 -7.10
N LYS D 445 -22.96 6.17 -7.42
CA LYS D 445 -23.27 6.45 -8.81
C LYS D 445 -22.02 6.76 -9.63
N LEU D 446 -21.08 7.52 -9.07
CA LEU D 446 -19.85 7.84 -9.80
C LEU D 446 -18.99 6.60 -10.00
N MET D 447 -18.85 5.77 -8.95
CA MET D 447 -18.08 4.54 -9.06
C MET D 447 -18.69 3.59 -10.07
N ALA D 448 -20.01 3.43 -10.03
CA ALA D 448 -20.69 2.56 -11.00
C ALA D 448 -20.56 3.11 -12.41
N LEU D 449 -20.65 4.43 -12.57
CA LEU D 449 -20.49 5.03 -13.89
C LEU D 449 -19.10 4.75 -14.45
N GLU D 450 -18.07 4.90 -13.63
CA GLU D 450 -16.72 4.62 -14.10
C GLU D 450 -16.55 3.14 -14.43
N LEU D 451 -17.12 2.25 -13.62
CA LEU D 451 -17.01 0.82 -13.90
C LEU D 451 -17.72 0.43 -15.19
N PHE D 452 -18.90 1.00 -15.44
CA PHE D 452 -19.74 0.59 -16.56
C PHE D 452 -19.65 1.53 -17.76
N LYS D 453 -18.67 2.44 -17.78
CA LYS D 453 -18.50 3.36 -18.90
C LYS D 453 -18.53 2.69 -20.28
N PRO D 454 -17.84 1.57 -20.53
CA PRO D 454 -17.94 0.96 -21.87
C PRO D 454 -19.36 0.54 -22.23
N PHE D 455 -20.16 0.08 -21.27
CA PHE D 455 -21.54 -0.28 -21.54
C PHE D 455 -22.41 0.95 -21.71
N VAL D 456 -22.17 1.98 -20.89
CA VAL D 456 -22.99 3.20 -20.95
C VAL D 456 -22.79 3.91 -22.29
N MET D 457 -21.56 3.94 -22.80
CA MET D 457 -21.31 4.57 -24.09
C MET D 457 -22.12 3.90 -25.19
N LYS D 458 -22.07 2.57 -25.27
CA LYS D 458 -22.85 1.86 -26.29
C LYS D 458 -24.33 2.09 -26.10
N ARG D 459 -24.82 1.99 -24.86
CA ARG D 459 -26.26 2.09 -24.65
C ARG D 459 -26.78 3.49 -24.99
N LEU D 460 -26.03 4.53 -24.65
CA LEU D 460 -26.49 5.88 -24.96
C LEU D 460 -26.23 6.27 -26.40
N VAL D 461 -25.34 5.54 -27.11
CA VAL D 461 -25.29 5.69 -28.56
C VAL D 461 -26.52 5.06 -29.20
N ASP D 462 -26.94 3.90 -28.70
CA ASP D 462 -28.10 3.21 -29.26
C ASP D 462 -29.38 4.03 -29.10
N LEU D 463 -29.54 4.70 -27.96
CA LEU D 463 -30.72 5.51 -27.69
C LEU D 463 -30.67 6.87 -28.38
N ASN D 464 -29.74 7.06 -29.32
CA ASN D 464 -29.61 8.29 -30.09
C ASN D 464 -29.32 9.51 -29.23
N HIS D 465 -28.81 9.29 -28.00
CA HIS D 465 -28.35 10.42 -27.19
C HIS D 465 -27.04 10.97 -27.71
N ALA D 466 -26.23 10.14 -28.36
CA ALA D 466 -24.98 10.57 -28.97
C ALA D 466 -24.92 10.05 -30.40
N GLN D 467 -24.28 10.85 -31.27
CA GLN D 467 -24.20 10.48 -32.67
C GLN D 467 -23.16 9.39 -32.92
N ASN D 468 -22.10 9.34 -32.12
CA ASN D 468 -21.04 8.36 -32.30
C ASN D 468 -20.39 8.09 -30.95
N ILE D 469 -19.30 7.32 -30.97
CA ILE D 469 -18.66 6.90 -29.73
C ILE D 469 -17.97 8.09 -29.05
N LYS D 470 -17.33 8.96 -29.82
CA LYS D 470 -16.61 10.08 -29.23
C LYS D 470 -17.55 11.03 -28.49
N SER D 471 -18.71 11.31 -29.08
CA SER D 471 -19.68 12.16 -28.40
C SER D 471 -20.19 11.51 -27.13
N ALA D 472 -20.42 10.20 -27.15
CA ALA D 472 -20.84 9.49 -25.95
C ALA D 472 -19.78 9.54 -24.87
N LYS D 473 -18.51 9.38 -25.25
CA LYS D 473 -17.43 9.47 -24.27
C LYS D 473 -17.35 10.86 -23.68
N ARG D 474 -17.53 11.89 -24.50
CA ARG D 474 -17.53 13.25 -23.98
C ARG D 474 -18.69 13.48 -23.02
N MET D 475 -19.87 12.94 -23.35
CA MET D 475 -21.02 13.06 -22.46
C MET D 475 -20.78 12.37 -21.14
N VAL D 476 -20.17 11.17 -21.18
CA VAL D 476 -19.87 10.46 -19.94
C VAL D 476 -18.86 11.23 -19.11
N GLU D 477 -17.83 11.79 -19.76
CA GLU D 477 -16.82 12.54 -19.03
C GLU D 477 -17.41 13.79 -18.38
N ARG D 478 -18.28 14.49 -19.10
CA ARG D 478 -18.90 15.70 -18.56
C ARG D 478 -20.04 15.40 -17.60
N GLN D 479 -20.46 14.15 -17.48
CA GLN D 479 -21.55 13.73 -16.59
C GLN D 479 -22.84 14.49 -16.91
N ARG D 480 -23.32 14.28 -18.14
CA ARG D 480 -24.54 14.93 -18.59
C ARG D 480 -25.76 14.34 -17.88
N PRO D 481 -26.84 15.11 -17.76
CA PRO D 481 -28.02 14.61 -17.04
C PRO D 481 -28.62 13.35 -17.62
N GLN D 482 -28.54 13.15 -18.93
CA GLN D 482 -29.14 11.98 -19.58
C GLN D 482 -28.28 10.74 -19.48
N VAL D 483 -27.08 10.84 -18.91
CA VAL D 483 -26.27 9.66 -18.70
C VAL D 483 -26.85 8.77 -17.60
N TRP D 484 -27.27 9.38 -16.49
CA TRP D 484 -27.63 8.61 -15.30
C TRP D 484 -28.78 7.63 -15.59
N ASP D 485 -29.80 8.07 -16.31
CA ASP D 485 -30.89 7.17 -16.69
C ASP D 485 -30.33 5.96 -17.42
N VAL D 486 -29.47 6.18 -18.41
CA VAL D 486 -28.86 5.07 -19.15
C VAL D 486 -28.16 4.13 -18.19
N LEU D 487 -27.49 4.68 -17.18
CA LEU D 487 -26.78 3.85 -16.21
C LEU D 487 -27.74 2.88 -15.52
N GLU D 488 -28.92 3.36 -15.14
CA GLU D 488 -29.86 2.49 -14.44
C GLU D 488 -30.30 1.33 -15.34
N GLU D 489 -30.18 1.50 -16.65
CA GLU D 489 -30.53 0.41 -17.56
C GLU D 489 -29.41 -0.62 -17.65
N VAL D 490 -28.16 -0.20 -17.50
CA VAL D 490 -27.06 -1.11 -17.81
C VAL D 490 -26.65 -1.94 -16.59
N ILE D 491 -26.84 -1.42 -15.38
CA ILE D 491 -26.43 -2.16 -14.18
C ILE D 491 -27.48 -3.14 -13.70
N ALA D 492 -28.65 -3.17 -14.33
CA ALA D 492 -29.72 -4.06 -13.86
C ALA D 492 -29.35 -5.52 -14.15
N GLU D 493 -29.46 -6.35 -13.11
CA GLU D 493 -29.18 -7.78 -13.20
C GLU D 493 -27.75 -8.05 -13.66
N HIS D 494 -26.81 -7.19 -13.28
CA HIS D 494 -25.40 -7.37 -13.59
C HIS D 494 -24.62 -7.48 -12.28
N PRO D 495 -24.31 -8.67 -11.81
CA PRO D 495 -23.68 -8.81 -10.48
C PRO D 495 -22.26 -8.26 -10.46
N VAL D 496 -21.84 -7.83 -9.27
CA VAL D 496 -20.49 -7.35 -9.03
C VAL D 496 -19.92 -8.10 -7.84
N LEU D 497 -18.62 -8.32 -7.86
CA LEU D 497 -17.94 -9.03 -6.79
C LEU D 497 -17.36 -8.05 -5.79
N LEU D 498 -17.69 -8.24 -4.51
CA LEU D 498 -17.16 -7.43 -3.43
C LEU D 498 -16.17 -8.25 -2.62
N ASN D 499 -15.03 -7.65 -2.31
CA ASN D 499 -13.95 -8.32 -1.60
C ASN D 499 -13.38 -7.40 -0.53
N ARG D 500 -13.05 -7.97 0.63
CA ARG D 500 -12.39 -7.25 1.70
C ARG D 500 -11.14 -8.02 2.11
N ALA D 501 -9.99 -7.34 2.05
CA ALA D 501 -8.74 -7.96 2.46
C ALA D 501 -8.58 -7.89 3.98
N PRO D 502 -8.02 -8.93 4.61
CA PRO D 502 -7.52 -10.17 4.00
C PRO D 502 -8.64 -11.14 3.64
N THR D 503 -8.42 -11.93 2.58
CA THR D 503 -9.36 -12.96 2.17
C THR D 503 -8.94 -14.27 2.85
N LEU D 504 -9.62 -14.59 3.95
CA LEU D 504 -9.26 -15.75 4.74
C LEU D 504 -9.95 -17.03 4.27
N HIS D 505 -11.16 -16.93 3.71
CA HIS D 505 -11.87 -18.09 3.21
C HIS D 505 -12.65 -17.66 1.96
N ARG D 506 -13.48 -18.57 1.43
CA ARG D 506 -14.20 -18.29 0.20
C ARG D 506 -15.13 -17.09 0.37
N LEU D 507 -15.80 -17.00 1.51
CA LEU D 507 -16.80 -15.98 1.75
C LEU D 507 -16.21 -14.59 1.89
N GLY D 508 -14.91 -14.41 1.68
CA GLY D 508 -14.34 -13.08 1.58
C GLY D 508 -14.56 -12.40 0.25
N ILE D 509 -15.01 -13.14 -0.75
CA ILE D 509 -15.42 -12.59 -2.04
C ILE D 509 -16.85 -13.04 -2.28
N GLN D 510 -17.76 -12.09 -2.47
CA GLN D 510 -19.16 -12.43 -2.66
C GLN D 510 -19.79 -11.57 -3.73
N ALA D 511 -20.72 -12.16 -4.48
CA ALA D 511 -21.39 -11.45 -5.56
C ALA D 511 -22.69 -10.81 -5.07
N PHE D 512 -22.93 -9.59 -5.52
CA PHE D 512 -24.11 -8.83 -5.13
C PHE D 512 -24.72 -8.16 -6.35
N GLU D 513 -26.00 -7.85 -6.25
CA GLU D 513 -26.69 -7.06 -7.27
C GLU D 513 -26.59 -5.58 -6.90
N PRO D 514 -26.04 -4.72 -7.76
CA PRO D 514 -25.80 -3.33 -7.37
C PRO D 514 -27.03 -2.46 -7.56
N GLN D 515 -27.14 -1.45 -6.69
CA GLN D 515 -28.15 -0.40 -6.80
C GLN D 515 -27.46 0.93 -6.65
N LEU D 516 -27.80 1.90 -7.50
CA LEU D 516 -27.17 3.21 -7.44
C LEU D 516 -27.56 3.92 -6.14
N VAL D 517 -26.57 4.51 -5.48
CA VAL D 517 -26.80 5.32 -4.30
C VAL D 517 -26.18 6.69 -4.52
N GLU D 518 -26.68 7.68 -3.78
CA GLU D 518 -26.26 9.07 -3.97
C GLU D 518 -24.97 9.42 -3.25
N GLY D 519 -24.50 8.59 -2.32
CA GLY D 519 -23.31 8.89 -1.57
C GLY D 519 -22.04 8.47 -2.29
N LYS D 520 -20.96 8.39 -1.52
CA LYS D 520 -19.68 7.91 -2.03
C LYS D 520 -19.20 6.67 -1.28
N ALA D 521 -20.03 6.09 -0.43
CA ALA D 521 -19.68 4.91 0.35
C ALA D 521 -20.55 3.73 -0.07
N ILE D 522 -19.94 2.55 -0.08
CA ILE D 522 -20.67 1.34 -0.45
C ILE D 522 -21.56 0.92 0.71
N GLN D 523 -22.82 0.65 0.42
CA GLN D 523 -23.76 0.17 1.44
C GLN D 523 -23.74 -1.35 1.46
N LEU D 524 -23.36 -1.92 2.60
CA LEU D 524 -23.23 -3.36 2.74
C LEU D 524 -24.33 -3.90 3.64
N HIS D 525 -24.82 -5.08 3.30
CA HIS D 525 -25.87 -5.69 4.09
C HIS D 525 -25.34 -6.07 5.48
N PRO D 526 -26.11 -5.82 6.54
CA PRO D 526 -25.61 -6.12 7.89
C PRO D 526 -25.38 -7.60 8.16
N LEU D 527 -25.97 -8.50 7.37
CA LEU D 527 -25.87 -9.93 7.65
C LEU D 527 -24.70 -10.61 6.97
N VAL D 528 -23.96 -9.89 6.12
CA VAL D 528 -22.78 -10.47 5.46
C VAL D 528 -21.49 -9.99 6.10
N CYS D 529 -21.56 -9.29 7.23
CA CYS D 529 -20.35 -8.78 7.88
C CYS D 529 -19.52 -9.92 8.45
N GLU D 530 -20.16 -10.87 9.12
CA GLU D 530 -19.42 -11.96 9.77
C GLU D 530 -18.62 -12.76 8.75
N ALA D 531 -19.19 -12.97 7.56
CA ALA D 531 -18.43 -13.63 6.50
C ALA D 531 -17.23 -12.78 6.08
N PHE D 532 -17.42 -11.47 5.96
CA PHE D 532 -16.33 -10.58 5.58
C PHE D 532 -15.44 -10.19 6.75
N ASN D 533 -15.87 -10.45 7.99
CA ASN D 533 -15.19 -9.96 9.19
C ASN D 533 -15.02 -8.44 9.11
N ALA D 534 -16.10 -7.76 8.74
CA ALA D 534 -16.08 -6.33 8.49
C ALA D 534 -16.88 -5.59 9.54
N ASP D 535 -16.40 -4.43 9.95
CA ASP D 535 -17.12 -3.52 10.82
C ASP D 535 -17.03 -2.12 10.23
N PHE D 536 -18.01 -1.29 10.56
CA PHE D 536 -18.15 0.02 9.93
C PHE D 536 -17.48 1.10 10.77
N ASP D 537 -16.16 0.95 10.94
CA ASP D 537 -15.34 1.93 11.64
C ASP D 537 -14.22 2.47 10.75
N GLY D 538 -14.37 2.40 9.44
CA GLY D 538 -13.37 2.91 8.54
C GLY D 538 -12.88 1.89 7.53
N ASP D 539 -13.49 0.71 7.50
CA ASP D 539 -13.08 -0.34 6.59
C ASP D 539 -13.40 0.04 5.15
N GLN D 540 -12.67 -0.58 4.21
CA GLN D 540 -12.87 -0.35 2.80
C GLN D 540 -13.00 -1.67 2.07
N MET D 541 -13.66 -1.64 0.92
CA MET D 541 -13.86 -2.83 0.11
C MET D 541 -13.56 -2.53 -1.35
N ALA D 542 -13.21 -3.58 -2.08
CA ALA D 542 -12.90 -3.53 -3.49
C ALA D 542 -14.02 -4.19 -4.29
N VAL D 543 -14.35 -3.58 -5.43
CA VAL D 543 -15.44 -4.04 -6.29
C VAL D 543 -14.85 -4.40 -7.64
N HIS D 544 -15.16 -5.61 -8.11
CA HIS D 544 -14.73 -6.10 -9.41
C HIS D 544 -15.96 -6.40 -10.26
N LEU D 545 -15.80 -6.28 -11.57
CA LEU D 545 -16.90 -6.40 -12.50
C LEU D 545 -16.68 -7.55 -13.48
N PRO D 546 -17.41 -8.66 -13.37
CA PRO D 546 -17.30 -9.71 -14.39
C PRO D 546 -17.85 -9.25 -15.73
N LEU D 547 -17.22 -9.76 -16.80
CA LEU D 547 -17.55 -9.32 -18.16
C LEU D 547 -18.16 -10.41 -19.01
N SER D 548 -17.48 -11.55 -19.15
CA SER D 548 -17.94 -12.59 -20.05
C SER D 548 -19.20 -13.28 -19.51
N ALA D 549 -19.86 -14.02 -20.40
CA ALA D 549 -21.08 -14.72 -20.00
C ALA D 549 -20.80 -15.78 -18.94
N GLU D 550 -19.69 -16.51 -19.08
CA GLU D 550 -19.33 -17.50 -18.07
C GLU D 550 -19.06 -16.85 -16.73
N ALA D 551 -18.38 -15.70 -16.74
CA ALA D 551 -18.08 -15.01 -15.49
C ALA D 551 -19.36 -14.55 -14.80
N GLN D 552 -20.30 -13.99 -15.56
CA GLN D 552 -21.57 -13.55 -14.96
C GLN D 552 -22.38 -14.74 -14.46
N ALA D 553 -22.37 -15.85 -15.19
CA ALA D 553 -23.09 -17.04 -14.73
C ALA D 553 -22.49 -17.57 -13.44
N GLU D 554 -21.15 -17.58 -13.34
CA GLU D 554 -20.51 -18.00 -12.10
C GLU D 554 -20.85 -17.06 -10.96
N ALA D 555 -20.86 -15.76 -11.23
CA ALA D 555 -21.20 -14.79 -10.18
C ALA D 555 -22.63 -15.00 -9.69
N ARG D 556 -23.55 -15.26 -10.61
CA ARG D 556 -24.95 -15.40 -10.22
C ARG D 556 -25.19 -16.71 -9.48
N ILE D 557 -24.62 -17.81 -9.95
CA ILE D 557 -24.94 -19.11 -9.37
C ILE D 557 -23.99 -19.45 -8.23
N LEU D 558 -22.69 -19.51 -8.53
CA LEU D 558 -21.73 -20.01 -7.54
C LEU D 558 -21.52 -19.05 -6.39
N MET D 559 -21.31 -17.76 -6.69
CA MET D 559 -20.81 -16.82 -5.71
C MET D 559 -21.87 -15.87 -5.16
N LEU D 560 -23.15 -16.07 -5.47
CA LEU D 560 -24.17 -15.17 -4.95
C LEU D 560 -24.24 -15.28 -3.43
N SER D 561 -24.46 -14.13 -2.77
CA SER D 561 -24.48 -14.11 -1.32
C SER D 561 -25.67 -14.85 -0.76
N SER D 562 -26.79 -14.89 -1.49
CA SER D 562 -27.98 -15.59 -1.02
C SER D 562 -27.83 -17.11 -1.08
N ASN D 563 -26.77 -17.62 -1.71
CA ASN D 563 -26.54 -19.06 -1.78
C ASN D 563 -25.55 -19.56 -0.76
N ASN D 564 -24.69 -18.69 -0.23
CA ASN D 564 -23.65 -19.06 0.72
C ASN D 564 -24.04 -18.50 2.09
N ILE D 565 -24.70 -19.33 2.90
CA ILE D 565 -25.12 -18.91 4.23
C ILE D 565 -24.41 -19.77 5.28
N LEU D 566 -24.08 -21.01 4.91
CA LEU D 566 -23.45 -21.95 5.81
C LEU D 566 -21.94 -21.92 5.64
N SER D 567 -21.22 -22.07 6.75
CA SER D 567 -19.76 -22.09 6.69
C SER D 567 -19.28 -23.36 5.99
N PRO D 568 -18.33 -23.28 5.06
CA PRO D 568 -17.76 -24.49 4.48
C PRO D 568 -16.87 -25.26 5.43
N ALA D 569 -16.52 -24.69 6.59
CA ALA D 569 -15.63 -25.32 7.55
C ALA D 569 -16.39 -26.22 8.53
N SER D 570 -17.40 -25.68 9.20
CA SER D 570 -18.16 -26.41 10.20
C SER D 570 -19.62 -26.63 9.83
N GLY D 571 -20.13 -25.93 8.83
CA GLY D 571 -21.52 -26.04 8.46
C GLY D 571 -22.48 -25.18 9.24
N LYS D 572 -21.99 -24.38 10.18
CA LYS D 572 -22.85 -23.49 10.94
C LYS D 572 -23.18 -22.25 10.11
N PRO D 573 -24.39 -21.71 10.26
CA PRO D 573 -24.77 -20.54 9.47
C PRO D 573 -24.00 -19.29 9.88
N LEU D 574 -23.55 -18.53 8.88
CA LEU D 574 -22.89 -17.27 9.11
C LEU D 574 -23.79 -16.06 8.91
N ALA D 575 -24.71 -16.13 7.95
CA ALA D 575 -25.68 -15.06 7.72
C ALA D 575 -26.89 -15.28 8.63
N MET D 576 -26.66 -15.05 9.91
CA MET D 576 -27.68 -15.17 10.94
C MET D 576 -27.69 -13.93 11.82
N PRO D 577 -28.82 -13.63 12.47
CA PRO D 577 -28.89 -12.46 13.35
C PRO D 577 -27.80 -12.45 14.41
N ARG D 578 -27.08 -11.34 14.52
CA ARG D 578 -26.05 -11.16 15.53
C ARG D 578 -26.08 -9.72 16.03
N LEU D 579 -25.60 -9.54 17.26
CA LEU D 579 -25.51 -8.21 17.91
C LEU D 579 -26.93 -7.66 18.05
N ASP D 580 -27.21 -6.45 17.56
CA ASP D 580 -28.48 -5.77 17.85
C ASP D 580 -29.68 -6.65 17.56
N MET D 581 -29.67 -7.30 16.38
CA MET D 581 -30.81 -8.15 16.00
C MET D 581 -31.14 -9.14 17.10
N VAL D 582 -30.12 -9.84 17.62
CA VAL D 582 -30.36 -10.84 18.66
C VAL D 582 -31.10 -10.21 19.82
N THR D 583 -30.64 -9.05 20.28
CA THR D 583 -31.29 -8.38 21.40
C THR D 583 -32.77 -8.21 21.14
N GLY D 584 -33.12 -7.74 19.94
CA GLY D 584 -34.52 -7.60 19.59
C GLY D 584 -35.23 -8.92 19.72
N LEU D 585 -34.72 -9.94 19.04
CA LEU D 585 -35.35 -11.25 19.07
C LEU D 585 -35.33 -11.85 20.46
N TYR D 586 -34.46 -11.35 21.34
CA TYR D 586 -34.53 -11.74 22.74
C TYR D 586 -35.67 -11.02 23.43
N TYR D 587 -35.68 -9.69 23.35
CA TYR D 587 -36.67 -8.89 24.06
C TYR D 587 -38.08 -9.26 23.61
N LEU D 588 -38.25 -9.53 22.32
CA LEU D 588 -39.56 -9.90 21.80
C LEU D 588 -40.05 -11.20 22.44
N THR D 589 -39.16 -12.18 22.59
CA THR D 589 -39.60 -13.54 22.89
C THR D 589 -39.48 -13.91 24.36
N THR D 590 -39.01 -13.02 25.22
CA THR D 590 -38.94 -13.36 26.64
C THR D 590 -40.31 -13.18 27.30
N LEU D 591 -40.54 -13.97 28.33
CA LEU D 591 -41.81 -13.97 29.07
C LEU D 591 -41.59 -13.34 30.43
N VAL D 592 -42.47 -12.42 30.80
CA VAL D 592 -42.37 -11.67 32.05
C VAL D 592 -43.58 -11.97 32.91
N GLU D 593 -43.33 -12.39 34.15
CA GLU D 593 -44.40 -12.66 35.09
C GLU D 593 -44.94 -11.36 35.67
N GLY D 594 -46.27 -11.27 35.77
CA GLY D 594 -46.90 -10.09 36.32
C GLY D 594 -47.02 -8.92 35.37
N ALA D 595 -46.83 -9.14 34.07
CA ALA D 595 -46.92 -8.04 33.11
C ALA D 595 -48.37 -7.59 32.96
N THR D 596 -48.56 -6.55 32.15
CA THR D 596 -49.88 -5.96 31.99
C THR D 596 -50.79 -6.88 31.17
N GLY D 597 -52.00 -7.09 31.67
CA GLY D 597 -52.98 -7.89 30.94
C GLY D 597 -52.61 -9.34 30.75
N GLU D 598 -51.92 -9.94 31.71
CA GLU D 598 -51.54 -11.34 31.59
C GLU D 598 -52.74 -12.25 31.85
N TYR D 599 -52.58 -13.52 31.50
CA TYR D 599 -53.65 -14.49 31.68
C TYR D 599 -53.90 -14.77 33.16
N GLN D 600 -55.16 -14.82 33.54
CA GLN D 600 -55.56 -15.13 34.90
C GLN D 600 -56.63 -16.22 34.88
N ALA D 601 -56.51 -17.18 35.79
CA ALA D 601 -57.45 -18.28 35.85
C ALA D 601 -58.83 -17.79 36.28
N ALA D 602 -59.85 -18.55 35.92
CA ALA D 602 -61.22 -18.19 36.25
C ALA D 602 -61.46 -18.31 37.75
N THR D 603 -62.17 -17.35 38.32
CA THR D 603 -62.52 -17.34 39.73
C THR D 603 -63.99 -17.71 39.89
N LYS D 604 -64.45 -17.66 41.15
CA LYS D 604 -65.84 -17.98 41.45
C LYS D 604 -66.81 -16.88 41.04
N ASP D 605 -66.32 -15.72 40.61
CA ASP D 605 -67.18 -14.61 40.25
C ASP D 605 -66.90 -14.09 38.86
N ALA D 606 -65.68 -14.28 38.37
CA ALA D 606 -65.29 -13.77 37.06
C ALA D 606 -64.67 -14.87 36.21
N PRO D 607 -64.84 -14.82 34.89
CA PRO D 607 -64.24 -15.83 34.01
C PRO D 607 -62.74 -15.59 33.81
N GLU D 608 -62.14 -16.39 32.94
CA GLU D 608 -60.72 -16.22 32.63
C GLU D 608 -60.48 -14.87 31.97
N GLN D 609 -59.45 -14.16 32.43
CA GLN D 609 -59.07 -12.87 31.88
C GLN D 609 -57.73 -12.99 31.19
N GLY D 610 -57.63 -12.43 29.99
CA GLY D 610 -56.44 -12.53 29.19
C GLY D 610 -56.51 -13.51 28.03
N VAL D 611 -57.70 -13.76 27.49
CA VAL D 611 -57.90 -14.68 26.38
C VAL D 611 -58.37 -13.89 25.18
N TYR D 612 -57.68 -14.05 24.05
CA TYR D 612 -57.95 -13.29 22.85
C TYR D 612 -58.36 -14.22 21.71
N SER D 613 -59.27 -13.74 20.86
CA SER D 613 -59.79 -14.56 19.77
C SER D 613 -58.87 -14.61 18.57
N SER D 614 -57.90 -13.72 18.47
CA SER D 614 -56.98 -13.69 17.34
C SER D 614 -55.77 -12.82 17.68
N PRO D 615 -54.63 -13.03 17.02
CA PRO D 615 -53.49 -12.12 17.24
C PRO D 615 -53.79 -10.67 16.86
N ALA D 616 -54.73 -10.44 15.93
CA ALA D 616 -55.13 -9.07 15.61
C ALA D 616 -55.76 -8.39 16.82
N GLU D 617 -56.60 -9.11 17.56
CA GLU D 617 -57.17 -8.54 18.78
C GLU D 617 -56.11 -8.26 19.82
N ALA D 618 -55.11 -9.13 19.94
CA ALA D 618 -54.01 -8.88 20.86
C ALA D 618 -53.23 -7.63 20.47
N ILE D 619 -53.01 -7.44 19.16
CA ILE D 619 -52.31 -6.24 18.71
C ILE D 619 -53.15 -5.00 19.00
N MET D 620 -54.46 -5.06 18.75
CA MET D 620 -55.34 -3.95 19.07
C MET D 620 -55.40 -3.66 20.56
N ALA D 621 -55.20 -4.67 21.41
CA ALA D 621 -55.17 -4.47 22.85
C ALA D 621 -53.84 -3.89 23.33
N MET D 622 -52.73 -4.31 22.71
CA MET D 622 -51.44 -3.75 23.09
C MET D 622 -51.25 -2.34 22.56
N ASP D 623 -51.94 -1.97 21.48
CA ASP D 623 -51.88 -0.59 21.01
C ASP D 623 -52.62 0.37 21.92
N ARG D 624 -53.44 -0.13 22.85
CA ARG D 624 -54.17 0.70 23.80
C ARG D 624 -53.54 0.69 25.18
N GLY D 625 -52.38 0.06 25.33
CA GLY D 625 -51.74 0.01 26.64
C GLY D 625 -52.34 -0.97 27.60
N ALA D 626 -53.25 -1.82 27.14
CA ALA D 626 -53.89 -2.81 27.99
C ALA D 626 -53.21 -4.17 27.93
N LEU D 627 -52.13 -4.30 27.19
CA LEU D 627 -51.43 -5.58 27.05
C LEU D 627 -49.96 -5.30 26.80
N SER D 628 -49.13 -6.30 27.09
CA SER D 628 -47.70 -6.25 26.87
C SER D 628 -47.29 -7.40 25.97
N VAL D 629 -46.27 -7.16 25.13
CA VAL D 629 -45.78 -8.20 24.23
C VAL D 629 -45.08 -9.33 24.96
N ARG D 630 -44.90 -9.22 26.28
CA ARG D 630 -44.19 -10.21 27.06
C ARG D 630 -45.06 -10.76 28.20
N ALA D 631 -46.38 -10.72 28.02
CA ALA D 631 -47.32 -11.23 29.00
C ALA D 631 -47.96 -12.52 28.48
N LYS D 632 -48.02 -13.53 29.36
CA LYS D 632 -48.60 -14.81 28.96
C LYS D 632 -50.11 -14.68 28.80
N ILE D 633 -50.63 -15.16 27.67
CA ILE D 633 -52.04 -15.10 27.33
C ILE D 633 -52.41 -16.39 26.61
N LYS D 634 -53.72 -16.58 26.41
CA LYS D 634 -54.26 -17.65 25.59
C LYS D 634 -54.87 -17.01 24.35
N VAL D 635 -54.35 -17.38 23.19
CA VAL D 635 -54.75 -16.80 21.92
C VAL D 635 -55.15 -17.91 20.95
N ARG D 636 -56.19 -17.67 20.17
CA ARG D 636 -56.65 -18.63 19.16
C ARG D 636 -55.92 -18.37 17.86
N LEU D 637 -55.13 -19.34 17.42
CA LEU D 637 -54.33 -19.23 16.20
C LEU D 637 -54.93 -20.13 15.13
N THR D 638 -54.99 -19.62 13.90
CA THR D 638 -55.51 -20.36 12.77
C THR D 638 -54.53 -20.47 11.61
N GLU D 639 -53.40 -19.77 11.65
CA GLU D 639 -52.43 -19.78 10.56
C GLU D 639 -51.05 -20.25 10.99
N LEU D 640 -50.92 -20.79 12.21
CA LEU D 640 -49.65 -21.27 12.72
C LEU D 640 -49.78 -22.74 13.10
N ARG D 641 -48.80 -23.54 12.70
CA ARG D 641 -48.85 -24.97 12.90
C ARG D 641 -48.62 -25.31 14.37
N PRO D 642 -49.33 -26.29 14.92
CA PRO D 642 -49.13 -26.70 16.31
C PRO D 642 -47.74 -27.29 16.51
N PRO D 643 -47.22 -27.27 17.75
CA PRO D 643 -45.82 -27.67 17.97
C PRO D 643 -45.57 -29.16 17.96
N THR D 644 -46.13 -29.88 16.98
CA THR D 644 -45.81 -31.28 16.71
C THR D 644 -46.27 -32.22 17.83
N ASP D 645 -46.81 -31.67 18.90
CA ASP D 645 -47.31 -32.43 20.02
C ASP D 645 -48.80 -32.25 20.24
N LEU D 646 -49.29 -31.01 20.23
CA LEU D 646 -50.72 -30.76 20.24
C LEU D 646 -51.36 -31.17 18.92
N GLU D 647 -50.59 -31.21 17.83
CA GLU D 647 -51.15 -31.59 16.54
C GLU D 647 -51.52 -33.06 16.50
N ALA D 648 -50.78 -33.92 17.21
CA ALA D 648 -51.08 -35.34 17.25
C ALA D 648 -52.22 -35.69 18.20
N GLN D 649 -52.69 -34.72 19.00
CA GLN D 649 -53.80 -34.95 19.91
C GLN D 649 -55.07 -34.21 19.52
N LEU D 650 -54.97 -33.13 18.75
CA LEU D 650 -56.12 -32.35 18.33
C LEU D 650 -56.61 -32.73 16.94
N PHE D 651 -55.71 -32.80 15.96
CA PHE D 651 -56.06 -33.13 14.58
C PHE D 651 -55.55 -34.53 14.29
N GLU D 652 -56.47 -35.49 14.16
CA GLU D 652 -56.08 -36.87 13.93
C GLU D 652 -55.39 -37.04 12.59
N ASN D 653 -55.98 -36.49 11.53
CA ASN D 653 -55.36 -36.57 10.20
C ASN D 653 -54.16 -35.63 10.12
N GLY D 654 -54.39 -34.35 10.30
CA GLY D 654 -53.31 -33.37 10.25
C GLY D 654 -53.89 -31.97 10.36
N TRP D 655 -52.99 -31.01 10.49
CA TRP D 655 -53.38 -29.61 10.57
C TRP D 655 -53.29 -28.98 9.20
N LYS D 656 -54.38 -28.35 8.76
CA LYS D 656 -54.44 -27.59 7.53
C LYS D 656 -54.68 -26.13 7.85
N PRO D 657 -54.20 -25.21 7.02
CA PRO D 657 -54.37 -23.79 7.32
C PRO D 657 -55.85 -23.43 7.47
N GLY D 658 -56.13 -22.58 8.46
CA GLY D 658 -57.48 -22.24 8.82
C GLY D 658 -58.04 -22.98 10.01
N ASP D 659 -57.38 -24.05 10.45
CA ASP D 659 -57.82 -24.78 11.64
C ASP D 659 -57.40 -24.01 12.88
N ALA D 660 -58.34 -23.85 13.81
CA ALA D 660 -58.14 -23.01 14.99
C ALA D 660 -57.72 -23.87 16.18
N TRP D 661 -56.68 -23.42 16.87
CA TRP D 661 -56.24 -24.06 18.10
C TRP D 661 -55.82 -22.98 19.09
N THR D 662 -55.96 -23.27 20.38
CA THR D 662 -55.67 -22.30 21.43
C THR D 662 -54.25 -22.53 21.95
N ALA D 663 -53.46 -21.47 21.96
CA ALA D 663 -52.07 -21.53 22.42
C ALA D 663 -51.87 -20.60 23.61
N GLU D 664 -51.17 -21.11 24.63
CA GLU D 664 -50.82 -20.32 25.80
C GLU D 664 -49.38 -19.85 25.62
N THR D 665 -49.22 -18.60 25.18
CA THR D 665 -47.91 -18.06 24.86
C THR D 665 -47.96 -16.54 24.98
N THR D 666 -46.93 -15.88 24.49
CA THR D 666 -46.88 -14.43 24.48
C THR D 666 -47.06 -13.92 23.05
N LEU D 667 -47.43 -12.64 22.94
CA LEU D 667 -47.62 -12.04 21.62
C LEU D 667 -46.31 -11.96 20.85
N GLY D 668 -45.20 -11.75 21.54
CA GLY D 668 -43.91 -11.71 20.86
C GLY D 668 -43.57 -13.02 20.18
N ARG D 669 -43.86 -14.14 20.85
CA ARG D 669 -43.63 -15.44 20.23
C ARG D 669 -44.56 -15.68 19.05
N VAL D 670 -45.78 -15.16 19.11
CA VAL D 670 -46.69 -15.25 17.97
C VAL D 670 -46.12 -14.48 16.78
N MET D 671 -45.60 -13.27 17.02
CA MET D 671 -44.98 -12.51 15.94
C MET D 671 -43.75 -13.25 15.39
N PHE D 672 -42.92 -13.78 16.28
CA PHE D 672 -41.71 -14.48 15.83
C PHE D 672 -42.07 -15.69 14.98
N ASN D 673 -43.10 -16.43 15.36
CA ASN D 673 -43.53 -17.56 14.54
C ASN D 673 -44.22 -17.12 13.26
N GLU D 674 -44.80 -15.93 13.24
CA GLU D 674 -45.27 -15.37 11.97
C GLU D 674 -44.10 -15.08 11.03
N LEU D 675 -42.93 -14.76 11.59
CA LEU D 675 -41.75 -14.57 10.75
C LEU D 675 -41.34 -15.88 10.07
N LEU D 676 -41.43 -17.00 10.79
CA LEU D 676 -40.99 -18.29 10.28
C LEU D 676 -41.95 -18.80 9.20
N PRO D 677 -41.51 -19.76 8.39
CA PRO D 677 -42.39 -20.30 7.34
C PRO D 677 -43.69 -20.87 7.88
N LYS D 678 -44.65 -21.07 6.98
CA LYS D 678 -45.99 -21.46 7.39
C LYS D 678 -46.03 -22.91 7.89
N SER D 679 -45.27 -23.80 7.26
CA SER D 679 -45.28 -25.20 7.63
C SER D 679 -44.34 -25.52 8.78
N TYR D 680 -43.60 -24.54 9.28
CA TYR D 680 -42.72 -24.76 10.42
C TYR D 680 -43.54 -24.76 11.71
N PRO D 681 -43.41 -25.79 12.55
CA PRO D 681 -44.22 -25.84 13.77
C PRO D 681 -43.90 -24.72 14.75
N PHE D 682 -44.89 -24.39 15.57
CA PHE D 682 -44.74 -23.36 16.58
C PHE D 682 -43.61 -23.73 17.54
N VAL D 683 -42.79 -22.72 17.90
CA VAL D 683 -41.61 -22.97 18.71
C VAL D 683 -41.93 -22.77 20.19
N ASN D 684 -42.35 -21.55 20.54
CA ASN D 684 -42.73 -21.20 21.91
C ASN D 684 -41.53 -21.35 22.87
N GLU D 685 -40.45 -20.63 22.53
CA GLU D 685 -39.26 -20.62 23.36
C GLU D 685 -38.64 -19.24 23.33
N GLN D 686 -37.87 -18.94 24.38
CA GLN D 686 -37.10 -17.70 24.43
C GLN D 686 -35.90 -17.81 23.50
N MET D 687 -35.70 -16.78 22.66
CA MET D 687 -34.75 -16.88 21.56
C MET D 687 -33.36 -16.42 22.02
N HIS D 688 -32.66 -17.33 22.67
CA HIS D 688 -31.23 -17.19 22.84
C HIS D 688 -30.54 -17.38 21.50
N LYS D 689 -29.29 -16.92 21.40
CA LYS D 689 -28.57 -17.05 20.13
C LYS D 689 -28.42 -18.51 19.73
N LYS D 690 -28.24 -19.41 20.70
CA LYS D 690 -28.16 -20.83 20.40
C LYS D 690 -29.46 -21.33 19.79
N VAL D 691 -30.60 -20.88 20.32
CA VAL D 691 -31.90 -21.30 19.79
C VAL D 691 -32.08 -20.81 18.37
N GLN D 692 -31.70 -19.55 18.10
CA GLN D 692 -31.80 -19.03 16.74
C GLN D 692 -30.91 -19.80 15.78
N ALA D 693 -29.68 -20.13 16.21
CA ALA D 693 -28.80 -20.92 15.36
C ALA D 693 -29.38 -22.30 15.09
N ARG D 694 -29.98 -22.92 16.11
CA ARG D 694 -30.61 -24.23 15.92
C ARG D 694 -31.77 -24.15 14.92
N ILE D 695 -32.59 -23.10 15.04
CA ILE D 695 -33.73 -22.95 14.14
C ILE D 695 -33.23 -22.73 12.71
N ILE D 696 -32.19 -21.91 12.53
CA ILE D 696 -31.71 -21.63 11.18
C ILE D 696 -31.05 -22.88 10.58
N ASN D 697 -30.34 -23.66 11.39
CA ASN D 697 -29.79 -24.92 10.90
C ASN D 697 -30.90 -25.88 10.49
N ASP D 698 -31.97 -25.94 11.27
CA ASP D 698 -33.09 -26.79 10.90
C ASP D 698 -33.73 -26.35 9.59
N LEU D 699 -33.89 -25.03 9.42
CA LEU D 699 -34.45 -24.52 8.17
C LEU D 699 -33.55 -24.85 6.99
N ALA D 700 -32.23 -24.69 7.17
CA ALA D 700 -31.31 -25.00 6.08
C ALA D 700 -31.33 -26.48 5.73
N GLU D 701 -31.48 -27.35 6.73
CA GLU D 701 -31.51 -28.77 6.47
C GLU D 701 -32.82 -29.24 5.86
N ARG D 702 -33.92 -28.54 6.14
CA ARG D 702 -35.24 -29.03 5.75
C ARG D 702 -35.92 -28.23 4.65
N PHE D 703 -35.46 -27.01 4.36
CA PHE D 703 -36.15 -26.11 3.46
C PHE D 703 -35.22 -25.64 2.35
N PRO D 704 -35.78 -25.21 1.21
CA PRO D 704 -34.93 -24.64 0.15
C PRO D 704 -34.20 -23.40 0.62
N MET D 705 -33.03 -23.15 0.02
CA MET D 705 -32.18 -22.06 0.47
C MET D 705 -32.80 -20.68 0.22
N ILE D 706 -33.68 -20.55 -0.77
CA ILE D 706 -34.36 -19.27 -0.98
C ILE D 706 -35.27 -18.95 0.20
N VAL D 707 -35.98 -19.97 0.71
CA VAL D 707 -36.79 -19.80 1.90
C VAL D 707 -35.93 -19.40 3.09
N VAL D 708 -34.75 -20.01 3.22
CA VAL D 708 -33.85 -19.67 4.32
C VAL D 708 -33.40 -18.22 4.23
N ALA D 709 -33.05 -17.76 3.03
CA ALA D 709 -32.62 -16.37 2.86
C ALA D 709 -33.74 -15.40 3.20
N GLN D 710 -34.96 -15.68 2.72
CA GLN D 710 -36.09 -14.81 3.03
C GLN D 710 -36.39 -14.78 4.51
N THR D 711 -36.34 -15.94 5.18
CA THR D 711 -36.58 -15.99 6.61
C THR D 711 -35.53 -15.21 7.38
N VAL D 712 -34.27 -15.30 6.96
CA VAL D 712 -33.21 -14.57 7.63
C VAL D 712 -33.40 -13.07 7.46
N ASP D 713 -33.85 -12.63 6.27
CA ASP D 713 -34.15 -11.22 6.07
C ASP D 713 -35.28 -10.75 6.98
N LYS D 714 -36.34 -11.56 7.11
CA LYS D 714 -37.44 -11.19 7.99
C LYS D 714 -36.98 -11.09 9.44
N LEU D 715 -36.16 -12.04 9.88
CA LEU D 715 -35.64 -12.01 11.25
C LEU D 715 -34.78 -10.77 11.47
N LYS D 716 -33.96 -10.41 10.48
CA LYS D 716 -33.16 -9.19 10.59
C LYS D 716 -34.04 -7.96 10.77
N ASP D 717 -35.08 -7.83 9.94
CA ASP D 717 -35.96 -6.67 10.04
C ASP D 717 -36.64 -6.60 11.41
N ALA D 718 -37.16 -7.74 11.88
CA ALA D 718 -37.85 -7.73 13.17
C ALA D 718 -36.90 -7.44 14.32
N GLY D 719 -35.69 -8.01 14.28
CA GLY D 719 -34.73 -7.75 15.34
C GLY D 719 -34.29 -6.31 15.39
N PHE D 720 -34.08 -5.70 14.21
CA PHE D 720 -33.74 -4.29 14.17
C PHE D 720 -34.89 -3.43 14.68
N TYR D 721 -36.13 -3.80 14.35
CA TYR D 721 -37.27 -3.02 14.83
C TYR D 721 -37.40 -3.10 16.34
N TRP D 722 -37.21 -4.27 16.93
CA TRP D 722 -37.43 -4.44 18.35
C TRP D 722 -36.19 -4.16 19.21
N ALA D 723 -35.03 -3.96 18.59
CA ALA D 723 -33.84 -3.61 19.37
C ALA D 723 -33.91 -2.18 19.89
N THR D 724 -34.41 -1.26 19.07
CA THR D 724 -34.50 0.14 19.49
C THR D 724 -35.57 0.36 20.54
N ARG D 725 -36.54 -0.53 20.65
CA ARG D 725 -37.57 -0.46 21.68
C ARG D 725 -37.30 -1.40 22.84
N SER D 726 -36.13 -2.04 22.86
CA SER D 726 -35.76 -2.93 23.95
C SER D 726 -35.37 -2.19 25.22
N GLY D 727 -35.02 -0.92 25.11
CA GLY D 727 -34.65 -0.15 26.29
C GLY D 727 -33.28 -0.44 26.84
N VAL D 728 -32.33 -0.82 25.99
CA VAL D 728 -30.97 -1.10 26.42
C VAL D 728 -30.14 0.17 26.26
N THR D 729 -29.74 0.76 27.38
CA THR D 729 -28.90 1.95 27.40
C THR D 729 -27.81 1.75 28.44
N VAL D 730 -26.68 2.43 28.22
CA VAL D 730 -25.56 2.39 29.15
C VAL D 730 -25.57 3.68 29.95
N SER D 731 -25.68 3.55 31.27
CA SER D 731 -25.65 4.70 32.16
C SER D 731 -24.80 4.35 33.37
N MET D 732 -24.31 5.39 34.05
CA MET D 732 -23.52 5.17 35.25
C MET D 732 -24.37 4.53 36.35
N ALA D 733 -25.68 4.81 36.35
CA ALA D 733 -26.58 4.19 37.31
C ALA D 733 -26.91 2.74 36.98
N ASP D 734 -26.75 2.33 35.73
CA ASP D 734 -26.98 0.94 35.36
C ASP D 734 -25.79 0.05 35.69
N VAL D 735 -24.61 0.64 35.95
CA VAL D 735 -23.42 -0.13 36.31
C VAL D 735 -23.41 -0.21 37.83
N LEU D 736 -24.08 -1.21 38.38
CA LEU D 736 -24.18 -1.37 39.82
C LEU D 736 -22.97 -2.13 40.36
N VAL D 737 -22.64 -1.85 41.62
CA VAL D 737 -21.55 -2.55 42.30
C VAL D 737 -22.14 -3.37 43.45
N PRO D 738 -21.69 -4.60 43.64
CA PRO D 738 -22.20 -5.42 44.74
C PRO D 738 -21.91 -4.78 46.08
N PRO D 739 -22.83 -4.88 47.05
CA PRO D 739 -22.63 -4.23 48.34
C PRO D 739 -21.69 -4.96 49.28
N GLN D 740 -21.39 -6.24 49.02
CA GLN D 740 -20.51 -7.03 49.88
C GLN D 740 -19.10 -7.16 49.33
N LYS D 741 -18.72 -6.30 48.39
CA LYS D 741 -17.37 -6.33 47.86
C LYS D 741 -16.34 -5.94 48.93
N GLN D 742 -16.70 -4.96 49.76
CA GLN D 742 -15.77 -4.48 50.79
C GLN D 742 -15.43 -5.57 51.79
N GLU D 743 -16.42 -6.37 52.21
CA GLU D 743 -16.15 -7.43 53.18
C GLU D 743 -15.20 -8.48 52.61
N ILE D 744 -15.43 -8.90 51.36
CA ILE D 744 -14.56 -9.88 50.73
C ILE D 744 -13.14 -9.34 50.61
N LEU D 745 -13.02 -8.09 50.15
CA LEU D 745 -11.69 -7.49 50.01
C LEU D 745 -10.99 -7.39 51.35
N GLU D 746 -11.72 -7.01 52.40
CA GLU D 746 -11.11 -6.89 53.73
C GLU D 746 -10.64 -8.23 54.25
N ARG D 747 -11.46 -9.28 54.10
CA ARG D 747 -11.05 -10.59 54.59
C ARG D 747 -9.82 -11.10 53.85
N HIS D 748 -9.83 -10.99 52.52
CA HIS D 748 -8.69 -11.49 51.76
C HIS D 748 -7.45 -10.63 51.97
N GLU D 749 -7.62 -9.33 52.24
CA GLU D 749 -6.49 -8.49 52.56
C GLU D 749 -5.91 -8.83 53.94
N ALA D 750 -6.78 -9.21 54.89
CA ALA D 750 -6.28 -9.69 56.17
C ALA D 750 -5.48 -10.97 56.00
N GLU D 751 -5.95 -11.89 55.15
CA GLU D 751 -5.19 -13.09 54.87
C GLU D 751 -3.85 -12.76 54.21
N ALA D 752 -3.85 -11.81 53.26
CA ALA D 752 -2.62 -11.41 52.61
C ALA D 752 -1.64 -10.77 53.59
N ASP D 753 -2.14 -9.95 54.52
CA ASP D 753 -1.28 -9.36 55.54
C ASP D 753 -0.71 -10.43 56.45
N ALA D 754 -1.50 -11.44 56.80
CA ALA D 754 -0.98 -12.54 57.60
C ALA D 754 0.14 -13.28 56.87
N ILE D 755 -0.06 -13.55 55.57
CA ILE D 755 0.98 -14.24 54.79
C ILE D 755 2.23 -13.38 54.71
N GLU D 756 2.06 -12.07 54.49
CA GLU D 756 3.22 -11.17 54.40
C GLU D 756 3.98 -11.12 55.72
N ARG D 757 3.25 -11.05 56.84
CA ARG D 757 3.92 -11.04 58.14
C ARG D 757 4.66 -12.33 58.40
N LYS D 758 4.06 -13.47 58.02
CA LYS D 758 4.75 -14.75 58.17
C LYS D 758 6.01 -14.80 57.30
N TYR D 759 5.94 -14.22 56.09
CA TYR D 759 7.11 -14.16 55.23
C TYR D 759 8.21 -13.30 55.85
N GLN D 760 7.82 -12.17 56.47
CA GLN D 760 8.81 -11.31 57.11
C GLN D 760 9.49 -11.96 58.30
N ARG D 761 8.89 -13.01 58.87
CA ARG D 761 9.49 -13.71 59.99
C ARG D 761 10.45 -14.81 59.53
N GLY D 762 10.62 -15.01 58.23
CA GLY D 762 11.59 -15.93 57.70
C GLY D 762 11.06 -17.30 57.32
N ALA D 763 9.84 -17.64 57.75
CA ALA D 763 9.29 -18.97 57.48
C ALA D 763 8.49 -18.99 56.18
N LEU D 764 9.11 -18.50 55.10
CA LEU D 764 8.49 -18.49 53.78
C LEU D 764 9.57 -18.20 52.74
N ASN D 765 9.41 -18.80 51.57
CA ASN D 765 10.26 -18.48 50.43
C ASN D 765 9.67 -17.27 49.71
N HIS D 766 10.27 -16.88 48.59
CA HIS D 766 9.68 -15.87 47.73
C HIS D 766 8.63 -16.48 46.80
N THR D 767 8.94 -17.64 46.21
CA THR D 767 8.00 -18.31 45.33
C THR D 767 6.75 -18.77 46.10
N GLU D 768 6.95 -19.28 47.31
CA GLU D 768 5.80 -19.72 48.12
C GLU D 768 4.90 -18.54 48.46
N ARG D 769 5.48 -17.41 48.85
CA ARG D 769 4.68 -16.23 49.14
C ARG D 769 3.92 -15.76 47.90
N ASN D 770 4.59 -15.74 46.75
CA ASN D 770 3.93 -15.33 45.52
C ASN D 770 2.75 -16.26 45.20
N GLU D 771 2.97 -17.57 45.32
CA GLU D 771 1.90 -18.51 45.00
C GLU D 771 0.72 -18.37 45.96
N SER D 772 1.00 -18.21 47.26
CA SER D 772 -0.07 -18.06 48.23
C SER D 772 -0.87 -16.79 47.97
N LEU D 773 -0.19 -15.68 47.68
CA LEU D 773 -0.90 -14.44 47.40
C LEU D 773 -1.73 -14.56 46.13
N VAL D 774 -1.18 -15.23 45.11
CA VAL D 774 -1.93 -15.42 43.87
C VAL D 774 -3.20 -16.22 44.13
N LYS D 775 -3.09 -17.30 44.90
CA LYS D 775 -4.28 -18.09 45.21
C LYS D 775 -5.30 -17.29 45.99
N ILE D 776 -4.85 -16.52 46.98
CA ILE D 776 -5.76 -15.72 47.79
C ILE D 776 -6.52 -14.71 46.92
N TRP D 777 -5.79 -14.01 46.05
CA TRP D 777 -6.44 -12.98 45.26
C TRP D 777 -7.30 -13.57 44.14
N GLN D 778 -6.94 -14.74 43.63
CA GLN D 778 -7.84 -15.43 42.69
C GLN D 778 -9.15 -15.82 43.36
N ASP D 779 -9.07 -16.32 44.60
CA ASP D 779 -10.29 -16.64 45.33
C ASP D 779 -11.13 -15.39 45.58
N ALA D 780 -10.47 -14.28 45.92
CA ALA D 780 -11.20 -13.03 46.11
C ALA D 780 -11.89 -12.60 44.82
N THR D 781 -11.19 -12.72 43.68
CA THR D 781 -11.79 -12.37 42.40
C THR D 781 -13.00 -13.22 42.11
N GLU D 782 -12.92 -14.54 42.36
CA GLU D 782 -14.06 -15.42 42.12
C GLU D 782 -15.23 -15.05 43.02
N GLU D 783 -14.97 -14.74 44.30
CA GLU D 783 -16.05 -14.37 45.21
C GLU D 783 -16.73 -13.08 44.75
N VAL D 784 -15.94 -12.08 44.35
CA VAL D 784 -16.52 -10.82 43.89
C VAL D 784 -17.32 -11.04 42.62
N GLY D 785 -16.83 -11.88 41.72
CA GLY D 785 -17.56 -12.16 40.50
C GLY D 785 -18.90 -12.83 40.77
N LYS D 786 -18.91 -13.83 41.66
CA LYS D 786 -20.16 -14.49 41.99
C LYS D 786 -21.14 -13.53 42.66
N ALA D 787 -20.65 -12.67 43.57
CA ALA D 787 -21.52 -11.70 44.21
C ALA D 787 -22.12 -10.73 43.21
N LEU D 788 -21.31 -10.24 42.27
CA LEU D 788 -21.80 -9.34 41.24
C LEU D 788 -22.84 -10.02 40.36
N GLU D 789 -22.56 -11.27 39.97
CA GLU D 789 -23.49 -11.99 39.10
C GLU D 789 -24.83 -12.22 39.79
N GLU D 790 -24.80 -12.54 41.09
CA GLU D 790 -26.05 -12.74 41.81
C GLU D 790 -26.77 -11.44 42.10
N PHE D 791 -26.04 -10.33 42.21
CA PHE D 791 -26.66 -9.06 42.60
C PHE D 791 -27.47 -8.43 41.46
N TYR D 792 -27.00 -8.55 40.23
CA TYR D 792 -27.64 -7.85 39.12
C TYR D 792 -29.02 -8.43 38.83
N PRO D 793 -30.00 -7.60 38.53
CA PRO D 793 -31.32 -8.10 38.11
C PRO D 793 -31.25 -8.71 36.72
N ALA D 794 -32.32 -9.43 36.36
CA ALA D 794 -32.38 -10.08 35.07
C ALA D 794 -32.67 -9.11 33.92
N ASP D 795 -33.17 -7.93 34.22
CA ASP D 795 -33.52 -6.95 33.18
C ASP D 795 -32.55 -5.78 33.14
N ASN D 796 -31.35 -5.94 33.71
CA ASN D 796 -30.36 -4.88 33.63
C ASN D 796 -29.85 -4.75 32.20
N PRO D 797 -29.66 -3.53 31.70
CA PRO D 797 -29.17 -3.36 30.33
C PRO D 797 -27.79 -3.94 30.08
N ILE D 798 -26.97 -4.09 31.12
CA ILE D 798 -25.64 -4.67 30.95
C ILE D 798 -25.69 -6.18 30.97
N ILE D 799 -26.48 -6.76 31.89
CA ILE D 799 -26.59 -8.21 31.96
C ILE D 799 -27.34 -8.76 30.75
N THR D 800 -28.35 -8.01 30.27
CA THR D 800 -29.18 -8.53 29.18
C THR D 800 -28.38 -8.79 27.92
N ILE D 801 -27.44 -7.90 27.59
CA ILE D 801 -26.64 -8.06 26.39
C ILE D 801 -25.80 -9.33 26.46
N VAL D 802 -25.20 -9.59 27.62
CA VAL D 802 -24.36 -10.77 27.77
C VAL D 802 -25.20 -12.05 27.78
N LYS D 803 -26.32 -12.04 28.52
CA LYS D 803 -27.12 -13.24 28.68
C LYS D 803 -27.83 -13.64 27.40
N SER D 804 -28.21 -12.66 26.57
CA SER D 804 -28.90 -12.97 25.33
C SER D 804 -28.00 -13.59 24.28
N GLY D 805 -26.70 -13.64 24.52
CA GLY D 805 -25.77 -14.12 23.52
C GLY D 805 -25.39 -13.12 22.47
N ALA D 806 -25.82 -11.86 22.62
CA ALA D 806 -25.50 -10.84 21.64
C ALA D 806 -23.99 -10.63 21.54
N THR D 807 -23.37 -10.18 22.64
CA THR D 807 -21.93 -9.98 22.67
C THR D 807 -21.50 -9.78 24.12
N GLY D 808 -20.23 -10.03 24.38
CA GLY D 808 -19.64 -9.81 25.68
C GLY D 808 -19.51 -11.08 26.51
N ASN D 809 -18.84 -10.93 27.64
CA ASN D 809 -18.63 -12.01 28.60
C ASN D 809 -19.04 -11.54 29.98
N LEU D 810 -19.02 -12.47 30.93
CA LEU D 810 -19.17 -12.11 32.34
C LEU D 810 -17.88 -11.59 32.95
N THR D 811 -16.74 -11.99 32.40
CA THR D 811 -15.46 -11.44 32.88
C THR D 811 -15.37 -9.95 32.61
N GLN D 812 -15.80 -9.50 31.42
CA GLN D 812 -15.80 -8.08 31.12
C GLN D 812 -16.77 -7.32 32.03
N THR D 813 -17.92 -7.93 32.34
CA THR D 813 -18.86 -7.30 33.26
C THR D 813 -18.26 -7.19 34.66
N ARG D 814 -17.54 -8.22 35.11
CA ARG D 814 -16.89 -8.16 36.40
C ARG D 814 -15.81 -7.08 36.43
N THR D 815 -15.03 -6.98 35.36
CA THR D 815 -14.01 -5.94 35.28
C THR D 815 -14.62 -4.56 35.29
N LEU D 816 -15.75 -4.39 34.59
CA LEU D 816 -16.41 -3.09 34.54
C LEU D 816 -16.94 -2.68 35.91
N ALA D 817 -17.58 -3.60 36.62
CA ALA D 817 -18.13 -3.34 37.95
C ALA D 817 -17.71 -4.50 38.85
N GLY D 818 -16.72 -4.27 39.70
CA GLY D 818 -16.18 -5.35 40.51
C GLY D 818 -14.70 -5.20 40.74
N MET D 819 -13.94 -6.24 40.40
CA MET D 819 -12.50 -6.27 40.63
C MET D 819 -11.79 -6.61 39.33
N LYS D 820 -10.80 -5.81 38.96
CA LYS D 820 -10.00 -6.11 37.78
C LYS D 820 -9.24 -7.43 37.95
N GLY D 821 -8.67 -7.66 39.12
CA GLY D 821 -8.00 -8.91 39.42
C GLY D 821 -6.49 -8.85 39.34
N LEU D 822 -5.86 -9.97 38.99
CA LEU D 822 -4.42 -10.07 38.91
C LEU D 822 -3.95 -9.75 37.50
N VAL D 823 -2.83 -9.03 37.41
CA VAL D 823 -2.24 -8.63 36.15
C VAL D 823 -0.86 -9.28 36.04
N THR D 824 -0.34 -9.30 34.82
CA THR D 824 0.89 -10.03 34.52
C THR D 824 2.08 -9.10 34.40
N ASN D 825 3.26 -9.65 34.66
CA ASN D 825 4.52 -8.95 34.46
C ASN D 825 4.80 -8.81 32.96
N PRO D 826 5.71 -7.92 32.58
CA PRO D 826 6.08 -7.81 31.16
C PRO D 826 6.62 -9.10 30.57
N LYS D 827 7.09 -10.03 31.40
CA LYS D 827 7.56 -11.33 30.95
C LYS D 827 6.54 -12.43 31.15
N GLY D 828 5.28 -12.09 31.44
CA GLY D 828 4.23 -13.07 31.57
C GLY D 828 4.22 -13.82 32.89
N GLU D 829 4.01 -13.10 33.99
CA GLU D 829 3.98 -13.70 35.31
C GLU D 829 3.10 -12.85 36.21
N PHE D 830 2.24 -13.51 36.99
CA PHE D 830 1.29 -12.78 37.82
C PHE D 830 2.01 -11.95 38.88
N ILE D 831 1.51 -10.73 39.08
CA ILE D 831 2.02 -9.84 40.11
C ILE D 831 1.23 -10.06 41.39
N PRO D 832 1.89 -10.28 42.54
CA PRO D 832 1.15 -10.58 43.77
C PRO D 832 0.15 -9.51 44.17
N ARG D 833 0.44 -8.25 43.91
CA ARG D 833 -0.50 -7.18 44.25
C ARG D 833 -1.55 -7.06 43.15
N PRO D 834 -2.83 -7.20 43.46
CA PRO D 834 -3.86 -7.15 42.43
C PRO D 834 -4.37 -5.73 42.20
N ILE D 835 -5.25 -5.60 41.22
CA ILE D 835 -5.98 -4.35 40.96
C ILE D 835 -7.36 -4.54 41.56
N LYS D 836 -7.58 -3.95 42.73
CA LYS D 836 -8.84 -4.12 43.45
C LYS D 836 -9.89 -3.08 43.06
N SER D 837 -9.59 -2.21 42.10
CA SER D 837 -10.50 -1.15 41.68
C SER D 837 -11.04 -1.46 40.29
N SER D 838 -12.34 -1.29 40.11
CA SER D 838 -12.99 -1.48 38.83
C SER D 838 -12.91 -0.20 38.00
N PHE D 839 -13.08 -0.35 36.69
CA PHE D 839 -13.02 0.80 35.80
C PHE D 839 -14.16 1.79 36.05
N ARG D 840 -15.25 1.35 36.66
CA ARG D 840 -16.28 2.31 37.06
C ARG D 840 -15.80 3.21 38.19
N GLU D 841 -15.15 2.63 39.20
CA GLU D 841 -14.59 3.43 40.29
C GLU D 841 -13.38 4.22 39.81
N GLY D 842 -12.57 3.63 38.95
CA GLY D 842 -11.40 4.32 38.43
C GLY D 842 -10.10 3.78 38.99
N LEU D 843 -9.24 3.26 38.13
CA LEU D 843 -7.95 2.75 38.57
C LEU D 843 -7.05 3.90 39.02
N THR D 844 -6.10 3.58 39.89
CA THR D 844 -5.12 4.55 40.33
C THR D 844 -3.97 4.60 39.33
N VAL D 845 -2.90 5.32 39.67
CA VAL D 845 -1.81 5.52 38.74
C VAL D 845 -1.04 4.22 38.49
N LEU D 846 -0.65 3.54 39.57
CA LEU D 846 0.18 2.35 39.44
C LEU D 846 -0.59 1.16 38.89
N GLU D 847 -1.86 1.01 39.29
CA GLU D 847 -2.71 -0.01 38.70
C GLU D 847 -2.85 0.21 37.20
N TYR D 848 -3.02 1.47 36.80
CA TYR D 848 -3.10 1.79 35.37
C TYR D 848 -1.79 1.46 34.66
N PHE D 849 -0.66 1.69 35.32
CA PHE D 849 0.63 1.37 34.71
C PHE D 849 0.77 -0.13 34.45
N ILE D 850 0.38 -0.95 35.43
CA ILE D 850 0.46 -2.40 35.23
C ILE D 850 -0.52 -2.86 34.16
N ASN D 851 -1.71 -2.26 34.14
CA ASN D 851 -2.67 -2.57 33.09
C ASN D 851 -2.10 -2.25 31.71
N THR D 852 -1.35 -1.15 31.61
CA THR D 852 -0.70 -0.82 30.34
C THR D 852 0.34 -1.87 29.97
N HIS D 853 1.12 -2.33 30.95
CA HIS D 853 2.03 -3.45 30.70
C HIS D 853 1.32 -4.58 29.97
N GLY D 854 0.28 -5.12 30.61
CA GLY D 854 -0.42 -6.26 30.04
C GLY D 854 -1.04 -5.97 28.68
N ALA D 855 -1.68 -4.80 28.56
CA ALA D 855 -2.39 -4.48 27.33
C ALA D 855 -1.42 -4.34 26.15
N ARG D 856 -0.29 -3.66 26.36
CA ARG D 856 0.67 -3.53 25.27
C ARG D 856 1.26 -4.88 24.90
N LYS D 857 1.51 -5.75 25.89
CA LYS D 857 2.01 -7.08 25.56
C LYS D 857 1.03 -7.82 24.65
N GLY D 858 -0.26 -7.79 24.99
CA GLY D 858 -1.25 -8.46 24.16
C GLY D 858 -1.35 -7.88 22.75
N LEU D 859 -1.38 -6.54 22.68
CA LEU D 859 -1.49 -5.88 21.38
C LEU D 859 -0.29 -6.21 20.49
N ALA D 860 0.91 -6.24 21.06
CA ALA D 860 2.09 -6.54 20.26
C ALA D 860 2.13 -8.01 19.86
N ASP D 861 1.60 -8.91 20.68
CA ASP D 861 1.60 -10.32 20.32
C ASP D 861 0.59 -10.62 19.21
N THR D 862 -0.49 -9.85 19.13
CA THR D 862 -1.54 -10.14 18.15
C THR D 862 -1.01 -10.09 16.72
N ALA D 863 -0.20 -9.08 16.39
CA ALA D 863 0.29 -8.95 15.01
C ALA D 863 1.19 -10.11 14.61
N LEU D 864 2.08 -10.53 15.52
CA LEU D 864 2.93 -11.67 15.24
C LEU D 864 2.10 -12.94 15.05
N ARG D 865 1.07 -13.12 15.87
CA ARG D 865 0.19 -14.27 15.68
C ARG D 865 -0.47 -14.23 14.31
N THR D 866 -0.93 -13.07 13.88
CA THR D 866 -1.58 -12.95 12.57
C THR D 866 -0.60 -13.29 11.44
N ALA D 867 0.63 -12.80 11.53
CA ALA D 867 1.61 -13.11 10.49
C ALA D 867 1.92 -14.61 10.44
N ASP D 868 2.09 -15.24 11.60
CA ASP D 868 2.34 -16.67 11.62
C ASP D 868 1.17 -17.45 11.04
N SER D 869 -0.06 -17.04 11.36
CA SER D 869 -1.23 -17.70 10.81
C SER D 869 -1.28 -17.57 9.29
N GLY D 870 -0.94 -16.39 8.76
CA GLY D 870 -0.92 -16.21 7.33
C GLY D 870 0.11 -17.10 6.65
N TYR D 871 1.31 -17.20 7.23
CA TYR D 871 2.34 -18.06 6.67
C TYR D 871 1.89 -19.53 6.68
N LEU D 872 1.29 -19.97 7.79
CA LEU D 872 0.82 -21.34 7.88
C LEU D 872 -0.26 -21.62 6.84
N THR D 873 -1.19 -20.67 6.66
CA THR D 873 -2.24 -20.85 5.66
C THR D 873 -1.66 -20.96 4.26
N ARG D 874 -0.66 -20.13 3.95
CA ARG D 874 -0.04 -20.21 2.63
C ARG D 874 0.61 -21.55 2.41
N ARG D 875 1.35 -22.05 3.40
CA ARG D 875 1.97 -23.36 3.26
C ARG D 875 0.92 -24.46 3.08
N LEU D 876 -0.15 -24.42 3.88
CA LEU D 876 -1.19 -25.44 3.77
C LEU D 876 -1.85 -25.42 2.40
N VAL D 877 -2.12 -24.22 1.86
CA VAL D 877 -2.70 -24.13 0.53
C VAL D 877 -1.74 -24.69 -0.51
N ASP D 878 -0.46 -24.35 -0.40
CA ASP D 878 0.50 -24.82 -1.39
C ASP D 878 0.79 -26.31 -1.29
N VAL D 879 0.42 -26.96 -0.18
CA VAL D 879 0.63 -28.39 -0.06
C VAL D 879 -0.51 -29.16 -0.72
N SER D 880 -1.73 -28.97 -0.23
CA SER D 880 -2.88 -29.76 -0.67
C SER D 880 -3.65 -28.98 -1.72
N GLN D 881 -3.20 -29.11 -2.97
CA GLN D 881 -3.90 -28.53 -4.10
C GLN D 881 -4.17 -29.54 -5.21
N ASP D 882 -3.58 -30.72 -5.16
CA ASP D 882 -3.90 -31.80 -6.09
C ASP D 882 -5.01 -32.70 -5.56
N VAL D 883 -5.59 -32.37 -4.41
CA VAL D 883 -6.71 -33.13 -3.85
C VAL D 883 -7.99 -32.51 -4.41
N ILE D 884 -8.49 -33.11 -5.50
CA ILE D 884 -9.71 -32.66 -6.16
C ILE D 884 -10.59 -33.87 -6.40
N VAL D 885 -11.89 -33.71 -6.18
CA VAL D 885 -12.84 -34.79 -6.40
C VAL D 885 -12.89 -35.13 -7.89
N ARG D 886 -12.44 -36.33 -8.24
CA ARG D 886 -12.35 -36.75 -9.64
C ARG D 886 -13.39 -37.79 -10.03
N GLU D 887 -13.88 -38.58 -9.08
CA GLU D 887 -14.85 -39.62 -9.38
C GLU D 887 -16.09 -39.47 -8.51
N HIS D 888 -16.99 -40.45 -8.58
CA HIS D 888 -18.12 -40.53 -7.66
C HIS D 888 -17.90 -41.54 -6.55
N ASP D 889 -17.43 -42.74 -6.88
CA ASP D 889 -17.23 -43.79 -5.89
C ASP D 889 -16.07 -44.64 -6.33
N CYS D 890 -15.07 -44.79 -5.46
CA CYS D 890 -13.93 -45.65 -5.75
C CYS D 890 -14.21 -47.12 -5.44
N GLU D 891 -15.35 -47.42 -4.82
CA GLU D 891 -15.76 -48.79 -4.51
C GLU D 891 -14.71 -49.48 -3.63
N THR D 892 -14.52 -48.93 -2.44
CA THR D 892 -13.55 -49.42 -1.48
C THR D 892 -14.27 -49.85 -0.20
N GLU D 893 -13.84 -50.98 0.36
CA GLU D 893 -14.36 -51.48 1.62
C GLU D 893 -13.55 -51.01 2.82
N ARG D 894 -12.50 -50.21 2.60
CA ARG D 894 -11.63 -49.77 3.68
C ARG D 894 -12.14 -48.46 4.26
N GLY D 895 -11.99 -48.31 5.58
CA GLY D 895 -12.49 -47.12 6.24
C GLY D 895 -11.76 -46.78 7.53
N ILE D 896 -12.41 -45.95 8.34
CA ILE D 896 -11.86 -45.41 9.58
C ILE D 896 -12.84 -45.73 10.70
N ASN D 897 -12.33 -46.24 11.82
CA ASN D 897 -13.16 -46.51 12.98
C ASN D 897 -13.42 -45.21 13.74
N VAL D 898 -14.69 -44.94 14.02
CA VAL D 898 -15.12 -43.76 14.74
C VAL D 898 -16.00 -44.19 15.90
N THR D 899 -15.73 -43.66 17.10
CA THR D 899 -16.43 -44.03 18.31
C THR D 899 -17.57 -43.04 18.56
N LEU D 900 -18.75 -43.58 18.90
CA LEU D 900 -19.93 -42.78 19.20
C LEU D 900 -20.17 -42.62 20.70
N ALA D 901 -20.21 -43.74 21.43
CA ALA D 901 -20.34 -43.73 22.88
C ALA D 901 -19.29 -44.66 23.47
N GLU D 902 -18.79 -44.32 24.65
CA GLU D 902 -17.64 -45.03 25.20
C GLU D 902 -18.05 -46.18 26.13
N ARG D 903 -18.67 -45.85 27.26
CA ARG D 903 -19.09 -46.90 28.18
C ARG D 903 -20.57 -46.84 28.55
N GLY D 904 -21.02 -45.66 28.97
CA GLY D 904 -22.32 -45.54 29.61
C GLY D 904 -22.24 -45.95 31.07
N PRO D 905 -22.90 -45.19 31.96
CA PRO D 905 -22.90 -45.53 33.38
C PRO D 905 -23.30 -46.96 33.66
N ASP D 906 -24.51 -47.35 33.23
CA ASP D 906 -24.98 -48.73 33.36
C ASP D 906 -25.46 -49.28 32.02
N GLY D 907 -25.16 -48.60 30.92
CA GLY D 907 -25.61 -49.04 29.62
C GLY D 907 -26.41 -47.98 28.88
N THR D 908 -26.36 -46.75 29.38
CA THR D 908 -27.04 -45.65 28.72
C THR D 908 -26.27 -45.13 27.51
N LEU D 909 -24.98 -45.45 27.40
CA LEU D 909 -24.15 -45.09 26.26
C LEU D 909 -24.13 -43.57 26.06
N ILE D 910 -23.54 -42.88 27.04
CA ILE D 910 -23.42 -41.44 26.97
C ILE D 910 -22.70 -41.04 25.69
N ARG D 911 -23.31 -40.14 24.92
CA ARG D 911 -22.76 -39.75 23.64
C ARG D 911 -21.45 -38.99 23.81
N ASP D 912 -20.52 -39.23 22.90
CA ASP D 912 -19.25 -38.53 22.92
C ASP D 912 -19.45 -37.05 22.63
N ALA D 913 -18.65 -36.21 23.31
CA ALA D 913 -18.80 -34.76 23.17
C ALA D 913 -18.28 -34.23 21.85
N HIS D 914 -17.57 -35.04 21.07
CA HIS D 914 -16.96 -34.63 19.82
C HIS D 914 -17.41 -35.54 18.68
N VAL D 915 -18.71 -35.80 18.62
CA VAL D 915 -19.26 -36.65 17.58
C VAL D 915 -19.75 -35.85 16.37
N GLU D 916 -19.98 -34.54 16.55
CA GLU D 916 -20.46 -33.73 15.43
C GLU D 916 -19.38 -33.48 14.39
N THR D 917 -18.10 -33.49 14.81
CA THR D 917 -16.99 -33.27 13.90
C THR D 917 -16.20 -34.54 13.62
N SER D 918 -16.71 -35.70 14.02
CA SER D 918 -15.98 -36.94 13.83
C SER D 918 -16.83 -37.98 13.12
N ALA D 919 -18.14 -37.95 13.32
CA ALA D 919 -19.05 -38.92 12.73
C ALA D 919 -20.07 -38.34 11.78
N PHE D 920 -20.40 -37.06 11.89
CA PHE D 920 -21.36 -36.45 10.98
C PHE D 920 -20.73 -36.24 9.61
N ALA D 921 -21.59 -36.15 8.60
CA ALA D 921 -21.17 -35.86 7.22
C ALA D 921 -20.17 -36.89 6.70
N ARG D 922 -20.42 -38.16 7.02
CA ARG D 922 -19.58 -39.26 6.54
C ARG D 922 -20.48 -40.41 6.11
N THR D 923 -19.96 -41.22 5.20
CA THR D 923 -20.67 -42.38 4.66
C THR D 923 -20.14 -43.65 5.30
N LEU D 924 -21.04 -44.52 5.74
CA LEU D 924 -20.62 -45.78 6.34
C LEU D 924 -19.97 -46.68 5.30
N ALA D 925 -18.90 -47.37 5.71
CA ALA D 925 -18.22 -48.32 4.85
C ALA D 925 -18.74 -49.74 5.01
N THR D 926 -19.30 -50.07 6.17
CA THR D 926 -19.84 -51.40 6.42
C THR D 926 -21.18 -51.27 7.13
N ASP D 927 -21.99 -52.31 7.01
CA ASP D 927 -23.29 -52.33 7.66
C ASP D 927 -23.11 -52.38 9.17
N ALA D 928 -23.90 -51.58 9.88
CA ALA D 928 -23.82 -51.53 11.34
C ALA D 928 -24.55 -52.73 11.93
N VAL D 929 -23.83 -53.51 12.73
CA VAL D 929 -24.37 -54.74 13.33
C VAL D 929 -24.12 -54.69 14.83
N ASP D 930 -25.16 -54.98 15.61
CA ASP D 930 -25.11 -55.02 17.06
C ASP D 930 -25.32 -56.46 17.54
N ALA D 931 -25.45 -56.62 18.86
CA ALA D 931 -25.81 -57.91 19.42
C ALA D 931 -27.16 -58.34 18.89
N ASN D 932 -27.31 -59.65 18.67
CA ASN D 932 -28.46 -60.19 17.91
C ASN D 932 -28.50 -59.55 16.53
N GLY D 933 -27.47 -59.86 15.74
CA GLY D 933 -27.17 -59.16 14.50
C GLY D 933 -28.33 -58.81 13.60
N ASN D 934 -28.57 -57.51 13.44
CA ASN D 934 -29.58 -56.99 12.54
C ASN D 934 -29.07 -55.68 11.97
N VAL D 935 -29.17 -55.53 10.64
CA VAL D 935 -28.65 -54.34 9.98
C VAL D 935 -29.49 -53.13 10.39
N ILE D 936 -28.84 -52.15 11.02
CA ILE D 936 -29.51 -50.93 11.44
C ILE D 936 -29.38 -49.90 10.32
N ILE D 937 -28.15 -49.60 9.92
CA ILE D 937 -27.86 -48.67 8.84
C ILE D 937 -27.03 -49.42 7.80
N GLU D 938 -27.45 -49.34 6.54
CA GLU D 938 -26.77 -50.07 5.48
C GLU D 938 -25.53 -49.31 5.01
N ARG D 939 -24.73 -50.00 4.20
CA ARG D 939 -23.51 -49.41 3.67
C ARG D 939 -23.81 -48.30 2.68
N GLY D 940 -23.04 -47.21 2.75
CA GLY D 940 -23.20 -46.10 1.85
C GLY D 940 -24.21 -45.06 2.28
N HIS D 941 -24.62 -45.07 3.54
CA HIS D 941 -25.62 -44.13 4.04
C HIS D 941 -24.93 -42.95 4.71
N ASP D 942 -25.34 -41.74 4.35
CA ASP D 942 -24.73 -40.54 4.89
C ASP D 942 -25.16 -40.34 6.34
N LEU D 943 -24.21 -40.41 7.26
CA LEU D 943 -24.53 -40.33 8.69
C LEU D 943 -24.95 -38.92 9.08
N GLY D 944 -26.06 -38.83 9.80
CA GLY D 944 -26.53 -37.56 10.34
C GLY D 944 -26.96 -37.73 11.79
N ASP D 945 -27.64 -36.71 12.33
CA ASP D 945 -28.12 -36.83 13.71
C ASP D 945 -29.13 -37.96 13.89
N PRO D 946 -30.16 -38.12 13.04
CA PRO D 946 -31.05 -39.28 13.22
C PRO D 946 -30.34 -40.61 13.12
N ALA D 947 -29.35 -40.72 12.22
CA ALA D 947 -28.61 -41.99 12.10
C ALA D 947 -27.82 -42.28 13.37
N ILE D 948 -27.18 -41.27 13.94
CA ILE D 948 -26.44 -41.48 15.19
C ILE D 948 -27.38 -41.82 16.32
N ASP D 949 -28.55 -41.18 16.38
CA ASP D 949 -29.53 -41.52 17.40
C ASP D 949 -29.99 -42.97 17.27
N ALA D 950 -30.26 -43.41 16.04
CA ALA D 950 -30.69 -44.80 15.83
C ALA D 950 -29.59 -45.78 16.20
N LEU D 951 -28.34 -45.46 15.85
CA LEU D 951 -27.23 -46.34 16.21
C LEU D 951 -27.03 -46.43 17.71
N LEU D 952 -27.15 -45.30 18.41
CA LEU D 952 -27.02 -45.31 19.86
C LEU D 952 -28.16 -46.09 20.51
N ALA D 953 -29.38 -45.93 19.99
CA ALA D 953 -30.51 -46.66 20.54
C ALA D 953 -30.36 -48.17 20.36
N ALA D 954 -29.63 -48.59 19.33
CA ALA D 954 -29.43 -50.02 19.06
C ALA D 954 -28.26 -50.61 19.85
N GLY D 955 -27.54 -49.81 20.62
CA GLY D 955 -26.44 -50.31 21.39
C GLY D 955 -25.13 -50.41 20.66
N ILE D 956 -24.95 -49.64 19.59
CA ILE D 956 -23.73 -49.65 18.79
C ILE D 956 -22.86 -48.47 19.22
N THR D 957 -21.61 -48.75 19.57
CA THR D 957 -20.70 -47.74 20.09
C THR D 957 -19.67 -47.27 19.08
N THR D 958 -19.31 -48.11 18.11
CA THR D 958 -18.31 -47.76 17.11
C THR D 958 -18.83 -48.08 15.72
N VAL D 959 -18.40 -47.29 14.74
CA VAL D 959 -18.80 -47.45 13.35
C VAL D 959 -17.56 -47.34 12.47
N LYS D 960 -17.71 -47.77 11.21
CA LYS D 960 -16.64 -47.71 10.23
C LYS D 960 -17.09 -46.81 9.09
N VAL D 961 -16.46 -45.65 8.96
CA VAL D 961 -16.85 -44.67 7.97
C VAL D 961 -15.83 -44.67 6.84
N ARG D 962 -16.10 -43.91 5.78
CA ARG D 962 -15.18 -43.75 4.67
C ARG D 962 -14.49 -42.40 4.77
N SER D 963 -13.17 -42.39 4.61
CA SER D 963 -12.39 -41.18 4.72
C SER D 963 -11.40 -41.08 3.57
N VAL D 964 -10.88 -39.86 3.34
CA VAL D 964 -9.89 -39.66 2.30
C VAL D 964 -8.56 -40.29 2.67
N LEU D 965 -8.34 -40.61 3.95
CA LEU D 965 -7.10 -41.27 4.35
C LEU D 965 -6.97 -42.63 3.69
N THR D 966 -8.07 -43.38 3.60
CA THR D 966 -8.10 -44.69 2.98
C THR D 966 -8.99 -44.61 1.75
N CYS D 967 -8.40 -44.20 0.62
CA CYS D 967 -9.13 -44.10 -0.63
C CYS D 967 -8.25 -44.66 -1.74
N THR D 968 -8.83 -45.47 -2.61
CA THR D 968 -8.10 -46.15 -3.68
C THR D 968 -8.35 -45.50 -5.02
N SER D 969 -8.50 -44.18 -5.07
CA SER D 969 -8.70 -43.46 -6.31
C SER D 969 -7.36 -43.12 -6.93
N ALA D 970 -7.26 -43.28 -8.26
CA ALA D 970 -5.99 -43.05 -8.95
C ALA D 970 -5.54 -41.60 -8.81
N THR D 971 -6.33 -40.67 -9.33
CA THR D 971 -6.03 -39.24 -9.24
C THR D 971 -7.09 -38.58 -8.37
N GLY D 972 -6.65 -37.82 -7.38
CA GLY D 972 -7.58 -37.13 -6.52
C GLY D 972 -8.34 -38.11 -5.62
N VAL D 973 -9.45 -37.60 -5.07
CA VAL D 973 -10.32 -38.41 -4.22
C VAL D 973 -11.67 -38.55 -4.90
N CYS D 974 -12.58 -39.29 -4.29
CA CYS D 974 -13.94 -39.46 -4.79
C CYS D 974 -14.93 -38.82 -3.84
N ALA D 975 -16.15 -38.64 -4.34
CA ALA D 975 -17.17 -37.94 -3.56
C ALA D 975 -17.66 -38.76 -2.39
N MET D 976 -17.75 -40.09 -2.53
CA MET D 976 -18.27 -40.91 -1.45
C MET D 976 -17.34 -40.94 -0.25
N CYS D 977 -16.02 -41.01 -0.49
CA CYS D 977 -15.07 -41.02 0.62
C CYS D 977 -15.04 -39.68 1.33
N TYR D 978 -14.99 -38.58 0.58
CA TYR D 978 -15.02 -37.27 1.21
C TYR D 978 -16.33 -37.05 1.96
N GLY D 979 -17.45 -37.44 1.36
CA GLY D 979 -18.73 -37.37 2.02
C GLY D 979 -19.50 -36.10 1.76
N ARG D 980 -20.32 -35.69 2.72
CA ARG D 980 -21.14 -34.50 2.57
C ARG D 980 -20.27 -33.25 2.54
N SER D 981 -20.66 -32.29 1.70
CA SER D 981 -20.03 -30.98 1.70
C SER D 981 -20.66 -30.11 2.79
N MET D 982 -19.82 -29.55 3.66
CA MET D 982 -20.33 -28.82 4.81
C MET D 982 -21.03 -27.52 4.43
N ALA D 983 -20.80 -27.04 3.20
CA ALA D 983 -21.43 -25.79 2.75
C ALA D 983 -22.82 -26.05 2.18
N THR D 984 -22.91 -26.87 1.14
CA THR D 984 -24.21 -27.14 0.53
C THR D 984 -25.09 -27.98 1.44
N GLY D 985 -24.52 -29.00 2.08
CA GLY D 985 -25.27 -29.92 2.89
C GLY D 985 -25.59 -31.25 2.22
N LYS D 986 -25.09 -31.48 1.01
CA LYS D 986 -25.32 -32.72 0.30
C LYS D 986 -23.99 -33.32 -0.12
N LEU D 987 -24.02 -34.37 -0.93
CA LEU D 987 -22.78 -34.99 -1.39
C LEU D 987 -21.97 -34.02 -2.22
N VAL D 988 -20.65 -34.06 -2.05
CA VAL D 988 -19.78 -33.08 -2.68
C VAL D 988 -19.79 -33.26 -4.19
N ASP D 989 -19.86 -32.14 -4.91
CA ASP D 989 -19.88 -32.17 -6.36
C ASP D 989 -18.55 -32.68 -6.92
N ILE D 990 -18.61 -33.30 -8.08
CA ILE D 990 -17.41 -33.78 -8.76
C ILE D 990 -16.71 -32.59 -9.39
N GLY D 991 -15.42 -32.43 -9.09
CA GLY D 991 -14.64 -31.34 -9.61
C GLY D 991 -14.39 -30.20 -8.66
N GLU D 992 -14.73 -30.35 -7.38
CA GLU D 992 -14.52 -29.31 -6.40
C GLU D 992 -13.13 -29.44 -5.78
N ALA D 993 -12.46 -28.29 -5.61
CA ALA D 993 -11.15 -28.25 -5.00
C ALA D 993 -11.32 -28.33 -3.48
N VAL D 994 -11.26 -29.54 -2.94
CA VAL D 994 -11.42 -29.71 -1.50
C VAL D 994 -10.15 -29.40 -0.74
N GLY D 995 -8.98 -29.46 -1.39
CA GLY D 995 -7.74 -29.14 -0.71
C GLY D 995 -7.66 -27.68 -0.32
N ILE D 996 -8.02 -26.78 -1.24
CA ILE D 996 -8.01 -25.35 -0.94
C ILE D 996 -8.99 -25.04 0.16
N VAL D 997 -10.18 -25.63 0.11
CA VAL D 997 -11.19 -25.40 1.15
C VAL D 997 -10.69 -25.89 2.49
N ALA D 998 -10.07 -27.07 2.53
CA ALA D 998 -9.55 -27.60 3.78
C ALA D 998 -8.45 -26.71 4.35
N ALA D 999 -7.52 -26.27 3.50
CA ALA D 999 -6.44 -25.41 3.95
C ALA D 999 -6.96 -24.09 4.49
N GLN D 1000 -7.92 -23.48 3.78
CA GLN D 1000 -8.49 -22.22 4.26
C GLN D 1000 -9.28 -22.42 5.55
N SER D 1001 -10.00 -23.54 5.67
CA SER D 1001 -10.76 -23.80 6.89
C SER D 1001 -9.83 -23.98 8.08
N ILE D 1002 -8.69 -24.65 7.88
CA ILE D 1002 -7.74 -24.81 8.97
C ILE D 1002 -7.08 -23.48 9.31
N GLY D 1003 -6.71 -22.71 8.30
CA GLY D 1003 -5.92 -21.51 8.53
C GLY D 1003 -6.69 -20.26 8.94
N GLU D 1004 -7.99 -20.22 8.69
CA GLU D 1004 -8.77 -19.02 9.04
C GLU D 1004 -8.81 -18.76 10.54
N PRO D 1005 -9.10 -19.75 11.44
CA PRO D 1005 -9.11 -19.49 12.89
C PRO D 1005 -7.72 -19.50 13.52
N GLY D 1006 -6.77 -18.82 12.88
CA GLY D 1006 -5.43 -18.76 13.39
C GLY D 1006 -5.16 -17.51 14.19
N THR D 1007 -5.84 -16.42 13.83
CA THR D 1007 -5.66 -15.17 14.56
C THR D 1007 -6.25 -15.26 15.96
N GLN D 1008 -7.31 -16.03 16.13
CA GLN D 1008 -7.96 -16.22 17.42
C GLN D 1008 -7.45 -17.45 18.16
N LEU D 1009 -6.26 -17.92 17.83
CA LEU D 1009 -5.66 -19.10 18.46
C LEU D 1009 -4.59 -18.60 19.42
N THR D 1010 -5.01 -18.25 20.64
CA THR D 1010 -4.11 -17.68 21.62
C THR D 1010 -3.20 -18.75 22.21
N MET D 1011 -1.91 -18.45 22.26
CA MET D 1011 -0.94 -19.37 22.85
C MET D 1011 -1.07 -19.38 24.37
N ARG D 1012 -1.01 -20.58 24.95
CA ARG D 1012 -1.03 -20.74 26.39
C ARG D 1012 0.09 -21.67 26.85
N VAL D 1026 4.32 -26.01 25.52
CA VAL D 1026 4.09 -25.54 24.16
C VAL D 1026 2.63 -25.78 23.77
N GLY D 1027 2.00 -24.75 23.21
CA GLY D 1027 0.60 -24.86 22.82
C GLY D 1027 0.21 -23.71 21.92
N GLY D 1028 -0.95 -23.87 21.29
CA GLY D 1028 -1.45 -22.85 20.38
C GLY D 1028 -0.91 -22.99 18.98
N LEU D 1029 -0.66 -21.85 18.33
CA LEU D 1029 -0.18 -21.87 16.95
C LEU D 1029 1.17 -22.57 16.78
N PRO D 1030 2.18 -22.37 17.64
CA PRO D 1030 3.43 -23.11 17.46
C PRO D 1030 3.25 -24.62 17.51
N ARG D 1031 2.34 -25.12 18.35
CA ARG D 1031 2.06 -26.54 18.38
C ARG D 1031 1.51 -27.03 17.05
N VAL D 1032 0.60 -26.28 16.45
CA VAL D 1032 0.06 -26.64 15.14
C VAL D 1032 1.16 -26.65 14.10
N GLN D 1033 2.02 -25.61 14.11
CA GLN D 1033 3.08 -25.54 13.13
C GLN D 1033 4.05 -26.70 13.25
N GLU D 1034 4.41 -27.07 14.48
CA GLU D 1034 5.30 -28.21 14.66
C GLU D 1034 4.62 -29.55 14.41
N LEU D 1035 3.28 -29.60 14.49
CA LEU D 1035 2.58 -30.82 14.13
C LEU D 1035 2.54 -31.00 12.61
N PHE D 1036 2.27 -29.91 11.87
CA PHE D 1036 2.17 -30.02 10.42
C PHE D 1036 3.51 -30.12 9.72
N GLU D 1037 4.60 -29.74 10.39
CA GLU D 1037 5.93 -29.82 9.80
C GLU D 1037 6.65 -31.11 10.14
N ALA D 1038 6.01 -32.01 10.91
CA ALA D 1038 6.59 -33.29 11.28
C ALA D 1038 7.95 -33.12 11.96
N ARG D 1039 7.99 -32.18 12.91
CA ARG D 1039 9.19 -31.90 13.67
C ARG D 1039 9.18 -32.68 14.98
N VAL D 1040 10.36 -32.92 15.52
CA VAL D 1040 10.45 -33.52 16.86
C VAL D 1040 9.98 -32.50 17.89
N PRO D 1041 9.16 -32.89 18.86
CA PRO D 1041 8.60 -31.91 19.79
C PRO D 1041 9.66 -31.29 20.68
N ARG D 1042 9.40 -30.06 21.11
CA ARG D 1042 10.31 -29.39 22.03
C ARG D 1042 10.36 -30.13 23.36
N ASN D 1043 9.19 -30.45 23.93
CA ASN D 1043 9.11 -31.27 25.13
C ASN D 1043 8.84 -32.72 24.73
N LYS D 1044 9.85 -33.33 24.11
CA LYS D 1044 9.69 -34.68 23.59
C LYS D 1044 9.53 -35.68 24.73
N ALA D 1045 8.55 -36.57 24.60
CA ALA D 1045 8.29 -37.63 25.57
C ALA D 1045 8.46 -38.98 24.89
N PRO D 1046 9.54 -39.71 25.17
CA PRO D 1046 9.74 -41.00 24.50
C PRO D 1046 8.64 -41.99 24.86
N ILE D 1047 8.27 -42.82 23.88
CA ILE D 1047 7.26 -43.85 24.08
C ILE D 1047 7.95 -45.20 24.13
N ALA D 1048 7.22 -46.20 24.62
CA ALA D 1048 7.75 -47.55 24.71
C ALA D 1048 7.89 -48.15 23.33
N ASP D 1049 8.95 -48.95 23.15
CA ASP D 1049 9.20 -49.66 21.91
C ASP D 1049 8.67 -51.08 21.90
N VAL D 1050 8.68 -51.76 23.05
CA VAL D 1050 8.12 -53.10 23.20
C VAL D 1050 7.32 -53.12 24.50
N ALA D 1051 6.44 -54.12 24.62
CA ALA D 1051 5.61 -54.26 25.80
C ALA D 1051 6.24 -55.24 26.78
N GLY D 1052 6.01 -54.99 28.07
CA GLY D 1052 6.50 -55.88 29.10
C GLY D 1052 6.93 -55.22 30.39
N ARG D 1053 7.97 -55.78 31.01
CA ARG D 1053 8.43 -55.30 32.31
C ARG D 1053 9.10 -53.94 32.20
N VAL D 1054 8.95 -53.12 33.23
CA VAL D 1054 9.51 -51.79 33.30
C VAL D 1054 10.50 -51.74 34.46
N ARG D 1055 11.70 -51.22 34.19
CA ARG D 1055 12.74 -51.07 35.19
C ARG D 1055 13.16 -49.60 35.23
N LEU D 1056 13.22 -49.03 36.43
CA LEU D 1056 13.54 -47.63 36.61
C LEU D 1056 14.92 -47.49 37.25
N GLU D 1057 15.74 -46.60 36.70
CA GLU D 1057 17.04 -46.26 37.25
C GLU D 1057 17.08 -44.77 37.51
N GLU D 1058 17.50 -44.40 38.71
CA GLU D 1058 17.49 -43.01 39.16
C GLU D 1058 18.91 -42.48 39.30
N SER D 1059 19.08 -41.21 38.97
CA SER D 1059 20.36 -40.53 39.11
C SER D 1059 20.09 -39.03 39.21
N ASP D 1060 21.14 -38.23 39.08
CA ASP D 1060 21.03 -36.78 39.15
C ASP D 1060 20.98 -36.19 37.75
N LYS D 1061 20.02 -35.29 37.52
CA LYS D 1061 19.78 -34.57 36.27
C LYS D 1061 19.27 -35.46 35.15
N PHE D 1062 19.02 -36.75 35.39
CA PHE D 1062 18.44 -37.60 34.36
C PHE D 1062 17.83 -38.83 35.02
N PHE D 1063 17.02 -39.54 34.24
CA PHE D 1063 16.41 -40.80 34.64
C PHE D 1063 16.82 -41.87 33.63
N LYS D 1064 16.35 -43.11 33.85
CA LYS D 1064 16.62 -44.18 32.90
C LYS D 1064 15.49 -45.19 32.98
N ILE D 1065 14.99 -45.60 31.81
CA ILE D 1065 13.90 -46.57 31.71
C ILE D 1065 14.40 -47.74 30.88
N THR D 1066 14.18 -48.95 31.38
CA THR D 1066 14.53 -50.18 30.68
C THR D 1066 13.27 -50.99 30.47
N ILE D 1067 13.02 -51.40 29.23
CA ILE D 1067 11.81 -52.13 28.88
C ILE D 1067 12.22 -53.57 28.61
N VAL D 1068 12.01 -54.44 29.58
CA VAL D 1068 12.27 -55.87 29.41
C VAL D 1068 11.12 -56.47 28.61
N PRO D 1069 11.40 -57.20 27.53
CA PRO D 1069 10.30 -57.75 26.71
C PRO D 1069 9.44 -58.70 27.53
N ASP D 1070 8.13 -58.67 27.23
CA ASP D 1070 7.18 -59.52 27.94
C ASP D 1070 7.46 -61.00 27.67
N ASP D 1071 7.78 -61.34 26.43
CA ASP D 1071 8.09 -62.71 26.04
C ASP D 1071 9.58 -62.95 25.88
N GLY D 1072 10.41 -62.06 26.43
CA GLY D 1072 11.85 -62.20 26.35
C GLY D 1072 12.43 -61.53 25.12
N GLY D 1073 13.72 -61.24 25.21
CA GLY D 1073 14.45 -60.58 24.15
C GLY D 1073 15.37 -59.51 24.73
N GLU D 1074 15.98 -58.74 23.83
CA GLU D 1074 16.88 -57.67 24.25
C GLU D 1074 16.08 -56.52 24.85
N GLU D 1075 16.32 -56.24 26.13
CA GLU D 1075 15.62 -55.16 26.80
C GLU D 1075 16.01 -53.81 26.22
N VAL D 1076 15.01 -52.96 26.01
CA VAL D 1076 15.24 -51.65 25.41
C VAL D 1076 15.72 -50.68 26.47
N VAL D 1077 16.80 -49.96 26.15
CA VAL D 1077 17.43 -49.03 27.09
C VAL D 1077 17.32 -47.62 26.52
N TYR D 1078 16.86 -46.69 27.35
CA TYR D 1078 16.68 -45.31 26.95
C TYR D 1078 17.83 -44.46 27.49
N ASP D 1079 17.73 -43.14 27.32
CA ASP D 1079 18.86 -42.26 27.59
C ASP D 1079 18.48 -41.16 28.59
N LYS D 1080 19.35 -40.16 28.73
CA LYS D 1080 19.15 -39.10 29.71
C LYS D 1080 17.87 -38.32 29.43
N LEU D 1081 17.12 -38.02 30.49
CA LEU D 1081 15.85 -37.32 30.40
C LEU D 1081 15.87 -36.12 31.32
N SER D 1082 15.21 -35.05 30.88
CA SER D 1082 15.19 -33.81 31.66
C SER D 1082 14.38 -34.00 32.95
N LYS D 1083 14.89 -33.40 34.03
CA LYS D 1083 14.22 -33.53 35.32
C LYS D 1083 12.99 -32.65 35.45
N ARG D 1084 12.91 -31.55 34.71
CA ARG D 1084 11.75 -30.67 34.79
C ARG D 1084 10.60 -31.23 33.96
N GLN D 1085 10.25 -32.48 34.20
CA GLN D 1085 9.16 -33.15 33.50
C GLN D 1085 8.61 -34.23 34.42
N ARG D 1086 7.47 -34.80 34.05
CA ARG D 1086 6.77 -35.75 34.90
C ARG D 1086 6.46 -37.02 34.12
N LEU D 1087 6.45 -38.14 34.82
CA LEU D 1087 6.10 -39.41 34.21
C LEU D 1087 4.59 -39.49 33.98
N ARG D 1088 4.20 -40.39 33.08
CA ARG D 1088 2.79 -40.57 32.77
C ARG D 1088 2.03 -41.12 33.97
N VAL D 1089 0.83 -40.59 34.18
CA VAL D 1089 -0.03 -41.06 35.25
C VAL D 1089 -0.75 -42.32 34.80
N ILE D 1090 -0.62 -43.39 35.58
CA ILE D 1090 -1.21 -44.69 35.25
C ILE D 1090 -2.48 -44.80 36.10
N THR D 1091 -3.61 -44.41 35.50
CA THR D 1091 -4.92 -44.48 36.14
C THR D 1091 -4.92 -43.80 37.50
N HIS D 1092 -5.32 -44.55 38.53
CA HIS D 1092 -5.40 -44.02 39.88
C HIS D 1092 -4.01 -43.68 40.43
N GLY D 1098 -0.10 -43.78 40.38
CA GLY D 1098 -0.17 -42.97 39.18
C GLY D 1098 1.12 -42.21 38.89
N VAL D 1099 2.24 -42.80 39.27
CA VAL D 1099 3.55 -42.19 39.06
C VAL D 1099 4.47 -43.04 38.20
N LEU D 1100 4.08 -44.26 37.86
CA LEU D 1100 4.92 -45.18 37.08
C LEU D 1100 6.26 -45.41 37.78
N SER D 1101 6.19 -45.80 39.05
CA SER D 1101 7.41 -46.06 39.81
C SER D 1101 8.17 -47.24 39.22
N ASP D 1102 7.57 -48.43 39.25
CA ASP D 1102 8.17 -49.64 38.72
C ASP D 1102 7.11 -50.74 38.74
N GLY D 1103 7.48 -51.90 38.21
CA GLY D 1103 6.58 -53.04 38.23
C GLY D 1103 5.30 -52.84 37.45
N ASP D 1104 5.40 -52.26 36.26
CA ASP D 1104 4.23 -52.02 35.41
C ASP D 1104 4.41 -52.73 34.08
N HIS D 1105 3.28 -53.03 33.44
CA HIS D 1105 3.26 -53.72 32.15
C HIS D 1105 2.79 -52.71 31.10
N VAL D 1106 3.76 -52.03 30.48
CA VAL D 1106 3.42 -51.03 29.46
C VAL D 1106 3.00 -51.75 28.18
N GLU D 1107 2.28 -51.01 27.33
CA GLU D 1107 1.76 -51.54 26.08
C GLU D 1107 2.82 -51.42 25.00
N VAL D 1108 2.45 -51.70 23.75
CA VAL D 1108 3.41 -51.66 22.65
C VAL D 1108 3.90 -50.24 22.42
N GLY D 1109 2.99 -49.27 22.47
CA GLY D 1109 3.37 -47.88 22.26
C GLY D 1109 2.93 -46.95 23.36
N ASP D 1110 2.95 -47.44 24.60
CA ASP D 1110 2.54 -46.62 25.73
C ASP D 1110 3.56 -45.50 25.99
N GLN D 1111 3.06 -44.29 26.19
CA GLN D 1111 3.91 -43.15 26.49
C GLN D 1111 4.41 -43.22 27.92
N LEU D 1112 5.65 -42.79 28.13
CA LEU D 1112 6.29 -42.87 29.44
C LEU D 1112 6.25 -41.55 30.20
N MET D 1113 6.75 -40.48 29.60
CA MET D 1113 6.76 -39.19 30.26
C MET D 1113 5.56 -38.35 29.82
N GLU D 1114 5.45 -37.15 30.37
CA GLU D 1114 4.37 -36.23 30.06
C GLU D 1114 4.87 -35.19 29.06
N GLY D 1115 4.18 -35.08 27.95
CA GLY D 1115 4.56 -34.15 26.90
C GLY D 1115 4.01 -34.61 25.56
N ALA D 1116 4.83 -34.44 24.52
CA ALA D 1116 4.44 -34.75 23.15
C ALA D 1116 5.43 -35.74 22.55
N ALA D 1117 4.91 -36.76 21.89
CA ALA D 1117 5.73 -37.76 21.23
C ALA D 1117 5.88 -37.41 19.75
N ASP D 1118 7.08 -37.63 19.22
CA ASP D 1118 7.31 -37.33 17.81
C ASP D 1118 6.54 -38.29 16.92
N PRO D 1119 5.84 -37.80 15.90
CA PRO D 1119 5.05 -38.70 15.04
C PRO D 1119 5.88 -39.71 14.28
N HIS D 1120 7.17 -39.44 14.06
CA HIS D 1120 8.01 -40.39 13.34
C HIS D 1120 8.15 -41.71 14.11
N GLU D 1121 8.35 -41.62 15.42
CA GLU D 1121 8.43 -42.84 16.23
C GLU D 1121 7.10 -43.57 16.26
N VAL D 1122 5.99 -42.83 16.29
CA VAL D 1122 4.68 -43.47 16.26
C VAL D 1122 4.49 -44.22 14.94
N LEU D 1123 4.91 -43.60 13.83
CA LEU D 1123 4.81 -44.27 12.53
C LEU D 1123 5.71 -45.51 12.47
N ARG D 1124 6.92 -45.40 13.03
CA ARG D 1124 7.87 -46.51 12.93
C ARG D 1124 7.45 -47.68 13.81
N VAL D 1125 6.92 -47.41 15.00
CA VAL D 1125 6.64 -48.46 15.96
C VAL D 1125 5.28 -49.11 15.67
N GLN D 1126 4.23 -48.29 15.59
CA GLN D 1126 2.86 -48.82 15.54
C GLN D 1126 2.36 -48.98 14.11
N GLY D 1127 2.31 -47.89 13.33
CA GLY D 1127 1.87 -47.96 11.97
C GLY D 1127 1.28 -46.67 11.43
N PRO D 1128 1.04 -46.63 10.12
CA PRO D 1128 0.49 -45.40 9.52
C PRO D 1128 -0.88 -45.01 10.07
N ARG D 1129 -1.75 -45.98 10.35
CA ARG D 1129 -3.06 -45.64 10.91
C ARG D 1129 -2.91 -44.97 12.27
N GLU D 1130 -2.01 -45.48 13.10
CA GLU D 1130 -1.82 -44.90 14.43
C GLU D 1130 -1.26 -43.48 14.35
N VAL D 1131 -0.32 -43.24 13.42
CA VAL D 1131 0.22 -41.89 13.31
C VAL D 1131 -0.83 -40.94 12.75
N GLN D 1132 -1.70 -41.42 11.86
CA GLN D 1132 -2.81 -40.59 11.41
C GLN D 1132 -3.72 -40.21 12.58
N ILE D 1133 -4.06 -41.19 13.42
CA ILE D 1133 -4.88 -40.92 14.59
C ILE D 1133 -4.19 -39.91 15.50
N HIS D 1134 -2.89 -40.09 15.72
CA HIS D 1134 -2.15 -39.19 16.61
C HIS D 1134 -2.16 -37.76 16.08
N LEU D 1135 -1.88 -37.59 14.78
CA LEU D 1135 -1.84 -36.25 14.20
C LEU D 1135 -3.20 -35.58 14.28
N VAL D 1136 -4.26 -36.29 13.88
CA VAL D 1136 -5.60 -35.70 13.89
C VAL D 1136 -6.01 -35.35 15.33
N LYS D 1137 -5.75 -36.25 16.27
CA LYS D 1137 -6.15 -36.01 17.65
C LYS D 1137 -5.40 -34.82 18.24
N GLU D 1138 -4.10 -34.72 17.99
CA GLU D 1138 -3.33 -33.60 18.52
C GLU D 1138 -3.80 -32.27 17.92
N VAL D 1139 -4.01 -32.22 16.61
CA VAL D 1139 -4.46 -30.99 15.99
C VAL D 1139 -5.84 -30.58 16.52
N GLN D 1140 -6.75 -31.55 16.65
CA GLN D 1140 -8.06 -31.23 17.17
C GLN D 1140 -8.02 -30.80 18.63
N GLU D 1141 -7.12 -31.39 19.43
CA GLU D 1141 -6.98 -30.96 20.82
C GLU D 1141 -6.49 -29.52 20.88
N VAL D 1142 -5.55 -29.16 20.01
CA VAL D 1142 -5.08 -27.77 20.00
C VAL D 1142 -6.19 -26.83 19.58
N TYR D 1143 -6.96 -27.20 18.55
CA TYR D 1143 -7.99 -26.31 18.04
C TYR D 1143 -9.24 -26.23 18.91
N ARG D 1144 -9.51 -27.24 19.74
CA ARG D 1144 -10.70 -27.24 20.57
C ARG D 1144 -10.54 -26.50 21.88
N ALA D 1145 -9.30 -26.15 22.26
CA ALA D 1145 -9.09 -25.38 23.48
C ALA D 1145 -9.55 -23.93 23.34
N GLN D 1146 -9.80 -23.46 22.12
CA GLN D 1146 -10.29 -22.11 21.88
C GLN D 1146 -11.72 -22.08 21.39
N GLY D 1147 -12.44 -23.20 21.46
CA GLY D 1147 -13.82 -23.24 21.02
C GLY D 1147 -14.00 -23.02 19.53
N VAL D 1148 -13.18 -23.68 18.72
CA VAL D 1148 -13.24 -23.58 17.28
C VAL D 1148 -13.68 -24.93 16.72
N SER D 1149 -14.71 -24.91 15.88
CA SER D 1149 -15.27 -26.13 15.31
C SER D 1149 -14.76 -26.30 13.89
N ILE D 1150 -13.95 -27.33 13.67
CA ILE D 1150 -13.45 -27.71 12.36
C ILE D 1150 -13.66 -29.21 12.20
N HIS D 1151 -14.30 -29.61 11.10
CA HIS D 1151 -14.55 -31.02 10.86
C HIS D 1151 -13.23 -31.76 10.63
N ASP D 1152 -13.23 -33.05 10.98
CA ASP D 1152 -12.01 -33.84 10.88
C ASP D 1152 -11.57 -34.09 9.45
N LYS D 1153 -12.44 -33.86 8.46
CA LYS D 1153 -12.07 -34.18 7.08
C LYS D 1153 -10.97 -33.27 6.56
N HIS D 1154 -10.93 -32.02 6.99
CA HIS D 1154 -9.86 -31.12 6.57
C HIS D 1154 -8.50 -31.57 7.11
N ILE D 1155 -8.46 -31.89 8.41
CA ILE D 1155 -7.24 -32.42 9.01
C ILE D 1155 -6.84 -33.72 8.32
N GLU D 1156 -7.83 -34.55 7.98
CA GLU D 1156 -7.54 -35.82 7.31
C GLU D 1156 -6.95 -35.60 5.94
N VAL D 1157 -7.45 -34.61 5.19
CA VAL D 1157 -6.88 -34.30 3.88
C VAL D 1157 -5.43 -33.86 4.03
N ILE D 1158 -5.16 -32.96 4.97
CA ILE D 1158 -3.80 -32.45 5.15
C ILE D 1158 -2.87 -33.58 5.56
N VAL D 1159 -3.31 -34.45 6.47
CA VAL D 1159 -2.48 -35.57 6.92
C VAL D 1159 -2.27 -36.56 5.79
N ARG D 1160 -3.29 -36.76 4.95
CA ARG D 1160 -3.15 -37.63 3.80
C ARG D 1160 -2.06 -37.14 2.86
N GLN D 1161 -1.99 -35.82 2.66
CA GLN D 1161 -0.93 -35.29 1.81
C GLN D 1161 0.46 -35.44 2.43
N MET D 1162 0.56 -35.78 3.71
CA MET D 1162 1.85 -35.94 4.39
C MET D 1162 2.34 -37.38 4.44
N LEU D 1163 1.59 -38.34 3.90
CA LEU D 1163 1.93 -39.75 3.99
C LEU D 1163 1.81 -40.42 2.63
N ARG D 1164 2.38 -39.79 1.61
CA ARG D 1164 2.23 -40.25 0.24
C ARG D 1164 3.47 -40.94 -0.31
N ARG D 1165 4.54 -41.05 0.47
CA ARG D 1165 5.82 -41.46 -0.08
C ARG D 1165 6.51 -42.49 0.80
N VAL D 1166 7.38 -43.27 0.15
CA VAL D 1166 8.22 -44.26 0.82
C VAL D 1166 9.67 -44.00 0.40
N THR D 1167 10.59 -44.31 1.31
CA THR D 1167 12.01 -44.25 1.03
C THR D 1167 12.50 -45.59 0.53
N ILE D 1168 13.38 -45.56 -0.47
CA ILE D 1168 13.93 -46.75 -1.09
C ILE D 1168 15.20 -47.15 -0.37
N ILE D 1169 15.29 -48.42 0.02
CA ILE D 1169 16.43 -48.91 0.78
C ILE D 1169 17.13 -50.03 0.03
N ASP D 1170 16.40 -50.73 -0.83
CA ASP D 1170 16.88 -51.92 -1.52
C ASP D 1170 16.54 -51.85 -2.99
N SER D 1171 16.89 -50.73 -3.63
CA SER D 1171 16.53 -50.44 -5.02
C SER D 1171 16.57 -51.66 -5.93
N GLY D 1172 17.62 -52.45 -5.83
CA GLY D 1172 17.67 -53.70 -6.58
C GLY D 1172 17.71 -53.47 -8.08
N SER D 1173 16.76 -54.06 -8.79
CA SER D 1173 16.71 -54.01 -10.25
C SER D 1173 15.77 -52.94 -10.78
N THR D 1174 15.39 -51.98 -9.94
CA THR D 1174 14.56 -50.85 -10.34
C THR D 1174 15.43 -49.65 -10.68
N GLU D 1175 14.82 -48.66 -11.33
CA GLU D 1175 15.51 -47.44 -11.71
C GLU D 1175 15.54 -46.41 -10.59
N PHE D 1176 14.91 -46.70 -9.45
CA PHE D 1176 14.90 -45.76 -8.34
C PHE D 1176 16.29 -45.67 -7.71
N LEU D 1177 16.75 -44.45 -7.47
CA LEU D 1177 17.99 -44.28 -6.74
C LEU D 1177 17.78 -44.56 -5.26
N PRO D 1178 18.69 -45.29 -4.62
CA PRO D 1178 18.50 -45.62 -3.21
C PRO D 1178 18.47 -44.36 -2.34
N GLY D 1179 17.71 -44.44 -1.25
CA GLY D 1179 17.61 -43.35 -0.30
C GLY D 1179 16.69 -42.22 -0.71
N SER D 1180 16.02 -42.33 -1.86
CA SER D 1180 15.13 -41.28 -2.33
C SER D 1180 13.69 -41.56 -1.90
N LEU D 1181 12.87 -40.51 -1.94
CA LEU D 1181 11.47 -40.60 -1.57
C LEU D 1181 10.63 -40.66 -2.84
N THR D 1182 9.81 -41.71 -2.96
CA THR D 1182 9.00 -41.93 -4.15
C THR D 1182 7.56 -42.18 -3.76
N GLU D 1183 6.65 -41.82 -4.66
CA GLU D 1183 5.22 -42.04 -4.43
C GLU D 1183 4.93 -43.52 -4.28
N ARG D 1184 3.97 -43.83 -3.40
CA ARG D 1184 3.60 -45.22 -3.18
C ARG D 1184 3.01 -45.84 -4.44
N ALA D 1185 2.19 -45.08 -5.17
CA ALA D 1185 1.57 -45.61 -6.38
C ALA D 1185 2.62 -45.94 -7.44
N GLU D 1186 3.55 -45.01 -7.69
CA GLU D 1186 4.61 -45.26 -8.66
C GLU D 1186 5.52 -46.39 -8.22
N PHE D 1187 5.85 -46.42 -6.92
CA PHE D 1187 6.72 -47.48 -6.41
C PHE D 1187 6.08 -48.86 -6.57
N GLU D 1188 4.80 -48.97 -6.23
CA GLU D 1188 4.10 -50.24 -6.38
C GLU D 1188 3.95 -50.64 -7.84
N ALA D 1189 3.67 -49.67 -8.72
CA ALA D 1189 3.59 -49.97 -10.14
C ALA D 1189 4.93 -50.47 -10.68
N GLU D 1190 6.02 -49.81 -10.27
CA GLU D 1190 7.34 -50.25 -10.72
C GLU D 1190 7.67 -51.64 -10.19
N ASN D 1191 7.32 -51.92 -8.94
CA ASN D 1191 7.55 -53.26 -8.39
C ASN D 1191 6.76 -54.31 -9.17
N ARG D 1192 5.50 -54.01 -9.49
CA ARG D 1192 4.70 -54.95 -10.26
C ARG D 1192 5.26 -55.16 -11.65
N ARG D 1193 5.78 -54.09 -12.27
CA ARG D 1193 6.38 -54.23 -13.59
C ARG D 1193 7.70 -54.99 -13.53
N VAL D 1194 8.40 -54.93 -12.41
CA VAL D 1194 9.69 -55.60 -12.30
C VAL D 1194 9.54 -57.08 -11.96
N VAL D 1195 8.59 -57.42 -11.08
CA VAL D 1195 8.44 -58.82 -10.68
C VAL D 1195 8.02 -59.68 -11.87
N ALA D 1196 7.22 -59.13 -12.77
CA ALA D 1196 6.81 -59.85 -13.97
C ALA D 1196 7.72 -59.46 -15.13
N GLU D 1197 8.26 -60.46 -15.82
CA GLU D 1197 9.18 -60.26 -16.94
C GLU D 1197 10.38 -59.40 -16.51
N GLY D 1198 10.93 -59.70 -15.33
CA GLY D 1198 12.06 -58.94 -14.82
C GLY D 1198 12.83 -59.66 -13.74
N GLY D 1199 13.26 -58.93 -12.71
CA GLY D 1199 14.08 -59.47 -11.65
C GLY D 1199 13.55 -59.09 -10.28
N GLU D 1200 14.48 -58.88 -9.36
CA GLU D 1200 14.12 -58.61 -7.98
C GLU D 1200 13.59 -57.18 -7.82
N PRO D 1201 12.49 -57.00 -7.10
CA PRO D 1201 11.93 -55.65 -6.94
C PRO D 1201 12.64 -54.87 -5.84
N ALA D 1202 12.25 -53.62 -5.71
CA ALA D 1202 12.80 -52.71 -4.72
C ALA D 1202 11.99 -52.76 -3.43
N ALA D 1203 12.66 -52.44 -2.31
CA ALA D 1203 12.04 -52.42 -1.01
C ALA D 1203 11.97 -51.00 -0.48
N GLY D 1204 10.83 -50.62 0.08
CA GLY D 1204 10.62 -49.27 0.56
C GLY D 1204 9.98 -49.27 1.94
N ARG D 1205 10.12 -48.13 2.61
CA ARG D 1205 9.58 -47.95 3.95
C ARG D 1205 8.82 -46.63 4.02
N PRO D 1206 7.62 -46.61 4.61
CA PRO D 1206 6.81 -45.39 4.60
C PRO D 1206 7.51 -44.23 5.28
N VAL D 1207 7.29 -43.01 4.76
CA VAL D 1207 7.94 -41.82 5.26
C VAL D 1207 6.89 -40.79 5.61
N LEU D 1208 7.02 -40.18 6.79
CA LEU D 1208 6.23 -39.01 7.15
C LEU D 1208 7.02 -37.75 6.80
N MET D 1209 6.37 -36.83 6.11
CA MET D 1209 7.03 -35.63 5.61
C MET D 1209 6.27 -34.39 6.09
N GLY D 1210 7.02 -33.32 6.32
CA GLY D 1210 6.40 -32.06 6.66
C GLY D 1210 5.71 -31.45 5.46
N ILE D 1211 4.92 -30.41 5.74
CA ILE D 1211 4.16 -29.78 4.67
C ILE D 1211 5.10 -29.09 3.67
N THR D 1212 6.12 -28.38 4.17
CA THR D 1212 7.02 -27.68 3.27
C THR D 1212 7.80 -28.63 2.39
N LYS D 1213 8.35 -29.71 2.98
CA LYS D 1213 9.12 -30.66 2.20
C LYS D 1213 8.26 -31.39 1.19
N ALA D 1214 7.04 -31.78 1.59
CA ALA D 1214 6.13 -32.45 0.67
C ALA D 1214 5.71 -31.54 -0.47
N SER D 1215 5.50 -30.26 -0.19
CA SER D 1215 5.14 -29.31 -1.25
C SER D 1215 6.30 -28.99 -2.16
N LEU D 1216 7.53 -29.00 -1.66
CA LEU D 1216 8.70 -28.81 -2.50
C LEU D 1216 9.12 -30.07 -3.25
N ALA D 1217 8.60 -31.23 -2.87
CA ALA D 1217 8.90 -32.48 -3.54
C ALA D 1217 7.90 -32.80 -4.64
N THR D 1218 7.19 -31.79 -5.16
CA THR D 1218 6.19 -32.01 -6.19
C THR D 1218 6.85 -32.36 -7.52
N ASP D 1219 6.03 -32.85 -8.46
CA ASP D 1219 6.52 -33.29 -9.76
C ASP D 1219 6.56 -32.17 -10.79
N SER D 1220 6.09 -30.97 -10.46
CA SER D 1220 6.14 -29.83 -11.36
C SER D 1220 7.13 -28.81 -10.81
N TRP D 1221 8.15 -28.49 -11.60
CA TRP D 1221 9.14 -27.52 -11.15
C TRP D 1221 8.60 -26.11 -11.12
N LEU D 1222 7.54 -25.82 -11.87
CA LEU D 1222 6.98 -24.47 -11.89
C LEU D 1222 6.32 -24.13 -10.56
N SER D 1223 5.51 -25.04 -10.03
CA SER D 1223 4.89 -24.81 -8.72
C SER D 1223 5.94 -24.75 -7.61
N ALA D 1224 6.93 -25.64 -7.66
CA ALA D 1224 7.97 -25.64 -6.64
C ALA D 1224 8.77 -24.35 -6.68
N ALA D 1225 9.08 -23.84 -7.87
CA ALA D 1225 9.78 -22.57 -7.99
C ALA D 1225 8.93 -21.40 -7.54
N SER D 1226 7.62 -21.46 -7.80
CA SER D 1226 6.74 -20.38 -7.37
C SER D 1226 6.53 -20.38 -5.87
N PHE D 1227 6.68 -21.54 -5.22
CA PHE D 1227 6.38 -21.66 -3.80
C PHE D 1227 7.51 -21.09 -2.94
N GLN D 1228 8.71 -21.66 -3.05
CA GLN D 1228 9.78 -21.34 -2.11
C GLN D 1228 11.08 -21.89 -2.65
N GLU D 1229 12.18 -21.21 -2.34
CA GLU D 1229 13.53 -21.62 -2.73
C GLU D 1229 13.64 -21.72 -4.25
N THR D 1230 13.47 -20.57 -4.91
CA THR D 1230 13.44 -20.55 -6.37
C THR D 1230 14.77 -21.00 -6.96
N THR D 1231 15.88 -20.54 -6.40
CA THR D 1231 17.19 -20.82 -7.00
C THR D 1231 17.53 -22.30 -6.93
N ARG D 1232 17.34 -22.92 -5.77
CA ARG D 1232 17.65 -24.34 -5.63
C ARG D 1232 16.76 -25.19 -6.54
N VAL D 1233 15.46 -24.86 -6.59
CA VAL D 1233 14.54 -25.62 -7.43
C VAL D 1233 14.91 -25.48 -8.89
N LEU D 1234 15.23 -24.27 -9.33
CA LEU D 1234 15.62 -24.07 -10.73
C LEU D 1234 16.90 -24.80 -11.07
N THR D 1235 17.88 -24.78 -10.16
CA THR D 1235 19.14 -25.49 -10.41
C THR D 1235 18.89 -26.99 -10.52
N ASP D 1236 18.13 -27.56 -9.59
CA ASP D 1236 17.86 -28.99 -9.63
C ASP D 1236 17.07 -29.38 -10.87
N ALA D 1237 16.07 -28.57 -11.24
CA ALA D 1237 15.29 -28.88 -12.44
C ALA D 1237 16.13 -28.79 -13.70
N ALA D 1238 17.00 -27.78 -13.78
CA ALA D 1238 17.85 -27.65 -14.96
C ALA D 1238 18.82 -28.82 -15.07
N ILE D 1239 19.41 -29.25 -13.95
CA ILE D 1239 20.32 -30.38 -13.99
C ILE D 1239 19.59 -31.66 -14.34
N ASN D 1240 18.41 -31.88 -13.75
CA ASN D 1240 17.64 -33.08 -14.00
C ASN D 1240 16.92 -33.05 -15.35
N CYS D 1241 16.86 -31.90 -16.01
CA CYS D 1241 16.16 -31.75 -17.28
C CYS D 1241 14.69 -32.16 -17.15
N ARG D 1242 14.04 -31.64 -16.10
CA ARG D 1242 12.65 -31.98 -15.84
C ARG D 1242 11.72 -31.32 -16.85
N SER D 1243 10.56 -31.93 -17.05
CA SER D 1243 9.55 -31.45 -18.00
C SER D 1243 8.21 -31.36 -17.29
N ASP D 1244 7.76 -30.15 -17.02
CA ASP D 1244 6.47 -29.94 -16.38
C ASP D 1244 5.34 -30.32 -17.31
N LYS D 1245 4.34 -31.02 -16.78
CA LYS D 1245 3.22 -31.48 -17.59
C LYS D 1245 2.06 -30.48 -17.65
N LEU D 1246 2.10 -29.44 -16.83
CA LEU D 1246 1.10 -28.36 -16.86
C LEU D 1246 -0.31 -28.88 -16.60
N ASN D 1247 -0.50 -29.51 -15.45
CA ASN D 1247 -1.83 -29.93 -15.00
C ASN D 1247 -1.90 -29.70 -13.49
N GLY D 1248 -2.42 -28.54 -13.11
CA GLY D 1248 -2.57 -28.20 -11.70
C GLY D 1248 -3.08 -26.79 -11.58
N LEU D 1249 -3.43 -26.41 -10.35
CA LEU D 1249 -4.01 -25.10 -10.12
C LEU D 1249 -2.97 -23.99 -10.35
N LYS D 1250 -1.80 -24.14 -9.75
CA LYS D 1250 -0.80 -23.06 -9.78
C LYS D 1250 -0.23 -22.87 -11.17
N GLU D 1251 0.12 -23.96 -11.86
CA GLU D 1251 0.69 -23.84 -13.19
C GLU D 1251 -0.31 -23.25 -14.17
N ASN D 1252 -1.57 -23.71 -14.12
CA ASN D 1252 -2.59 -23.17 -15.01
C ASN D 1252 -2.90 -21.72 -14.70
N VAL D 1253 -2.84 -21.33 -13.44
CA VAL D 1253 -2.97 -19.91 -13.10
C VAL D 1253 -1.82 -19.11 -13.71
N ILE D 1254 -0.60 -19.63 -13.62
CA ILE D 1254 0.57 -18.90 -14.10
C ILE D 1254 0.51 -18.74 -15.62
N ILE D 1255 0.25 -19.82 -16.35
CA ILE D 1255 0.30 -19.75 -17.81
C ILE D 1255 -0.97 -19.20 -18.43
N GLY D 1256 -2.04 -19.06 -17.66
CA GLY D 1256 -3.28 -18.49 -18.16
C GLY D 1256 -4.33 -19.48 -18.61
N LYS D 1257 -4.17 -20.76 -18.32
CA LYS D 1257 -5.14 -21.78 -18.70
C LYS D 1257 -6.17 -21.96 -17.59
N LEU D 1258 -7.33 -22.50 -17.97
CA LEU D 1258 -8.38 -22.78 -16.99
C LEU D 1258 -7.91 -23.83 -16.00
N ILE D 1259 -8.14 -23.58 -14.72
CA ILE D 1259 -7.70 -24.52 -13.69
C ILE D 1259 -8.48 -25.82 -13.84
N PRO D 1260 -7.90 -26.99 -13.53
CA PRO D 1260 -8.60 -28.27 -13.69
C PRO D 1260 -9.54 -28.60 -12.54
N ALA D 1261 -10.36 -27.63 -12.15
CA ALA D 1261 -11.30 -27.80 -11.06
C ALA D 1261 -12.50 -26.92 -11.30
N GLY D 1262 -13.61 -27.27 -10.66
CA GLY D 1262 -14.81 -26.48 -10.82
C GLY D 1262 -15.35 -26.60 -12.24
N THR D 1263 -15.57 -25.46 -12.88
CA THR D 1263 -16.13 -25.42 -14.23
C THR D 1263 -15.07 -25.62 -15.31
N GLY D 1264 -13.81 -25.75 -14.94
CA GLY D 1264 -12.73 -25.92 -15.88
C GLY D 1264 -12.36 -27.33 -16.24
N ILE D 1265 -13.12 -28.33 -15.79
CA ILE D 1265 -12.83 -29.71 -16.12
C ILE D 1265 -13.53 -30.08 -17.42
N SER D 1266 -13.06 -31.17 -18.04
CA SER D 1266 -13.54 -31.52 -19.38
C SER D 1266 -15.02 -31.88 -19.39
N ARG D 1267 -15.54 -32.43 -18.29
CA ARG D 1267 -16.95 -32.80 -18.26
C ARG D 1267 -17.85 -31.58 -18.43
N TYR D 1268 -17.49 -30.47 -17.79
CA TYR D 1268 -18.33 -29.28 -17.77
C TYR D 1268 -18.03 -28.31 -18.90
N ARG D 1269 -16.80 -28.30 -19.43
CA ARG D 1269 -16.47 -27.40 -20.51
C ARG D 1269 -17.04 -27.84 -21.85
N ASN D 1270 -17.35 -29.14 -22.02
CA ASN D 1270 -17.79 -29.68 -23.29
C ASN D 1270 -19.30 -29.93 -23.31
N ILE D 1271 -20.07 -29.14 -22.58
CA ILE D 1271 -21.52 -29.27 -22.59
C ILE D 1271 -22.07 -28.72 -23.89
N GLN D 1272 -22.93 -29.49 -24.55
CA GLN D 1272 -23.57 -29.09 -25.80
C GLN D 1272 -25.01 -28.73 -25.49
N VAL D 1273 -25.38 -27.46 -25.73
CA VAL D 1273 -26.69 -26.93 -25.40
C VAL D 1273 -27.45 -26.69 -26.70
N GLN D 1274 -28.69 -27.16 -26.77
CA GLN D 1274 -29.53 -26.96 -27.94
C GLN D 1274 -30.98 -26.99 -27.51
N PRO D 1275 -31.86 -26.28 -28.22
CA PRO D 1275 -33.30 -26.36 -27.90
C PRO D 1275 -33.84 -27.76 -28.14
N THR D 1276 -34.81 -28.15 -27.33
CA THR D 1276 -35.47 -29.42 -27.53
C THR D 1276 -36.37 -29.37 -28.76
N GLU D 1277 -36.77 -30.56 -29.24
CA GLU D 1277 -37.55 -30.63 -30.46
C GLU D 1277 -38.91 -29.95 -30.31
N GLU D 1278 -39.54 -30.10 -29.14
CA GLU D 1278 -40.84 -29.47 -28.92
C GLU D 1278 -40.73 -27.95 -28.94
N ALA D 1279 -39.73 -27.39 -28.25
CA ALA D 1279 -39.55 -25.95 -28.26
C ALA D 1279 -39.11 -25.45 -29.63
N ARG D 1280 -38.31 -26.25 -30.34
CA ARG D 1280 -37.92 -25.88 -31.69
C ARG D 1280 -39.13 -25.80 -32.62
N ALA D 1281 -40.04 -26.76 -32.51
CA ALA D 1281 -41.25 -26.74 -33.34
C ALA D 1281 -42.17 -25.60 -32.93
N ALA D 1282 -42.36 -25.38 -31.63
CA ALA D 1282 -43.25 -24.32 -31.18
C ALA D 1282 -42.76 -22.95 -31.61
N ALA D 1283 -41.47 -22.70 -31.50
CA ALA D 1283 -40.89 -21.42 -31.90
C ALA D 1283 -40.74 -21.35 -33.42
N ILE E 18 -51.51 -30.65 1.61
CA ILE E 18 -50.56 -31.21 2.56
C ILE E 18 -49.39 -30.26 2.76
N ASP E 19 -49.05 -29.99 4.02
CA ASP E 19 -47.94 -29.09 4.31
C ASP E 19 -46.62 -29.64 3.78
N SER E 20 -46.37 -30.94 3.97
CA SER E 20 -45.13 -31.53 3.48
C SER E 20 -45.03 -31.48 1.96
N SER E 21 -46.14 -31.76 1.27
CA SER E 21 -46.12 -31.74 -0.19
C SER E 21 -45.88 -30.33 -0.72
N ALA E 22 -46.49 -29.32 -0.10
CA ALA E 22 -46.38 -27.94 -0.53
C ALA E 22 -45.35 -27.16 0.28
N ALA E 23 -44.28 -27.83 0.71
CA ALA E 23 -43.25 -27.17 1.51
C ALA E 23 -42.49 -26.11 0.72
N SER E 24 -42.53 -26.17 -0.61
CA SER E 24 -41.84 -25.19 -1.45
C SER E 24 -42.77 -24.00 -1.74
N ALA E 25 -43.11 -23.28 -0.69
CA ALA E 25 -43.99 -22.12 -0.76
C ALA E 25 -43.21 -20.91 -0.26
N TYR E 26 -42.73 -20.08 -1.18
CA TYR E 26 -41.95 -18.89 -0.88
C TYR E 26 -42.68 -17.67 -1.43
N ASP E 27 -42.15 -16.49 -1.11
CA ASP E 27 -42.67 -15.25 -1.66
C ASP E 27 -42.12 -15.06 -3.07
N THR E 28 -42.56 -13.98 -3.72
CA THR E 28 -42.13 -13.72 -5.08
C THR E 28 -40.66 -13.35 -5.11
N PRO E 29 -39.82 -14.09 -5.83
CA PRO E 29 -38.40 -13.73 -5.90
C PRO E 29 -38.19 -12.40 -6.60
N LEU E 30 -37.13 -11.70 -6.17
CA LEU E 30 -36.84 -10.36 -6.64
C LEU E 30 -35.55 -10.33 -7.44
N GLY E 31 -35.62 -9.82 -8.66
CA GLY E 31 -34.42 -9.50 -9.40
C GLY E 31 -33.57 -10.72 -9.75
N ILE E 32 -32.31 -10.67 -9.33
CA ILE E 32 -31.33 -11.67 -9.74
C ILE E 32 -31.67 -13.06 -9.24
N THR E 33 -32.62 -13.19 -8.32
CA THR E 33 -33.04 -14.48 -7.79
C THR E 33 -34.37 -14.94 -8.36
N ASN E 34 -34.83 -14.34 -9.46
CA ASN E 34 -36.17 -14.61 -9.96
C ASN E 34 -36.41 -16.08 -10.30
N PRO E 35 -35.53 -16.77 -11.03
CA PRO E 35 -35.65 -18.22 -11.11
C PRO E 35 -35.03 -18.88 -9.90
N PRO E 36 -35.82 -19.58 -9.08
CA PRO E 36 -35.26 -20.16 -7.86
C PRO E 36 -34.10 -21.09 -8.17
N ILE E 37 -33.06 -21.01 -7.33
CA ILE E 37 -31.83 -21.76 -7.61
C ILE E 37 -32.04 -23.25 -7.41
N ASP E 38 -32.94 -23.64 -6.50
CA ASP E 38 -33.17 -25.07 -6.25
C ASP E 38 -33.78 -25.75 -7.47
N GLU E 39 -34.75 -25.09 -8.12
CA GLU E 39 -35.36 -25.68 -9.31
C GLU E 39 -34.35 -25.78 -10.45
N LEU E 40 -33.52 -24.75 -10.63
CA LEU E 40 -32.48 -24.80 -11.65
C LEU E 40 -31.49 -25.93 -11.36
N LEU E 41 -31.11 -26.09 -10.09
CA LEU E 41 -30.22 -27.18 -9.73
C LEU E 41 -30.86 -28.54 -10.00
N SER E 42 -32.17 -28.64 -9.80
CA SER E 42 -32.87 -29.88 -10.15
C SER E 42 -32.86 -30.12 -11.65
N ARG E 43 -32.90 -29.05 -12.45
CA ARG E 43 -32.85 -29.21 -13.90
C ARG E 43 -31.53 -29.81 -14.36
N ALA E 44 -30.42 -29.37 -13.78
CA ALA E 44 -29.08 -29.79 -14.19
C ALA E 44 -28.52 -30.83 -13.24
N SER E 45 -27.31 -31.29 -13.53
CA SER E 45 -26.65 -32.29 -12.70
C SER E 45 -26.00 -31.65 -11.47
N SER E 46 -25.08 -30.73 -11.69
CA SER E 46 -24.39 -30.01 -10.62
C SER E 46 -24.62 -28.51 -10.81
N LYS E 47 -23.90 -27.71 -10.01
CA LYS E 47 -23.97 -26.27 -10.19
C LYS E 47 -23.04 -25.80 -11.31
N TYR E 48 -21.89 -26.45 -11.48
CA TYR E 48 -21.00 -26.10 -12.58
C TYR E 48 -21.62 -26.42 -13.93
N ALA E 49 -22.32 -27.55 -14.02
CA ALA E 49 -23.05 -27.87 -15.24
C ALA E 49 -24.10 -26.81 -15.54
N LEU E 50 -24.80 -26.34 -14.49
CA LEU E 50 -25.76 -25.26 -14.67
C LEU E 50 -25.08 -23.99 -15.16
N VAL E 51 -23.91 -23.68 -14.62
CA VAL E 51 -23.19 -22.47 -15.03
C VAL E 51 -22.86 -22.53 -16.51
N ILE E 52 -22.29 -23.65 -16.96
CA ILE E 52 -21.91 -23.75 -18.37
C ILE E 52 -23.14 -23.79 -19.26
N TYR E 53 -24.19 -24.47 -18.81
CA TYR E 53 -25.47 -24.50 -19.52
C TYR E 53 -25.98 -23.09 -19.80
N ALA E 54 -26.08 -22.28 -18.74
CA ALA E 54 -26.59 -20.92 -18.88
C ALA E 54 -25.65 -20.06 -19.73
N ALA E 55 -24.34 -20.21 -19.53
CA ALA E 55 -23.39 -19.39 -20.28
C ALA E 55 -23.46 -19.68 -21.78
N LYS E 56 -23.53 -20.96 -22.15
CA LYS E 56 -23.61 -21.29 -23.57
C LYS E 56 -24.93 -20.84 -24.18
N ARG E 57 -26.04 -21.01 -23.46
CA ARG E 57 -27.30 -20.52 -24.00
C ARG E 57 -27.30 -19.01 -24.17
N ALA E 58 -26.69 -18.29 -23.20
CA ALA E 58 -26.60 -16.84 -23.32
C ALA E 58 -25.74 -16.43 -24.50
N ARG E 59 -24.64 -17.15 -24.73
CA ARG E 59 -23.82 -16.85 -25.89
C ARG E 59 -24.59 -17.08 -27.19
N GLN E 60 -25.37 -18.17 -27.26
CA GLN E 60 -26.18 -18.41 -28.44
C GLN E 60 -27.19 -17.29 -28.67
N ILE E 61 -27.85 -16.85 -27.61
CA ILE E 61 -28.83 -15.77 -27.74
C ILE E 61 -28.14 -14.49 -28.20
N ASN E 62 -26.98 -14.18 -27.63
CA ASN E 62 -26.28 -12.95 -28.00
C ASN E 62 -25.82 -13.00 -29.46
N ASP E 63 -25.38 -14.16 -29.93
CA ASP E 63 -25.03 -14.30 -31.33
C ASP E 63 -26.26 -14.14 -32.22
N TYR E 64 -27.41 -14.65 -31.77
CA TYR E 64 -28.64 -14.47 -32.52
C TYR E 64 -28.99 -12.98 -32.65
N TYR E 65 -28.85 -12.23 -31.56
CA TYR E 65 -29.16 -10.81 -31.61
C TYR E 65 -28.21 -10.05 -32.53
N ASN E 66 -26.93 -10.44 -32.54
CA ASN E 66 -25.93 -9.81 -33.38
C ASN E 66 -25.76 -10.47 -34.73
N GLN E 67 -26.82 -11.11 -35.24
CA GLN E 67 -26.77 -11.77 -36.53
C GLN E 67 -26.92 -10.74 -37.65
N LEU E 68 -26.22 -10.99 -38.76
CA LEU E 68 -26.24 -10.05 -39.87
C LEU E 68 -27.65 -9.89 -40.45
N GLY E 69 -28.38 -11.00 -40.57
CA GLY E 69 -29.73 -10.95 -41.11
C GLY E 69 -29.78 -11.28 -42.58
N ASP E 70 -28.81 -10.76 -43.34
CA ASP E 70 -28.72 -11.02 -44.78
C ASP E 70 -27.89 -12.24 -45.11
N GLY E 71 -27.30 -12.89 -44.11
CA GLY E 71 -26.51 -14.09 -44.34
C GLY E 71 -27.28 -15.36 -44.06
N ILE E 72 -26.76 -16.19 -43.16
CA ILE E 72 -27.36 -17.47 -42.81
C ILE E 72 -27.80 -17.43 -41.36
N LEU E 73 -29.06 -17.80 -41.10
CA LEU E 73 -29.63 -17.82 -39.76
C LEU E 73 -29.58 -19.25 -39.25
N GLU E 74 -28.83 -19.48 -38.17
CA GLU E 74 -28.73 -20.82 -37.62
C GLU E 74 -29.05 -20.88 -36.14
N TYR E 75 -28.64 -19.88 -35.36
CA TYR E 75 -28.86 -19.89 -33.92
C TYR E 75 -30.31 -19.51 -33.63
N VAL E 76 -31.00 -20.38 -32.87
CA VAL E 76 -32.39 -20.12 -32.53
C VAL E 76 -32.47 -18.95 -31.56
N GLY E 77 -33.50 -18.12 -31.71
CA GLY E 77 -33.69 -16.99 -30.85
C GLY E 77 -34.22 -17.39 -29.49
N PRO E 78 -34.53 -16.41 -28.65
CA PRO E 78 -35.06 -16.72 -27.31
C PRO E 78 -36.38 -17.46 -27.39
N LEU E 79 -36.42 -18.66 -26.82
CA LEU E 79 -37.61 -19.49 -26.84
C LEU E 79 -38.70 -18.97 -25.93
N VAL E 80 -38.42 -17.97 -25.10
CA VAL E 80 -39.40 -17.35 -24.22
C VAL E 80 -39.43 -15.87 -24.55
N GLU E 81 -40.56 -15.23 -24.27
CA GLU E 81 -40.72 -13.83 -24.60
C GLU E 81 -39.82 -12.98 -23.71
N PRO E 82 -38.90 -12.20 -24.27
CA PRO E 82 -38.00 -11.39 -23.44
C PRO E 82 -38.70 -10.15 -22.91
N GLY E 83 -38.02 -9.49 -21.97
CA GLY E 83 -38.50 -8.24 -21.41
C GLY E 83 -38.16 -7.06 -22.31
N LEU E 84 -38.11 -5.88 -21.71
CA LEU E 84 -37.81 -4.68 -22.47
C LEU E 84 -36.33 -4.62 -22.85
N GLN E 85 -35.45 -4.62 -21.85
CA GLN E 85 -34.01 -4.66 -22.05
C GLN E 85 -33.39 -5.75 -21.18
N GLU E 86 -33.99 -6.94 -21.23
CA GLU E 86 -33.53 -8.04 -20.40
C GLU E 86 -32.21 -8.59 -20.92
N LYS E 87 -31.32 -8.95 -19.99
CA LYS E 87 -30.04 -9.52 -20.36
C LYS E 87 -30.22 -10.91 -20.95
N PRO E 88 -29.36 -11.31 -21.88
CA PRO E 88 -29.47 -12.67 -22.45
C PRO E 88 -29.30 -13.77 -21.42
N LEU E 89 -28.52 -13.54 -20.36
CA LEU E 89 -28.34 -14.56 -19.33
C LEU E 89 -29.63 -14.82 -18.57
N SER E 90 -30.40 -13.77 -18.28
CA SER E 90 -31.69 -13.96 -17.62
C SER E 90 -32.64 -14.76 -18.50
N ILE E 91 -32.65 -14.46 -19.81
CA ILE E 91 -33.49 -15.21 -20.74
C ILE E 91 -33.05 -16.68 -20.78
N ALA E 92 -31.73 -16.91 -20.77
CA ALA E 92 -31.24 -18.28 -20.77
C ALA E 92 -31.68 -19.04 -19.53
N LEU E 93 -31.59 -18.39 -18.36
CA LEU E 93 -32.03 -19.03 -17.13
C LEU E 93 -33.53 -19.31 -17.15
N ARG E 94 -34.33 -18.38 -17.67
CA ARG E 94 -35.76 -18.61 -17.77
C ARG E 94 -36.08 -19.76 -18.71
N GLU E 95 -35.35 -19.88 -19.81
CA GLU E 95 -35.55 -21.00 -20.72
C GLU E 95 -35.17 -22.33 -20.05
N ILE E 96 -34.07 -22.33 -19.30
CA ILE E 96 -33.66 -23.54 -18.60
C ILE E 96 -34.71 -23.96 -17.58
N HIS E 97 -35.24 -22.99 -16.83
CA HIS E 97 -36.28 -23.27 -15.84
C HIS E 97 -37.58 -23.76 -16.48
N GLY E 98 -37.83 -23.41 -17.73
CA GLY E 98 -39.04 -23.81 -18.42
C GLY E 98 -38.95 -25.13 -19.16
N ASP E 99 -37.85 -25.87 -19.01
CA ASP E 99 -37.64 -27.15 -19.69
C ASP E 99 -37.72 -27.00 -21.20
N LEU E 100 -37.18 -25.90 -21.72
CA LEU E 100 -37.17 -25.63 -23.15
C LEU E 100 -35.87 -25.99 -23.82
N LEU E 101 -34.90 -26.53 -23.08
CA LEU E 101 -33.59 -26.84 -23.62
C LEU E 101 -33.15 -28.21 -23.12
N GLU E 102 -32.15 -28.77 -23.79
CA GLU E 102 -31.53 -30.02 -23.36
C GLU E 102 -30.03 -29.92 -23.54
N HIS E 103 -29.30 -30.62 -22.68
CA HIS E 103 -27.84 -30.57 -22.70
C HIS E 103 -27.28 -31.96 -22.48
N THR E 104 -26.08 -32.18 -23.00
CA THR E 104 -25.34 -33.42 -22.80
C THR E 104 -23.92 -33.09 -22.36
N GLU E 105 -23.50 -33.67 -21.24
CA GLU E 105 -22.16 -33.42 -20.73
C GLU E 105 -21.11 -34.16 -21.54
N GLY E 106 -19.88 -33.67 -21.48
CA GLY E 106 -18.78 -34.29 -22.17
C GLY E 106 -18.08 -35.35 -21.36
N GLU F 148 61.79 -21.11 12.63
CA GLU F 148 61.11 -21.62 13.82
C GLU F 148 59.61 -21.43 13.71
N ALA F 149 59.00 -20.93 14.80
CA ALA F 149 57.57 -20.64 14.77
C ALA F 149 57.25 -19.49 13.83
N LEU F 150 58.13 -18.49 13.76
CA LEU F 150 57.89 -17.35 12.88
C LEU F 150 57.87 -17.77 11.41
N ARG F 151 58.80 -18.64 11.01
CA ARG F 151 58.83 -19.09 9.62
C ARG F 151 57.59 -19.90 9.27
N GLN F 152 57.15 -20.77 10.17
CA GLN F 152 55.93 -21.54 9.91
C GLN F 152 54.71 -20.63 9.85
N ALA F 153 54.65 -19.61 10.71
CA ALA F 153 53.56 -18.66 10.65
C ALA F 153 53.57 -17.89 9.33
N ARG F 154 54.74 -17.49 8.85
CA ARG F 154 54.84 -16.81 7.57
C ARG F 154 54.39 -17.72 6.44
N LYS F 155 54.81 -18.99 6.47
CA LYS F 155 54.44 -19.93 5.41
C LYS F 155 52.93 -20.17 5.39
N ASP F 156 52.32 -20.30 6.58
CA ASP F 156 50.88 -20.46 6.64
C ASP F 156 50.16 -19.20 6.18
N ALA F 157 50.69 -18.02 6.51
CA ALA F 157 50.06 -16.78 6.09
C ALA F 157 50.10 -16.60 4.59
N GLU F 158 51.21 -17.00 3.95
CA GLU F 158 51.32 -16.85 2.50
C GLU F 158 50.42 -17.82 1.75
N LEU F 159 50.04 -18.95 2.36
CA LEU F 159 49.19 -19.94 1.74
C LEU F 159 47.72 -19.75 2.06
N THR F 160 47.36 -18.68 2.76
CA THR F 160 45.97 -18.42 3.11
C THR F 160 45.14 -18.13 1.87
N ALA F 161 43.86 -18.48 1.92
CA ALA F 161 42.98 -18.30 0.77
C ALA F 161 42.85 -16.83 0.39
N SER F 162 42.52 -15.97 1.36
CA SER F 162 42.37 -14.53 1.15
C SER F 162 41.36 -14.25 0.03
N ALA F 163 40.10 -14.60 0.35
CA ALA F 163 39.04 -14.59 -0.65
C ALA F 163 38.88 -13.22 -1.32
N ASP F 164 39.18 -12.14 -0.60
CA ASP F 164 39.09 -10.82 -1.21
C ASP F 164 40.12 -10.69 -2.34
N SER F 165 39.66 -10.16 -3.48
CA SER F 165 40.52 -10.11 -4.65
C SER F 165 41.61 -9.05 -4.51
N VAL F 166 41.29 -7.92 -3.89
CA VAL F 166 42.27 -6.86 -3.71
C VAL F 166 43.44 -7.36 -2.87
N ARG F 167 43.14 -8.10 -1.79
CA ARG F 167 44.20 -8.64 -0.95
C ARG F 167 45.09 -9.63 -1.72
N ALA F 168 44.47 -10.47 -2.54
CA ALA F 168 45.25 -11.41 -3.33
C ALA F 168 46.17 -10.70 -4.31
N TYR F 169 45.66 -9.65 -4.98
CA TYR F 169 46.51 -8.91 -5.91
C TYR F 169 47.64 -8.20 -5.18
N LEU F 170 47.35 -7.65 -3.99
CA LEU F 170 48.39 -6.98 -3.22
C LEU F 170 49.48 -7.96 -2.80
N LYS F 171 49.09 -9.17 -2.39
CA LYS F 171 50.09 -10.20 -2.09
C LYS F 171 50.94 -10.50 -3.31
N GLN F 172 50.30 -10.71 -4.46
CA GLN F 172 51.04 -11.07 -5.66
C GLN F 172 52.03 -9.99 -6.07
N ILE F 173 51.61 -8.72 -5.99
CA ILE F 173 52.53 -7.65 -6.36
C ILE F 173 53.62 -7.49 -5.30
N GLY F 174 53.32 -7.79 -4.04
CA GLY F 174 54.35 -7.73 -3.01
C GLY F 174 55.32 -8.89 -3.02
N LYS F 175 55.04 -9.92 -3.81
CA LYS F 175 55.99 -11.03 -3.93
C LYS F 175 57.34 -10.56 -4.46
N VAL F 176 57.34 -9.66 -5.45
CA VAL F 176 58.57 -9.28 -6.15
C VAL F 176 59.18 -8.05 -5.47
N ALA F 177 60.47 -7.84 -5.72
CA ALA F 177 61.23 -6.75 -5.13
C ALA F 177 61.40 -5.60 -6.14
N LEU F 178 62.10 -4.55 -5.72
CA LEU F 178 62.25 -3.34 -6.50
C LEU F 178 63.65 -3.25 -7.10
N LEU F 179 63.92 -2.14 -7.80
CA LEU F 179 65.19 -1.87 -8.45
C LEU F 179 65.65 -0.48 -8.04
N ASN F 180 66.91 -0.37 -7.60
CA ASN F 180 67.33 0.88 -6.95
C ASN F 180 67.72 1.97 -7.95
N ALA F 181 68.86 1.79 -8.64
CA ALA F 181 69.31 2.82 -9.57
C ALA F 181 69.76 2.26 -10.91
N GLU F 182 70.44 1.11 -10.89
CA GLU F 182 71.18 0.61 -12.03
C GLU F 182 70.51 -0.55 -12.75
N GLU F 183 69.71 -1.34 -12.04
CA GLU F 183 69.08 -2.50 -12.67
C GLU F 183 68.10 -2.09 -13.74
N GLU F 184 67.47 -0.92 -13.61
CA GLU F 184 66.54 -0.44 -14.63
C GLU F 184 67.25 -0.21 -15.96
N VAL F 185 68.45 0.37 -15.91
CA VAL F 185 69.22 0.61 -17.12
C VAL F 185 69.60 -0.71 -17.78
N GLU F 186 70.02 -1.68 -16.97
CA GLU F 186 70.35 -3.00 -17.51
C GLU F 186 69.14 -3.65 -18.17
N LEU F 187 67.97 -3.56 -17.53
CA LEU F 187 66.76 -4.14 -18.10
C LEU F 187 66.39 -3.44 -19.42
N ALA F 188 66.51 -2.11 -19.46
CA ALA F 188 66.20 -1.39 -20.69
C ALA F 188 67.15 -1.78 -21.82
N LYS F 189 68.44 -1.90 -21.51
CA LYS F 189 69.40 -2.32 -22.53
C LYS F 189 69.11 -3.73 -23.01
N ARG F 190 68.74 -4.63 -22.09
CA ARG F 190 68.38 -5.99 -22.48
C ARG F 190 67.15 -5.99 -23.39
N ILE F 191 66.15 -5.17 -23.06
CA ILE F 191 64.94 -5.09 -23.89
C ILE F 191 65.29 -4.61 -25.29
N GLU F 192 66.09 -3.54 -25.39
CA GLU F 192 66.45 -3.01 -26.70
C GLU F 192 67.26 -4.03 -27.50
N ALA F 193 68.21 -4.71 -26.85
CA ALA F 193 69.01 -5.72 -27.54
C ALA F 193 68.14 -6.86 -28.03
N GLY F 194 67.20 -7.32 -27.21
CA GLY F 194 66.30 -8.38 -27.64
C GLY F 194 65.42 -7.97 -28.80
N LEU F 195 64.90 -6.75 -28.77
CA LEU F 195 64.07 -6.27 -29.87
C LEU F 195 64.87 -6.18 -31.17
N TYR F 196 66.10 -5.64 -31.09
CA TYR F 196 66.92 -5.54 -32.29
C TYR F 196 67.29 -6.93 -32.82
N ALA F 197 67.61 -7.86 -31.92
CA ALA F 197 67.94 -9.21 -32.36
C ALA F 197 66.75 -9.88 -33.03
N THR F 198 65.55 -9.70 -32.47
CA THR F 198 64.36 -10.26 -33.09
C THR F 198 64.13 -9.66 -34.47
N GLN F 199 64.29 -8.34 -34.61
CA GLN F 199 64.09 -7.72 -35.91
C GLN F 199 65.11 -8.22 -36.93
N LYS F 200 66.38 -8.33 -36.53
CA LYS F 200 67.40 -8.81 -37.44
C LYS F 200 67.15 -10.26 -37.85
N LEU F 201 66.72 -11.09 -36.89
CA LEU F 201 66.41 -12.48 -37.21
C LEU F 201 65.24 -12.57 -38.18
N ALA F 202 64.22 -11.73 -37.98
CA ALA F 202 63.09 -11.71 -38.91
C ALA F 202 63.52 -11.26 -40.29
N GLU F 203 64.39 -10.25 -40.37
CA GLU F 203 64.87 -9.78 -41.66
C GLU F 203 65.69 -10.85 -42.38
N LEU F 204 66.54 -11.57 -41.64
CA LEU F 204 67.35 -12.61 -42.26
C LEU F 204 66.57 -13.88 -42.55
N ALA F 205 65.40 -14.06 -41.93
CA ALA F 205 64.58 -15.23 -42.22
C ALA F 205 64.03 -15.19 -43.65
N GLU F 206 63.52 -14.03 -44.07
CA GLU F 206 62.93 -13.86 -45.39
C GLU F 206 63.86 -12.98 -46.22
N LYS F 207 64.28 -13.50 -47.37
CA LYS F 207 65.24 -12.82 -48.25
C LYS F 207 66.53 -12.49 -47.50
N GLY F 208 67.18 -13.56 -47.03
CA GLY F 208 68.41 -13.42 -46.27
C GLY F 208 69.46 -14.45 -46.63
N GLU F 209 69.96 -15.15 -45.62
CA GLU F 209 70.99 -16.17 -45.83
C GLU F 209 70.90 -17.19 -44.70
N LYS F 210 71.55 -18.32 -44.90
CA LYS F 210 71.56 -19.40 -43.91
C LYS F 210 72.42 -18.95 -42.73
N LEU F 211 71.76 -18.56 -41.64
CA LEU F 211 72.50 -18.15 -40.45
C LEU F 211 73.21 -19.35 -39.83
N PRO F 212 74.40 -19.15 -39.28
CA PRO F 212 75.06 -20.24 -38.55
C PRO F 212 74.24 -20.65 -37.33
N VAL F 213 74.38 -21.92 -36.95
CA VAL F 213 73.57 -22.46 -35.85
C VAL F 213 73.83 -21.68 -34.56
N GLN F 214 75.09 -21.37 -34.28
CA GLN F 214 75.41 -20.61 -33.07
C GLN F 214 74.81 -19.21 -33.13
N GLN F 215 74.81 -18.58 -34.32
CA GLN F 215 74.22 -17.26 -34.45
C GLN F 215 72.71 -17.30 -34.20
N ARG F 216 72.02 -18.31 -34.74
CA ARG F 216 70.58 -18.45 -34.49
C ARG F 216 70.31 -18.69 -33.01
N ARG F 217 71.13 -19.54 -32.37
CA ARG F 217 70.96 -19.80 -30.95
C ARG F 217 71.15 -18.52 -30.14
N ASP F 218 72.18 -17.73 -30.47
CA ASP F 218 72.42 -16.49 -29.75
C ASP F 218 71.29 -15.49 -29.96
N MET F 219 70.78 -15.39 -31.20
CA MET F 219 69.67 -14.47 -31.45
C MET F 219 68.43 -14.87 -30.66
N GLN F 220 68.12 -16.17 -30.65
CA GLN F 220 66.97 -16.65 -29.88
C GLN F 220 67.17 -16.40 -28.38
N TRP F 221 68.38 -16.62 -27.89
CA TRP F 221 68.66 -16.38 -26.47
C TRP F 221 68.51 -14.90 -26.14
N ILE F 222 68.99 -14.01 -27.01
CA ILE F 222 68.86 -12.58 -26.77
C ILE F 222 67.38 -12.17 -26.78
N CYS F 223 66.61 -12.71 -27.72
CA CYS F 223 65.18 -12.39 -27.77
C CYS F 223 64.47 -12.84 -26.50
N ARG F 224 64.75 -14.08 -26.05
CA ARG F 224 64.12 -14.58 -24.84
C ARG F 224 64.56 -13.78 -23.61
N ASP F 225 65.84 -13.40 -23.55
CA ASP F 225 66.32 -12.58 -22.44
C ASP F 225 65.65 -11.22 -22.44
N GLY F 226 65.44 -10.63 -23.62
CA GLY F 226 64.74 -9.36 -23.67
C GLY F 226 63.30 -9.46 -23.21
N ASP F 227 62.61 -10.53 -23.63
CA ASP F 227 61.23 -10.73 -23.15
C ASP F 227 61.20 -10.92 -21.64
N ARG F 228 62.12 -11.70 -21.10
CA ARG F 228 62.17 -11.91 -19.65
C ARG F 228 62.48 -10.62 -18.92
N ALA F 229 63.38 -9.80 -19.47
CA ALA F 229 63.72 -8.52 -18.85
C ALA F 229 62.52 -7.58 -18.86
N LYS F 230 61.77 -7.54 -19.96
CA LYS F 230 60.57 -6.72 -20.03
C LYS F 230 59.56 -7.17 -18.98
N ASN F 231 59.34 -8.48 -18.88
CA ASN F 231 58.41 -8.99 -17.88
C ASN F 231 58.88 -8.67 -16.46
N HIS F 232 60.18 -8.79 -16.22
CA HIS F 232 60.72 -8.51 -14.89
C HIS F 232 60.56 -7.04 -14.53
N LEU F 233 60.83 -6.14 -15.47
CA LEU F 233 60.63 -4.71 -15.21
C LEU F 233 59.17 -4.40 -14.92
N LEU F 234 58.27 -4.96 -15.73
CA LEU F 234 56.84 -4.75 -15.50
C LEU F 234 56.44 -5.23 -14.12
N GLU F 235 56.82 -6.46 -13.76
CA GLU F 235 56.43 -7.02 -12.47
C GLU F 235 57.04 -6.24 -11.31
N ALA F 236 58.29 -5.81 -11.45
CA ALA F 236 58.94 -5.05 -10.39
C ALA F 236 58.28 -3.68 -10.19
N ASN F 237 57.75 -3.10 -11.26
CA ASN F 237 57.11 -1.79 -11.15
C ASN F 237 55.60 -1.88 -10.96
N LEU F 238 55.05 -3.07 -10.75
CA LEU F 238 53.62 -3.19 -10.49
C LEU F 238 53.30 -2.92 -9.03
N ARG F 239 53.82 -1.82 -8.48
CA ARG F 239 53.49 -1.41 -7.13
C ARG F 239 53.25 0.10 -7.12
N LEU F 240 53.88 0.80 -8.06
CA LEU F 240 53.61 2.22 -8.25
C LEU F 240 52.19 2.43 -8.77
N VAL F 241 51.69 1.50 -9.57
CA VAL F 241 50.34 1.62 -10.13
C VAL F 241 49.30 1.67 -9.02
N VAL F 242 49.45 0.82 -8.01
CA VAL F 242 48.50 0.80 -6.90
C VAL F 242 48.55 2.11 -6.14
N SER F 243 49.74 2.65 -5.90
CA SER F 243 49.85 3.92 -5.20
C SER F 243 49.20 5.05 -5.99
N LEU F 244 49.39 5.07 -7.31
CA LEU F 244 48.77 6.10 -8.14
C LEU F 244 47.26 5.95 -8.15
N ALA F 245 46.76 4.72 -8.24
CA ALA F 245 45.31 4.50 -8.34
C ALA F 245 44.61 4.63 -7.00
N LYS F 246 45.36 4.62 -5.89
CA LYS F 246 44.75 4.78 -4.58
C LYS F 246 44.00 6.09 -4.46
N ARG F 247 44.46 7.14 -5.15
CA ARG F 247 43.89 8.47 -5.00
C ARG F 247 42.63 8.69 -5.83
N TYR F 248 42.28 7.77 -6.72
CA TYR F 248 41.12 7.90 -7.60
C TYR F 248 39.98 6.98 -7.18
N THR F 249 39.96 6.58 -5.90
CA THR F 249 38.96 5.64 -5.40
C THR F 249 37.71 6.41 -4.99
N GLY F 250 36.55 5.90 -5.38
CA GLY F 250 35.29 6.51 -5.03
C GLY F 250 34.71 7.44 -6.07
N ARG F 251 35.17 7.37 -7.32
CA ARG F 251 34.71 8.28 -8.36
C ARG F 251 34.08 7.50 -9.51
N GLY F 252 33.21 6.56 -9.18
CA GLY F 252 32.54 5.75 -10.18
C GLY F 252 33.19 4.41 -10.44
N MET F 253 34.43 4.41 -10.94
CA MET F 253 35.11 3.18 -11.25
C MET F 253 35.56 2.46 -9.97
N ALA F 254 35.81 1.16 -10.11
CA ALA F 254 36.26 0.34 -9.01
C ALA F 254 37.78 0.40 -8.89
N PHE F 255 38.28 -0.01 -7.73
CA PHE F 255 39.71 0.07 -7.45
C PHE F 255 40.51 -0.83 -8.39
N LEU F 256 40.04 -2.05 -8.62
CA LEU F 256 40.77 -2.99 -9.46
C LEU F 256 40.77 -2.55 -10.92
N ASP F 257 39.68 -1.95 -11.40
CA ASP F 257 39.68 -1.42 -12.76
C ASP F 257 40.70 -0.32 -12.92
N LEU F 258 40.79 0.58 -11.93
CA LEU F 258 41.82 1.61 -11.95
C LEU F 258 43.21 1.01 -11.96
N ILE F 259 43.42 -0.05 -11.18
CA ILE F 259 44.72 -0.71 -11.15
C ILE F 259 45.06 -1.29 -12.51
N GLN F 260 44.09 -1.94 -13.16
CA GLN F 260 44.35 -2.55 -14.47
C GLN F 260 44.65 -1.50 -15.54
N GLU F 261 43.90 -0.39 -15.52
CA GLU F 261 44.20 0.69 -16.47
C GLU F 261 45.58 1.27 -16.21
N GLY F 262 45.95 1.41 -14.93
CA GLY F 262 47.30 1.84 -14.62
C GLY F 262 48.34 0.86 -15.10
N ASN F 263 48.02 -0.44 -15.07
CA ASN F 263 48.95 -1.44 -15.60
C ASN F 263 49.15 -1.27 -17.10
N LEU F 264 48.06 -0.97 -17.82
CA LEU F 264 48.21 -0.67 -19.24
C LEU F 264 49.09 0.56 -19.46
N GLY F 265 48.87 1.60 -18.66
CA GLY F 265 49.73 2.77 -18.74
C GLY F 265 51.18 2.45 -18.44
N LEU F 266 51.42 1.57 -17.48
CA LEU F 266 52.78 1.14 -17.17
C LEU F 266 53.41 0.37 -18.32
N ILE F 267 52.63 -0.45 -19.01
CA ILE F 267 53.15 -1.15 -20.19
C ILE F 267 53.57 -0.13 -21.25
N ARG F 268 52.74 0.90 -21.47
CA ARG F 268 53.11 1.94 -22.42
C ARG F 268 54.39 2.66 -21.97
N ALA F 269 54.50 2.96 -20.68
CA ALA F 269 55.69 3.66 -20.17
C ALA F 269 56.94 2.82 -20.36
N VAL F 270 56.85 1.51 -20.10
CA VAL F 270 57.97 0.62 -20.37
C VAL F 270 58.33 0.63 -21.85
N GLU F 271 57.32 0.64 -22.71
CA GLU F 271 57.57 0.72 -24.15
C GLU F 271 58.24 2.01 -24.58
N LYS F 272 58.02 3.12 -23.86
CA LYS F 272 58.56 4.41 -24.26
C LYS F 272 59.69 4.92 -23.37
N PHE F 273 60.25 4.07 -22.51
CA PHE F 273 61.30 4.52 -21.59
C PHE F 273 62.65 4.54 -22.27
N ASP F 274 63.40 5.62 -22.10
CA ASP F 274 64.74 5.77 -22.64
C ASP F 274 65.71 5.92 -21.48
N TYR F 275 66.72 5.05 -21.42
CA TYR F 275 67.67 5.04 -20.31
C TYR F 275 68.80 6.03 -20.48
N THR F 276 69.00 6.59 -21.67
CA THR F 276 70.13 7.48 -21.90
C THR F 276 69.98 8.80 -21.17
N LYS F 277 68.74 9.27 -20.98
CA LYS F 277 68.51 10.56 -20.33
C LYS F 277 68.92 10.55 -18.87
N GLY F 278 68.96 9.37 -18.23
CA GLY F 278 69.44 9.25 -16.87
C GLY F 278 68.39 9.46 -15.80
N TYR F 279 67.18 9.86 -16.15
CA TYR F 279 66.12 10.01 -15.16
C TYR F 279 65.60 8.66 -14.74
N LYS F 280 65.12 8.60 -13.50
CA LYS F 280 64.58 7.34 -12.98
C LYS F 280 63.24 7.01 -13.64
N PHE F 281 62.88 5.73 -13.57
CA PHE F 281 61.66 5.25 -14.20
C PHE F 281 60.41 5.79 -13.53
N SER F 282 60.51 6.23 -12.27
CA SER F 282 59.35 6.60 -11.48
C SER F 282 58.71 7.90 -11.92
N THR F 283 59.32 8.66 -12.83
CA THR F 283 58.72 9.89 -13.33
C THR F 283 57.93 9.64 -14.62
N TYR F 284 58.58 9.04 -15.62
CA TYR F 284 57.90 8.70 -16.85
C TYR F 284 56.77 7.71 -16.60
N ALA F 285 57.03 6.72 -15.74
CA ALA F 285 55.97 5.78 -15.36
C ALA F 285 54.81 6.49 -14.70
N THR F 286 55.10 7.43 -13.80
CA THR F 286 54.02 8.17 -13.14
C THR F 286 53.19 8.94 -14.15
N TRP F 287 53.85 9.63 -15.09
CA TRP F 287 53.12 10.37 -16.10
C TRP F 287 52.19 9.46 -16.89
N TRP F 288 52.71 8.34 -17.40
CA TRP F 288 51.89 7.48 -18.25
C TRP F 288 50.78 6.80 -17.46
N ILE F 289 51.06 6.36 -16.23
CA ILE F 289 50.05 5.72 -15.41
C ILE F 289 48.92 6.69 -15.11
N ARG F 290 49.26 7.93 -14.73
CA ARG F 290 48.23 8.92 -14.45
C ARG F 290 47.39 9.21 -15.69
N GLN F 291 48.05 9.35 -16.84
CA GLN F 291 47.31 9.62 -18.08
C GLN F 291 46.34 8.49 -18.39
N ALA F 292 46.81 7.24 -18.30
CA ALA F 292 45.95 6.11 -18.63
C ALA F 292 44.77 6.01 -17.67
N ILE F 293 45.02 6.17 -16.36
CA ILE F 293 43.94 6.09 -15.39
C ILE F 293 42.92 7.18 -15.62
N THR F 294 43.38 8.41 -15.86
CA THR F 294 42.46 9.53 -16.06
C THR F 294 41.63 9.33 -17.32
N ARG F 295 42.26 8.90 -18.42
CA ARG F 295 41.53 8.70 -19.67
C ARG F 295 40.50 7.59 -19.52
N ALA F 296 40.87 6.48 -18.88
CA ALA F 296 39.92 5.39 -18.70
C ALA F 296 38.76 5.80 -17.81
N MET F 297 39.04 6.53 -16.72
CA MET F 297 37.97 7.00 -15.86
C MET F 297 37.09 8.03 -16.58
N ALA F 298 37.64 8.75 -17.54
CA ALA F 298 36.82 9.63 -18.37
C ALA F 298 35.90 8.81 -19.27
N ASP F 299 36.39 7.69 -19.81
CA ASP F 299 35.57 6.89 -20.70
C ASP F 299 34.61 5.98 -19.95
N GLN F 300 35.15 5.06 -19.16
CA GLN F 300 34.37 3.96 -18.57
C GLN F 300 33.83 4.29 -17.18
N ALA F 301 33.12 5.40 -17.03
CA ALA F 301 32.55 5.73 -15.73
C ALA F 301 31.13 6.26 -15.79
N ARG F 302 30.54 6.42 -16.97
CA ARG F 302 29.20 6.95 -17.12
C ARG F 302 28.35 6.00 -17.95
N THR F 303 27.10 5.84 -17.52
CA THR F 303 26.17 5.01 -18.30
C THR F 303 25.93 5.61 -19.67
N ILE F 304 25.76 6.93 -19.75
CA ILE F 304 25.70 7.66 -21.01
C ILE F 304 27.06 8.29 -21.22
N ARG F 305 27.80 7.80 -22.21
CA ARG F 305 29.19 8.19 -22.36
C ARG F 305 29.31 9.63 -22.86
N ILE F 306 30.24 10.37 -22.25
CA ILE F 306 30.54 11.75 -22.64
C ILE F 306 31.97 11.77 -23.14
N PRO F 307 32.27 12.44 -24.26
CA PRO F 307 33.64 12.47 -24.76
C PRO F 307 34.58 13.18 -23.79
N VAL F 308 35.86 12.82 -23.87
CA VAL F 308 36.86 13.34 -22.93
C VAL F 308 36.96 14.85 -23.03
N HIS F 309 36.87 15.39 -24.26
CA HIS F 309 37.01 16.83 -24.45
C HIS F 309 35.90 17.60 -23.75
N MET F 310 34.77 16.97 -23.45
CA MET F 310 33.71 17.61 -22.69
C MET F 310 33.77 17.29 -21.19
N VAL F 311 34.31 16.12 -20.82
CA VAL F 311 34.53 15.84 -19.42
C VAL F 311 35.55 16.83 -18.84
N GLU F 312 36.58 17.17 -19.64
CA GLU F 312 37.54 18.17 -19.19
C GLU F 312 36.85 19.52 -18.96
N VAL F 313 35.94 19.91 -19.86
CA VAL F 313 35.23 21.17 -19.71
C VAL F 313 34.36 21.16 -18.47
N ILE F 314 33.69 20.03 -18.21
CA ILE F 314 32.85 19.91 -17.02
C ILE F 314 33.69 20.05 -15.75
N ASN F 315 34.85 19.38 -15.72
CA ASN F 315 35.73 19.46 -14.55
C ASN F 315 36.24 20.89 -14.36
N LYS F 316 36.62 21.55 -15.45
CA LYS F 316 37.08 22.94 -15.35
C LYS F 316 35.98 23.85 -14.82
N LEU F 317 34.76 23.66 -15.31
CA LEU F 317 33.64 24.46 -14.82
C LEU F 317 33.40 24.22 -13.34
N GLY F 318 33.49 22.96 -12.90
CA GLY F 318 33.34 22.67 -11.48
C GLY F 318 34.40 23.32 -10.62
N ARG F 319 35.65 23.27 -11.07
CA ARG F 319 36.74 23.89 -10.33
C ARG F 319 36.54 25.41 -10.24
N ILE F 320 36.15 26.03 -11.36
CA ILE F 320 35.91 27.47 -11.35
C ILE F 320 34.74 27.81 -10.44
N GLN F 321 33.72 26.96 -10.43
CA GLN F 321 32.58 27.18 -9.54
C GLN F 321 33.00 27.11 -8.09
N ARG F 322 33.85 26.15 -7.74
CA ARG F 322 34.34 26.05 -6.36
C ARG F 322 35.14 27.28 -5.97
N GLU F 323 36.02 27.74 -6.87
CA GLU F 323 36.81 28.94 -6.57
C GLU F 323 35.92 30.17 -6.41
N LEU F 324 34.90 30.30 -7.26
CA LEU F 324 33.98 31.43 -7.14
C LEU F 324 33.18 31.35 -5.84
N LEU F 325 32.77 30.14 -5.45
CA LEU F 325 32.07 29.98 -4.18
C LEU F 325 32.93 30.39 -3.01
N GLN F 326 34.22 30.01 -3.04
CA GLN F 326 35.13 30.43 -1.98
C GLN F 326 35.33 31.94 -1.96
N ASP F 327 35.46 32.55 -3.14
CA ASP F 327 35.78 33.97 -3.20
C ASP F 327 34.58 34.83 -2.80
N LEU F 328 33.45 34.66 -3.49
CA LEU F 328 32.29 35.51 -3.26
C LEU F 328 31.73 35.32 -1.85
N GLY F 329 31.65 34.08 -1.39
CA GLY F 329 31.00 33.75 -0.15
C GLY F 329 29.59 33.23 -0.32
N ARG F 330 28.98 33.49 -1.47
CA ARG F 330 27.67 32.98 -1.83
C ARG F 330 27.81 32.01 -3.00
N GLU F 331 26.70 31.43 -3.42
CA GLU F 331 26.71 30.54 -4.57
C GLU F 331 26.84 31.36 -5.84
N PRO F 332 27.83 31.08 -6.69
CA PRO F 332 28.00 31.89 -7.90
C PRO F 332 26.92 31.61 -8.93
N THR F 333 26.43 32.68 -9.54
CA THR F 333 25.43 32.59 -10.60
C THR F 333 26.10 32.28 -11.93
N PRO F 334 25.33 31.82 -12.93
CA PRO F 334 25.92 31.57 -14.25
C PRO F 334 26.65 32.77 -14.85
N GLU F 335 26.28 33.99 -14.46
CA GLU F 335 26.96 35.17 -14.98
C GLU F 335 28.44 35.17 -14.60
N GLU F 336 28.74 34.91 -13.32
CA GLU F 336 30.14 34.91 -12.89
C GLU F 336 30.92 33.79 -13.57
N LEU F 337 30.33 32.61 -13.71
CA LEU F 337 31.00 31.53 -14.40
C LEU F 337 31.26 31.87 -15.87
N ALA F 338 30.32 32.58 -16.50
CA ALA F 338 30.53 33.00 -17.88
C ALA F 338 31.74 33.93 -18.00
N LYS F 339 31.89 34.88 -17.08
CA LYS F 339 33.03 35.79 -17.14
C LYS F 339 34.33 35.07 -16.82
N GLU F 340 34.33 34.20 -15.82
CA GLU F 340 35.56 33.54 -15.38
C GLU F 340 35.91 32.30 -16.19
N MET F 341 35.07 31.89 -17.15
CA MET F 341 35.37 30.74 -17.99
C MET F 341 35.44 31.13 -19.47
N ASP F 342 35.41 32.43 -19.77
CA ASP F 342 35.46 32.97 -21.12
C ASP F 342 34.63 32.16 -22.11
N ILE F 343 33.39 31.89 -21.72
CA ILE F 343 32.42 31.21 -22.57
C ILE F 343 31.09 31.96 -22.48
N THR F 344 30.19 31.64 -23.40
CA THR F 344 28.89 32.27 -23.40
C THR F 344 28.09 31.87 -22.16
N PRO F 345 27.21 32.74 -21.66
CA PRO F 345 26.38 32.38 -20.50
C PRO F 345 25.30 31.36 -20.80
N GLU F 346 25.30 30.76 -21.99
CA GLU F 346 24.36 29.73 -22.37
C GLU F 346 24.98 28.34 -22.43
N LYS F 347 26.24 28.24 -22.88
CA LYS F 347 26.92 26.95 -22.91
C LYS F 347 27.06 26.35 -21.52
N VAL F 348 27.12 27.19 -20.49
CA VAL F 348 27.24 26.68 -19.12
C VAL F 348 26.00 25.87 -18.75
N LEU F 349 24.82 26.31 -19.19
CA LEU F 349 23.61 25.56 -18.91
C LEU F 349 23.63 24.20 -19.61
N GLU F 350 24.07 24.16 -20.86
CA GLU F 350 24.18 22.89 -21.56
C GLU F 350 25.17 21.96 -20.87
N ILE F 351 26.30 22.51 -20.42
CA ILE F 351 27.31 21.71 -19.73
C ILE F 351 26.74 21.13 -18.44
N GLN F 352 26.02 21.96 -17.68
CA GLN F 352 25.43 21.46 -16.45
C GLN F 352 24.35 20.42 -16.72
N GLN F 353 23.62 20.57 -17.83
CA GLN F 353 22.60 19.60 -18.20
C GLN F 353 23.17 18.31 -18.78
N TYR F 354 24.41 18.33 -19.25
CA TYR F 354 25.06 17.10 -19.71
C TYR F 354 25.66 16.30 -18.56
N ALA F 355 25.74 16.86 -17.37
CA ALA F 355 26.36 16.20 -16.23
C ALA F 355 25.38 15.36 -15.42
N ARG F 356 24.10 15.36 -15.75
CA ARG F 356 23.13 14.56 -15.01
C ARG F 356 23.40 13.07 -15.21
N GLU F 357 23.30 12.32 -14.11
CA GLU F 357 23.45 10.88 -14.14
C GLU F 357 22.09 10.21 -13.95
N PRO F 358 21.72 9.26 -14.81
CA PRO F 358 20.41 8.62 -14.69
C PRO F 358 20.25 7.92 -13.34
N ILE F 359 19.05 8.03 -12.77
CA ILE F 359 18.72 7.36 -11.53
C ILE F 359 18.34 5.92 -11.84
N SER F 360 18.21 5.09 -10.80
CA SER F 360 17.90 3.68 -10.98
C SER F 360 16.41 3.45 -10.80
N LEU F 361 15.85 2.61 -11.68
CA LEU F 361 14.45 2.21 -11.57
C LEU F 361 14.20 1.25 -10.42
N ASP F 362 15.25 0.71 -9.80
CA ASP F 362 15.11 -0.29 -8.76
C ASP F 362 15.28 0.28 -7.35
N GLN F 363 15.41 1.59 -7.22
CA GLN F 363 15.58 2.18 -5.91
C GLN F 363 14.27 2.15 -5.14
N THR F 364 14.37 1.90 -3.82
CA THR F 364 13.19 1.79 -2.99
C THR F 364 12.56 3.17 -2.77
N ILE F 365 11.24 3.21 -2.75
CA ILE F 365 10.49 4.45 -2.54
C ILE F 365 10.07 4.62 -1.09
N GLY F 366 9.45 3.61 -0.51
CA GLY F 366 8.94 3.69 0.85
C GLY F 366 9.98 3.28 1.87
N ASP F 367 9.52 3.21 3.13
CA ASP F 367 10.41 2.80 4.22
C ASP F 367 10.68 1.30 4.19
N GLU F 368 9.67 0.50 3.88
CA GLU F 368 9.84 -0.94 3.76
C GLU F 368 10.35 -1.27 2.37
N GLY F 369 10.38 -2.56 2.03
CA GLY F 369 10.96 -2.98 0.76
C GLY F 369 9.96 -3.51 -0.25
N ASP F 370 8.81 -2.85 -0.37
CA ASP F 370 7.76 -3.28 -1.29
C ASP F 370 7.56 -2.36 -2.47
N SER F 371 8.17 -1.17 -2.48
CA SER F 371 7.96 -0.19 -3.52
C SER F 371 9.25 0.10 -4.27
N GLN F 372 9.12 0.36 -5.57
CA GLN F 372 10.24 0.71 -6.42
C GLN F 372 9.85 1.85 -7.35
N LEU F 373 10.86 2.57 -7.82
CA LEU F 373 10.61 3.69 -8.73
C LEU F 373 9.98 3.23 -10.04
N GLY F 374 10.26 1.99 -10.46
CA GLY F 374 9.75 1.49 -11.72
C GLY F 374 8.27 1.17 -11.72
N ASP F 375 7.62 1.18 -10.56
CA ASP F 375 6.20 0.91 -10.47
C ASP F 375 5.34 2.15 -10.62
N PHE F 376 5.95 3.34 -10.64
CA PHE F 376 5.23 4.59 -10.82
C PHE F 376 5.39 5.17 -12.22
N ILE F 377 6.06 4.45 -13.12
CA ILE F 377 6.36 4.95 -14.46
C ILE F 377 5.33 4.36 -15.42
N GLU F 378 4.65 5.23 -16.14
CA GLU F 378 3.59 4.83 -17.05
C GLU F 378 4.14 4.59 -18.46
N ASP F 379 3.75 3.46 -19.04
CA ASP F 379 4.09 3.18 -20.43
C ASP F 379 3.23 4.05 -21.34
N SER F 380 3.88 4.93 -22.11
CA SER F 380 3.18 5.89 -22.96
C SER F 380 3.02 5.42 -24.39
N GLU F 381 3.49 4.23 -24.73
CA GLU F 381 3.37 3.71 -26.09
C GLU F 381 2.39 2.55 -26.18
N ALA F 382 1.57 2.36 -25.16
CA ALA F 382 0.57 1.30 -25.16
C ALA F 382 -0.74 1.80 -25.74
N VAL F 383 -1.48 0.87 -26.34
CA VAL F 383 -2.75 1.22 -26.97
C VAL F 383 -3.76 1.62 -25.90
N VAL F 384 -4.47 2.73 -26.15
CA VAL F 384 -5.44 3.25 -25.19
C VAL F 384 -6.70 2.41 -25.11
N ALA F 385 -6.92 1.53 -26.10
CA ALA F 385 -8.05 0.59 -26.14
C ALA F 385 -9.36 1.31 -26.41
N VAL F 386 -9.35 2.64 -26.40
CA VAL F 386 -10.50 3.42 -26.79
C VAL F 386 -10.26 4.19 -28.09
N ASP F 387 -9.03 4.62 -28.36
CA ASP F 387 -8.72 5.25 -29.63
C ASP F 387 -8.79 4.27 -30.78
N ALA F 388 -8.55 2.98 -30.52
CA ALA F 388 -8.55 1.99 -31.59
C ALA F 388 -9.96 1.77 -32.13
N VAL F 389 -10.94 1.58 -31.24
CA VAL F 389 -12.32 1.38 -31.69
C VAL F 389 -12.85 2.65 -32.33
N SER F 390 -12.47 3.82 -31.79
CA SER F 390 -12.87 5.08 -32.41
C SER F 390 -12.29 5.21 -33.81
N PHE F 391 -11.03 4.80 -34.00
CA PHE F 391 -10.43 4.83 -35.33
C PHE F 391 -11.12 3.88 -36.29
N THR F 392 -11.48 2.69 -35.81
CA THR F 392 -12.21 1.73 -36.66
C THR F 392 -13.56 2.30 -37.09
N LEU F 393 -14.28 2.91 -36.15
CA LEU F 393 -15.57 3.52 -36.47
C LEU F 393 -15.40 4.69 -37.42
N LEU F 394 -14.32 5.47 -37.25
CA LEU F 394 -14.03 6.56 -38.18
C LEU F 394 -13.77 6.03 -39.58
N GLN F 395 -13.03 4.93 -39.69
CA GLN F 395 -12.78 4.33 -41.00
C GLN F 395 -14.08 3.88 -41.65
N ASP F 396 -14.97 3.23 -40.87
CA ASP F 396 -16.24 2.79 -41.41
C ASP F 396 -17.09 3.98 -41.87
N GLN F 397 -17.16 5.03 -41.06
CA GLN F 397 -17.96 6.20 -41.41
C GLN F 397 -17.39 6.90 -42.64
N LEU F 398 -16.07 6.99 -42.74
CA LEU F 398 -15.44 7.62 -43.90
C LEU F 398 -15.70 6.82 -45.16
N GLN F 399 -15.64 5.49 -45.06
CA GLN F 399 -15.97 4.65 -46.20
C GLN F 399 -17.42 4.87 -46.63
N SER F 400 -18.34 4.93 -45.67
CA SER F 400 -19.74 5.16 -46.01
C SER F 400 -19.94 6.51 -46.68
N VAL F 401 -19.25 7.55 -46.19
CA VAL F 401 -19.38 8.88 -46.77
C VAL F 401 -18.81 8.92 -48.18
N LEU F 402 -17.63 8.32 -48.38
CA LEU F 402 -17.03 8.30 -49.71
C LEU F 402 -17.80 7.44 -50.70
N GLU F 403 -18.59 6.49 -50.20
CA GLU F 403 -19.41 5.72 -51.13
C GLU F 403 -20.60 6.51 -51.70
N THR F 404 -20.72 7.81 -51.42
CA THR F 404 -21.78 8.64 -51.98
C THR F 404 -21.35 9.39 -53.24
N LEU F 405 -20.13 9.17 -53.70
CA LEU F 405 -19.60 9.81 -54.89
C LEU F 405 -19.51 8.80 -56.03
N SER F 406 -19.07 9.27 -57.19
CA SER F 406 -18.85 8.39 -58.32
C SER F 406 -17.54 7.63 -58.16
N GLU F 407 -17.32 6.68 -59.07
CA GLU F 407 -16.11 5.85 -58.99
C GLU F 407 -14.85 6.68 -59.20
N ARG F 408 -14.90 7.64 -60.14
CA ARG F 408 -13.70 8.40 -60.48
C ARG F 408 -13.22 9.23 -59.29
N GLU F 409 -14.11 10.02 -58.69
CA GLU F 409 -13.72 10.90 -57.59
C GLU F 409 -13.29 10.08 -56.37
N ALA F 410 -14.02 9.01 -56.06
CA ALA F 410 -13.66 8.18 -54.92
C ALA F 410 -12.30 7.53 -55.12
N GLY F 411 -12.05 6.99 -56.31
CA GLY F 411 -10.75 6.40 -56.58
C GLY F 411 -9.63 7.42 -56.52
N VAL F 412 -9.86 8.61 -57.07
CA VAL F 412 -8.85 9.66 -57.04
C VAL F 412 -8.52 10.04 -55.60
N VAL F 413 -9.55 10.23 -54.77
CA VAL F 413 -9.31 10.60 -53.37
C VAL F 413 -8.58 9.50 -52.63
N ARG F 414 -9.01 8.25 -52.83
CA ARG F 414 -8.35 7.14 -52.12
C ARG F 414 -6.89 7.00 -52.53
N LEU F 415 -6.59 7.18 -53.82
CA LEU F 415 -5.20 7.09 -54.26
C LEU F 415 -4.39 8.28 -53.77
N ARG F 416 -4.99 9.47 -53.74
CA ARG F 416 -4.25 10.68 -53.39
C ARG F 416 -3.95 10.76 -51.91
N PHE F 417 -4.91 10.43 -51.06
CA PHE F 417 -4.72 10.49 -49.62
C PHE F 417 -4.16 9.22 -49.02
N GLY F 418 -3.96 8.18 -49.83
CA GLY F 418 -3.43 6.93 -49.31
C GLY F 418 -4.40 6.13 -48.48
N LEU F 419 -5.70 6.37 -48.63
CA LEU F 419 -6.70 5.60 -47.90
C LEU F 419 -6.84 4.18 -48.42
N THR F 420 -6.23 3.85 -49.55
CA THR F 420 -6.43 2.53 -50.13
C THR F 420 -5.73 1.45 -49.34
N ASP F 421 -4.39 1.45 -49.31
CA ASP F 421 -3.67 0.45 -48.52
C ASP F 421 -2.79 1.06 -47.44
N GLY F 422 -1.74 1.81 -47.79
CA GLY F 422 -0.86 2.31 -46.75
C GLY F 422 -0.19 3.66 -46.96
N GLN F 423 -0.29 4.25 -48.14
CA GLN F 423 0.58 5.37 -48.45
C GLN F 423 -0.03 6.19 -49.59
N PRO F 424 0.19 7.49 -49.62
CA PRO F 424 -0.36 8.34 -50.68
C PRO F 424 0.56 8.38 -51.90
N ARG F 425 -0.01 8.86 -53.00
CA ARG F 425 0.71 9.03 -54.26
C ARG F 425 0.80 10.52 -54.59
N THR F 426 1.38 10.81 -55.75
CA THR F 426 1.57 12.17 -56.21
C THR F 426 0.70 12.42 -57.44
N LEU F 427 0.61 13.69 -57.83
CA LEU F 427 -0.25 14.07 -58.95
C LEU F 427 0.20 13.40 -60.25
N ASP F 428 1.50 13.41 -60.52
CA ASP F 428 2.00 12.84 -61.76
C ASP F 428 1.77 11.34 -61.82
N GLU F 429 1.99 10.63 -60.70
CA GLU F 429 1.80 9.18 -60.69
C GLU F 429 0.34 8.81 -60.93
N ILE F 430 -0.58 9.50 -60.25
CA ILE F 430 -2.00 9.22 -60.44
C ILE F 430 -2.43 9.56 -61.87
N GLY F 431 -1.93 10.68 -62.39
CA GLY F 431 -2.27 11.04 -63.77
C GLY F 431 -1.76 10.02 -64.77
N GLN F 432 -0.56 9.49 -64.55
CA GLN F 432 -0.03 8.47 -65.44
C GLN F 432 -0.82 7.17 -65.32
N VAL F 433 -1.24 6.82 -64.11
CA VAL F 433 -2.05 5.60 -63.92
C VAL F 433 -3.40 5.75 -64.62
N TYR F 434 -4.03 6.91 -64.49
CA TYR F 434 -5.32 7.16 -65.11
C TYR F 434 -5.21 7.75 -66.51
N GLY F 435 -4.00 8.02 -66.98
CA GLY F 435 -3.82 8.54 -68.33
C GLY F 435 -4.42 9.91 -68.55
N VAL F 436 -4.25 10.82 -67.58
CA VAL F 436 -4.75 12.19 -67.69
C VAL F 436 -3.67 13.14 -67.22
N THR F 437 -3.80 14.40 -67.63
CA THR F 437 -2.84 15.42 -67.24
C THR F 437 -3.00 15.76 -65.76
N ARG F 438 -1.91 16.30 -65.19
CA ARG F 438 -1.93 16.63 -63.76
C ARG F 438 -2.93 17.74 -63.45
N GLU F 439 -3.14 18.65 -64.39
CA GLU F 439 -4.14 19.70 -64.19
C GLU F 439 -5.53 19.11 -64.05
N ARG F 440 -5.84 18.09 -64.85
CA ARG F 440 -7.13 17.42 -64.75
C ARG F 440 -7.30 16.76 -63.39
N ILE F 441 -6.26 16.10 -62.90
CA ILE F 441 -6.32 15.47 -61.59
C ILE F 441 -6.52 16.52 -60.50
N ARG F 442 -5.80 17.64 -60.60
CA ARG F 442 -5.96 18.70 -59.61
C ARG F 442 -7.38 19.26 -59.63
N GLN F 443 -7.95 19.45 -60.82
CA GLN F 443 -9.32 19.94 -60.93
C GLN F 443 -10.30 18.95 -60.30
N ILE F 444 -10.10 17.66 -60.56
CA ILE F 444 -10.98 16.64 -59.97
C ILE F 444 -10.88 16.67 -58.45
N GLU F 445 -9.66 16.76 -57.93
CA GLU F 445 -9.48 16.80 -56.48
C GLU F 445 -10.13 18.04 -55.87
N SER F 446 -9.97 19.19 -56.53
CA SER F 446 -10.59 20.41 -56.02
C SER F 446 -12.10 20.30 -55.99
N LYS F 447 -12.70 19.77 -57.07
CA LYS F 447 -14.15 19.61 -57.09
C LYS F 447 -14.62 18.64 -56.03
N THR F 448 -13.91 17.52 -55.85
CA THR F 448 -14.31 16.54 -54.85
C THR F 448 -14.20 17.11 -53.45
N MET F 449 -13.12 17.85 -53.16
CA MET F 449 -12.98 18.46 -51.84
C MET F 449 -14.05 19.51 -51.60
N SER F 450 -14.40 20.28 -52.62
CA SER F 450 -15.49 21.24 -52.48
C SER F 450 -16.81 20.54 -52.19
N LYS F 451 -17.06 19.41 -52.87
CA LYS F 451 -18.27 18.64 -52.60
C LYS F 451 -18.28 18.07 -51.18
N LEU F 452 -17.13 17.61 -50.70
CA LEU F 452 -17.07 17.01 -49.37
C LEU F 452 -17.24 18.02 -48.25
N ARG F 453 -16.93 19.29 -48.49
CA ARG F 453 -17.12 20.32 -47.47
C ARG F 453 -18.59 20.68 -47.26
N HIS F 454 -19.48 20.16 -48.10
CA HIS F 454 -20.91 20.39 -47.90
C HIS F 454 -21.34 19.78 -46.57
N PRO F 455 -22.24 20.43 -45.83
CA PRO F 455 -22.58 19.93 -44.49
C PRO F 455 -23.13 18.51 -44.47
N SER F 456 -23.84 18.11 -45.53
CA SER F 456 -24.40 16.76 -45.57
C SER F 456 -23.33 15.68 -45.64
N ARG F 457 -22.09 16.04 -45.95
CA ARG F 457 -20.99 15.09 -45.99
C ARG F 457 -19.96 15.32 -44.90
N SER F 458 -20.15 16.30 -44.03
CA SER F 458 -19.20 16.61 -42.97
C SER F 458 -19.82 16.63 -41.58
N GLN F 459 -21.14 16.68 -41.45
CA GLN F 459 -21.76 16.68 -40.13
C GLN F 459 -21.45 15.41 -39.38
N VAL F 460 -21.47 14.26 -40.07
CA VAL F 460 -21.19 12.99 -39.41
C VAL F 460 -19.74 12.92 -38.97
N LEU F 461 -18.83 13.50 -39.74
CA LEU F 461 -17.40 13.42 -39.45
C LEU F 461 -16.91 14.53 -38.54
N ARG F 462 -17.75 15.51 -38.22
CA ARG F 462 -17.33 16.61 -37.35
C ARG F 462 -16.86 16.10 -35.99
N ASP F 463 -17.60 15.18 -35.39
CA ASP F 463 -17.29 14.74 -34.02
C ASP F 463 -16.03 13.89 -33.93
N TYR F 464 -15.47 13.44 -35.05
CA TYR F 464 -14.27 12.61 -35.04
C TYR F 464 -12.98 13.44 -35.09
N LEU F 465 -13.07 14.76 -35.11
CA LEU F 465 -11.90 15.60 -35.18
C LEU F 465 -11.74 16.45 -33.91
N ASP G 23 0.65 -7.78 -51.08
CA ASP G 23 1.61 -7.26 -52.05
C ASP G 23 2.80 -6.69 -51.28
N LEU G 24 3.99 -7.18 -51.60
CA LEU G 24 5.21 -6.73 -50.95
C LEU G 24 6.24 -6.36 -52.00
N ALA G 25 7.17 -5.50 -51.62
CA ALA G 25 8.21 -5.07 -52.53
C ALA G 25 9.13 -6.24 -52.87
N PRO G 26 9.46 -6.45 -54.15
CA PRO G 26 10.38 -7.53 -54.49
C PRO G 26 11.75 -7.31 -53.88
N ARG G 27 12.40 -8.41 -53.51
CA ARG G 27 13.68 -8.36 -52.81
C ARG G 27 14.50 -9.58 -53.18
N GLN G 28 15.80 -9.49 -52.92
CA GLN G 28 16.75 -10.56 -53.18
C GLN G 28 17.34 -11.05 -51.87
N VAL G 29 17.94 -12.24 -51.92
CA VAL G 29 18.59 -12.86 -50.77
C VAL G 29 20.05 -13.06 -51.11
N ALA G 30 20.93 -12.53 -50.27
CA ALA G 30 22.37 -12.68 -50.45
C ALA G 30 22.91 -13.71 -49.46
N ARG G 31 23.88 -14.49 -49.91
CA ARG G 31 24.51 -15.53 -49.11
C ARG G 31 25.90 -15.07 -48.71
N TYR G 32 26.20 -15.10 -47.41
CA TYR G 32 27.48 -14.70 -46.89
C TYR G 32 28.13 -15.85 -46.13
N ARG G 33 29.45 -15.94 -46.23
CA ARG G 33 30.22 -16.99 -45.58
C ARG G 33 31.30 -16.36 -44.72
N THR G 34 31.38 -16.79 -43.46
CA THR G 34 32.39 -16.30 -42.55
C THR G 34 33.66 -17.13 -42.68
N ASP G 35 34.69 -16.76 -41.92
CA ASP G 35 35.96 -17.48 -41.98
C ASP G 35 35.81 -18.91 -41.46
N ASN G 36 35.09 -19.09 -40.35
CA ASN G 36 34.96 -20.41 -39.74
C ASN G 36 33.71 -21.15 -40.21
N GLY G 37 33.53 -21.22 -41.53
CA GLY G 37 32.51 -22.08 -42.12
C GLY G 37 31.09 -21.84 -41.67
N GLU G 38 30.66 -20.58 -41.62
CA GLU G 38 29.29 -20.23 -41.26
C GLU G 38 28.63 -19.51 -42.42
N GLU G 39 27.43 -19.95 -42.79
CA GLU G 39 26.68 -19.37 -43.89
C GLU G 39 25.43 -18.67 -43.36
N PHE G 40 25.19 -17.46 -43.86
CA PHE G 40 24.05 -16.66 -43.44
C PHE G 40 23.35 -16.06 -44.65
N ASP G 41 22.06 -15.79 -44.48
CA ASP G 41 21.22 -15.19 -45.53
C ASP G 41 20.81 -13.79 -45.10
N VAL G 42 20.93 -12.83 -46.01
CA VAL G 42 20.54 -11.45 -45.74
C VAL G 42 19.59 -10.97 -46.83
N PRO G 43 18.39 -10.52 -46.49
CA PRO G 43 17.46 -9.99 -47.50
C PRO G 43 17.76 -8.53 -47.81
N PHE G 44 18.07 -8.24 -49.06
CA PHE G 44 18.30 -6.89 -49.53
C PHE G 44 17.25 -6.52 -50.58
N ALA G 45 17.22 -5.24 -50.92
CA ALA G 45 16.31 -4.74 -51.95
C ALA G 45 16.90 -5.00 -53.33
N ASP G 46 16.09 -4.76 -54.37
CA ASP G 46 16.55 -4.96 -55.74
C ASP G 46 17.53 -3.87 -56.13
N ASP G 47 17.09 -2.61 -56.12
CA ASP G 47 17.94 -1.48 -56.50
C ASP G 47 18.77 -1.07 -55.30
N ALA G 48 19.80 -1.86 -55.02
CA ALA G 48 20.71 -1.59 -53.92
C ALA G 48 22.04 -2.28 -54.21
N GLU G 49 23.14 -1.63 -53.81
CA GLU G 49 24.46 -2.19 -53.99
C GLU G 49 24.72 -3.21 -52.88
N ILE G 50 24.70 -4.49 -53.23
CA ILE G 50 24.89 -5.55 -52.26
C ILE G 50 26.34 -5.55 -51.80
N PRO G 51 26.62 -5.39 -50.51
CA PRO G 51 28.01 -5.30 -50.06
C PRO G 51 28.73 -6.63 -50.20
N GLY G 52 30.02 -6.56 -50.53
CA GLY G 52 30.83 -7.75 -50.61
C GLY G 52 31.03 -8.41 -49.26
N THR G 53 31.29 -7.61 -48.24
CA THR G 53 31.50 -8.10 -46.88
C THR G 53 30.45 -7.51 -45.96
N TRP G 54 30.02 -8.31 -44.98
CA TRP G 54 28.93 -7.92 -44.09
C TRP G 54 29.25 -8.39 -42.68
N LEU G 55 28.76 -7.64 -41.69
CA LEU G 55 28.91 -8.00 -40.29
C LEU G 55 27.83 -9.03 -39.97
N CYS G 56 28.23 -10.31 -39.89
CA CYS G 56 27.28 -11.39 -39.79
C CYS G 56 26.68 -11.45 -38.38
N ARG G 57 25.78 -12.41 -38.20
CA ARG G 57 25.06 -12.55 -36.93
C ARG G 57 26.00 -13.00 -35.81
N ASN G 58 27.02 -13.80 -36.11
CA ASN G 58 27.97 -14.24 -35.11
C ASN G 58 28.89 -13.12 -34.64
N GLY G 59 28.87 -11.96 -35.29
CA GLY G 59 29.77 -10.88 -34.96
C GLY G 59 31.06 -10.85 -35.75
N LEU G 60 31.30 -11.86 -36.60
CA LEU G 60 32.49 -11.93 -37.44
C LEU G 60 32.15 -11.45 -38.84
N GLU G 61 33.07 -10.67 -39.43
CA GLU G 61 32.86 -10.17 -40.78
C GLU G 61 32.98 -11.32 -41.78
N GLY G 62 32.04 -11.39 -42.70
CA GLY G 62 32.02 -12.46 -43.68
C GLY G 62 31.84 -11.93 -45.09
N THR G 63 32.56 -12.53 -46.03
CA THR G 63 32.49 -12.13 -47.43
C THR G 63 31.33 -12.82 -48.13
N LEU G 64 30.96 -12.28 -49.27
CA LEU G 64 29.90 -12.84 -50.10
C LEU G 64 30.49 -13.88 -51.05
N ILE G 65 29.71 -14.94 -51.29
CA ILE G 65 30.17 -16.05 -52.13
C ILE G 65 30.07 -15.66 -53.60
N GLU G 66 31.18 -15.20 -54.17
CA GLU G 66 31.24 -14.83 -55.57
C GLU G 66 32.65 -15.05 -56.09
N GLY G 67 32.74 -15.63 -57.29
CA GLY G 67 34.04 -15.81 -57.92
C GLY G 67 34.71 -14.50 -58.29
N ASP G 68 33.93 -13.53 -58.75
CA ASP G 68 34.44 -12.19 -59.05
C ASP G 68 34.36 -11.35 -57.78
N VAL G 69 35.42 -11.44 -56.98
CA VAL G 69 35.43 -10.79 -55.67
C VAL G 69 35.56 -9.28 -55.84
N PRO G 70 34.65 -8.48 -55.30
CA PRO G 70 34.86 -7.03 -55.27
C PRO G 70 35.88 -6.64 -54.20
N GLU G 71 37.16 -6.68 -54.55
CA GLU G 71 38.29 -6.48 -53.64
C GLU G 71 38.08 -5.27 -52.74
N PRO G 72 37.93 -5.47 -51.43
CA PRO G 72 37.73 -4.34 -50.52
C PRO G 72 39.02 -3.64 -50.14
N LYS G 73 38.93 -2.69 -49.21
CA LYS G 73 40.09 -1.93 -48.78
C LYS G 73 41.03 -2.81 -47.95
N LYS G 74 42.32 -2.47 -47.99
CA LYS G 74 43.34 -3.15 -47.21
C LYS G 74 43.84 -2.22 -46.12
N VAL G 75 43.90 -2.71 -44.89
CA VAL G 75 44.31 -1.93 -43.73
C VAL G 75 45.67 -2.43 -43.26
N LYS G 76 46.62 -1.51 -43.14
CA LYS G 76 47.97 -1.83 -42.72
C LYS G 76 48.06 -1.89 -41.19
N PRO G 77 49.01 -2.66 -40.66
CA PRO G 77 49.09 -2.82 -39.21
C PRO G 77 49.43 -1.50 -38.53
N PRO G 78 49.01 -1.31 -37.28
CA PRO G 78 49.31 -0.06 -36.56
C PRO G 78 50.69 -0.07 -35.92
N ARG G 79 50.98 0.96 -35.12
CA ARG G 79 52.28 1.08 -34.48
C ARG G 79 52.57 -0.13 -33.58
N THR G 80 53.83 -0.56 -33.58
CA THR G 80 54.29 -1.64 -32.72
C THR G 80 55.52 -1.15 -31.95
N HIS G 81 55.99 -2.01 -31.05
CA HIS G 81 57.12 -1.65 -30.20
C HIS G 81 58.38 -1.41 -31.01
N TRP G 82 58.62 -2.24 -32.03
CA TRP G 82 59.83 -2.09 -32.84
C TRP G 82 59.84 -0.75 -33.58
N ASP G 83 58.67 -0.33 -34.08
CA ASP G 83 58.61 0.96 -34.78
C ASP G 83 58.98 2.11 -33.85
N MET G 84 58.46 2.09 -32.61
CA MET G 84 58.78 3.14 -31.65
C MET G 84 60.27 3.11 -31.29
N LEU G 85 60.82 1.91 -31.08
CA LEU G 85 62.24 1.80 -30.74
C LEU G 85 63.11 2.32 -31.88
N LEU G 86 62.78 1.98 -33.12
CA LEU G 86 63.55 2.47 -34.26
C LEU G 86 63.38 3.98 -34.42
N GLU G 87 62.20 4.51 -34.10
CA GLU G 87 62.01 5.95 -34.15
C GLU G 87 62.88 6.67 -33.13
N ARG G 88 62.97 6.15 -31.91
CA ARG G 88 63.68 6.84 -30.85
C ARG G 88 65.15 6.44 -30.75
N ARG G 89 65.61 5.48 -31.55
CA ARG G 89 67.01 5.04 -31.50
C ARG G 89 67.51 4.76 -32.91
N SER G 90 68.74 5.17 -33.19
CA SER G 90 69.35 4.96 -34.49
C SER G 90 69.83 3.52 -34.63
N VAL G 91 70.16 3.14 -35.87
CA VAL G 91 70.61 1.79 -36.15
C VAL G 91 71.98 1.53 -35.53
N GLU G 92 72.86 2.54 -35.55
CA GLU G 92 74.22 2.36 -35.04
C GLU G 92 74.23 2.04 -33.55
N GLU G 93 73.42 2.75 -32.76
CA GLU G 93 73.40 2.51 -31.31
C GLU G 93 72.88 1.11 -31.00
N LEU G 94 71.81 0.69 -31.68
CA LEU G 94 71.27 -0.65 -31.46
C LEU G 94 72.26 -1.72 -31.89
N GLU G 95 72.97 -1.49 -33.01
CA GLU G 95 73.98 -2.44 -33.44
C GLU G 95 75.10 -2.56 -32.42
N GLU G 96 75.55 -1.42 -31.87
CA GLU G 96 76.61 -1.46 -30.87
C GLU G 96 76.15 -2.18 -29.61
N LEU G 97 74.90 -1.93 -29.18
CA LEU G 97 74.38 -2.62 -28.00
C LEU G 97 74.28 -4.12 -28.24
N LEU G 98 73.82 -4.52 -29.42
CA LEU G 98 73.76 -5.95 -29.75
C LEU G 98 75.15 -6.56 -29.78
N LYS G 99 76.12 -5.84 -30.32
CA LYS G 99 77.50 -6.36 -30.33
C LYS G 99 78.03 -6.53 -28.92
N GLU G 100 77.76 -5.57 -28.03
CA GLU G 100 78.21 -5.70 -26.65
C GLU G 100 77.55 -6.89 -25.96
N ARG G 101 76.24 -7.07 -26.17
CA ARG G 101 75.55 -8.20 -25.56
C ARG G 101 76.07 -9.53 -26.10
N LEU G 102 76.34 -9.61 -27.42
CA LEU G 102 76.88 -10.82 -28.01
C LEU G 102 78.28 -11.12 -27.46
N ASP G 103 79.11 -10.08 -27.30
CA ASP G 103 80.43 -10.29 -26.72
C ASP G 103 80.32 -10.78 -25.28
N LEU G 104 79.39 -10.21 -24.50
CA LEU G 104 79.21 -10.64 -23.12
C LEU G 104 78.78 -12.10 -23.06
N ILE G 105 77.80 -12.49 -23.86
CA ILE G 105 77.33 -13.88 -23.82
C ILE G 105 78.40 -14.83 -24.34
N LYS G 106 79.18 -14.41 -25.34
CA LYS G 106 80.26 -15.25 -25.85
C LYS G 106 81.32 -15.47 -24.77
N ALA G 107 81.70 -14.41 -24.06
CA ALA G 107 82.68 -14.55 -22.99
C ALA G 107 82.14 -15.40 -21.86
N LYS G 108 80.86 -15.26 -21.53
CA LYS G 108 80.27 -16.06 -20.47
C LYS G 108 80.19 -17.53 -20.88
N ARG G 109 79.95 -17.81 -22.15
CA ARG G 109 79.77 -19.20 -22.59
C ARG G 109 81.10 -19.90 -22.78
N ARG G 110 81.94 -19.41 -23.70
CA ARG G 110 83.14 -20.13 -24.09
C ARG G 110 84.39 -19.62 -23.39
N GLY G 111 84.24 -18.70 -22.43
CA GLY G 111 85.38 -18.20 -21.68
C GLY G 111 86.39 -17.45 -22.51
N SER J 2 18.52 37.27 -64.47
CA SER J 2 17.83 36.01 -64.20
C SER J 2 16.37 36.09 -64.65
N GLN J 3 16.01 35.25 -65.61
CA GLN J 3 14.66 35.21 -66.16
C GLN J 3 13.72 34.30 -65.37
N VAL J 4 14.27 33.54 -64.44
CA VAL J 4 13.40 32.70 -63.57
C VAL J 4 13.02 33.55 -62.35
N SER J 5 13.94 34.34 -61.80
CA SER J 5 13.70 35.14 -60.61
C SER J 5 12.50 36.05 -60.78
N THR J 6 12.38 36.66 -61.97
CA THR J 6 11.24 37.54 -62.23
C THR J 6 9.92 36.77 -62.15
N ARG J 7 9.90 35.57 -62.71
CA ARG J 7 8.65 34.77 -62.64
C ARG J 7 8.41 34.48 -61.16
N LEU J 8 9.41 34.01 -60.42
CA LEU J 8 9.20 33.64 -59.03
C LEU J 8 8.63 34.80 -58.23
N VAL J 9 9.18 35.99 -58.41
CA VAL J 9 8.67 37.18 -57.72
C VAL J 9 7.25 37.48 -58.18
N ARG J 10 6.99 37.31 -59.47
CA ARG J 10 5.66 37.54 -60.02
C ARG J 10 4.63 36.65 -59.36
N LEU J 11 4.95 35.37 -59.18
CA LEU J 11 4.03 34.46 -58.52
C LEU J 11 3.88 34.79 -57.03
N LEU J 12 4.99 35.10 -56.37
CA LEU J 12 4.98 35.41 -54.94
C LEU J 12 4.16 36.67 -54.66
N ASN J 13 4.03 37.54 -55.65
CA ASN J 13 3.14 38.70 -55.49
C ASN J 13 1.73 38.41 -56.02
N MET J 14 1.61 37.51 -57.00
CA MET J 14 0.32 37.21 -57.59
C MET J 14 -0.60 36.52 -56.60
N VAL J 15 -0.07 35.59 -55.81
CA VAL J 15 -0.91 34.88 -54.85
C VAL J 15 -1.52 35.84 -53.84
N PRO J 16 -0.73 36.72 -53.17
CA PRO J 16 -1.34 37.70 -52.27
C PRO J 16 -2.30 38.65 -52.99
N TYR J 17 -2.00 38.97 -54.25
CA TYR J 17 -2.90 39.83 -55.01
C TYR J 17 -4.26 39.16 -55.21
N PHE J 18 -4.25 37.88 -55.54
CA PHE J 18 -5.51 37.14 -55.67
C PHE J 18 -6.23 37.05 -54.34
N GLN J 19 -5.50 36.82 -53.25
CA GLN J 19 -6.14 36.70 -51.95
C GLN J 19 -6.63 38.03 -51.39
N ALA J 20 -6.14 39.16 -51.91
CA ALA J 20 -6.50 40.47 -51.39
C ALA J 20 -7.52 41.21 -52.24
N ASN J 21 -7.81 40.74 -53.45
CA ASN J 21 -8.85 41.32 -54.30
C ASN J 21 -9.99 40.33 -54.41
N PRO J 22 -11.12 40.57 -53.75
CA PRO J 22 -12.19 39.56 -53.72
C PRO J 22 -12.77 39.33 -55.11
N LYS J 23 -12.62 38.09 -55.58
CA LYS J 23 -13.19 37.65 -56.86
C LYS J 23 -12.78 38.56 -58.01
N VAL J 24 -11.47 38.66 -58.22
CA VAL J 24 -10.96 39.42 -59.36
C VAL J 24 -11.26 38.67 -60.64
N THR J 25 -11.79 39.36 -61.63
CA THR J 25 -12.13 38.73 -62.90
C THR J 25 -10.85 38.39 -63.68
N ARG J 26 -11.03 37.54 -64.70
CA ARG J 26 -9.89 37.06 -65.48
C ARG J 26 -9.20 38.20 -66.23
N ALA J 27 -9.99 39.12 -66.79
CA ALA J 27 -9.41 40.18 -67.62
C ALA J 27 -8.50 41.08 -66.81
N GLU J 28 -8.88 41.41 -65.57
CA GLU J 28 -8.06 42.28 -64.75
C GLU J 28 -6.69 41.66 -64.47
N ALA J 29 -6.66 40.37 -64.15
CA ALA J 29 -5.39 39.70 -63.93
C ALA J 29 -4.59 39.60 -65.23
N ALA J 30 -5.27 39.27 -66.34
CA ALA J 30 -4.58 39.13 -67.62
C ALA J 30 -4.09 40.46 -68.17
N ALA J 31 -4.57 41.58 -67.64
CA ALA J 31 -4.09 42.88 -68.08
C ALA J 31 -3.13 43.54 -67.09
N ALA J 32 -3.20 43.18 -65.80
CA ALA J 32 -2.38 43.84 -64.79
C ALA J 32 -1.06 43.11 -64.56
N LEU J 33 -1.12 41.83 -64.18
CA LEU J 33 0.09 41.05 -63.93
C LEU J 33 0.45 40.28 -65.20
N GLY J 34 1.08 40.99 -66.13
CA GLY J 34 1.46 40.41 -67.40
C GLY J 34 0.37 40.54 -68.43
N VAL J 35 0.67 41.25 -69.54
CA VAL J 35 -0.34 41.48 -70.56
C VAL J 35 -0.77 40.17 -71.23
N THR J 36 0.16 39.22 -71.36
CA THR J 36 -0.13 37.96 -72.03
C THR J 36 -1.08 37.15 -71.16
N GLY J 37 -2.36 37.14 -71.54
CA GLY J 37 -3.33 36.35 -70.80
C GLY J 37 -3.22 34.86 -71.09
N LYS J 38 -2.56 34.51 -72.20
CA LYS J 38 -2.39 33.10 -72.54
C LYS J 38 -1.54 32.38 -71.49
N GLN J 39 -0.48 33.02 -71.02
CA GLN J 39 0.38 32.44 -70.00
C GLN J 39 -0.21 32.52 -68.60
N LEU J 40 -1.28 33.29 -68.41
CA LEU J 40 -1.91 33.35 -67.09
C LEU J 40 -2.45 31.99 -66.68
N ASP J 41 -3.08 31.27 -67.61
CA ASP J 41 -3.59 29.94 -67.32
C ASP J 41 -2.44 28.97 -67.02
N ALA J 42 -1.36 29.07 -67.78
CA ALA J 42 -0.21 28.20 -67.54
C ALA J 42 0.47 28.49 -66.21
N ASP J 43 0.42 29.74 -65.74
CA ASP J 43 0.96 30.08 -64.43
C ASP J 43 0.03 29.63 -63.30
N LEU J 44 -1.28 29.74 -63.51
CA LEU J 44 -2.23 29.21 -62.53
C LEU J 44 -2.11 27.70 -62.39
N ASP J 45 -1.88 27.00 -63.51
CA ASP J 45 -1.72 25.55 -63.44
C ASP J 45 -0.49 25.17 -62.63
N GLN J 46 0.59 25.93 -62.74
CA GLN J 46 1.80 25.64 -61.95
C GLN J 46 1.63 26.05 -60.50
N LEU J 47 0.91 27.14 -60.24
CA LEU J 47 0.60 27.50 -58.86
C LEU J 47 -0.27 26.45 -58.19
N TRP J 48 -1.16 25.81 -58.94
CA TRP J 48 -2.01 24.76 -58.38
C TRP J 48 -1.21 23.54 -57.94
N MET J 49 0.05 23.42 -58.34
CA MET J 49 0.85 22.25 -58.02
C MET J 49 1.78 22.43 -56.82
N CYS J 50 2.00 23.67 -56.37
CA CYS J 50 2.90 23.96 -55.27
C CYS J 50 2.10 24.15 -53.98
N GLY J 51 2.69 23.74 -52.86
CA GLY J 51 2.01 23.86 -51.59
C GLY J 51 2.89 23.42 -50.44
N LEU J 52 2.23 23.10 -49.33
CA LEU J 52 2.92 22.71 -48.12
C LEU J 52 3.58 21.34 -48.29
N PRO J 53 4.57 21.03 -47.47
CA PRO J 53 5.21 19.70 -47.53
C PRO J 53 4.20 18.58 -47.32
N GLY J 54 4.39 17.49 -48.04
CA GLY J 54 3.42 16.42 -48.08
C GLY J 54 2.68 16.44 -49.41
N TYR J 55 2.35 17.65 -49.86
CA TYR J 55 1.77 17.88 -51.18
C TYR J 55 0.52 17.03 -51.40
N SER J 56 -0.33 17.00 -50.39
CA SER J 56 -1.64 16.37 -50.43
C SER J 56 -2.74 17.43 -50.48
N PRO J 57 -3.95 17.08 -50.90
CA PRO J 57 -5.04 18.06 -50.88
C PRO J 57 -5.25 18.58 -49.48
N GLY J 58 -5.52 19.88 -49.38
CA GLY J 58 -5.49 20.57 -48.11
C GLY J 58 -4.14 21.14 -47.73
N ASP J 59 -3.11 20.87 -48.53
CA ASP J 59 -1.79 21.48 -48.38
C ASP J 59 -1.41 22.36 -49.54
N LEU J 60 -1.80 22.00 -50.76
CA LEU J 60 -1.59 22.83 -51.92
C LEU J 60 -2.59 23.99 -51.94
N ILE J 61 -2.20 25.03 -52.68
CA ILE J 61 -3.06 26.25 -52.76
C ILE J 61 -4.31 25.97 -53.59
N ASP J 62 -5.44 26.58 -53.24
CA ASP J 62 -6.70 26.23 -53.96
C ASP J 62 -7.27 27.41 -54.71
N PHE J 63 -8.34 27.18 -55.45
CA PHE J 63 -8.93 28.25 -56.30
C PHE J 63 -10.37 27.92 -56.69
N ASP J 64 -11.08 28.88 -57.25
CA ASP J 64 -12.44 28.62 -57.80
C ASP J 64 -12.50 29.29 -59.17
N PHE J 65 -12.58 28.48 -60.23
CA PHE J 65 -12.67 29.03 -61.61
C PHE J 65 -14.13 28.98 -62.05
N VAL J 66 -15.05 29.31 -61.14
CA VAL J 66 -16.51 29.28 -61.45
C VAL J 66 -16.74 29.94 -62.81
N GLY J 67 -16.19 31.14 -63.02
CA GLY J 67 -16.31 31.82 -64.33
C GLY J 67 -15.04 32.60 -64.64
N ASP J 68 -15.11 33.93 -64.58
CA ASP J 68 -13.91 34.77 -64.79
C ASP J 68 -13.24 35.03 -63.44
N THR J 69 -14.04 35.04 -62.36
CA THR J 69 -13.50 35.35 -61.02
C THR J 69 -12.51 34.26 -60.55
N ILE J 70 -11.29 34.65 -60.17
CA ILE J 70 -10.30 33.68 -59.64
C ILE J 70 -10.12 33.94 -58.12
N GLU J 71 -10.82 33.17 -57.29
CA GLU J 71 -10.74 33.31 -55.81
C GLU J 71 -9.84 32.21 -55.23
N VAL J 72 -9.09 32.50 -54.16
CA VAL J 72 -8.18 31.52 -53.51
C VAL J 72 -8.82 31.09 -52.20
N THR J 73 -8.99 29.78 -51.97
CA THR J 73 -9.64 29.29 -50.73
C THR J 73 -8.57 28.83 -49.73
N PHE J 74 -7.46 28.30 -50.23
CA PHE J 74 -6.32 27.86 -49.44
C PHE J 74 -5.06 28.49 -49.99
N SER J 75 -4.27 29.12 -49.11
CA SER J 75 -3.09 29.88 -49.51
C SER J 75 -1.77 29.24 -49.09
N ALA J 76 -1.80 28.26 -48.19
CA ALA J 76 -0.59 27.58 -47.72
C ALA J 76 0.41 28.55 -47.12
N GLY J 77 -0.10 29.55 -46.38
CA GLY J 77 0.71 30.50 -45.68
C GLY J 77 1.06 31.74 -46.46
N VAL J 78 0.91 31.70 -47.79
CA VAL J 78 1.26 32.82 -48.64
C VAL J 78 0.11 33.82 -48.63
N ASP J 79 0.17 34.80 -47.73
CA ASP J 79 -0.86 35.81 -47.62
C ASP J 79 -0.36 37.23 -47.81
N HIS J 80 0.86 37.53 -47.43
CA HIS J 80 1.42 38.85 -47.59
C HIS J 80 2.32 38.92 -48.82
N PRO J 81 2.47 40.10 -49.43
CA PRO J 81 3.38 40.23 -50.56
C PRO J 81 4.84 40.21 -50.13
N LEU J 82 5.76 40.44 -51.06
CA LEU J 82 7.17 40.51 -50.72
C LEU J 82 7.53 41.92 -50.26
N ARG J 83 8.67 42.02 -49.56
CA ARG J 83 9.17 43.30 -49.10
C ARG J 83 10.01 43.93 -50.21
N LEU J 84 9.82 45.23 -50.43
CA LEU J 84 10.63 45.97 -51.39
C LEU J 84 12.10 45.86 -51.02
N THR J 85 12.90 45.30 -51.92
CA THR J 85 14.30 45.01 -51.63
C THR J 85 15.08 46.29 -51.35
N SER J 86 16.09 46.17 -50.48
CA SER J 86 16.93 47.30 -50.13
C SER J 86 17.57 47.91 -51.36
N THR J 87 17.52 49.23 -51.46
CA THR J 87 17.93 49.99 -52.65
C THR J 87 17.19 49.39 -53.85
N GLU J 88 17.86 49.11 -54.97
CA GLU J 88 17.24 48.44 -56.11
C GLU J 88 15.91 49.08 -56.50
N ALA J 89 14.84 48.28 -56.48
CA ALA J 89 13.52 48.75 -56.87
C ALA J 89 13.06 49.94 -56.05
N THR J 90 13.16 49.84 -54.72
CA THR J 90 12.73 50.94 -53.86
C THR J 90 13.56 52.19 -54.11
N GLY J 91 14.88 52.03 -54.26
CA GLY J 91 15.74 53.17 -54.50
C GLY J 91 15.38 53.88 -55.79
N ILE J 92 15.18 53.10 -56.86
CA ILE J 92 14.85 53.68 -58.15
C ILE J 92 13.49 54.37 -58.10
N LEU J 93 12.51 53.73 -57.46
CA LEU J 93 11.18 54.31 -57.37
C LEU J 93 11.21 55.63 -56.60
N VAL J 94 11.93 55.65 -55.46
CA VAL J 94 12.03 56.86 -54.66
C VAL J 94 12.74 57.96 -55.43
N ALA J 95 13.83 57.61 -56.12
CA ALA J 95 14.58 58.59 -56.89
C ALA J 95 13.72 59.20 -57.98
N LEU J 96 12.95 58.36 -58.69
CA LEU J 96 12.08 58.87 -59.75
C LEU J 96 10.97 59.73 -59.15
N ARG J 97 10.41 59.32 -58.02
CA ARG J 97 9.33 60.09 -57.39
C ARG J 97 9.80 61.44 -56.89
N ALA J 98 11.05 61.54 -56.44
CA ALA J 98 11.55 62.76 -55.85
C ALA J 98 12.20 63.70 -56.87
N LEU J 99 12.92 63.16 -57.85
CA LEU J 99 13.64 63.98 -58.81
C LEU J 99 12.79 64.41 -59.99
N VAL J 100 11.46 64.33 -59.89
CA VAL J 100 10.56 64.77 -60.95
C VAL J 100 10.85 66.22 -61.31
N ASP J 101 10.96 66.51 -62.61
CA ASP J 101 11.29 67.84 -63.10
C ASP J 101 10.06 68.58 -63.62
N VAL J 102 8.88 68.18 -63.15
CA VAL J 102 7.62 68.79 -63.56
C VAL J 102 7.16 69.71 -62.43
N PRO J 103 6.65 70.90 -62.74
CA PRO J 103 6.08 71.75 -61.68
C PRO J 103 4.95 71.04 -60.96
N GLY J 104 4.87 71.27 -59.64
CA GLY J 104 3.97 70.54 -58.78
C GLY J 104 2.51 70.55 -59.18
N MET J 105 1.93 69.37 -59.29
CA MET J 105 0.50 69.15 -59.51
C MET J 105 -0.10 68.24 -58.46
N VAL J 106 0.65 67.23 -57.99
CA VAL J 106 0.26 66.39 -56.87
C VAL J 106 1.09 66.70 -55.64
N ASP J 107 1.84 67.81 -55.65
CA ASP J 107 2.68 68.18 -54.52
C ASP J 107 1.92 68.40 -53.21
N PRO J 108 0.76 69.11 -53.16
CA PRO J 108 0.16 69.47 -51.87
C PRO J 108 0.00 68.34 -50.87
N GLU J 109 -0.72 67.27 -51.24
CA GLU J 109 -0.94 66.19 -50.28
C GLU J 109 -0.84 64.81 -50.92
N ALA J 110 -0.24 64.69 -52.10
CA ALA J 110 -0.06 63.40 -52.76
C ALA J 110 1.40 63.00 -52.90
N ALA J 111 2.22 63.85 -53.53
CA ALA J 111 3.62 63.49 -53.76
C ALA J 111 4.40 63.42 -52.45
N ARG J 112 4.27 64.46 -51.62
CA ARG J 112 4.99 64.48 -50.35
C ARG J 112 4.51 63.37 -49.43
N SER J 113 3.19 63.16 -49.37
CA SER J 113 2.64 62.10 -48.54
C SER J 113 3.14 60.73 -49.00
N ALA J 114 3.15 60.50 -50.32
CA ALA J 114 3.64 59.23 -50.84
C ALA J 114 5.12 59.04 -50.53
N ILE J 115 5.92 60.09 -50.69
CA ILE J 115 7.35 60.00 -50.40
C ILE J 115 7.57 59.65 -48.94
N ALA J 116 6.90 60.36 -48.04
CA ALA J 116 7.08 60.11 -46.61
C ALA J 116 6.63 58.71 -46.23
N LYS J 117 5.48 58.27 -46.75
CA LYS J 117 4.98 56.94 -46.42
C LYS J 117 5.90 55.85 -46.95
N ILE J 118 6.41 56.01 -48.17
CA ILE J 118 7.33 55.01 -48.72
C ILE J 118 8.62 54.97 -47.91
N GLU J 119 9.15 56.13 -47.53
CA GLU J 119 10.37 56.16 -46.74
C GLU J 119 10.16 55.50 -45.38
N SER J 120 9.00 55.75 -44.75
CA SER J 120 8.71 55.12 -43.48
C SER J 120 8.54 53.61 -43.63
N ALA J 121 7.89 53.17 -44.71
CA ALA J 121 7.67 51.74 -44.94
C ALA J 121 8.99 51.02 -45.15
N VAL J 122 9.90 51.60 -45.95
CA VAL J 122 11.19 50.97 -46.18
C VAL J 122 12.00 50.91 -44.88
N VAL K 3 11.43 17.66 -61.90
CA VAL K 3 10.27 18.50 -62.15
C VAL K 3 10.70 19.81 -62.80
N SER K 4 10.39 20.93 -62.13
CA SER K 4 10.73 22.25 -62.64
C SER K 4 11.45 23.03 -61.56
N LYS K 5 12.37 23.89 -62.01
CA LYS K 5 13.18 24.71 -61.08
C LYS K 5 12.27 25.69 -60.34
N VAL K 6 11.32 26.28 -61.05
CA VAL K 6 10.40 27.23 -60.42
C VAL K 6 9.56 26.54 -59.36
N GLU K 7 9.12 25.31 -59.62
CA GLU K 7 8.38 24.56 -58.61
C GLU K 7 9.23 24.29 -57.38
N ARG K 8 10.53 24.04 -57.60
CA ARG K 8 11.43 23.71 -56.46
C ARG K 8 11.57 24.97 -55.63
N LEU K 9 11.77 26.09 -56.29
CA LEU K 9 11.95 27.34 -55.56
C LEU K 9 10.69 27.72 -54.78
N MET K 10 9.52 27.58 -55.41
CA MET K 10 8.27 27.93 -54.73
C MET K 10 8.01 27.01 -53.54
N ASN K 11 8.24 25.71 -53.72
CA ASN K 11 8.04 24.76 -52.63
C ASN K 11 9.00 25.04 -51.48
N LEU K 12 10.26 25.36 -51.81
CA LEU K 12 11.23 25.68 -50.77
C LEU K 12 10.82 26.93 -50.01
N VAL K 13 10.35 27.96 -50.73
CA VAL K 13 9.91 29.19 -50.09
C VAL K 13 8.75 28.92 -49.14
N ILE K 14 7.76 28.15 -49.61
CA ILE K 14 6.60 27.86 -48.79
C ILE K 14 6.99 27.06 -47.55
N ALA K 15 7.84 26.03 -47.74
CA ALA K 15 8.24 25.20 -46.62
C ALA K 15 9.01 25.99 -45.57
N LEU K 16 9.96 26.82 -46.02
CA LEU K 16 10.72 27.62 -45.08
C LEU K 16 9.87 28.72 -44.45
N LEU K 17 8.78 29.13 -45.10
CA LEU K 17 7.87 30.08 -44.49
C LEU K 17 7.02 29.43 -43.39
N SER K 18 6.55 28.21 -43.62
CA SER K 18 5.61 27.58 -42.71
C SER K 18 6.26 26.81 -41.57
N THR K 19 7.58 26.62 -41.60
CA THR K 19 8.24 25.89 -40.52
C THR K 19 8.26 26.74 -39.25
N ARG K 20 8.39 26.05 -38.12
CA ARG K 20 8.50 26.70 -36.81
C ARG K 20 9.90 26.65 -36.23
N THR K 21 10.68 25.62 -36.56
CA THR K 21 12.06 25.49 -36.13
C THR K 21 12.97 25.40 -37.36
N TYR K 22 14.26 25.55 -37.13
CA TYR K 22 15.24 25.58 -38.22
C TYR K 22 15.33 24.21 -38.87
N LEU K 23 14.82 24.10 -40.09
CA LEU K 23 14.82 22.83 -40.81
C LEU K 23 16.21 22.55 -41.38
N PRO K 24 16.84 21.42 -41.05
CA PRO K 24 18.15 21.11 -41.62
C PRO K 24 18.04 20.72 -43.09
N ALA K 25 19.18 20.81 -43.77
CA ALA K 25 19.22 20.51 -45.20
C ALA K 25 18.91 19.04 -45.49
N GLU K 26 19.27 18.14 -44.57
CA GLU K 26 18.95 16.74 -44.76
C GLU K 26 17.45 16.51 -44.83
N LYS K 27 16.69 17.16 -43.94
CA LYS K 27 15.24 17.08 -44.02
C LYS K 27 14.70 17.81 -45.24
N ILE K 28 15.39 18.86 -45.69
CA ILE K 28 14.97 19.57 -46.89
C ILE K 28 15.05 18.66 -48.11
N ARG K 29 16.10 17.84 -48.20
CA ARG K 29 16.23 16.94 -49.34
C ARG K 29 15.07 15.97 -49.42
N THR K 30 14.71 15.34 -48.30
CA THR K 30 13.67 14.31 -48.33
C THR K 30 12.28 14.93 -48.43
N THR K 31 12.07 16.07 -47.77
CA THR K 31 10.72 16.62 -47.63
C THR K 31 10.34 17.47 -48.83
N VAL K 32 11.17 18.46 -49.18
CA VAL K 32 10.83 19.36 -50.27
C VAL K 32 10.92 18.62 -51.60
N ALA K 33 9.87 18.73 -52.41
CA ALA K 33 9.82 18.06 -53.69
C ALA K 33 10.77 18.72 -54.69
N GLY K 34 11.37 17.88 -55.54
CA GLY K 34 12.31 18.33 -56.54
C GLY K 34 13.77 18.15 -56.17
N TYR K 35 14.06 17.99 -54.89
CA TYR K 35 15.42 17.75 -54.42
C TYR K 35 15.76 16.27 -54.28
N ALA K 36 14.79 15.38 -54.51
CA ALA K 36 14.98 13.95 -54.34
C ALA K 36 15.39 13.24 -55.61
N ASP K 37 15.59 13.96 -56.71
CA ASP K 37 15.96 13.37 -57.99
C ASP K 37 17.43 13.56 -58.31
N SER K 38 18.24 13.98 -57.34
CA SER K 38 19.66 14.19 -57.57
C SER K 38 20.40 12.85 -57.62
N PRO K 39 21.46 12.77 -58.43
CA PRO K 39 22.23 11.51 -58.51
C PRO K 39 22.98 11.18 -57.24
N SER K 40 23.71 12.16 -56.70
CA SER K 40 24.53 11.94 -55.51
C SER K 40 24.37 13.14 -54.57
N ASP K 41 24.99 13.02 -53.39
CA ASP K 41 24.86 14.04 -52.35
C ASP K 41 25.60 15.33 -52.68
N GLU K 42 26.52 15.32 -53.65
CA GLU K 42 27.24 16.53 -54.01
C GLU K 42 26.47 17.40 -54.99
N ALA K 43 25.79 16.77 -55.96
CA ALA K 43 24.95 17.53 -56.87
C ALA K 43 23.83 18.24 -56.11
N PHE K 44 23.19 17.52 -55.18
CA PHE K 44 22.16 18.13 -54.36
C PHE K 44 22.72 19.28 -53.53
N SER K 45 23.91 19.09 -52.96
CA SER K 45 24.52 20.13 -52.13
C SER K 45 24.78 21.39 -52.93
N ARG K 46 25.37 21.23 -54.12
CA ARG K 46 25.67 22.39 -54.95
C ARG K 46 24.39 23.07 -55.43
N MET K 47 23.39 22.27 -55.81
CA MET K 47 22.11 22.84 -56.25
C MET K 47 21.43 23.61 -55.12
N PHE K 48 21.44 23.05 -53.91
CA PHE K 48 20.83 23.74 -52.78
C PHE K 48 21.58 25.01 -52.43
N GLU K 49 22.92 24.98 -52.53
CA GLU K 49 23.70 26.19 -52.30
C GLU K 49 23.34 27.28 -53.31
N ARG K 50 23.23 26.89 -54.59
CA ARG K 50 22.86 27.86 -55.62
C ARG K 50 21.46 28.41 -55.38
N ASP K 51 20.54 27.54 -54.94
CA ASP K 51 19.13 27.98 -54.68
C ASP K 51 19.11 28.93 -53.49
N LYS K 52 19.91 28.66 -52.48
CA LYS K 52 19.99 29.58 -51.34
C LYS K 52 20.58 30.91 -51.76
N ASN K 53 21.62 30.89 -52.60
CA ASN K 53 22.21 32.12 -53.10
C ASN K 53 21.20 32.94 -53.86
N GLU K 54 20.43 32.29 -54.74
CA GLU K 54 19.42 32.99 -55.53
C GLU K 54 18.35 33.62 -54.63
N LEU K 55 17.87 32.84 -53.66
CA LEU K 55 16.83 33.34 -52.77
C LEU K 55 17.32 34.52 -51.94
N ARG K 56 18.57 34.43 -51.43
CA ARG K 56 19.12 35.52 -50.65
C ARG K 56 19.34 36.76 -51.49
N ASP K 57 19.79 36.59 -52.73
CA ASP K 57 20.01 37.73 -53.62
C ASP K 57 18.69 38.39 -54.01
N LEU K 58 17.64 37.60 -54.17
CA LEU K 58 16.32 38.13 -54.54
C LEU K 58 15.82 39.14 -53.51
N GLY K 59 15.97 38.83 -52.23
CA GLY K 59 15.51 39.73 -51.19
C GLY K 59 14.77 39.02 -50.07
N ILE K 60 14.35 37.79 -50.34
CA ILE K 60 13.64 36.97 -49.35
C ILE K 60 14.58 36.71 -48.18
N PRO K 61 14.17 37.01 -46.95
CA PRO K 61 15.07 36.78 -45.80
C PRO K 61 15.22 35.30 -45.49
N LEU K 62 16.39 34.75 -45.80
CA LEU K 62 16.71 33.35 -45.52
C LEU K 62 17.80 33.33 -44.45
N GLU K 63 17.40 33.00 -43.22
CA GLU K 63 18.31 32.97 -42.10
C GLU K 63 18.78 31.55 -41.83
N THR K 64 20.05 31.43 -41.44
CA THR K 64 20.67 30.16 -41.08
C THR K 64 21.03 30.21 -39.60
N GLY K 65 20.63 29.19 -38.86
CA GLY K 65 20.92 29.19 -37.44
C GLY K 65 20.82 27.82 -36.82
N ARG K 66 21.05 27.69 -35.53
CA ARG K 66 20.97 26.37 -34.89
C ARG K 66 19.58 25.71 -34.85
N VAL K 67 19.47 24.40 -34.67
CA VAL K 67 18.14 23.85 -34.60
C VAL K 67 17.55 24.39 -33.33
N SER K 68 18.24 24.16 -32.23
CA SER K 68 17.81 24.64 -30.93
C SER K 68 18.97 24.61 -29.97
N LYS K 69 18.74 25.16 -28.79
CA LYS K 69 19.70 25.22 -27.70
C LYS K 69 20.46 23.96 -27.50
N TRP K 70 19.76 22.86 -27.36
CA TRP K 70 20.40 21.63 -27.08
C TRP K 70 20.63 20.75 -28.23
N ASP K 71 20.67 21.34 -29.41
CA ASP K 71 20.86 20.62 -30.66
C ASP K 71 21.99 21.16 -31.50
N SER K 72 23.02 20.39 -31.82
CA SER K 72 24.06 21.00 -32.64
C SER K 72 23.78 21.07 -34.15
N THR K 73 22.66 20.56 -34.63
CA THR K 73 22.35 20.65 -36.05
C THR K 73 22.07 22.09 -36.45
N GLU K 74 22.34 22.44 -37.69
CA GLU K 74 22.17 23.81 -38.18
C GLU K 74 21.19 23.80 -39.34
N GLY K 75 20.13 24.59 -39.22
CA GLY K 75 19.10 24.62 -40.25
C GLY K 75 18.80 26.01 -40.76
N TYR K 76 17.74 26.13 -41.56
CA TYR K 76 17.39 27.38 -42.21
C TYR K 76 15.91 27.68 -41.97
N ARG K 77 15.60 28.97 -41.93
CA ARG K 77 14.22 29.43 -41.78
C ARG K 77 14.03 30.70 -42.59
N ILE K 78 12.81 31.22 -42.58
CA ILE K 78 12.50 32.52 -43.17
C ILE K 78 11.65 33.30 -42.18
N ASN K 79 12.13 34.48 -41.78
CA ASN K 79 11.41 35.27 -40.80
C ASN K 79 10.14 35.85 -41.40
N ARG K 80 8.97 35.34 -40.96
CA ARG K 80 7.70 35.80 -41.49
C ARG K 80 7.42 37.26 -41.16
N ASP K 81 7.93 37.75 -40.04
CA ASP K 81 7.74 39.15 -39.67
C ASP K 81 8.59 40.08 -40.53
N SER K 82 9.83 39.68 -40.83
CA SER K 82 10.70 40.44 -41.71
C SER K 82 10.42 40.19 -43.18
N TYR K 83 9.47 39.29 -43.49
CA TYR K 83 9.21 38.94 -44.87
C TYR K 83 8.71 40.14 -45.67
N ALA K 84 7.84 40.95 -45.06
CA ALA K 84 7.33 42.15 -45.72
C ALA K 84 6.67 43.04 -44.66
N LEU K 85 6.13 44.16 -45.13
CA LEU K 85 5.39 45.10 -44.29
C LEU K 85 3.96 45.22 -44.80
N PRO K 86 2.98 44.71 -44.07
CA PRO K 86 1.59 44.72 -44.55
C PRO K 86 1.05 46.13 -44.80
N PRO K 87 1.08 47.04 -43.80
CA PRO K 87 0.27 48.26 -43.93
C PRO K 87 0.68 49.13 -45.10
N ILE K 88 -0.30 49.81 -45.67
CA ILE K 88 -0.11 50.71 -46.80
C ILE K 88 -0.83 52.02 -46.49
N GLY K 89 -0.41 53.08 -47.17
CA GLY K 89 -0.94 54.42 -46.93
C GLY K 89 -2.24 54.68 -47.67
N LEU K 90 -2.39 55.91 -48.13
CA LEU K 90 -3.58 56.33 -48.85
C LEU K 90 -3.61 55.70 -50.24
N THR K 91 -4.67 55.99 -50.99
CA THR K 91 -4.85 55.46 -52.34
C THR K 91 -4.68 56.51 -53.43
N ALA K 92 -4.98 57.77 -53.15
CA ALA K 92 -4.88 58.80 -54.19
C ALA K 92 -3.43 59.07 -54.57
N ASP K 93 -2.53 59.11 -53.59
CA ASP K 93 -1.12 59.34 -53.88
C ASP K 93 -0.51 58.18 -54.63
N GLU K 94 -0.93 56.95 -54.32
CA GLU K 94 -0.39 55.78 -55.00
C GLU K 94 -0.77 55.77 -56.48
N ALA K 95 -1.95 56.28 -56.83
CA ALA K 95 -2.33 56.37 -58.23
C ALA K 95 -1.39 57.30 -58.99
N ALA K 96 -1.06 58.46 -58.40
CA ALA K 96 -0.11 59.37 -59.03
C ALA K 96 1.27 58.73 -59.12
N ALA K 97 1.68 58.00 -58.08
CA ALA K 97 2.98 57.33 -58.12
C ALA K 97 3.05 56.30 -59.23
N VAL K 98 1.99 55.51 -59.40
CA VAL K 98 1.98 54.50 -60.46
C VAL K 98 1.94 55.16 -61.83
N ALA K 99 1.14 56.22 -61.98
CA ALA K 99 1.03 56.88 -63.27
C ALA K 99 2.35 57.49 -63.72
N VAL K 100 3.27 57.74 -62.78
CA VAL K 100 4.57 58.31 -63.10
C VAL K 100 5.69 57.30 -62.83
N ALA K 101 5.34 56.01 -62.69
CA ALA K 101 6.33 55.00 -62.34
C ALA K 101 7.41 54.86 -63.41
N THR K 102 7.02 54.84 -64.67
CA THR K 102 7.97 54.73 -65.77
C THR K 102 7.35 55.29 -67.03
N GLN K 103 8.04 56.22 -67.67
CA GLN K 103 7.54 56.86 -68.89
C GLN K 103 8.47 56.73 -70.07
N LEU K 104 9.79 56.88 -69.87
CA LEU K 104 10.73 56.87 -70.98
C LEU K 104 12.04 56.16 -70.69
N TRP K 105 12.22 55.58 -69.51
CA TRP K 105 13.49 54.96 -69.18
C TRP K 105 13.70 53.69 -69.98
N GLN K 106 14.93 53.48 -70.46
CA GLN K 106 15.26 52.34 -71.31
C GLN K 106 16.21 51.35 -70.67
N SER K 107 16.94 51.74 -69.61
CA SER K 107 17.87 50.83 -68.97
C SER K 107 17.11 49.61 -68.43
N PRO K 108 17.52 48.39 -68.78
CA PRO K 108 16.75 47.22 -68.34
C PRO K 108 16.63 47.09 -66.84
N GLU K 109 17.69 47.41 -66.09
CA GLU K 109 17.63 47.30 -64.64
C GLU K 109 16.59 48.26 -64.06
N LEU K 110 16.55 49.49 -64.57
CA LEU K 110 15.62 50.48 -64.06
C LEU K 110 14.17 50.06 -64.32
N VAL K 111 13.87 49.63 -65.55
CA VAL K 111 12.49 49.28 -65.87
C VAL K 111 12.07 48.02 -65.13
N THR K 112 12.97 47.03 -65.01
CA THR K 112 12.64 45.84 -64.25
C THR K 112 12.39 46.17 -62.79
N ALA K 113 13.21 47.05 -62.21
CA ALA K 113 13.01 47.44 -60.80
C ALA K 113 11.69 48.17 -60.62
N THR K 114 11.36 49.09 -61.53
CA THR K 114 10.10 49.80 -61.43
C THR K 114 8.91 48.86 -61.58
N GLN K 115 9.00 47.90 -62.51
CA GLN K 115 7.91 46.93 -62.68
C GLN K 115 7.75 46.06 -61.44
N ASN K 116 8.87 45.63 -60.84
CA ASN K 116 8.79 44.84 -59.62
C ASN K 116 8.16 45.64 -58.48
N ALA K 117 8.55 46.91 -58.33
CA ALA K 117 7.96 47.74 -57.29
C ALA K 117 6.47 47.95 -57.52
N VAL K 118 6.07 48.18 -58.78
CA VAL K 118 4.65 48.35 -59.09
C VAL K 118 3.88 47.08 -58.80
N LEU K 119 4.44 45.92 -59.17
CA LEU K 119 3.76 44.65 -58.91
C LEU K 119 3.63 44.39 -57.41
N LYS K 120 4.66 44.69 -56.63
CA LYS K 120 4.55 44.52 -55.18
C LYS K 120 3.51 45.48 -54.59
N LEU K 121 3.46 46.71 -55.08
CA LEU K 121 2.43 47.64 -54.62
C LEU K 121 1.04 47.14 -54.97
N ARG K 122 0.87 46.57 -56.16
CA ARG K 122 -0.42 45.98 -56.53
C ARG K 122 -0.77 44.81 -55.63
N ALA K 123 0.21 44.00 -55.29
CA ALA K 123 0.02 42.90 -54.36
C ALA K 123 -0.20 43.37 -52.93
N ALA K 124 0.08 44.65 -52.64
CA ALA K 124 -0.19 45.23 -51.33
C ALA K 124 -1.25 46.32 -51.44
N GLY K 125 -2.15 46.20 -52.42
CA GLY K 125 -3.22 47.16 -52.59
C GLY K 125 -2.99 48.16 -53.72
N VAL K 126 -3.71 47.97 -54.82
CA VAL K 126 -3.66 48.87 -55.97
C VAL K 126 -2.24 49.04 -56.50
ZN ZN L . -12.70 -43.24 -2.28
ZN ZN M . 18.76 2.37 -42.94
#